data_8XL9
#
_entry.id   8XL9
#
_cell.length_a   1.00
_cell.length_b   1.00
_cell.length_c   1.00
_cell.angle_alpha   90.00
_cell.angle_beta   90.00
_cell.angle_gamma   90.00
#
_symmetry.space_group_name_H-M   'P 1'
#
loop_
_entity.id
_entity.type
_entity.pdbx_description
1 polymer 'Pyruvate carboxylase, mitochondrial'
2 non-polymer BIOTIN
#
_entity_poly.entity_id   1
_entity_poly.type   'polypeptide(L)'
_entity_poly.pdbx_seq_one_letter_code
;MLKFRTVHGGLRLLGIRRTSTAPAASPNVRRLEYKPIKKVMVANRGEIAIRVFRACTELGIRTVAIYSEQDTGQMHRQKA
DEAYLIGRGLAPVQAYLHIPDIIKVAKENNVDAVHPGYGFLSERADFAQACQDAGVRFIGPSPEVVRKMGDKVEARAIAI
AAGVPVVPGTDAPITSLHEAHEFSNTYGFPIIFKAAYGGGGRGMRVVHSYEELEENYTRAYSEALAAFGNGALFVEKFIE
KPRHIEVQILGDQYGNILHLYERDCSIQRRHQKVVEIAPAAHLDPQLRTRLTSDSVKLAKQVGYENAGTVEFLVDRHGKH
YFIEVNSRLQVEHTVTEEITDVDLVHAQIHVAEGRSLPDLGLRQENIRINGCAIQCRVTTEDPARSFQPDTGRIEVFRSG
EGMGIRLDNASAFQGAVISPHYDSLLVKVIAHGKDHPTAATKMSRALAEFRVRGVKTNIAFLQNVLNNQQFLAGTVDTQF
IDENPELFQLRPAQNRAQKLLHYLGHVMVNGPTTPIPVKASPSPTDPVVPAVPIGPPPAGFRDILLREGPEGFARAVRNH
PGLLLMDTTFRDAHQSLLATRVRTHDLKKIAPYVAHNFSKLFSMENWGGATFDVAMRFLYECPWRRLQELRELIPNIPFQ
MLLRGANAVGYTNYPDNVVFKFCEVAKENGMDVFRVFDSLNYLPNMLLGMEAAGSAGGVVEAAISYTGDVADPSRTKYSL
QYYMGLAEELVRAGTHILCIKDMAGLLKPTACTMLVSSLRDRFPDLPLHIHTHDTSGAGVAAMLACAQAGADVVDVAADS
MSGMTSQPSMGALVACTRGTPLDTEVPMERVFDYSEYWEGARGLYAAFDCTATMKSGNSDVYENEIPGGQYTNLHFQAHS
MGLGSKFKEVKKAYVEANQMLGDLIKVTPSSKIVGDLAQFMVQNGLSRAEAEAQAEELSFPRSVVEFLQGYIGVPHGGFP
EPFRSKVLKDLPRVEGRPGASLPPLDLQALEKELVDRHGEEVTPEDVLSAAMYPDVFAHFKDFTATFGPLDSLNTRLFLQ
GPKIAEEFEVELERGKTLHIKALAVSDLNRAGQRQVFFELNGQLRSILVKDTQAMKEMHFHPKALKDVKGQIGAPMPGKV
IDIKVVAGAKVAKGQPLCVLSAMKMETVVTSPMEGTVRKVHVTKDMTLEGDDLILEIE
;
_entity_poly.pdbx_strand_id   A,B,C,D
#
# COMPACT_ATOMS: atom_id res chain seq x y z
N ASN A 495 20.06 35.06 -0.86
CA ASN A 495 19.46 34.21 -1.88
C ASN A 495 20.43 33.11 -2.32
N ARG A 496 21.18 32.58 -1.35
CA ARG A 496 22.14 31.50 -1.63
C ARG A 496 21.68 30.16 -1.11
N ALA A 497 21.12 30.10 0.10
CA ALA A 497 20.61 28.84 0.61
C ALA A 497 19.30 28.45 -0.05
N GLN A 498 18.62 29.40 -0.68
CA GLN A 498 17.33 29.12 -1.31
C GLN A 498 17.51 28.31 -2.58
N LYS A 499 18.53 28.63 -3.39
CA LYS A 499 18.82 27.84 -4.59
C LYS A 499 19.28 26.43 -4.22
N LEU A 500 20.05 26.31 -3.14
CA LEU A 500 20.50 25.00 -2.68
C LEU A 500 19.32 24.16 -2.19
N LEU A 501 18.41 24.77 -1.43
CA LEU A 501 17.23 24.05 -0.98
C LEU A 501 16.29 23.71 -2.12
N HIS A 502 16.23 24.57 -3.14
CA HIS A 502 15.47 24.27 -4.34
C HIS A 502 16.05 23.06 -5.07
N TYR A 503 17.39 22.98 -5.18
CA TYR A 503 18.03 21.80 -5.74
C TYR A 503 17.75 20.56 -4.93
N LEU A 504 17.84 20.66 -3.60
CA LEU A 504 17.65 19.50 -2.73
C LEU A 504 16.22 19.00 -2.77
N GLY A 505 15.25 19.91 -2.81
CA GLY A 505 13.86 19.50 -2.96
C GLY A 505 13.55 18.96 -4.33
N HIS A 506 14.18 19.52 -5.37
CA HIS A 506 14.00 19.02 -6.73
C HIS A 506 14.55 17.62 -6.89
N VAL A 507 15.69 17.33 -6.25
CA VAL A 507 16.27 16.00 -6.26
C VAL A 507 15.46 15.04 -5.41
N MET A 508 14.89 15.50 -4.29
CA MET A 508 14.03 14.66 -3.46
C MET A 508 12.75 14.26 -4.18
N VAL A 509 12.06 15.22 -4.77
CA VAL A 509 10.77 14.96 -5.38
C VAL A 509 10.93 14.30 -6.74
N ASN A 510 11.76 14.88 -7.61
CA ASN A 510 11.81 14.46 -9.01
C ASN A 510 12.91 13.45 -9.32
N GLY A 511 13.86 13.25 -8.41
CA GLY A 511 15.01 12.43 -8.71
C GLY A 511 16.16 13.30 -9.21
N PRO A 512 17.34 12.71 -9.34
CA PRO A 512 18.51 13.50 -9.76
C PRO A 512 18.43 13.90 -11.22
N THR A 513 18.92 15.10 -11.52
CA THR A 513 18.94 15.59 -12.90
C THR A 513 20.03 14.93 -13.73
N THR A 514 20.93 14.19 -13.10
CA THR A 514 21.88 13.37 -13.84
C THR A 514 21.18 12.16 -14.43
N PRO A 515 21.53 11.75 -15.66
CA PRO A 515 21.11 10.43 -16.13
C PRO A 515 21.80 9.34 -15.33
N ILE A 516 21.02 8.35 -14.89
CA ILE A 516 21.50 7.30 -14.01
C ILE A 516 21.42 5.96 -14.73
N PRO A 517 22.56 5.38 -15.14
CA PRO A 517 22.51 4.14 -15.95
C PRO A 517 22.20 2.91 -15.13
N VAL A 518 22.70 2.84 -13.90
CA VAL A 518 22.46 1.72 -13.00
C VAL A 518 21.64 2.24 -11.83
N LYS A 519 20.42 1.73 -11.69
CA LYS A 519 19.53 2.18 -10.64
C LYS A 519 19.99 1.66 -9.28
N ALA A 520 20.79 2.45 -8.58
CA ALA A 520 21.30 2.09 -7.27
C ALA A 520 21.56 3.36 -6.49
N SER A 521 21.78 3.20 -5.20
CA SER A 521 21.94 4.32 -4.28
C SER A 521 23.38 4.41 -3.79
N PRO A 522 23.84 5.59 -3.40
CA PRO A 522 25.15 5.68 -2.75
C PRO A 522 25.14 4.98 -1.41
N SER A 523 26.30 4.44 -1.04
CA SER A 523 26.42 3.66 0.18
C SER A 523 26.29 4.56 1.40
N PRO A 524 25.72 4.05 2.50
CA PRO A 524 25.69 4.83 3.75
C PRO A 524 27.05 4.93 4.43
N THR A 525 28.02 4.12 4.03
CA THR A 525 29.36 4.18 4.59
C THR A 525 30.09 5.39 4.03
N ASP A 526 30.80 6.12 4.91
CA ASP A 526 31.58 7.24 4.40
C ASP A 526 33.01 6.80 4.08
N PRO A 527 33.65 7.46 3.12
CA PRO A 527 35.08 7.21 2.87
C PRO A 527 35.94 7.62 4.07
N VAL A 528 36.86 6.74 4.45
CA VAL A 528 37.70 6.95 5.62
C VAL A 528 38.96 7.67 5.16
N VAL A 529 39.02 8.95 5.46
CA VAL A 529 40.24 9.75 5.21
C VAL A 529 41.24 9.43 6.31
N PRO A 530 42.49 9.10 5.98
CA PRO A 530 43.47 8.77 7.02
C PRO A 530 44.00 10.00 7.74
N ALA A 531 44.95 9.79 8.65
CA ALA A 531 45.57 10.89 9.39
C ALA A 531 46.70 11.49 8.58
N VAL A 532 46.74 12.83 8.57
CA VAL A 532 47.71 13.59 7.79
C VAL A 532 48.56 14.39 8.78
N PRO A 533 49.89 14.32 8.71
CA PRO A 533 50.72 15.13 9.61
C PRO A 533 50.62 16.62 9.28
N ILE A 534 50.43 17.43 10.31
CA ILE A 534 50.26 18.86 10.13
C ILE A 534 51.62 19.52 9.89
N GLY A 535 51.67 20.41 8.91
CA GLY A 535 52.91 21.04 8.52
C GLY A 535 53.05 21.11 7.02
N PRO A 536 54.19 21.60 6.54
CA PRO A 536 54.42 21.68 5.09
C PRO A 536 54.75 20.32 4.51
N PRO A 537 54.32 20.05 3.28
CA PRO A 537 54.58 18.74 2.65
C PRO A 537 56.03 18.59 2.26
N PRO A 538 56.50 17.37 1.93
CA PRO A 538 57.90 17.20 1.49
C PRO A 538 58.23 17.84 0.16
N ALA A 539 59.49 17.71 -0.27
CA ALA A 539 59.91 18.21 -1.57
C ALA A 539 59.79 17.12 -2.61
N GLY A 540 59.32 17.49 -3.79
CA GLY A 540 59.05 16.55 -4.85
C GLY A 540 59.77 16.94 -6.13
N PHE A 541 59.17 16.51 -7.25
CA PHE A 541 59.74 16.79 -8.56
C PHE A 541 59.32 18.14 -9.12
N ARG A 542 58.25 18.74 -8.58
CA ARG A 542 57.89 20.08 -9.01
C ARG A 542 58.86 21.13 -8.52
N ASP A 543 59.57 20.86 -7.43
CA ASP A 543 60.61 21.77 -6.96
C ASP A 543 61.78 21.81 -7.94
N ILE A 544 62.22 20.64 -8.42
CA ILE A 544 63.30 20.63 -9.41
C ILE A 544 62.79 21.11 -10.76
N LEU A 545 61.49 20.98 -11.03
CA LEU A 545 60.90 21.52 -12.25
C LEU A 545 60.96 23.05 -12.24
N LEU A 546 60.43 23.67 -11.18
CA LEU A 546 60.47 25.12 -11.04
C LEU A 546 61.88 25.65 -10.82
N ARG A 547 62.83 24.80 -10.42
CA ARG A 547 64.19 25.27 -10.23
C ARG A 547 65.06 25.19 -11.50
N GLU A 548 64.83 24.22 -12.39
CA GLU A 548 65.71 24.14 -13.55
C GLU A 548 65.03 23.83 -14.87
N GLY A 549 63.71 24.00 -15.01
CA GLY A 549 63.09 23.91 -16.31
C GLY A 549 62.80 22.48 -16.77
N PRO A 550 62.16 22.37 -17.94
CA PRO A 550 61.76 21.05 -18.43
C PRO A 550 62.93 20.18 -18.86
N GLU A 551 64.02 20.75 -19.38
CA GLU A 551 65.16 19.92 -19.77
C GLU A 551 65.90 19.38 -18.54
N GLY A 552 65.95 20.16 -17.46
CA GLY A 552 66.51 19.64 -16.22
C GLY A 552 65.60 18.63 -15.56
N PHE A 553 64.28 18.81 -15.71
CA PHE A 553 63.33 17.80 -15.24
C PHE A 553 63.48 16.50 -16.02
N ALA A 554 63.71 16.59 -17.33
CA ALA A 554 63.91 15.40 -18.15
C ALA A 554 65.22 14.71 -17.82
N ARG A 555 66.26 15.48 -17.52
CA ARG A 555 67.52 14.87 -17.09
C ARG A 555 67.45 14.32 -15.67
N ALA A 556 66.56 14.84 -14.83
CA ALA A 556 66.40 14.29 -13.49
C ALA A 556 65.58 12.99 -13.50
N VAL A 557 64.57 12.92 -14.36
CA VAL A 557 63.81 11.68 -14.47
C VAL A 557 64.60 10.63 -15.26
N ARG A 558 65.53 11.07 -16.12
CA ARG A 558 66.40 10.14 -16.82
C ARG A 558 67.53 9.61 -15.93
N ASN A 559 67.93 10.36 -14.91
CA ASN A 559 69.01 9.96 -14.02
C ASN A 559 68.49 9.56 -12.64
N HIS A 560 67.35 8.88 -12.60
CA HIS A 560 66.80 8.36 -11.36
C HIS A 560 67.01 6.86 -11.32
N PRO A 561 67.74 6.33 -10.34
CA PRO A 561 67.92 4.88 -10.24
C PRO A 561 66.70 4.20 -9.65
N GLY A 562 65.95 3.50 -10.49
CA GLY A 562 64.74 2.84 -10.08
C GLY A 562 63.52 3.31 -10.87
N LEU A 563 62.45 2.54 -10.71
CA LEU A 563 61.22 2.82 -11.43
C LEU A 563 60.48 3.99 -10.79
N LEU A 564 59.97 4.88 -11.63
CA LEU A 564 59.11 5.96 -11.19
C LEU A 564 57.67 5.67 -11.59
N LEU A 565 56.75 6.11 -10.74
CA LEU A 565 55.33 5.88 -10.94
C LEU A 565 54.61 7.20 -11.17
N MET A 566 53.51 7.13 -11.91
CA MET A 566 52.59 8.25 -12.06
C MET A 566 51.20 7.79 -11.66
N ASP A 567 50.55 8.56 -10.79
CA ASP A 567 49.21 8.22 -10.35
C ASP A 567 48.18 8.69 -11.37
N THR A 568 47.27 7.80 -11.74
CA THR A 568 46.19 8.11 -12.66
C THR A 568 44.82 7.98 -11.99
N THR A 569 44.77 8.01 -10.66
CA THR A 569 43.53 7.76 -9.97
C THR A 569 42.57 8.94 -10.09
N PHE A 570 43.10 10.14 -10.29
CA PHE A 570 42.26 11.33 -10.30
C PHE A 570 41.62 11.57 -11.66
N ARG A 571 42.19 11.05 -12.75
CA ARG A 571 41.59 11.20 -14.07
C ARG A 571 41.19 9.88 -14.70
N ASP A 572 42.14 8.97 -14.95
CA ASP A 572 41.89 7.87 -15.86
C ASP A 572 41.21 6.68 -15.20
N ALA A 573 41.36 6.54 -13.89
CA ALA A 573 40.72 5.43 -13.17
C ALA A 573 39.20 5.56 -13.19
N HIS A 574 38.67 6.73 -12.86
CA HIS A 574 37.22 6.89 -12.83
C HIS A 574 36.63 7.19 -14.20
N GLN A 575 37.45 7.60 -15.17
CA GLN A 575 36.97 7.62 -16.54
C GLN A 575 36.84 6.21 -17.09
N SER A 576 37.75 5.31 -16.71
CA SER A 576 37.66 3.93 -17.13
C SER A 576 36.60 3.16 -16.38
N LEU A 577 36.35 3.49 -15.12
CA LEU A 577 35.52 2.66 -14.26
C LEU A 577 34.17 3.26 -13.91
N LEU A 578 34.08 4.58 -13.75
CA LEU A 578 32.88 5.22 -13.20
C LEU A 578 32.30 6.27 -14.13
N ALA A 579 32.60 6.16 -15.44
CA ALA A 579 32.08 7.03 -16.51
C ALA A 579 32.41 8.50 -16.26
N THR A 580 33.61 8.74 -15.72
CA THR A 580 34.21 10.04 -15.44
C THR A 580 33.39 10.85 -14.42
N ARG A 581 32.62 10.20 -13.56
CA ARG A 581 31.65 10.91 -12.73
C ARG A 581 32.14 11.26 -11.34
N VAL A 582 33.40 11.02 -11.00
CA VAL A 582 33.91 11.37 -9.68
C VAL A 582 34.06 12.89 -9.59
N ARG A 583 33.58 13.45 -8.48
CA ARG A 583 33.52 14.89 -8.29
C ARG A 583 34.76 15.39 -7.57
N THR A 584 34.87 16.72 -7.50
CA THR A 584 36.01 17.41 -6.89
C THR A 584 36.02 17.28 -5.37
N HIS A 585 34.85 17.04 -4.77
CA HIS A 585 34.74 16.87 -3.32
C HIS A 585 35.56 15.67 -2.83
N ASP A 586 35.39 14.53 -3.48
CA ASP A 586 36.09 13.31 -3.10
C ASP A 586 37.56 13.33 -3.48
N LEU A 587 37.96 14.19 -4.42
CA LEU A 587 39.38 14.33 -4.71
C LEU A 587 40.05 15.27 -3.71
N LYS A 588 39.33 16.31 -3.30
CA LYS A 588 39.85 17.27 -2.33
C LYS A 588 39.97 16.65 -0.95
N LYS A 589 39.15 15.65 -0.63
CA LYS A 589 39.26 15.01 0.66
C LYS A 589 40.53 14.17 0.83
N ILE A 590 41.17 13.73 -0.26
CA ILE A 590 42.38 12.92 -0.18
C ILE A 590 43.61 13.62 -0.74
N ALA A 591 43.45 14.75 -1.43
CA ALA A 591 44.61 15.52 -1.90
C ALA A 591 45.68 15.90 -0.87
N PRO A 592 45.38 16.28 0.39
CA PRO A 592 46.49 16.52 1.33
C PRO A 592 47.24 15.26 1.73
N TYR A 593 46.57 14.11 1.76
CA TYR A 593 47.26 12.85 2.06
C TYR A 593 48.26 12.51 0.96
N VAL A 594 47.87 12.71 -0.30
CA VAL A 594 48.77 12.49 -1.43
C VAL A 594 49.91 13.48 -1.40
N ALA A 595 49.62 14.73 -1.03
CA ALA A 595 50.67 15.75 -0.96
C ALA A 595 51.68 15.46 0.14
N HIS A 596 51.24 14.86 1.25
CA HIS A 596 52.16 14.56 2.34
C HIS A 596 52.91 13.26 2.13
N ASN A 597 52.31 12.27 1.47
CA ASN A 597 52.82 10.92 1.53
C ASN A 597 53.33 10.36 0.21
N PHE A 598 52.96 10.95 -0.92
CA PHE A 598 53.37 10.48 -2.24
C PHE A 598 54.28 11.48 -2.93
N SER A 599 55.24 12.02 -2.18
CA SER A 599 56.11 13.06 -2.70
C SER A 599 57.06 12.57 -3.79
N LYS A 600 57.29 11.27 -3.89
CA LYS A 600 58.23 10.72 -4.84
C LYS A 600 57.59 10.33 -6.16
N LEU A 601 56.37 10.82 -6.43
CA LEU A 601 55.72 10.54 -7.70
C LEU A 601 56.36 11.36 -8.83
N PHE A 602 56.25 10.85 -10.05
CA PHE A 602 56.67 11.60 -11.22
C PHE A 602 55.70 12.75 -11.48
N SER A 603 54.44 12.42 -11.70
CA SER A 603 53.39 13.41 -11.87
C SER A 603 52.08 12.78 -11.41
N MET A 604 50.97 13.44 -11.73
CA MET A 604 49.65 12.94 -11.36
C MET A 604 48.65 13.47 -12.38
N GLU A 605 48.08 12.59 -13.19
CA GLU A 605 47.12 12.99 -14.19
C GLU A 605 45.79 13.29 -13.51
N ASN A 606 45.39 14.56 -13.51
CA ASN A 606 44.14 14.94 -12.85
C ASN A 606 43.29 15.90 -13.68
N TRP A 607 43.58 16.07 -14.96
CA TRP A 607 42.80 16.98 -15.79
C TRP A 607 42.92 16.51 -17.24
N GLY A 608 41.97 16.95 -18.06
CA GLY A 608 41.97 16.53 -19.44
C GLY A 608 41.14 15.29 -19.67
N GLY A 609 41.21 14.79 -20.90
CA GLY A 609 40.43 13.62 -21.25
C GLY A 609 38.96 13.97 -21.39
N ALA A 610 38.11 13.12 -20.79
CA ALA A 610 36.68 13.36 -20.76
C ALA A 610 36.23 14.11 -19.51
N THR A 611 37.16 14.61 -18.69
CA THR A 611 36.79 15.29 -17.46
C THR A 611 36.20 16.67 -17.72
N PHE A 612 36.59 17.30 -18.82
CA PHE A 612 36.10 18.62 -19.20
C PHE A 612 34.61 18.57 -19.52
N ASP A 613 34.25 17.73 -20.50
CA ASP A 613 32.87 17.62 -20.97
C ASP A 613 31.94 17.08 -19.89
N VAL A 614 32.40 16.12 -19.10
CA VAL A 614 31.56 15.53 -18.07
C VAL A 614 31.44 16.46 -16.86
N ALA A 615 32.52 17.19 -16.54
CA ALA A 615 32.47 18.14 -15.44
C ALA A 615 31.53 19.30 -15.72
N MET A 616 31.44 19.74 -16.99
CA MET A 616 30.43 20.76 -17.29
C MET A 616 29.05 20.15 -17.50
N ARG A 617 28.96 18.97 -18.10
CA ARG A 617 27.70 18.48 -18.64
C ARG A 617 26.85 17.73 -17.61
N PHE A 618 27.44 16.76 -16.91
CA PHE A 618 26.70 15.92 -15.98
C PHE A 618 26.92 16.25 -14.53
N LEU A 619 27.96 17.01 -14.20
CA LEU A 619 28.31 17.23 -12.81
C LEU A 619 28.17 18.67 -12.36
N TYR A 620 27.98 19.60 -13.30
CA TYR A 620 27.74 21.03 -13.03
C TYR A 620 28.88 21.65 -12.24
N GLU A 621 30.09 21.45 -12.74
CA GLU A 621 31.31 21.93 -12.11
C GLU A 621 32.13 22.68 -13.14
N CYS A 622 32.94 23.56 -12.67
CA CYS A 622 33.92 24.12 -13.59
C CYS A 622 35.20 23.29 -13.51
N PRO A 623 35.77 22.88 -14.63
CA PRO A 623 37.02 22.11 -14.58
C PRO A 623 38.21 22.93 -14.12
N TRP A 624 38.24 24.23 -14.45
CA TRP A 624 39.29 25.12 -13.96
C TRP A 624 39.19 25.30 -12.45
N ARG A 625 38.00 25.17 -11.89
CA ARG A 625 37.83 25.25 -10.45
C ARG A 625 38.45 24.05 -9.75
N ARG A 626 38.23 22.84 -10.32
CA ARG A 626 38.89 21.64 -9.81
C ARG A 626 40.41 21.74 -9.91
N LEU A 627 40.90 22.25 -11.04
CA LEU A 627 42.33 22.39 -11.26
C LEU A 627 42.96 23.36 -10.25
N GLN A 628 42.31 24.49 -9.99
CA GLN A 628 42.82 25.46 -9.03
C GLN A 628 42.77 24.94 -7.60
N GLU A 629 41.68 24.23 -7.23
CA GLU A 629 41.55 23.68 -5.88
C GLU A 629 42.62 22.62 -5.60
N LEU A 630 42.79 21.68 -6.52
CA LEU A 630 43.83 20.67 -6.33
C LEU A 630 45.24 21.24 -6.51
N ARG A 631 45.39 22.37 -7.20
CA ARG A 631 46.71 22.98 -7.26
C ARG A 631 47.06 23.68 -5.95
N GLU A 632 46.08 24.26 -5.25
CA GLU A 632 46.37 24.71 -3.90
C GLU A 632 46.61 23.53 -2.97
N LEU A 633 45.93 22.40 -3.17
CA LEU A 633 46.03 21.33 -2.17
C LEU A 633 47.30 20.49 -2.32
N ILE A 634 47.77 20.26 -3.53
CA ILE A 634 48.98 19.48 -3.78
C ILE A 634 50.01 20.38 -4.44
N PRO A 635 50.93 20.97 -3.67
CA PRO A 635 51.94 21.85 -4.25
C PRO A 635 53.25 21.20 -4.64
N ASN A 636 53.53 19.99 -4.18
CA ASN A 636 54.86 19.40 -4.31
C ASN A 636 54.98 18.39 -5.43
N ILE A 637 53.89 18.04 -6.11
CA ILE A 637 53.88 17.03 -7.16
C ILE A 637 53.50 17.73 -8.45
N PRO A 638 54.22 17.52 -9.56
CA PRO A 638 53.81 18.09 -10.84
C PRO A 638 52.48 17.53 -11.32
N PHE A 639 51.73 18.36 -12.02
CA PHE A 639 50.44 17.96 -12.56
C PHE A 639 50.61 17.54 -14.02
N GLN A 640 49.70 16.70 -14.49
CA GLN A 640 49.76 16.21 -15.86
C GLN A 640 48.37 16.23 -16.48
N MET A 641 48.27 16.72 -17.71
CA MET A 641 47.00 16.69 -18.42
C MET A 641 47.14 15.96 -19.74
N LEU A 642 46.03 15.40 -20.20
CA LEU A 642 45.96 14.63 -21.43
C LEU A 642 45.31 15.51 -22.51
N LEU A 643 46.14 16.00 -23.43
CA LEU A 643 45.72 16.93 -24.47
C LEU A 643 45.77 16.22 -25.82
N ARG A 644 44.68 16.32 -26.59
CA ARG A 644 44.69 15.76 -27.93
C ARG A 644 45.42 16.70 -28.89
N GLY A 645 45.64 16.25 -30.11
CA GLY A 645 46.39 17.02 -31.08
C GLY A 645 45.76 18.37 -31.30
N ALA A 646 45.10 18.52 -32.43
CA ALA A 646 44.41 19.74 -32.69
C ALA A 646 43.02 19.61 -32.11
N ASN A 647 42.76 18.58 -31.31
CA ASN A 647 41.45 18.40 -30.73
C ASN A 647 41.31 18.94 -29.34
N ALA A 648 42.36 19.57 -28.82
CA ALA A 648 42.31 20.13 -27.49
C ALA A 648 41.60 19.25 -26.45
N VAL A 649 40.36 19.54 -26.13
CA VAL A 649 39.62 18.73 -25.17
C VAL A 649 38.25 18.50 -25.75
N GLY A 650 38.18 18.60 -27.06
CA GLY A 650 36.98 18.41 -27.82
C GLY A 650 37.00 17.14 -28.65
N TYR A 651 36.21 17.15 -29.72
CA TYR A 651 36.03 15.95 -30.54
C TYR A 651 36.32 16.17 -32.02
N THR A 652 36.77 17.37 -32.41
CA THR A 652 37.10 17.66 -33.80
C THR A 652 38.28 18.60 -33.83
N ASN A 653 38.84 18.80 -35.03
CA ASN A 653 40.01 19.67 -35.16
C ASN A 653 39.63 21.13 -34.99
N TYR A 654 40.48 21.86 -34.27
CA TYR A 654 40.28 23.26 -33.96
C TYR A 654 41.36 24.11 -34.61
N PRO A 655 41.09 25.40 -34.89
CA PRO A 655 42.15 26.29 -35.37
C PRO A 655 43.24 26.49 -34.33
N ASP A 656 44.40 26.95 -34.81
CA ASP A 656 45.64 26.91 -34.04
C ASP A 656 45.61 27.86 -32.85
N ASN A 657 44.95 29.01 -33.00
CA ASN A 657 44.93 30.00 -31.94
C ASN A 657 44.18 29.51 -30.71
N VAL A 658 43.17 28.66 -30.91
CA VAL A 658 42.36 28.18 -29.81
C VAL A 658 43.16 27.20 -28.95
N VAL A 659 43.91 26.29 -29.59
CA VAL A 659 44.72 25.33 -28.86
C VAL A 659 45.92 26.01 -28.21
N PHE A 660 46.52 27.00 -28.88
CA PHE A 660 47.62 27.76 -28.29
C PHE A 660 47.16 28.54 -27.06
N LYS A 661 45.99 29.18 -27.14
CA LYS A 661 45.43 29.89 -25.99
C LYS A 661 45.04 28.91 -24.89
N PHE A 662 44.58 27.70 -25.27
CA PHE A 662 44.20 26.69 -24.30
C PHE A 662 45.39 26.23 -23.47
N CYS A 663 46.51 25.94 -24.14
CA CYS A 663 47.73 25.56 -23.43
C CYS A 663 48.30 26.72 -22.62
N GLU A 664 48.16 27.95 -23.13
CA GLU A 664 48.59 29.14 -22.38
C GLU A 664 47.86 29.27 -21.06
N VAL A 665 46.53 29.19 -21.08
CA VAL A 665 45.74 29.35 -19.87
C VAL A 665 45.87 28.13 -18.95
N ALA A 666 46.05 26.94 -19.51
CA ALA A 666 46.22 25.76 -18.64
C ALA A 666 47.57 25.78 -17.94
N LYS A 667 48.62 26.25 -18.61
CA LYS A 667 49.91 26.44 -17.95
C LYS A 667 49.83 27.55 -16.92
N GLU A 668 49.05 28.60 -17.22
CA GLU A 668 48.82 29.69 -16.26
C GLU A 668 48.13 29.19 -14.99
N ASN A 669 47.21 28.23 -15.13
CA ASN A 669 46.46 27.78 -13.97
C ASN A 669 47.25 26.80 -13.10
N GLY A 670 48.21 26.09 -13.66
CA GLY A 670 49.00 25.17 -12.84
C GLY A 670 49.42 23.87 -13.48
N MET A 671 49.05 23.64 -14.74
CA MET A 671 49.42 22.42 -15.42
C MET A 671 50.90 22.43 -15.79
N ASP A 672 51.58 21.31 -15.52
CA ASP A 672 53.02 21.20 -15.69
C ASP A 672 53.41 20.33 -16.88
N VAL A 673 52.83 19.14 -16.99
CA VAL A 673 53.19 18.17 -18.01
C VAL A 673 51.99 18.02 -18.94
N PHE A 674 52.26 18.06 -20.25
CA PHE A 674 51.22 17.95 -21.26
C PHE A 674 51.51 16.72 -22.10
N ARG A 675 50.62 15.72 -22.04
CA ARG A 675 50.76 14.53 -22.87
C ARG A 675 49.95 14.75 -24.14
N VAL A 676 50.64 14.89 -25.26
CA VAL A 676 50.03 15.21 -26.55
C VAL A 676 50.01 13.97 -27.42
N PHE A 677 48.83 13.60 -27.92
CA PHE A 677 48.66 12.44 -28.77
C PHE A 677 47.63 12.77 -29.86
N ASP A 678 47.61 11.93 -30.89
CA ASP A 678 46.66 12.06 -31.99
C ASP A 678 46.06 10.70 -32.29
N SER A 679 44.85 10.71 -32.83
CA SER A 679 44.08 9.49 -33.06
C SER A 679 44.62 8.65 -34.19
N LEU A 680 44.80 9.24 -35.37
CA LEU A 680 45.22 8.52 -36.55
C LEU A 680 46.74 8.49 -36.68
N ASN A 681 47.45 8.95 -35.65
CA ASN A 681 48.90 9.21 -35.67
C ASN A 681 49.28 10.12 -36.83
N TYR A 682 48.41 11.08 -37.10
CA TYR A 682 48.63 12.07 -38.16
C TYR A 682 49.66 13.07 -37.66
N LEU A 683 50.81 13.09 -38.33
CA LEU A 683 52.00 13.77 -37.83
C LEU A 683 51.91 15.30 -37.70
N PRO A 684 51.31 16.08 -38.62
CA PRO A 684 51.27 17.54 -38.39
C PRO A 684 50.36 17.96 -37.24
N ASN A 685 49.27 17.22 -36.96
CA ASN A 685 48.48 17.50 -35.77
C ASN A 685 49.27 17.27 -34.50
N MET A 686 50.09 16.21 -34.47
CA MET A 686 50.98 15.95 -33.35
C MET A 686 51.99 17.08 -33.19
N LEU A 687 52.55 17.56 -34.30
CA LEU A 687 53.54 18.63 -34.23
C LEU A 687 52.91 19.94 -33.78
N LEU A 688 51.66 20.19 -34.21
CA LEU A 688 50.91 21.35 -33.75
C LEU A 688 50.65 21.31 -32.26
N GLY A 689 50.17 20.16 -31.77
CA GLY A 689 49.89 20.04 -30.34
C GLY A 689 51.15 20.12 -29.49
N MET A 690 52.25 19.54 -29.99
CA MET A 690 53.54 19.64 -29.30
C MET A 690 54.05 21.07 -29.28
N GLU A 691 53.85 21.82 -30.38
CA GLU A 691 54.29 23.20 -30.43
C GLU A 691 53.47 24.08 -29.49
N ALA A 692 52.15 23.85 -29.43
CA ALA A 692 51.29 24.60 -28.53
C ALA A 692 51.60 24.28 -27.07
N ALA A 693 51.92 23.02 -26.77
CA ALA A 693 52.27 22.66 -25.39
C ALA A 693 53.65 23.15 -25.01
N GLY A 694 54.59 23.17 -25.95
CA GLY A 694 55.95 23.58 -25.66
C GLY A 694 56.15 25.08 -25.58
N SER A 695 55.44 25.84 -26.41
CA SER A 695 55.57 27.30 -26.38
C SER A 695 54.92 27.91 -25.14
N ALA A 696 53.96 27.21 -24.53
CA ALA A 696 53.38 27.70 -23.28
C ALA A 696 54.35 27.59 -22.12
N GLY A 697 55.37 26.75 -22.22
CA GLY A 697 56.37 26.60 -21.19
C GLY A 697 56.32 25.31 -20.40
N GLY A 698 55.57 24.32 -20.85
CA GLY A 698 55.40 23.08 -20.13
C GLY A 698 56.24 21.94 -20.68
N VAL A 699 56.30 20.86 -19.90
CA VAL A 699 56.99 19.66 -20.31
C VAL A 699 56.14 18.94 -21.36
N VAL A 700 56.77 18.49 -22.43
CA VAL A 700 56.09 17.87 -23.55
C VAL A 700 56.29 16.35 -23.47
N GLU A 701 55.18 15.62 -23.47
CA GLU A 701 55.21 14.16 -23.50
C GLU A 701 54.53 13.75 -24.80
N ALA A 702 55.32 13.38 -25.79
CA ALA A 702 54.77 12.97 -27.08
C ALA A 702 54.32 11.52 -26.98
N ALA A 703 53.02 11.28 -27.06
CA ALA A 703 52.47 9.95 -26.84
C ALA A 703 52.16 9.31 -28.19
N ILE A 704 52.78 8.18 -28.46
CA ILE A 704 52.49 7.38 -29.65
C ILE A 704 51.38 6.41 -29.29
N SER A 705 50.29 6.45 -30.04
CA SER A 705 49.21 5.50 -29.83
C SER A 705 49.61 4.13 -30.36
N TYR A 706 49.48 3.11 -29.51
CA TYR A 706 49.85 1.76 -29.87
C TYR A 706 48.61 0.96 -30.21
N THR A 707 48.73 0.12 -31.24
CA THR A 707 47.67 -0.80 -31.61
C THR A 707 48.31 -2.00 -32.30
N GLY A 708 47.61 -3.12 -32.27
CA GLY A 708 48.07 -4.32 -32.96
C GLY A 708 49.08 -5.09 -32.12
N ASP A 709 50.17 -5.50 -32.75
CA ASP A 709 51.21 -6.28 -32.08
C ASP A 709 52.49 -6.18 -32.89
N VAL A 710 53.54 -5.59 -32.30
CA VAL A 710 54.81 -5.52 -32.99
C VAL A 710 55.57 -6.84 -32.94
N ALA A 711 55.22 -7.72 -32.01
CA ALA A 711 55.87 -9.03 -31.92
C ALA A 711 55.25 -10.04 -32.86
N ASP A 712 54.09 -9.74 -33.46
CA ASP A 712 53.44 -10.63 -34.40
C ASP A 712 53.75 -10.17 -35.81
N PRO A 713 54.54 -10.93 -36.59
CA PRO A 713 54.87 -10.49 -37.95
C PRO A 713 53.77 -10.69 -38.97
N SER A 714 52.68 -11.37 -38.61
CA SER A 714 51.57 -11.57 -39.55
C SER A 714 50.84 -10.26 -39.84
N ARG A 715 50.82 -9.34 -38.88
CA ARG A 715 50.21 -8.02 -39.06
C ARG A 715 51.31 -7.04 -39.40
N THR A 716 51.16 -6.36 -40.55
CA THR A 716 52.27 -5.63 -41.16
C THR A 716 51.94 -4.15 -41.34
N LYS A 717 50.71 -3.72 -41.01
CA LYS A 717 50.34 -2.32 -41.20
C LYS A 717 51.03 -1.42 -40.18
N TYR A 718 50.84 -1.68 -38.90
CA TYR A 718 51.53 -0.95 -37.85
C TYR A 718 52.70 -1.81 -37.36
N SER A 719 53.75 -1.84 -38.17
CA SER A 719 54.94 -2.61 -37.86
C SER A 719 55.79 -1.90 -36.81
N LEU A 720 56.87 -2.58 -36.39
CA LEU A 720 57.82 -1.98 -35.46
C LEU A 720 58.57 -0.81 -36.10
N GLN A 721 58.85 -0.90 -37.41
CA GLN A 721 59.52 0.19 -38.11
C GLN A 721 58.63 1.41 -38.24
N TYR A 722 57.31 1.21 -38.28
CA TYR A 722 56.35 2.31 -38.30
C TYR A 722 56.44 3.12 -37.00
N TYR A 723 56.45 2.43 -35.86
CA TYR A 723 56.64 3.10 -34.58
C TYR A 723 58.03 3.71 -34.45
N MET A 724 59.05 3.08 -35.03
CA MET A 724 60.40 3.63 -34.95
C MET A 724 60.54 4.90 -35.77
N GLY A 725 59.93 4.96 -36.96
CA GLY A 725 59.97 6.17 -37.74
C GLY A 725 59.13 7.28 -37.14
N LEU A 726 57.98 6.93 -36.56
CA LEU A 726 57.14 7.90 -35.87
C LEU A 726 57.87 8.48 -34.67
N ALA A 727 58.55 7.64 -33.89
CA ALA A 727 59.31 8.10 -32.74
C ALA A 727 60.51 8.93 -33.16
N GLU A 728 61.14 8.59 -34.29
CA GLU A 728 62.27 9.37 -34.79
C GLU A 728 61.82 10.78 -35.17
N GLU A 729 60.68 10.90 -35.86
CA GLU A 729 60.23 12.24 -36.23
C GLU A 729 59.70 13.02 -35.02
N LEU A 730 59.14 12.34 -34.02
CA LEU A 730 58.68 13.06 -32.85
C LEU A 730 59.84 13.49 -31.95
N VAL A 731 60.94 12.74 -31.94
CA VAL A 731 62.14 13.21 -31.25
C VAL A 731 62.80 14.33 -32.03
N ARG A 732 62.69 14.31 -33.37
CA ARG A 732 63.26 15.37 -34.19
C ARG A 732 62.53 16.70 -34.04
N ALA A 733 61.30 16.69 -33.53
CA ALA A 733 60.54 17.91 -33.28
C ALA A 733 60.79 18.50 -31.90
N GLY A 734 61.66 17.90 -31.10
CA GLY A 734 62.04 18.46 -29.83
C GLY A 734 61.17 18.08 -28.65
N THR A 735 60.68 16.84 -28.61
CA THR A 735 59.93 16.40 -27.43
C THR A 735 60.87 16.15 -26.26
N HIS A 736 60.33 16.26 -25.06
CA HIS A 736 61.11 16.06 -23.85
C HIS A 736 61.00 14.65 -23.31
N ILE A 737 59.80 14.09 -23.27
CA ILE A 737 59.58 12.72 -22.80
C ILE A 737 58.75 12.00 -23.84
N LEU A 738 59.19 10.80 -24.24
CA LEU A 738 58.39 9.99 -25.15
C LEU A 738 57.47 9.10 -24.34
N CYS A 739 56.32 8.77 -24.91
CA CYS A 739 55.33 7.96 -24.22
C CYS A 739 54.70 6.98 -25.19
N ILE A 740 54.38 5.79 -24.70
CA ILE A 740 53.64 4.79 -25.46
C ILE A 740 52.28 4.67 -24.81
N LYS A 741 51.23 5.10 -25.50
CA LYS A 741 49.86 5.02 -25.01
C LYS A 741 49.23 3.76 -25.59
N ASP A 742 49.07 2.74 -24.77
CA ASP A 742 48.38 1.51 -25.13
C ASP A 742 47.00 1.61 -24.49
N MET A 743 46.06 2.21 -25.21
CA MET A 743 44.79 2.61 -24.61
C MET A 743 43.80 1.47 -24.49
N ALA A 744 44.00 0.37 -25.21
CA ALA A 744 43.12 -0.79 -25.09
C ALA A 744 43.69 -1.87 -24.19
N GLY A 745 44.99 -1.86 -23.93
CA GLY A 745 45.60 -2.91 -23.14
C GLY A 745 46.09 -4.05 -24.01
N LEU A 746 46.82 -3.72 -25.07
CA LEU A 746 47.27 -4.71 -26.04
C LEU A 746 48.76 -4.99 -25.97
N LEU A 747 49.51 -4.28 -25.13
CA LEU A 747 50.94 -4.53 -24.99
C LEU A 747 51.16 -5.78 -24.14
N LYS A 748 51.83 -6.76 -24.73
CA LYS A 748 52.28 -8.01 -24.16
C LYS A 748 53.74 -7.87 -23.74
N PRO A 749 54.24 -8.71 -22.82
CA PRO A 749 55.62 -8.55 -22.33
C PRO A 749 56.72 -8.67 -23.39
N THR A 750 56.55 -9.54 -24.40
CA THR A 750 57.55 -9.65 -25.44
C THR A 750 57.57 -8.42 -26.34
N ALA A 751 56.37 -7.93 -26.70
CA ALA A 751 56.27 -6.71 -27.48
C ALA A 751 56.77 -5.50 -26.69
N CYS A 752 56.52 -5.49 -25.38
CA CYS A 752 57.03 -4.43 -24.51
C CYS A 752 58.54 -4.42 -24.49
N THR A 753 59.16 -5.59 -24.32
CA THR A 753 60.62 -5.69 -24.30
C THR A 753 61.22 -5.25 -25.63
N MET A 754 60.63 -5.71 -26.74
CA MET A 754 61.11 -5.35 -28.07
C MET A 754 61.03 -3.84 -28.32
N LEU A 755 59.87 -3.24 -28.04
CA LEU A 755 59.68 -1.83 -28.36
C LEU A 755 60.49 -0.92 -27.43
N VAL A 756 60.52 -1.23 -26.13
CA VAL A 756 61.25 -0.36 -25.21
C VAL A 756 62.76 -0.54 -25.38
N SER A 757 63.23 -1.73 -25.78
CA SER A 757 64.66 -1.90 -26.04
C SER A 757 65.06 -1.22 -27.35
N SER A 758 64.18 -1.22 -28.36
CA SER A 758 64.45 -0.47 -29.59
C SER A 758 64.51 1.03 -29.33
N LEU A 759 63.57 1.54 -28.52
CA LEU A 759 63.58 2.96 -28.20
C LEU A 759 64.74 3.34 -27.30
N ARG A 760 65.23 2.39 -26.49
CA ARG A 760 66.34 2.69 -25.60
C ARG A 760 67.69 2.64 -26.31
N ASP A 761 67.87 1.73 -27.27
CA ASP A 761 69.13 1.73 -28.01
C ASP A 761 69.10 2.63 -29.24
N ARG A 762 67.96 3.24 -29.56
CA ARG A 762 67.95 4.28 -30.57
C ARG A 762 68.16 5.67 -29.95
N PHE A 763 67.47 5.96 -28.84
CA PHE A 763 67.63 7.21 -28.10
C PHE A 763 68.08 6.87 -26.68
N PRO A 764 69.38 6.89 -26.40
CA PRO A 764 69.87 6.38 -25.11
C PRO A 764 69.66 7.29 -23.92
N ASP A 765 69.25 8.54 -24.12
CA ASP A 765 69.15 9.48 -22.99
C ASP A 765 67.78 10.15 -22.92
N LEU A 766 66.81 9.66 -23.64
CA LEU A 766 65.47 10.22 -23.64
C LEU A 766 64.57 9.42 -22.72
N PRO A 767 63.85 10.08 -21.80
CA PRO A 767 62.95 9.35 -20.90
C PRO A 767 61.76 8.73 -21.62
N LEU A 768 61.48 7.48 -21.26
CA LEU A 768 60.36 6.72 -21.80
C LEU A 768 59.30 6.56 -20.73
N HIS A 769 58.06 6.83 -21.10
CA HIS A 769 56.90 6.69 -20.24
C HIS A 769 55.95 5.72 -20.94
N ILE A 770 55.44 4.76 -20.20
CA ILE A 770 54.52 3.77 -20.76
C ILE A 770 53.19 3.92 -20.04
N HIS A 771 52.11 3.95 -20.79
CA HIS A 771 50.76 4.01 -20.27
C HIS A 771 50.00 2.82 -20.83
N THR A 772 49.36 2.05 -19.96
CA THR A 772 48.60 0.89 -20.41
C THR A 772 47.32 0.79 -19.59
N HIS A 773 46.40 -0.02 -20.10
CA HIS A 773 45.21 -0.42 -19.37
C HIS A 773 45.29 -1.92 -19.09
N ASP A 774 44.59 -2.35 -18.04
CA ASP A 774 44.65 -3.72 -17.56
C ASP A 774 43.42 -4.50 -17.99
N THR A 775 42.97 -4.28 -19.23
CA THR A 775 41.75 -4.91 -19.71
C THR A 775 41.93 -6.39 -19.98
N SER A 776 43.08 -6.77 -20.53
CA SER A 776 43.35 -8.17 -20.83
C SER A 776 43.81 -8.96 -19.62
N GLY A 777 44.27 -8.29 -18.56
CA GLY A 777 44.77 -8.96 -17.39
C GLY A 777 46.26 -9.16 -17.36
N ALA A 778 47.02 -8.42 -18.16
CA ALA A 778 48.48 -8.58 -18.25
C ALA A 778 49.19 -7.24 -18.12
N GLY A 779 48.66 -6.34 -17.29
CA GLY A 779 49.21 -5.01 -17.15
C GLY A 779 50.45 -4.93 -16.29
N VAL A 780 50.43 -5.58 -15.13
CA VAL A 780 51.56 -5.56 -14.21
C VAL A 780 52.74 -6.32 -14.80
N ALA A 781 52.48 -7.41 -15.52
CA ALA A 781 53.54 -8.15 -16.21
C ALA A 781 54.18 -7.33 -17.31
N ALA A 782 53.36 -6.60 -18.07
CA ALA A 782 53.87 -5.73 -19.13
C ALA A 782 54.67 -4.57 -18.55
N MET A 783 54.24 -4.01 -17.41
CA MET A 783 54.98 -2.90 -16.82
C MET A 783 56.28 -3.36 -16.19
N LEU A 784 56.33 -4.58 -15.66
CA LEU A 784 57.60 -5.12 -15.18
C LEU A 784 58.55 -5.39 -16.34
N ALA A 785 58.01 -5.85 -17.48
CA ALA A 785 58.82 -6.04 -18.68
C ALA A 785 59.37 -4.70 -19.20
N CYS A 786 58.55 -3.64 -19.16
CA CYS A 786 59.02 -2.32 -19.58
C CYS A 786 60.08 -1.77 -18.63
N ALA A 787 59.86 -1.89 -17.32
CA ALA A 787 60.82 -1.36 -16.35
C ALA A 787 62.14 -2.12 -16.38
N GLN A 788 62.12 -3.41 -16.72
CA GLN A 788 63.39 -4.11 -16.92
C GLN A 788 64.00 -3.83 -18.28
N ALA A 789 63.18 -3.50 -19.28
CA ALA A 789 63.72 -3.17 -20.59
C ALA A 789 64.31 -1.77 -20.66
N GLY A 790 63.92 -0.87 -19.75
CA GLY A 790 64.49 0.45 -19.71
C GLY A 790 63.50 1.60 -19.68
N ALA A 791 62.25 1.32 -19.32
CA ALA A 791 61.28 2.39 -19.14
C ALA A 791 61.52 3.10 -17.81
N ASP A 792 61.23 4.39 -17.79
CA ASP A 792 61.51 5.23 -16.63
C ASP A 792 60.29 5.49 -15.76
N VAL A 793 59.14 5.80 -16.35
CA VAL A 793 57.91 6.06 -15.61
C VAL A 793 56.83 5.13 -16.13
N VAL A 794 56.06 4.54 -15.21
CA VAL A 794 54.88 3.77 -15.57
C VAL A 794 53.67 4.32 -14.80
N ASP A 795 52.48 4.10 -15.37
CA ASP A 795 51.23 4.63 -14.84
C ASP A 795 50.52 3.60 -14.00
N VAL A 796 50.12 3.98 -12.78
CA VAL A 796 49.40 3.10 -11.88
C VAL A 796 48.15 3.81 -11.37
N ALA A 797 47.40 3.10 -10.53
CA ALA A 797 46.24 3.65 -9.85
C ALA A 797 46.12 2.97 -8.50
N ALA A 798 45.26 3.52 -7.63
CA ALA A 798 45.02 2.91 -6.33
C ALA A 798 44.37 1.54 -6.50
N ASP A 799 44.63 0.66 -5.53
CA ASP A 799 44.34 -0.77 -5.69
C ASP A 799 42.85 -1.04 -5.76
N SER A 800 42.03 -0.24 -5.09
CA SER A 800 40.59 -0.34 -5.18
C SER A 800 40.03 0.39 -6.40
N MET A 801 40.85 1.21 -7.05
CA MET A 801 40.45 1.95 -8.23
C MET A 801 41.20 1.51 -9.47
N SER A 802 41.73 0.29 -9.45
CA SER A 802 42.45 -0.28 -10.57
C SER A 802 41.76 -1.58 -10.99
N GLY A 803 42.34 -2.26 -11.97
CA GLY A 803 41.75 -3.52 -12.35
C GLY A 803 41.16 -3.60 -13.74
N MET A 804 39.82 -3.60 -13.82
CA MET A 804 39.05 -4.08 -14.96
C MET A 804 39.37 -3.39 -16.29
N THR A 805 39.07 -2.10 -16.42
CA THR A 805 39.44 -1.32 -17.60
C THR A 805 40.43 -0.23 -17.25
N SER A 806 40.94 -0.21 -16.03
CA SER A 806 41.76 0.85 -15.49
C SER A 806 43.24 0.50 -15.60
N GLN A 807 44.07 1.26 -14.90
CA GLN A 807 45.53 1.09 -14.92
C GLN A 807 45.91 -0.09 -14.03
N PRO A 808 47.18 -0.53 -14.08
CA PRO A 808 47.64 -1.52 -13.09
C PRO A 808 47.70 -0.95 -11.69
N SER A 809 47.76 -1.87 -10.72
CA SER A 809 47.63 -1.52 -9.31
C SER A 809 48.93 -0.99 -8.74
N MET A 810 48.82 0.03 -7.89
CA MET A 810 50.00 0.64 -7.28
C MET A 810 50.70 -0.31 -6.31
N GLY A 811 49.92 -1.03 -5.51
CA GLY A 811 50.50 -1.95 -4.53
C GLY A 811 51.23 -3.12 -5.16
N ALA A 812 50.72 -3.63 -6.28
CA ALA A 812 51.40 -4.70 -6.98
C ALA A 812 52.70 -4.25 -7.61
N LEU A 813 52.76 -3.01 -8.09
CA LEU A 813 54.00 -2.48 -8.64
C LEU A 813 55.02 -2.15 -7.55
N VAL A 814 54.54 -1.70 -6.39
CA VAL A 814 55.45 -1.43 -5.28
C VAL A 814 56.00 -2.74 -4.71
N ALA A 815 55.14 -3.75 -4.59
CA ALA A 815 55.56 -5.03 -4.01
C ALA A 815 56.41 -5.85 -4.96
N CYS A 816 56.13 -5.80 -6.27
CA CYS A 816 56.89 -6.58 -7.24
C CYS A 816 58.25 -5.99 -7.56
N THR A 817 58.55 -4.79 -7.08
CA THR A 817 59.87 -4.18 -7.25
C THR A 817 60.59 -4.00 -5.93
N ARG A 818 60.12 -4.61 -4.85
CA ARG A 818 60.74 -4.45 -3.55
C ARG A 818 62.04 -5.27 -3.47
N GLY A 819 63.14 -4.60 -3.12
CA GLY A 819 64.43 -5.23 -3.01
C GLY A 819 65.22 -5.31 -4.30
N THR A 820 64.57 -5.11 -5.44
CA THR A 820 65.24 -5.15 -6.74
C THR A 820 66.04 -3.86 -6.94
N PRO A 821 66.88 -3.80 -7.98
CA PRO A 821 67.44 -2.49 -8.37
C PRO A 821 66.40 -1.50 -8.89
N LEU A 822 65.19 -1.95 -9.24
CA LEU A 822 64.12 -1.07 -9.68
C LEU A 822 63.20 -0.64 -8.54
N ASP A 823 63.74 -0.48 -7.33
CA ASP A 823 62.92 -0.19 -6.17
C ASP A 823 62.34 1.22 -6.24
N THR A 824 61.05 1.33 -5.94
CA THR A 824 60.35 2.61 -5.93
C THR A 824 60.39 3.31 -4.58
N GLU A 825 60.89 2.62 -3.55
CA GLU A 825 61.01 3.03 -2.14
C GLU A 825 59.78 3.73 -1.56
N VAL A 826 58.59 3.35 -2.03
CA VAL A 826 57.33 3.85 -1.47
C VAL A 826 56.87 2.87 -0.40
N PRO A 827 56.53 3.33 0.80
CA PRO A 827 56.05 2.41 1.83
C PRO A 827 54.65 1.90 1.52
N MET A 828 54.43 0.61 1.81
CA MET A 828 53.18 -0.03 1.42
C MET A 828 52.00 0.36 2.31
N GLU A 829 52.25 0.88 3.51
CA GLU A 829 51.17 1.21 4.41
C GLU A 829 50.44 2.48 3.98
N ARG A 830 51.18 3.43 3.40
CA ARG A 830 50.58 4.61 2.81
C ARG A 830 49.72 4.23 1.61
N VAL A 831 50.16 3.22 0.85
CA VAL A 831 49.40 2.67 -0.27
C VAL A 831 48.12 2.03 0.25
N PHE A 832 48.21 1.33 1.38
CA PHE A 832 47.04 0.69 1.98
C PHE A 832 46.00 1.71 2.43
N ASP A 833 46.44 2.82 3.02
CA ASP A 833 45.51 3.84 3.48
C ASP A 833 44.88 4.59 2.31
N TYR A 834 45.65 4.85 1.25
CA TYR A 834 45.13 5.50 0.05
C TYR A 834 44.09 4.62 -0.65
N SER A 835 44.37 3.33 -0.79
CA SER A 835 43.39 2.43 -1.39
C SER A 835 42.18 2.20 -0.49
N GLU A 836 42.37 2.31 0.84
CA GLU A 836 41.25 2.25 1.78
C GLU A 836 40.29 3.41 1.56
N TYR A 837 40.84 4.63 1.42
CA TYR A 837 40.02 5.80 1.08
C TYR A 837 39.27 5.57 -0.21
N TRP A 838 39.97 5.08 -1.24
CA TRP A 838 39.30 4.97 -2.53
C TRP A 838 38.29 3.83 -2.59
N GLU A 839 38.42 2.81 -1.75
CA GLU A 839 37.35 1.81 -1.63
C GLU A 839 36.11 2.43 -1.02
N GLY A 840 36.29 3.22 0.06
CA GLY A 840 35.15 3.93 0.65
C GLY A 840 34.51 4.93 -0.28
N ALA A 841 35.33 5.65 -1.05
CA ALA A 841 34.81 6.64 -1.99
C ALA A 841 34.20 6.02 -3.23
N ARG A 842 34.71 4.88 -3.69
CA ARG A 842 34.12 4.18 -4.83
C ARG A 842 32.76 3.60 -4.48
N GLY A 843 32.55 3.25 -3.21
CA GLY A 843 31.21 2.84 -2.77
C GLY A 843 30.13 3.90 -2.95
N LEU A 844 30.51 5.18 -3.00
CA LEU A 844 29.55 6.27 -3.19
C LEU A 844 29.02 6.38 -4.61
N TYR A 845 29.72 5.80 -5.59
CA TYR A 845 29.41 5.98 -7.00
C TYR A 845 28.83 4.71 -7.61
N ALA A 846 27.96 4.03 -6.87
CA ALA A 846 27.42 2.75 -7.28
C ALA A 846 26.47 2.87 -8.47
N ALA A 847 25.96 4.06 -8.76
CA ALA A 847 25.06 4.26 -9.89
C ALA A 847 25.80 4.30 -11.23
N PHE A 848 27.11 4.52 -11.22
CA PHE A 848 27.90 4.63 -12.46
C PHE A 848 28.99 3.57 -12.53
N ASP A 849 28.91 2.52 -11.72
CA ASP A 849 30.03 1.62 -11.52
C ASP A 849 30.11 0.56 -12.62
N CYS A 850 31.35 0.24 -13.00
CA CYS A 850 31.60 -0.78 -14.02
C CYS A 850 31.15 -2.17 -13.55
N THR A 851 31.27 -2.43 -12.25
CA THR A 851 31.05 -3.75 -11.66
C THR A 851 29.58 -4.17 -11.64
N ALA A 852 28.65 -3.34 -12.09
CA ALA A 852 27.27 -3.78 -12.21
C ALA A 852 27.09 -4.71 -13.41
N THR A 853 27.93 -4.57 -14.44
CA THR A 853 27.88 -5.44 -15.62
C THR A 853 29.13 -6.29 -15.74
N MET A 854 30.31 -5.67 -15.77
CA MET A 854 31.57 -6.39 -15.96
C MET A 854 32.19 -6.67 -14.60
N LYS A 855 32.34 -7.95 -14.25
CA LYS A 855 32.88 -8.31 -12.94
C LYS A 855 34.37 -8.67 -12.91
N SER A 856 34.96 -8.86 -14.08
CA SER A 856 36.37 -9.21 -14.17
C SER A 856 36.92 -8.73 -15.50
N GLY A 857 38.19 -9.01 -15.75
CA GLY A 857 38.79 -8.60 -17.00
C GLY A 857 38.20 -9.34 -18.19
N ASN A 858 38.74 -9.01 -19.36
CA ASN A 858 38.21 -9.57 -20.60
C ASN A 858 39.32 -9.63 -21.63
N SER A 859 39.64 -10.83 -22.11
CA SER A 859 40.63 -10.97 -23.16
C SER A 859 40.09 -10.68 -24.55
N ASP A 860 38.76 -10.47 -24.68
CA ASP A 860 38.17 -10.17 -25.99
C ASP A 860 38.53 -8.78 -26.50
N VAL A 861 39.23 -7.98 -25.71
CA VAL A 861 39.80 -6.71 -26.13
C VAL A 861 40.91 -6.96 -27.14
N TYR A 862 41.43 -8.19 -27.20
CA TYR A 862 42.32 -8.55 -28.29
C TYR A 862 41.60 -8.70 -29.63
N GLU A 863 40.26 -8.71 -29.66
CA GLU A 863 39.53 -8.80 -30.91
C GLU A 863 38.62 -7.61 -31.20
N ASN A 864 38.22 -6.82 -30.20
CA ASN A 864 37.43 -5.62 -30.47
C ASN A 864 38.18 -4.32 -30.27
N GLU A 865 39.25 -4.33 -29.47
CA GLU A 865 40.21 -3.23 -29.29
C GLU A 865 39.54 -1.96 -28.77
N ILE A 866 38.53 -2.09 -27.92
CA ILE A 866 37.88 -0.93 -27.33
C ILE A 866 38.74 -0.41 -26.18
N PRO A 867 39.01 0.89 -26.09
CA PRO A 867 39.66 1.44 -24.90
C PRO A 867 38.72 1.46 -23.69
N GLY A 868 39.32 1.59 -22.51
CA GLY A 868 38.59 1.47 -21.25
C GLY A 868 37.67 2.62 -20.86
N GLY A 869 38.20 3.86 -20.98
CA GLY A 869 37.35 5.02 -20.79
C GLY A 869 36.25 5.07 -21.83
N GLN A 870 36.57 4.67 -23.03
CA GLN A 870 35.51 4.62 -24.00
C GLN A 870 34.56 3.50 -23.62
N TYR A 871 35.04 2.40 -23.07
CA TYR A 871 34.14 1.30 -22.70
C TYR A 871 33.04 1.77 -21.76
N THR A 872 33.42 2.44 -20.67
CA THR A 872 32.39 2.83 -19.69
C THR A 872 31.52 3.97 -20.22
N ASN A 873 32.13 4.95 -20.90
CA ASN A 873 31.33 6.03 -21.46
C ASN A 873 30.45 5.56 -22.62
N LEU A 874 30.90 4.55 -23.36
CA LEU A 874 30.10 3.99 -24.44
C LEU A 874 28.94 3.17 -23.90
N HIS A 875 29.12 2.50 -22.77
CA HIS A 875 28.00 1.81 -22.14
C HIS A 875 26.95 2.81 -21.66
N PHE A 876 27.39 3.95 -21.12
CA PHE A 876 26.44 5.00 -20.74
C PHE A 876 25.70 5.55 -21.95
N GLN A 877 26.43 5.81 -23.04
CA GLN A 877 25.82 6.39 -24.24
C GLN A 877 24.85 5.42 -24.90
N ALA A 878 25.17 4.13 -24.90
CA ALA A 878 24.24 3.14 -25.41
C ALA A 878 23.03 2.99 -24.51
N HIS A 879 23.18 3.25 -23.21
CA HIS A 879 22.01 3.22 -22.33
C HIS A 879 21.08 4.39 -22.60
N SER A 880 21.63 5.56 -22.91
CA SER A 880 20.82 6.76 -23.10
C SER A 880 20.24 6.88 -24.49
N MET A 881 20.40 5.87 -25.34
CA MET A 881 19.82 5.86 -26.68
C MET A 881 19.04 4.57 -26.93
N GLY A 882 18.52 3.96 -25.87
CA GLY A 882 17.66 2.79 -25.98
C GLY A 882 18.37 1.48 -26.23
N LEU A 883 19.69 1.50 -26.47
CA LEU A 883 20.45 0.30 -26.75
C LEU A 883 21.06 -0.31 -25.48
N GLY A 884 20.47 -0.04 -24.32
CA GLY A 884 21.06 -0.42 -23.04
C GLY A 884 21.09 -1.91 -22.77
N SER A 885 20.34 -2.71 -23.53
CA SER A 885 20.32 -4.16 -23.36
C SER A 885 20.93 -4.90 -24.54
N LYS A 886 21.70 -4.20 -25.37
CA LYS A 886 22.30 -4.79 -26.57
C LYS A 886 23.77 -4.42 -26.69
N PHE A 887 24.50 -4.42 -25.58
CA PHE A 887 25.87 -3.93 -25.60
C PHE A 887 26.85 -4.94 -26.22
N LYS A 888 26.53 -6.23 -26.16
CA LYS A 888 27.35 -7.22 -26.87
C LYS A 888 27.25 -7.03 -28.39
N GLU A 889 26.06 -6.68 -28.88
CA GLU A 889 25.90 -6.35 -30.28
C GLU A 889 26.59 -5.04 -30.64
N VAL A 890 26.64 -4.10 -29.68
CA VAL A 890 27.41 -2.87 -29.89
C VAL A 890 28.89 -3.19 -30.05
N LYS A 891 29.41 -4.15 -29.27
CA LYS A 891 30.81 -4.52 -29.39
C LYS A 891 31.09 -5.29 -30.69
N LYS A 892 30.14 -6.13 -31.12
CA LYS A 892 30.30 -6.84 -32.39
C LYS A 892 30.28 -5.86 -33.58
N ALA A 893 29.34 -4.91 -33.56
CA ALA A 893 29.32 -3.87 -34.58
C ALA A 893 30.50 -2.91 -34.45
N TYR A 894 31.15 -2.93 -33.29
CA TYR A 894 32.33 -2.12 -33.07
C TYR A 894 33.40 -2.74 -33.97
N VAL A 895 33.59 -4.06 -33.85
CA VAL A 895 34.57 -4.77 -34.69
C VAL A 895 34.25 -4.57 -36.17
N GLU A 896 32.96 -4.68 -36.52
CA GLU A 896 32.53 -4.51 -37.91
C GLU A 896 32.81 -3.10 -38.42
N ALA A 897 32.55 -2.08 -37.61
CA ALA A 897 32.78 -0.70 -37.98
C ALA A 897 34.26 -0.34 -38.00
N ASN A 898 35.09 -1.03 -37.23
CA ASN A 898 36.53 -0.87 -37.36
C ASN A 898 37.00 -1.38 -38.71
N GLN A 899 36.51 -2.56 -39.11
CA GLN A 899 36.92 -3.11 -40.41
C GLN A 899 36.33 -2.33 -41.57
N MET A 900 35.13 -1.78 -41.37
CA MET A 900 34.40 -1.09 -42.42
C MET A 900 34.99 0.29 -42.72
N LEU A 901 35.58 0.94 -41.72
CA LEU A 901 36.15 2.27 -41.86
C LEU A 901 37.63 2.26 -42.21
N GLY A 902 38.22 1.09 -42.42
CA GLY A 902 39.57 0.99 -42.90
C GLY A 902 40.66 0.78 -41.85
N ASP A 903 40.37 0.04 -40.78
CA ASP A 903 41.32 -0.37 -39.73
C ASP A 903 41.97 0.85 -39.06
N LEU A 904 41.12 1.60 -38.37
CA LEU A 904 41.57 2.81 -37.69
C LEU A 904 42.32 2.48 -36.39
N ILE A 905 43.11 3.45 -35.95
CA ILE A 905 43.66 3.45 -34.59
C ILE A 905 42.62 4.09 -33.69
N LYS A 906 42.00 3.30 -32.82
CA LYS A 906 40.91 3.80 -31.98
C LYS A 906 41.24 4.44 -30.64
N VAL A 907 41.30 5.76 -30.61
CA VAL A 907 41.55 6.48 -29.38
C VAL A 907 40.75 7.80 -29.33
N THR A 908 39.76 7.84 -28.43
CA THR A 908 38.87 8.98 -28.20
C THR A 908 38.11 9.47 -29.40
N PRO A 909 38.72 10.38 -30.18
CA PRO A 909 37.94 10.80 -31.36
C PRO A 909 37.61 9.68 -32.33
N SER A 910 38.61 8.91 -32.77
CA SER A 910 38.37 7.83 -33.72
C SER A 910 37.54 6.72 -33.10
N SER A 911 37.73 6.45 -31.82
CA SER A 911 36.90 5.46 -31.16
C SER A 911 35.48 5.98 -30.96
N LYS A 912 35.30 7.28 -30.80
CA LYS A 912 33.96 7.86 -30.78
C LYS A 912 33.27 7.75 -32.14
N ILE A 913 34.04 7.89 -33.23
CA ILE A 913 33.49 7.72 -34.57
C ILE A 913 33.07 6.27 -34.81
N VAL A 914 33.95 5.33 -34.46
CA VAL A 914 33.67 3.90 -34.61
C VAL A 914 32.52 3.46 -33.70
N GLY A 915 32.41 4.06 -32.51
CA GLY A 915 31.30 3.72 -31.62
C GLY A 915 29.98 4.31 -32.06
N ASP A 916 30.00 5.51 -32.66
CA ASP A 916 28.79 6.08 -33.25
C ASP A 916 28.31 5.25 -34.43
N LEU A 917 29.25 4.82 -35.28
CA LEU A 917 28.91 3.94 -36.40
C LEU A 917 28.42 2.58 -35.92
N ALA A 918 28.96 2.08 -34.80
CA ALA A 918 28.52 0.80 -34.26
C ALA A 918 27.12 0.88 -33.68
N GLN A 919 26.81 1.99 -32.99
CA GLN A 919 25.45 2.18 -32.49
C GLN A 919 24.45 2.39 -33.62
N PHE A 920 24.89 3.05 -34.70
CA PHE A 920 24.04 3.20 -35.89
C PHE A 920 23.78 1.85 -36.55
N MET A 921 24.80 1.00 -36.65
CA MET A 921 24.62 -0.30 -37.27
C MET A 921 23.85 -1.27 -36.38
N VAL A 922 23.84 -1.04 -35.06
CA VAL A 922 23.03 -1.87 -34.19
C VAL A 922 21.57 -1.45 -34.23
N GLN A 923 21.32 -0.14 -34.21
CA GLN A 923 19.96 0.38 -34.25
C GLN A 923 19.21 0.18 -35.58
N ASN A 924 19.95 -0.04 -36.65
CA ASN A 924 19.35 -0.24 -37.97
C ASN A 924 19.58 -1.63 -38.54
N GLY A 925 20.07 -2.56 -37.72
CA GLY A 925 20.19 -3.96 -38.10
C GLY A 925 21.16 -4.28 -39.21
N LEU A 926 22.04 -3.34 -39.56
CA LEU A 926 22.88 -3.50 -40.75
C LEU A 926 24.12 -4.32 -40.44
N SER A 927 24.56 -5.09 -41.44
CA SER A 927 25.84 -5.77 -41.40
C SER A 927 26.91 -4.86 -41.99
N ARG A 928 28.09 -5.39 -42.28
CA ARG A 928 29.14 -4.59 -42.90
C ARG A 928 28.88 -4.39 -44.38
N ALA A 929 28.82 -5.50 -45.14
CA ALA A 929 28.56 -5.41 -46.57
C ALA A 929 27.12 -5.01 -46.86
N GLU A 930 26.21 -5.30 -45.93
CA GLU A 930 24.82 -4.89 -46.09
C GLU A 930 24.68 -3.37 -45.99
N ALA A 931 25.49 -2.73 -45.14
CA ALA A 931 25.46 -1.28 -45.04
C ALA A 931 26.38 -0.60 -46.04
N GLU A 932 27.39 -1.30 -46.57
CA GLU A 932 28.17 -0.73 -47.66
C GLU A 932 27.48 -0.86 -49.01
N ALA A 933 26.55 -1.81 -49.14
CA ALA A 933 25.71 -1.86 -50.34
C ALA A 933 24.68 -0.72 -50.33
N GLN A 934 24.13 -0.41 -49.16
CA GLN A 934 23.21 0.71 -49.00
C GLN A 934 23.92 1.97 -48.51
N ALA A 935 25.20 2.14 -48.87
CA ALA A 935 25.96 3.29 -48.40
C ALA A 935 25.48 4.58 -49.04
N GLU A 936 25.10 4.53 -50.31
CA GLU A 936 24.60 5.70 -51.02
C GLU A 936 23.16 6.06 -50.64
N GLU A 937 22.45 5.19 -49.92
CA GLU A 937 21.09 5.46 -49.52
C GLU A 937 20.99 6.04 -48.12
N LEU A 938 21.70 5.45 -47.16
CA LEU A 938 21.48 5.68 -45.74
C LEU A 938 22.08 7.02 -45.29
N SER A 939 21.75 7.38 -44.04
CA SER A 939 22.15 8.66 -43.44
C SER A 939 23.00 8.36 -42.21
N PHE A 940 24.31 8.33 -42.42
CA PHE A 940 25.26 8.10 -41.35
C PHE A 940 25.33 9.33 -40.44
N PRO A 941 25.73 9.16 -39.17
CA PRO A 941 25.75 10.29 -38.24
C PRO A 941 26.83 11.31 -38.59
N ARG A 942 26.78 12.44 -37.89
CA ARG A 942 27.60 13.60 -38.23
C ARG A 942 29.08 13.35 -38.01
N SER A 943 29.42 12.50 -37.03
CA SER A 943 30.82 12.20 -36.75
C SER A 943 31.43 11.33 -37.84
N VAL A 944 30.67 10.36 -38.34
CA VAL A 944 31.16 9.46 -39.39
C VAL A 944 31.36 10.23 -40.70
N VAL A 945 30.36 11.00 -41.10
CA VAL A 945 30.44 11.75 -42.35
C VAL A 945 31.49 12.85 -42.25
N GLU A 946 31.60 13.47 -41.08
CA GLU A 946 32.64 14.46 -40.82
C GLU A 946 34.03 13.84 -40.83
N PHE A 947 34.15 12.57 -40.41
CA PHE A 947 35.42 11.89 -40.49
C PHE A 947 35.78 11.55 -41.93
N LEU A 948 34.79 11.09 -42.71
CA LEU A 948 35.04 10.72 -44.09
C LEU A 948 35.32 11.94 -44.98
N GLN A 949 34.83 13.11 -44.57
CA GLN A 949 35.28 14.34 -45.21
C GLN A 949 36.75 14.60 -44.91
N GLY A 950 37.18 14.30 -43.69
CA GLY A 950 38.57 14.46 -43.31
C GLY A 950 38.80 15.62 -42.37
N TYR A 951 37.80 15.94 -41.56
CA TYR A 951 37.91 17.08 -40.65
C TYR A 951 38.66 16.75 -39.37
N ILE A 952 39.06 15.49 -39.15
CA ILE A 952 39.93 15.18 -38.02
C ILE A 952 41.35 14.87 -38.48
N GLY A 953 41.58 14.59 -39.75
CA GLY A 953 42.87 14.19 -40.26
C GLY A 953 42.76 13.01 -41.20
N VAL A 954 43.92 12.54 -41.65
CA VAL A 954 44.02 11.50 -42.67
C VAL A 954 44.51 10.23 -42.00
N PRO A 955 43.85 9.09 -42.19
CA PRO A 955 44.33 7.84 -41.60
C PRO A 955 45.53 7.28 -42.36
N HIS A 956 46.17 6.30 -41.74
CA HIS A 956 47.32 5.63 -42.34
C HIS A 956 46.86 4.78 -43.52
N GLY A 957 47.45 5.03 -44.69
CA GLY A 957 47.04 4.34 -45.90
C GLY A 957 45.85 4.93 -46.60
N GLY A 958 45.29 6.04 -46.11
CA GLY A 958 44.20 6.71 -46.78
C GLY A 958 42.83 6.18 -46.37
N PHE A 959 41.82 6.94 -46.74
CA PHE A 959 40.44 6.61 -46.43
C PHE A 959 39.98 5.39 -47.26
N PRO A 960 38.91 4.71 -46.83
CA PRO A 960 38.27 3.75 -47.72
C PRO A 960 37.53 4.47 -48.85
N GLU A 961 38.11 4.44 -50.04
CA GLU A 961 37.67 5.32 -51.12
C GLU A 961 36.34 4.93 -51.77
N PRO A 962 35.96 3.64 -51.93
CA PRO A 962 34.56 3.36 -52.28
C PRO A 962 33.54 3.87 -51.26
N PHE A 963 33.81 3.69 -49.96
CA PHE A 963 32.91 4.20 -48.93
C PHE A 963 32.90 5.72 -48.90
N ARG A 964 34.07 6.34 -49.06
CA ARG A 964 34.16 7.80 -49.09
C ARG A 964 33.51 8.37 -50.34
N SER A 965 33.46 7.60 -51.42
CA SER A 965 32.76 8.07 -52.62
C SER A 965 31.26 7.87 -52.51
N LYS A 966 30.81 6.81 -51.86
CA LYS A 966 29.39 6.52 -51.77
C LYS A 966 28.67 7.35 -50.71
N VAL A 967 29.31 7.59 -49.56
CA VAL A 967 28.66 8.35 -48.50
C VAL A 967 28.69 9.84 -48.83
N LEU A 968 29.87 10.36 -49.15
CA LEU A 968 30.01 11.75 -49.57
C LEU A 968 29.61 11.87 -51.04
N LYS A 969 28.46 12.46 -51.29
CA LYS A 969 28.04 12.66 -52.68
C LYS A 969 28.79 13.84 -53.30
N ASP A 970 28.58 15.04 -52.75
CA ASP A 970 29.29 16.23 -53.18
C ASP A 970 29.65 17.14 -52.01
N LEU A 971 29.73 16.60 -50.80
CA LEU A 971 30.17 17.38 -49.64
C LEU A 971 31.66 17.70 -49.77
N PRO A 972 32.10 18.86 -49.24
CA PRO A 972 33.48 19.29 -49.47
C PRO A 972 34.49 18.44 -48.70
N ARG A 973 35.47 17.92 -49.43
CA ARG A 973 36.56 17.13 -48.85
C ARG A 973 37.74 18.07 -48.64
N VAL A 974 37.81 18.67 -47.45
CA VAL A 974 38.95 19.53 -47.11
C VAL A 974 40.13 18.63 -46.79
N GLU A 975 41.11 18.59 -47.68
CA GLU A 975 42.28 17.73 -47.54
C GLU A 975 43.46 18.50 -46.97
N GLY A 976 44.53 17.77 -46.71
CA GLY A 976 45.71 18.35 -46.06
C GLY A 976 45.54 18.36 -44.56
N ARG A 977 45.75 19.52 -43.95
CA ARG A 977 45.50 19.65 -42.53
C ARG A 977 44.21 20.40 -42.29
N PRO A 978 43.31 19.88 -41.44
CA PRO A 978 42.08 20.63 -41.16
C PRO A 978 42.30 21.89 -40.34
N GLY A 979 43.32 21.92 -39.48
CA GLY A 979 43.54 23.08 -38.63
C GLY A 979 44.24 24.22 -39.31
N ALA A 980 44.94 23.97 -40.41
CA ALA A 980 45.58 25.02 -41.20
C ALA A 980 44.65 25.60 -42.26
N SER A 981 43.40 25.16 -42.29
CA SER A 981 42.41 25.62 -43.26
C SER A 981 41.33 26.48 -42.65
N LEU A 982 40.86 26.13 -41.46
CA LEU A 982 39.77 26.83 -40.80
C LEU A 982 40.23 28.20 -40.29
N PRO A 983 39.36 29.21 -40.35
CA PRO A 983 39.74 30.54 -39.87
C PRO A 983 39.78 30.59 -38.36
N PRO A 984 40.62 31.45 -37.79
CA PRO A 984 40.68 31.56 -36.32
C PRO A 984 39.43 32.20 -35.75
N LEU A 985 38.97 31.67 -34.62
CA LEU A 985 37.84 32.25 -33.92
C LEU A 985 38.25 33.54 -33.25
N ASP A 986 37.45 34.59 -33.45
CA ASP A 986 37.66 35.86 -32.75
C ASP A 986 37.23 35.66 -31.30
N LEU A 987 38.21 35.53 -30.40
CA LEU A 987 37.90 35.18 -29.02
C LEU A 987 37.41 36.37 -28.21
N GLN A 988 37.83 37.59 -28.56
CA GLN A 988 37.27 38.77 -27.90
C GLN A 988 35.82 38.99 -28.30
N ALA A 989 35.45 38.60 -29.52
CA ALA A 989 34.05 38.63 -29.93
C ALA A 989 33.22 37.63 -29.14
N LEU A 990 33.78 36.45 -28.85
CA LEU A 990 33.06 35.48 -28.03
C LEU A 990 32.99 35.92 -26.57
N GLU A 991 34.01 36.60 -26.07
CA GLU A 991 33.96 37.18 -24.74
C GLU A 991 32.86 38.25 -24.65
N LYS A 992 32.76 39.09 -25.68
CA LYS A 992 31.70 40.08 -25.75
C LYS A 992 30.33 39.44 -25.93
N GLU A 993 30.27 38.28 -26.57
CA GLU A 993 29.00 37.56 -26.71
C GLU A 993 28.58 36.94 -25.39
N LEU A 994 29.54 36.56 -24.54
CA LEU A 994 29.17 35.89 -23.29
C LEU A 994 29.01 36.85 -22.11
N VAL A 995 29.56 38.06 -22.16
CA VAL A 995 29.41 38.97 -21.02
C VAL A 995 28.01 39.56 -20.97
N ASP A 996 27.33 39.65 -22.12
CA ASP A 996 26.00 40.24 -22.17
C ASP A 996 24.89 39.22 -22.01
N ARG A 997 25.21 38.03 -21.50
CA ARG A 997 24.22 36.97 -21.32
C ARG A 997 24.16 36.48 -19.88
N HIS A 998 25.31 36.19 -19.27
CA HIS A 998 25.35 35.65 -17.92
C HIS A 998 25.71 36.70 -16.87
N GLY A 999 26.85 37.36 -17.01
CA GLY A 999 27.27 38.32 -16.03
C GLY A 999 28.58 38.95 -16.40
N GLU A 1000 29.24 39.57 -15.41
CA GLU A 1000 30.51 40.23 -15.63
C GLU A 1000 31.67 39.54 -14.94
N GLU A 1001 31.47 38.31 -14.45
CA GLU A 1001 32.57 37.48 -13.95
C GLU A 1001 32.98 36.44 -14.99
N VAL A 1002 32.89 36.81 -16.26
CA VAL A 1002 33.29 35.92 -17.35
C VAL A 1002 34.78 36.09 -17.59
N THR A 1003 35.51 35.00 -17.42
CA THR A 1003 36.96 34.92 -17.47
C THR A 1003 37.40 34.22 -18.75
N PRO A 1004 38.68 34.35 -19.15
CA PRO A 1004 39.20 33.55 -20.28
C PRO A 1004 39.00 32.05 -20.18
N GLU A 1005 38.98 31.50 -18.97
CA GLU A 1005 38.64 30.09 -18.79
C GLU A 1005 37.23 29.79 -19.28
N ASP A 1006 36.30 30.72 -19.05
CA ASP A 1006 34.92 30.54 -19.50
C ASP A 1006 34.80 30.66 -21.01
N VAL A 1007 35.56 31.56 -21.65
CA VAL A 1007 35.44 31.65 -23.10
C VAL A 1007 36.16 30.50 -23.78
N LEU A 1008 37.15 29.88 -23.14
CA LEU A 1008 37.70 28.64 -23.68
C LEU A 1008 36.75 27.48 -23.49
N SER A 1009 36.00 27.47 -22.37
CA SER A 1009 34.97 26.47 -22.16
C SER A 1009 33.86 26.60 -23.20
N ALA A 1010 33.54 27.83 -23.60
CA ALA A 1010 32.50 28.05 -24.60
C ALA A 1010 33.00 27.87 -26.02
N ALA A 1011 34.30 28.08 -26.27
CA ALA A 1011 34.85 27.74 -27.58
C ALA A 1011 34.90 26.23 -27.78
N MET A 1012 35.28 25.49 -26.74
CA MET A 1012 35.30 24.04 -26.85
C MET A 1012 33.90 23.46 -26.89
N TYR A 1013 32.99 23.98 -26.06
CA TYR A 1013 31.62 23.50 -25.98
C TYR A 1013 30.71 24.72 -25.81
N PRO A 1014 30.09 25.21 -26.89
CA PRO A 1014 29.14 26.33 -26.75
C PRO A 1014 27.87 26.00 -26.00
N ASP A 1015 27.15 24.96 -26.44
CA ASP A 1015 25.83 24.67 -25.89
C ASP A 1015 25.92 24.05 -24.51
N VAL A 1016 26.98 23.30 -24.23
CA VAL A 1016 27.16 22.69 -22.92
C VAL A 1016 27.49 23.78 -21.90
N PHE A 1017 28.31 24.76 -22.28
CA PHE A 1017 28.58 25.87 -21.39
C PHE A 1017 27.36 26.76 -21.19
N ALA A 1018 26.52 26.90 -22.22
CA ALA A 1018 25.29 27.68 -22.08
C ALA A 1018 24.32 27.02 -21.12
N HIS A 1019 24.07 25.72 -21.29
CA HIS A 1019 23.17 25.00 -20.39
C HIS A 1019 23.75 24.89 -18.98
N PHE A 1020 25.07 24.77 -18.87
CA PHE A 1020 25.74 24.75 -17.57
C PHE A 1020 25.60 26.09 -16.85
N LYS A 1021 25.70 27.19 -17.60
CA LYS A 1021 25.55 28.51 -16.98
C LYS A 1021 24.11 28.77 -16.57
N ASP A 1022 23.14 28.29 -17.35
CA ASP A 1022 21.74 28.40 -16.93
C ASP A 1022 21.45 27.57 -15.69
N PHE A 1023 22.01 26.35 -15.62
CA PHE A 1023 21.79 25.50 -14.44
C PHE A 1023 22.43 26.10 -13.20
N THR A 1024 23.67 26.60 -13.31
CA THR A 1024 24.30 27.23 -12.16
C THR A 1024 23.73 28.61 -11.85
N ALA A 1025 22.98 29.21 -12.77
CA ALA A 1025 22.19 30.38 -12.40
C ALA A 1025 20.96 29.98 -11.60
N THR A 1026 20.35 28.84 -11.94
CA THR A 1026 19.14 28.41 -11.25
C THR A 1026 19.45 27.86 -9.86
N PHE A 1027 20.43 26.97 -9.74
CA PHE A 1027 20.68 26.26 -8.49
C PHE A 1027 21.99 26.63 -7.80
N GLY A 1028 22.85 27.42 -8.42
CA GLY A 1028 24.03 27.91 -7.76
C GLY A 1028 25.15 26.89 -7.63
N PRO A 1029 26.12 27.18 -6.76
CA PRO A 1029 27.32 26.34 -6.67
C PRO A 1029 27.10 25.02 -5.94
N LEU A 1030 26.70 23.99 -6.68
CA LEU A 1030 26.54 22.64 -6.16
C LEU A 1030 27.86 21.86 -6.06
N ASP A 1031 29.00 22.55 -6.10
CA ASP A 1031 30.30 21.87 -6.03
C ASP A 1031 30.58 21.37 -4.62
N SER A 1032 30.22 22.14 -3.61
CA SER A 1032 30.60 21.86 -2.24
C SER A 1032 29.63 20.95 -1.51
N LEU A 1033 28.75 20.27 -2.24
CA LEU A 1033 27.91 19.22 -1.68
C LEU A 1033 28.65 17.90 -1.71
N ASN A 1034 28.29 17.01 -0.79
CA ASN A 1034 28.85 15.67 -0.88
C ASN A 1034 28.06 14.84 -1.88
N THR A 1035 28.58 13.66 -2.18
CA THR A 1035 28.10 12.89 -3.33
C THR A 1035 26.75 12.26 -3.05
N ARG A 1036 26.51 11.83 -1.81
CA ARG A 1036 25.21 11.30 -1.42
C ARG A 1036 24.13 12.38 -1.48
N LEU A 1037 24.47 13.59 -1.04
CA LEU A 1037 23.56 14.72 -1.16
C LEU A 1037 23.34 15.13 -2.61
N PHE A 1038 24.39 15.09 -3.42
CA PHE A 1038 24.26 15.53 -4.81
C PHE A 1038 23.43 14.55 -5.63
N LEU A 1039 23.65 13.26 -5.44
CA LEU A 1039 22.99 12.26 -6.29
C LEU A 1039 21.70 11.74 -5.71
N GLN A 1040 21.45 11.92 -4.41
CA GLN A 1040 20.31 11.31 -3.75
C GLN A 1040 19.44 12.29 -2.99
N GLY A 1041 19.96 13.46 -2.60
CA GLY A 1041 19.25 14.35 -1.72
C GLY A 1041 19.34 13.87 -0.29
N PRO A 1042 18.64 14.55 0.62
CA PRO A 1042 18.62 14.11 2.01
C PRO A 1042 17.46 13.17 2.31
N LYS A 1043 17.48 12.64 3.52
CA LYS A 1043 16.38 11.85 4.06
C LYS A 1043 15.64 12.66 5.13
N ILE A 1044 14.52 12.11 5.57
CA ILE A 1044 13.64 12.80 6.51
C ILE A 1044 14.23 12.68 7.91
N ALA A 1045 14.28 13.82 8.62
CA ALA A 1045 14.67 13.94 10.04
C ALA A 1045 16.10 13.50 10.27
N GLU A 1046 16.99 13.88 9.35
CA GLU A 1046 18.43 13.64 9.48
C GLU A 1046 19.15 14.96 9.21
N GLU A 1047 19.63 15.59 10.28
CA GLU A 1047 20.25 16.90 10.17
C GLU A 1047 21.61 16.80 9.48
N PHE A 1048 21.72 17.43 8.31
CA PHE A 1048 22.96 17.42 7.55
C PHE A 1048 23.56 18.82 7.51
N GLU A 1049 24.88 18.86 7.42
CA GLU A 1049 25.66 20.08 7.44
C GLU A 1049 26.21 20.39 6.06
N VAL A 1050 25.92 21.59 5.56
CA VAL A 1050 26.47 22.07 4.30
C VAL A 1050 27.17 23.39 4.56
N GLU A 1051 28.44 23.46 4.21
CA GLU A 1051 29.19 24.71 4.27
C GLU A 1051 29.54 25.07 2.82
N LEU A 1052 28.79 26.02 2.26
CA LEU A 1052 28.95 26.40 0.87
C LEU A 1052 30.29 27.09 0.63
N GLU A 1053 30.59 28.12 1.42
CA GLU A 1053 31.77 28.94 1.21
C GLU A 1053 32.43 29.15 2.57
N ARG A 1054 33.38 30.08 2.64
CA ARG A 1054 34.15 30.33 3.85
C ARG A 1054 33.30 30.98 4.94
N GLY A 1055 33.12 30.28 6.05
CA GLY A 1055 32.38 30.79 7.18
C GLY A 1055 30.89 30.54 7.15
N LYS A 1056 30.31 30.55 5.96
CA LYS A 1056 28.86 30.40 5.79
C LYS A 1056 28.48 28.93 5.95
N THR A 1057 28.00 28.58 7.14
CA THR A 1057 27.63 27.21 7.47
C THR A 1057 26.11 27.09 7.61
N LEU A 1058 25.58 25.91 7.29
CA LEU A 1058 24.14 25.68 7.25
C LEU A 1058 23.85 24.31 7.84
N HIS A 1059 23.04 24.28 8.90
CA HIS A 1059 22.54 23.04 9.48
C HIS A 1059 21.11 22.86 9.00
N ILE A 1060 20.89 21.92 8.09
CA ILE A 1060 19.61 21.79 7.41
C ILE A 1060 18.98 20.45 7.79
N LYS A 1061 17.71 20.50 8.16
CA LYS A 1061 16.88 19.32 8.32
C LYS A 1061 15.81 19.30 7.23
N ALA A 1062 15.32 18.12 6.90
CA ALA A 1062 14.22 17.96 5.96
C ALA A 1062 13.09 17.24 6.68
N LEU A 1063 11.97 17.93 6.88
CA LEU A 1063 10.93 17.47 7.78
C LEU A 1063 9.81 16.72 7.09
N ALA A 1064 9.29 17.26 5.98
CA ALA A 1064 8.15 16.62 5.33
C ALA A 1064 8.10 17.00 3.85
N VAL A 1065 7.37 16.20 3.08
CA VAL A 1065 7.03 16.49 1.70
C VAL A 1065 5.52 16.27 1.55
N SER A 1066 4.82 17.28 1.02
CA SER A 1066 3.38 17.23 0.90
C SER A 1066 2.97 16.43 -0.35
N ASP A 1067 1.70 16.52 -0.73
CA ASP A 1067 1.21 15.96 -1.96
C ASP A 1067 1.10 17.05 -3.01
N LEU A 1068 0.54 16.72 -4.18
CA LEU A 1068 0.60 17.63 -5.31
C LEU A 1068 -0.49 18.70 -5.22
N ASN A 1069 -0.19 19.85 -5.83
CA ASN A 1069 -1.08 21.00 -5.85
C ASN A 1069 -1.97 20.94 -7.09
N ARG A 1070 -2.61 22.07 -7.40
CA ARG A 1070 -3.40 22.17 -8.62
C ARG A 1070 -2.52 22.09 -9.86
N ALA A 1071 -1.38 22.77 -9.85
CA ALA A 1071 -0.47 22.80 -10.99
C ALA A 1071 0.50 21.61 -11.01
N GLY A 1072 0.25 20.57 -10.22
CA GLY A 1072 1.14 19.42 -10.21
C GLY A 1072 2.42 19.60 -9.44
N GLN A 1073 2.47 20.55 -8.52
CA GLN A 1073 3.69 20.86 -7.77
C GLN A 1073 3.58 20.34 -6.34
N ARG A 1074 4.69 19.83 -5.83
CA ARG A 1074 4.77 19.41 -4.44
C ARG A 1074 5.48 20.47 -3.60
N GLN A 1075 5.32 20.35 -2.29
CA GLN A 1075 5.94 21.24 -1.33
C GLN A 1075 6.82 20.44 -0.39
N VAL A 1076 8.02 20.97 -0.14
CA VAL A 1076 9.00 20.37 0.74
C VAL A 1076 9.21 21.32 1.91
N PHE A 1077 9.33 20.76 3.10
CA PHE A 1077 9.49 21.54 4.32
C PHE A 1077 10.87 21.28 4.89
N PHE A 1078 11.64 22.35 5.07
CA PHE A 1078 12.99 22.27 5.59
C PHE A 1078 13.07 23.03 6.89
N GLU A 1079 14.08 22.69 7.67
CA GLU A 1079 14.49 23.48 8.82
C GLU A 1079 15.89 23.98 8.49
N LEU A 1080 15.96 25.22 8.00
CA LEU A 1080 17.21 25.85 7.64
C LEU A 1080 17.67 26.75 8.79
N ASN A 1081 18.84 26.44 9.35
CA ASN A 1081 19.46 27.15 10.48
C ASN A 1081 18.57 27.22 11.71
N GLY A 1082 17.63 26.30 11.85
CA GLY A 1082 16.69 26.30 12.96
C GLY A 1082 15.34 26.91 12.69
N GLN A 1083 15.10 27.47 11.50
CA GLN A 1083 13.80 28.05 11.20
C GLN A 1083 13.18 27.38 9.98
N LEU A 1084 11.86 27.33 9.95
CA LEU A 1084 11.13 26.55 8.97
C LEU A 1084 11.04 27.28 7.63
N ARG A 1085 11.40 26.59 6.55
CA ARG A 1085 11.37 27.12 5.20
C ARG A 1085 10.61 26.16 4.28
N SER A 1086 10.11 26.71 3.18
CA SER A 1086 9.23 25.96 2.28
C SER A 1086 9.71 26.08 0.85
N ILE A 1087 9.70 24.96 0.13
CA ILE A 1087 10.20 24.87 -1.23
C ILE A 1087 9.08 24.28 -2.09
N LEU A 1088 8.81 24.90 -3.23
CA LEU A 1088 7.75 24.46 -4.13
C LEU A 1088 8.38 23.95 -5.42
N VAL A 1089 8.31 22.64 -5.66
CA VAL A 1089 8.99 22.02 -6.79
C VAL A 1089 7.96 21.38 -7.73
N LYS A 1090 8.15 21.61 -9.02
CA LYS A 1090 7.30 21.02 -10.05
C LYS A 1090 7.60 19.54 -10.21
N ASP A 1091 6.62 18.69 -9.97
CA ASP A 1091 6.75 17.29 -10.33
C ASP A 1091 6.65 17.14 -11.85
N THR A 1092 7.25 16.08 -12.36
CA THR A 1092 7.47 15.94 -13.80
C THR A 1092 6.68 14.82 -14.45
N GLN A 1093 5.80 14.13 -13.73
CA GLN A 1093 5.07 13.01 -14.33
C GLN A 1093 3.56 13.15 -14.29
N ALA A 1094 3.01 13.99 -13.42
CA ALA A 1094 1.56 14.03 -13.22
C ALA A 1094 0.93 15.12 -14.08
N MET A 1095 1.04 14.93 -15.40
CA MET A 1095 0.36 15.76 -16.38
C MET A 1095 0.20 14.94 -17.66
N LYS A 1096 -0.47 15.57 -18.65
CA LYS A 1096 -0.71 15.02 -19.98
C LYS A 1096 -1.56 13.74 -19.90
N GLU A 1097 -2.67 13.83 -19.12
CA GLU A 1097 -3.67 12.74 -19.06
C GLU A 1097 -5.07 13.36 -19.11
N MET A 1098 -5.56 13.60 -20.34
CA MET A 1098 -6.94 14.03 -20.57
C MET A 1098 -7.28 13.89 -22.06
N HIS A 1099 -8.47 13.31 -22.32
CA HIS A 1099 -9.11 13.22 -23.62
C HIS A 1099 -10.53 12.71 -23.42
N PHE A 1100 -11.50 13.33 -24.11
CA PHE A 1100 -12.87 12.84 -24.15
C PHE A 1100 -13.57 13.45 -25.35
N HIS A 1101 -14.87 13.14 -25.49
CA HIS A 1101 -15.68 13.62 -26.59
C HIS A 1101 -15.93 15.13 -26.46
N PRO A 1102 -15.97 15.87 -27.58
CA PRO A 1102 -16.28 17.30 -27.51
C PRO A 1102 -17.76 17.54 -27.27
N LYS A 1103 -18.06 18.81 -26.96
CA LYS A 1103 -19.41 19.21 -26.57
C LYS A 1103 -20.29 19.43 -27.80
N ALA A 1104 -21.49 19.93 -27.56
CA ALA A 1104 -22.38 20.45 -28.60
C ALA A 1104 -22.66 21.90 -28.25
N LEU A 1105 -22.09 22.82 -29.03
CA LEU A 1105 -22.09 24.22 -28.66
C LEU A 1105 -23.45 24.85 -28.91
N LYS A 1106 -23.97 25.57 -27.92
CA LYS A 1106 -25.38 25.96 -27.89
C LYS A 1106 -25.68 27.15 -28.79
N ASP A 1107 -24.67 27.95 -29.17
CA ASP A 1107 -24.91 29.19 -29.89
C ASP A 1107 -25.44 28.98 -31.30
N VAL A 1108 -25.15 27.83 -31.91
CA VAL A 1108 -25.62 27.49 -33.24
C VAL A 1108 -26.76 26.49 -33.12
N LYS A 1109 -27.90 26.81 -33.77
CA LYS A 1109 -29.03 25.90 -33.78
C LYS A 1109 -28.81 24.68 -34.66
N GLY A 1110 -27.79 24.69 -35.52
CA GLY A 1110 -27.44 23.53 -36.32
C GLY A 1110 -26.40 22.64 -35.65
N GLN A 1111 -26.41 22.61 -34.32
CA GLN A 1111 -25.47 21.81 -33.54
C GLN A 1111 -26.33 20.89 -32.65
N ILE A 1112 -26.78 19.78 -33.22
CA ILE A 1112 -27.75 18.92 -32.55
C ILE A 1112 -27.00 17.98 -31.62
N GLY A 1113 -27.28 18.10 -30.31
CA GLY A 1113 -26.64 17.30 -29.29
C GLY A 1113 -27.63 16.50 -28.48
N ALA A 1114 -27.08 15.71 -27.57
CA ALA A 1114 -27.89 14.80 -26.74
C ALA A 1114 -28.57 15.57 -25.61
N PRO A 1115 -29.90 15.57 -25.54
CA PRO A 1115 -30.57 16.23 -24.41
C PRO A 1115 -30.48 15.43 -23.12
N MET A 1116 -30.16 14.14 -23.19
CA MET A 1116 -30.03 13.26 -22.04
C MET A 1116 -29.03 12.17 -22.40
N PRO A 1117 -28.27 11.67 -21.43
CA PRO A 1117 -27.31 10.60 -21.72
C PRO A 1117 -27.99 9.28 -22.07
N GLY A 1118 -27.18 8.33 -22.45
CA GLY A 1118 -27.68 7.00 -22.72
C GLY A 1118 -26.86 6.33 -23.82
N LYS A 1119 -27.58 5.70 -24.76
CA LYS A 1119 -26.95 4.92 -25.80
C LYS A 1119 -27.69 5.13 -27.10
N VAL A 1120 -26.95 5.41 -28.17
CA VAL A 1120 -27.53 5.48 -29.51
C VAL A 1120 -27.94 4.08 -29.95
N ILE A 1121 -29.22 3.89 -30.22
CA ILE A 1121 -29.70 2.59 -30.65
C ILE A 1121 -30.08 2.54 -32.13
N ASP A 1122 -30.44 3.68 -32.74
CA ASP A 1122 -30.74 3.72 -34.16
C ASP A 1122 -30.65 5.16 -34.65
N ILE A 1123 -30.07 5.32 -35.84
CA ILE A 1123 -30.00 6.59 -36.55
C ILE A 1123 -30.88 6.47 -37.78
N LYS A 1124 -31.75 7.46 -37.99
CA LYS A 1124 -32.71 7.43 -39.09
C LYS A 1124 -32.32 8.34 -40.25
N VAL A 1125 -31.12 8.90 -40.25
CA VAL A 1125 -30.72 9.85 -41.28
C VAL A 1125 -29.59 9.25 -42.10
N VAL A 1126 -29.52 9.69 -43.36
CA VAL A 1126 -28.40 9.38 -44.25
C VAL A 1126 -27.50 10.60 -44.28
N ALA A 1127 -26.20 10.40 -44.04
CA ALA A 1127 -25.25 11.50 -43.97
C ALA A 1127 -25.03 12.08 -45.36
N GLY A 1128 -25.60 13.25 -45.61
CA GLY A 1128 -25.49 13.89 -46.91
C GLY A 1128 -26.76 14.56 -47.39
N ALA A 1129 -27.91 14.03 -46.98
CA ALA A 1129 -29.19 14.62 -47.35
C ALA A 1129 -29.57 15.72 -46.34
N LYS A 1130 -30.69 16.37 -46.58
CA LYS A 1130 -31.19 17.39 -45.68
C LYS A 1130 -32.57 16.99 -45.18
N VAL A 1131 -32.92 17.45 -43.98
CA VAL A 1131 -34.16 17.06 -43.31
C VAL A 1131 -34.95 18.30 -42.93
N ALA A 1132 -36.23 18.07 -42.64
CA ALA A 1132 -37.12 19.11 -42.14
C ALA A 1132 -37.22 19.06 -40.63
N LYS A 1133 -37.72 20.14 -40.04
CA LYS A 1133 -37.86 20.20 -38.59
C LYS A 1133 -39.05 19.36 -38.14
N GLY A 1134 -38.86 18.63 -37.04
CA GLY A 1134 -39.85 17.72 -36.51
C GLY A 1134 -39.67 16.27 -36.93
N GLN A 1135 -38.85 16.01 -37.93
CA GLN A 1135 -38.63 14.63 -38.39
C GLN A 1135 -37.65 13.92 -37.48
N PRO A 1136 -37.82 12.62 -37.25
CA PRO A 1136 -36.90 11.88 -36.38
C PRO A 1136 -35.53 11.71 -37.03
N LEU A 1137 -34.48 11.87 -36.22
CA LEU A 1137 -33.11 11.68 -36.66
C LEU A 1137 -32.44 10.52 -35.97
N CYS A 1138 -32.38 10.54 -34.64
CA CYS A 1138 -31.75 9.49 -33.86
C CYS A 1138 -32.61 9.19 -32.64
N VAL A 1139 -32.52 7.96 -32.15
CA VAL A 1139 -33.25 7.57 -30.95
C VAL A 1139 -32.26 7.11 -29.89
N LEU A 1140 -32.44 7.56 -28.66
CA LEU A 1140 -31.52 7.20 -27.58
C LEU A 1140 -32.23 6.55 -26.40
N SER A 1141 -31.54 5.64 -25.73
CA SER A 1141 -32.13 4.96 -24.58
C SER A 1141 -31.25 5.02 -23.34
N ALA A 1142 -31.90 5.18 -22.19
CA ALA A 1142 -31.27 5.23 -20.89
C ALA A 1142 -32.03 4.31 -19.95
N MET A 1143 -31.80 4.44 -18.65
CA MET A 1143 -32.44 3.59 -17.65
C MET A 1143 -33.94 3.85 -17.61
N LYS A 1144 -34.71 2.95 -18.24
CA LYS A 1144 -36.17 3.00 -18.34
C LYS A 1144 -36.66 4.29 -19.00
N MET A 1145 -35.94 4.76 -20.00
CA MET A 1145 -36.28 6.01 -20.66
C MET A 1145 -35.75 5.98 -22.10
N GLU A 1146 -36.58 6.40 -23.05
CA GLU A 1146 -36.18 6.42 -24.45
C GLU A 1146 -36.68 7.70 -25.11
N THR A 1147 -35.77 8.40 -25.78
CA THR A 1147 -36.15 9.65 -26.43
C THR A 1147 -35.79 9.68 -27.92
N VAL A 1148 -36.63 10.37 -28.68
CA VAL A 1148 -36.44 10.54 -30.12
C VAL A 1148 -35.97 11.96 -30.35
N VAL A 1149 -34.89 12.12 -31.12
CA VAL A 1149 -34.31 13.42 -31.39
C VAL A 1149 -35.00 14.03 -32.60
N THR A 1150 -35.48 15.26 -32.44
CA THR A 1150 -36.08 16.02 -33.53
C THR A 1150 -35.16 17.18 -33.90
N SER A 1151 -35.26 17.62 -35.16
CA SER A 1151 -34.40 18.73 -35.51
C SER A 1151 -35.14 20.06 -35.32
N PRO A 1152 -34.43 21.10 -34.85
CA PRO A 1152 -35.11 22.38 -34.60
C PRO A 1152 -35.41 23.17 -35.87
N MET A 1153 -34.57 23.04 -36.90
CA MET A 1153 -34.81 23.69 -38.17
C MET A 1153 -34.14 22.86 -39.27
N GLU A 1154 -34.23 23.37 -40.50
CA GLU A 1154 -33.73 22.66 -41.67
C GLU A 1154 -32.23 22.88 -41.82
N GLY A 1155 -31.67 22.34 -42.90
CA GLY A 1155 -30.24 22.34 -43.12
C GLY A 1155 -29.75 20.99 -43.58
N THR A 1156 -28.54 21.00 -44.12
CA THR A 1156 -27.94 19.80 -44.71
C THR A 1156 -27.13 19.06 -43.66
N VAL A 1157 -27.40 17.76 -43.53
CA VAL A 1157 -26.64 16.92 -42.60
C VAL A 1157 -25.23 16.76 -43.15
N ARG A 1158 -24.26 17.36 -42.47
CA ARG A 1158 -22.87 17.31 -42.91
C ARG A 1158 -22.25 15.94 -42.61
N LYS A 1159 -22.33 15.51 -41.36
CA LYS A 1159 -21.75 14.24 -40.94
C LYS A 1159 -22.48 13.73 -39.70
N VAL A 1160 -22.60 12.41 -39.60
CA VAL A 1160 -23.14 11.76 -38.41
C VAL A 1160 -21.97 11.57 -37.46
N HIS A 1161 -21.91 12.41 -36.42
CA HIS A 1161 -20.75 12.45 -35.53
C HIS A 1161 -20.67 11.24 -34.60
N VAL A 1162 -21.79 10.57 -34.33
CA VAL A 1162 -21.84 9.46 -33.38
C VAL A 1162 -21.93 8.16 -34.16
N THR A 1163 -21.31 7.11 -33.62
CA THR A 1163 -21.38 5.79 -34.20
C THR A 1163 -22.54 5.00 -33.59
N LYS A 1164 -22.59 3.70 -33.88
CA LYS A 1164 -23.60 2.84 -33.32
C LYS A 1164 -23.20 2.40 -31.92
N ASP A 1165 -24.14 2.52 -30.98
CA ASP A 1165 -24.01 2.02 -29.60
C ASP A 1165 -22.85 2.68 -28.86
N MET A 1166 -22.64 3.96 -29.10
CA MET A 1166 -21.64 4.74 -28.38
C MET A 1166 -22.32 5.36 -27.16
N THR A 1167 -21.93 4.89 -25.97
CA THR A 1167 -22.51 5.39 -24.73
C THR A 1167 -22.00 6.79 -24.44
N LEU A 1168 -22.74 7.80 -24.86
CA LEU A 1168 -22.31 9.19 -24.73
C LEU A 1168 -23.04 9.87 -23.57
N GLU A 1169 -22.54 11.04 -23.21
CA GLU A 1169 -23.06 11.79 -22.08
C GLU A 1169 -24.19 12.71 -22.54
N GLY A 1170 -24.60 13.62 -21.66
CA GLY A 1170 -25.56 14.64 -22.04
C GLY A 1170 -24.85 15.89 -22.52
N ASP A 1171 -25.57 16.64 -23.37
CA ASP A 1171 -25.05 17.81 -24.09
C ASP A 1171 -23.81 17.46 -24.91
N ASP A 1172 -23.82 16.29 -25.53
CA ASP A 1172 -22.75 15.83 -26.40
C ASP A 1172 -23.28 15.72 -27.82
N LEU A 1173 -22.45 16.11 -28.79
CA LEU A 1173 -22.90 16.35 -30.15
C LEU A 1173 -23.18 15.04 -30.87
N ILE A 1174 -24.36 14.95 -31.50
CA ILE A 1174 -24.67 13.82 -32.36
C ILE A 1174 -24.72 14.21 -33.83
N LEU A 1175 -25.15 15.42 -34.18
CA LEU A 1175 -25.27 15.81 -35.58
C LEU A 1175 -24.76 17.22 -35.80
N GLU A 1176 -23.95 17.38 -36.84
CA GLU A 1176 -23.58 18.68 -37.38
C GLU A 1176 -24.55 19.01 -38.51
N ILE A 1177 -25.19 20.16 -38.41
CA ILE A 1177 -26.18 20.58 -39.41
C ILE A 1177 -26.34 22.10 -39.40
N ASN B 495 -23.34 -29.56 -14.57
CA ASN B 495 -23.06 -28.20 -14.99
C ASN B 495 -23.97 -27.20 -14.28
N ARG B 496 -24.25 -27.47 -13.01
CA ARG B 496 -25.09 -26.59 -12.20
C ARG B 496 -24.30 -25.77 -11.19
N ALA B 497 -23.33 -26.39 -10.50
CA ALA B 497 -22.52 -25.65 -9.56
C ALA B 497 -21.50 -24.77 -10.26
N GLN B 498 -21.22 -25.06 -11.54
CA GLN B 498 -20.23 -24.28 -12.28
C GLN B 498 -20.75 -22.89 -12.62
N LYS B 499 -22.03 -22.79 -13.02
CA LYS B 499 -22.64 -21.48 -13.28
C LYS B 499 -22.74 -20.66 -12.00
N LEU B 500 -23.04 -21.31 -10.88
CA LEU B 500 -23.12 -20.63 -9.61
C LEU B 500 -21.75 -20.11 -9.17
N LEU B 501 -20.70 -20.93 -9.34
CA LEU B 501 -19.35 -20.48 -9.00
C LEU B 501 -18.86 -19.41 -9.96
N HIS B 502 -19.29 -19.46 -11.22
CA HIS B 502 -18.99 -18.39 -12.17
C HIS B 502 -19.63 -17.08 -11.73
N TYR B 503 -20.89 -17.12 -11.27
CA TYR B 503 -21.54 -15.94 -10.72
C TYR B 503 -20.82 -15.42 -9.49
N LEU B 504 -20.43 -16.32 -8.58
CA LEU B 504 -19.81 -15.91 -7.34
C LEU B 504 -18.43 -15.30 -7.59
N GLY B 505 -17.66 -15.88 -8.52
CA GLY B 505 -16.39 -15.29 -8.87
C GLY B 505 -16.52 -13.98 -9.64
N HIS B 506 -17.56 -13.88 -10.47
CA HIS B 506 -17.82 -12.64 -11.21
C HIS B 506 -18.22 -11.51 -10.26
N VAL B 507 -18.99 -11.83 -9.22
CA VAL B 507 -19.36 -10.84 -8.22
C VAL B 507 -18.17 -10.50 -7.32
N MET B 508 -17.30 -11.47 -7.03
CA MET B 508 -16.10 -11.19 -6.24
C MET B 508 -15.13 -10.28 -6.97
N VAL B 509 -14.84 -10.60 -8.23
CA VAL B 509 -13.83 -9.85 -8.97
C VAL B 509 -14.38 -8.53 -9.47
N ASN B 510 -15.54 -8.56 -10.13
CA ASN B 510 -16.05 -7.40 -10.84
C ASN B 510 -17.04 -6.56 -10.05
N GLY B 511 -17.56 -7.07 -8.94
CA GLY B 511 -18.62 -6.40 -8.25
C GLY B 511 -19.97 -6.91 -8.71
N PRO B 512 -21.04 -6.54 -8.01
CA PRO B 512 -22.37 -7.06 -8.36
C PRO B 512 -22.88 -6.46 -9.66
N THR B 513 -23.60 -7.29 -10.43
CA THR B 513 -24.18 -6.85 -11.68
C THR B 513 -25.41 -5.96 -11.48
N THR B 514 -25.91 -5.87 -10.26
CA THR B 514 -26.95 -4.91 -9.93
C THR B 514 -26.36 -3.51 -9.87
N PRO B 515 -27.08 -2.50 -10.36
CA PRO B 515 -26.69 -1.11 -10.05
C PRO B 515 -26.90 -0.83 -8.57
N ILE B 516 -25.88 -0.22 -7.96
CA ILE B 516 -25.88 0.00 -6.51
C ILE B 516 -25.89 1.50 -6.24
N PRO B 517 -27.02 2.06 -5.77
CA PRO B 517 -27.11 3.52 -5.60
C PRO B 517 -26.36 4.04 -4.39
N VAL B 518 -26.36 3.28 -3.30
CA VAL B 518 -25.68 3.64 -2.07
C VAL B 518 -24.56 2.64 -1.85
N LYS B 519 -23.31 3.12 -1.90
CA LYS B 519 -22.17 2.22 -1.74
C LYS B 519 -22.03 1.77 -0.30
N ALA B 520 -22.62 0.60 0.01
CA ALA B 520 -22.55 0.03 1.34
C ALA B 520 -22.69 -1.47 1.21
N SER B 521 -22.40 -2.16 2.30
CA SER B 521 -22.35 -3.61 2.33
C SER B 521 -23.51 -4.16 3.15
N PRO B 522 -23.96 -5.40 2.88
CA PRO B 522 -24.94 -6.03 3.75
C PRO B 522 -24.35 -6.30 5.13
N SER B 523 -25.22 -6.23 6.14
CA SER B 523 -24.77 -6.37 7.51
C SER B 523 -24.33 -7.81 7.80
N PRO B 524 -23.34 -8.00 8.67
CA PRO B 524 -22.95 -9.36 9.07
C PRO B 524 -23.97 -10.03 9.98
N THR B 525 -24.91 -9.28 10.55
CA THR B 525 -25.95 -9.84 11.39
C THR B 525 -26.99 -10.54 10.53
N ASP B 526 -27.42 -11.74 10.96
CA ASP B 526 -28.46 -12.41 10.21
C ASP B 526 -29.84 -12.06 10.77
N PRO B 527 -30.87 -12.08 9.92
CA PRO B 527 -32.24 -11.92 10.43
C PRO B 527 -32.65 -13.07 11.33
N VAL B 528 -33.25 -12.73 12.46
CA VAL B 528 -33.62 -13.71 13.48
C VAL B 528 -35.05 -14.16 13.17
N VAL B 529 -35.16 -15.36 12.62
CA VAL B 529 -36.48 -15.99 12.42
C VAL B 529 -36.96 -16.54 13.75
N PRO B 530 -38.21 -16.24 14.17
CA PRO B 530 -38.68 -16.74 15.46
C PRO B 530 -39.06 -18.21 15.42
N ALA B 531 -39.58 -18.72 16.54
CA ALA B 531 -40.01 -20.10 16.61
C ALA B 531 -41.43 -20.24 16.08
N VAL B 532 -41.65 -21.29 15.29
CA VAL B 532 -42.93 -21.54 14.64
C VAL B 532 -43.45 -22.87 15.14
N PRO B 533 -44.70 -22.95 15.63
CA PRO B 533 -45.24 -24.24 16.07
C PRO B 533 -45.47 -25.19 14.91
N ILE B 534 -45.02 -26.43 15.06
CA ILE B 534 -45.10 -27.41 14.01
C ILE B 534 -46.53 -27.96 13.95
N GLY B 535 -47.06 -28.08 12.73
CA GLY B 535 -48.42 -28.50 12.52
C GLY B 535 -49.11 -27.66 11.47
N PRO B 536 -50.41 -27.90 11.25
CA PRO B 536 -51.14 -27.11 10.25
C PRO B 536 -51.48 -25.73 10.79
N PRO B 537 -51.50 -24.72 9.92
CA PRO B 537 -51.80 -23.35 10.37
C PRO B 537 -53.26 -23.19 10.72
N PRO B 538 -53.66 -22.08 11.38
CA PRO B 538 -55.09 -21.87 11.70
C PRO B 538 -55.96 -21.60 10.48
N ALA B 539 -57.26 -21.41 10.71
CA ALA B 539 -58.19 -21.07 9.66
C ALA B 539 -58.31 -19.56 9.53
N GLY B 540 -58.35 -19.07 8.29
CA GLY B 540 -58.37 -17.66 8.02
C GLY B 540 -59.55 -17.28 7.15
N PHE B 541 -59.35 -16.19 6.39
CA PHE B 541 -60.40 -15.69 5.51
C PHE B 541 -60.38 -16.36 4.14
N ARG B 542 -59.28 -17.02 3.77
CA ARG B 542 -59.27 -17.75 2.51
C ARG B 542 -60.14 -19.00 2.58
N ASP B 543 -60.35 -19.55 3.78
CA ASP B 543 -61.26 -20.68 3.93
C ASP B 543 -62.69 -20.27 3.65
N ILE B 544 -63.12 -19.11 4.17
CA ILE B 544 -64.48 -18.65 3.88
C ILE B 544 -64.56 -18.13 2.44
N LEU B 545 -63.44 -17.70 1.86
CA LEU B 545 -63.42 -17.32 0.44
C LEU B 545 -63.66 -18.53 -0.44
N LEU B 546 -62.87 -19.59 -0.26
CA LEU B 546 -63.05 -20.81 -1.03
C LEU B 546 -64.34 -21.55 -0.69
N ARG B 547 -64.96 -21.25 0.46
CA ARG B 547 -66.21 -21.91 0.80
C ARG B 547 -67.45 -21.19 0.27
N GLU B 548 -67.44 -19.85 0.14
CA GLU B 548 -68.66 -19.21 -0.30
C GLU B 548 -68.48 -18.06 -1.31
N GLY B 549 -67.34 -17.94 -1.98
CA GLY B 549 -67.22 -17.01 -3.07
C GLY B 549 -66.94 -15.58 -2.64
N PRO B 550 -66.76 -14.70 -3.64
CA PRO B 550 -66.40 -13.30 -3.33
C PRO B 550 -67.52 -12.51 -2.67
N GLU B 551 -68.78 -12.79 -2.98
CA GLU B 551 -69.87 -12.04 -2.34
C GLU B 551 -70.04 -12.47 -0.88
N GLY B 552 -69.79 -13.74 -0.57
CA GLY B 552 -69.79 -14.15 0.83
C GLY B 552 -68.58 -13.65 1.57
N PHE B 553 -67.44 -13.52 0.88
CA PHE B 553 -66.26 -12.90 1.48
C PHE B 553 -66.51 -11.42 1.77
N ALA B 554 -67.22 -10.73 0.87
CA ALA B 554 -67.55 -9.33 1.08
C ALA B 554 -68.55 -9.15 2.22
N ARG B 555 -69.50 -10.07 2.34
CA ARG B 555 -70.42 -10.01 3.46
C ARG B 555 -69.77 -10.43 4.78
N ALA B 556 -68.71 -11.23 4.73
CA ALA B 556 -68.00 -11.59 5.96
C ALA B 556 -67.09 -10.46 6.44
N VAL B 557 -66.46 -9.75 5.50
CA VAL B 557 -65.64 -8.62 5.90
C VAL B 557 -66.51 -7.42 6.27
N ARG B 558 -67.74 -7.36 5.73
CA ARG B 558 -68.68 -6.32 6.13
C ARG B 558 -69.33 -6.59 7.48
N ASN B 559 -69.42 -7.85 7.89
CA ASN B 559 -70.04 -8.21 9.16
C ASN B 559 -69.01 -8.67 10.19
N HIS B 560 -67.86 -8.02 10.21
CA HIS B 560 -66.83 -8.29 11.20
C HIS B 560 -66.82 -7.16 12.23
N PRO B 561 -67.06 -7.43 13.50
CA PRO B 561 -67.01 -6.38 14.52
C PRO B 561 -65.58 -6.05 14.90
N GLY B 562 -65.10 -4.89 14.45
CA GLY B 562 -63.75 -4.46 14.71
C GLY B 562 -62.97 -4.20 13.43
N LEU B 563 -61.83 -3.55 13.60
CA LEU B 563 -60.99 -3.18 12.49
C LEU B 563 -60.23 -4.39 11.96
N LEU B 564 -60.18 -4.51 10.64
CA LEU B 564 -59.37 -5.51 9.98
C LEU B 564 -58.15 -4.85 9.35
N LEU B 565 -57.04 -5.59 9.35
CA LEU B 565 -55.78 -5.11 8.83
C LEU B 565 -55.36 -5.92 7.61
N MET B 566 -54.61 -5.27 6.72
CA MET B 566 -53.97 -5.94 5.60
C MET B 566 -52.48 -5.64 5.67
N ASP B 567 -51.66 -6.68 5.57
CA ASP B 567 -50.22 -6.51 5.61
C ASP B 567 -49.70 -6.14 4.23
N THR B 568 -48.88 -5.09 4.17
CA THR B 568 -48.27 -4.64 2.93
C THR B 568 -46.74 -4.76 2.98
N THR B 569 -46.22 -5.58 3.89
CA THR B 569 -44.78 -5.65 4.08
C THR B 569 -44.09 -6.38 2.94
N PHE B 570 -44.81 -7.28 2.26
CA PHE B 570 -44.21 -8.09 1.22
C PHE B 570 -44.13 -7.37 -0.12
N ARG B 571 -44.99 -6.37 -0.37
CA ARG B 571 -44.93 -5.62 -1.61
C ARG B 571 -44.63 -4.14 -1.40
N ASP B 572 -45.47 -3.41 -0.67
CA ASP B 572 -45.43 -1.95 -0.75
C ASP B 572 -44.41 -1.34 0.19
N ALA B 573 -44.05 -2.04 1.27
CA ALA B 573 -43.06 -1.53 2.20
C ALA B 573 -41.67 -1.41 1.56
N HIS B 574 -41.22 -2.47 0.89
CA HIS B 574 -39.90 -2.42 0.29
C HIS B 574 -39.89 -1.75 -1.08
N GLN B 575 -41.05 -1.58 -1.71
CA GLN B 575 -41.10 -0.71 -2.87
C GLN B 575 -41.01 0.75 -2.45
N SER B 576 -41.60 1.09 -1.30
CA SER B 576 -41.49 2.46 -0.80
C SER B 576 -40.13 2.75 -0.18
N LEU B 577 -39.48 1.75 0.42
CA LEU B 577 -38.29 1.99 1.22
C LEU B 577 -37.00 1.47 0.61
N LEU B 578 -37.03 0.35 -0.09
CA LEU B 578 -35.81 -0.32 -0.53
C LEU B 578 -35.75 -0.50 -2.05
N ALA B 579 -36.49 0.32 -2.80
CA ALA B 579 -36.51 0.35 -4.26
C ALA B 579 -36.91 -0.99 -4.86
N THR B 580 -37.85 -1.66 -4.18
CA THR B 580 -38.48 -2.93 -4.57
C THR B 580 -37.46 -4.07 -4.64
N ARG B 581 -36.34 -3.99 -3.91
CA ARG B 581 -35.23 -4.91 -4.10
C ARG B 581 -35.23 -6.11 -3.16
N VAL B 582 -36.24 -6.27 -2.31
CA VAL B 582 -36.27 -7.41 -1.41
C VAL B 582 -36.57 -8.68 -2.20
N ARG B 583 -35.80 -9.73 -1.94
CA ARG B 583 -35.87 -10.96 -2.70
C ARG B 583 -36.81 -11.97 -2.04
N THR B 584 -37.06 -13.06 -2.76
CA THR B 584 -37.97 -14.11 -2.34
C THR B 584 -37.41 -14.94 -1.18
N HIS B 585 -36.08 -14.96 -1.02
CA HIS B 585 -35.43 -15.70 0.07
C HIS B 585 -35.86 -15.17 1.44
N ASP B 586 -35.79 -13.85 1.61
CA ASP B 586 -36.14 -13.21 2.86
C ASP B 586 -37.64 -13.20 3.12
N LEU B 587 -38.46 -13.34 2.08
CA LEU B 587 -39.90 -13.47 2.30
C LEU B 587 -40.26 -14.89 2.69
N LYS B 588 -39.58 -15.86 2.08
CA LYS B 588 -39.85 -17.27 2.39
C LYS B 588 -39.37 -17.64 3.78
N LYS B 589 -38.36 -16.93 4.30
CA LYS B 589 -37.91 -17.23 5.66
C LYS B 589 -38.92 -16.84 6.74
N ILE B 590 -39.85 -15.92 6.46
CA ILE B 590 -40.83 -15.48 7.45
C ILE B 590 -42.27 -15.86 7.08
N ALA B 591 -42.51 -16.32 5.86
CA ALA B 591 -43.85 -16.77 5.47
C ALA B 591 -44.51 -17.83 6.37
N PRO B 592 -43.82 -18.87 6.92
CA PRO B 592 -44.53 -19.76 7.85
C PRO B 592 -44.92 -19.11 9.17
N TYR B 593 -44.14 -18.14 9.64
CA TYR B 593 -44.50 -17.42 10.86
C TYR B 593 -45.78 -16.62 10.66
N VAL B 594 -45.90 -15.96 9.50
CA VAL B 594 -47.12 -15.22 9.16
C VAL B 594 -48.29 -16.17 9.00
N ALA B 595 -48.05 -17.34 8.40
CA ALA B 595 -49.12 -18.31 8.21
C ALA B 595 -49.62 -18.88 9.54
N HIS B 596 -48.72 -19.03 10.52
CA HIS B 596 -49.14 -19.57 11.80
C HIS B 596 -49.75 -18.51 12.73
N ASN B 597 -49.30 -17.26 12.63
CA ASN B 597 -49.58 -16.30 13.69
C ASN B 597 -50.46 -15.13 13.28
N PHE B 598 -50.60 -14.86 11.98
CA PHE B 598 -51.39 -13.75 11.49
C PHE B 598 -52.62 -14.23 10.71
N SER B 599 -53.30 -15.23 11.26
CA SER B 599 -54.43 -15.85 10.58
C SER B 599 -55.64 -14.92 10.46
N LYS B 600 -55.72 -13.87 11.26
CA LYS B 600 -56.87 -12.98 11.27
C LYS B 600 -56.70 -11.80 10.33
N LEU B 601 -55.74 -11.86 9.41
CA LEU B 601 -55.57 -10.78 8.43
C LEU B 601 -56.67 -10.83 7.38
N PHE B 602 -56.95 -9.67 6.79
CA PHE B 602 -57.85 -9.61 5.66
C PHE B 602 -57.22 -10.22 4.42
N SER B 603 -56.08 -9.68 4.00
CA SER B 603 -55.30 -10.21 2.90
C SER B 603 -53.84 -9.83 3.12
N MET B 604 -53.02 -10.00 2.09
CA MET B 604 -51.62 -9.67 2.19
C MET B 604 -51.13 -9.35 0.79
N GLU B 605 -50.78 -8.09 0.54
CA GLU B 605 -50.31 -7.67 -0.77
C GLU B 605 -48.87 -8.14 -0.95
N ASN B 606 -48.66 -9.08 -1.86
CA ASN B 606 -47.33 -9.63 -2.08
C ASN B 606 -46.96 -9.76 -3.56
N TRP B 607 -47.73 -9.15 -4.47
CA TRP B 607 -47.42 -9.26 -5.88
C TRP B 607 -48.00 -8.04 -6.59
N GLY B 608 -47.48 -7.75 -7.77
CA GLY B 608 -47.93 -6.58 -8.50
C GLY B 608 -47.09 -5.37 -8.21
N GLY B 609 -47.53 -4.25 -8.75
CA GLY B 609 -46.79 -3.01 -8.58
C GLY B 609 -45.53 -3.01 -9.41
N ALA B 610 -44.42 -2.60 -8.80
CA ALA B 610 -43.12 -2.62 -9.43
C ALA B 610 -42.35 -3.92 -9.17
N THR B 611 -42.97 -4.91 -8.56
CA THR B 611 -42.27 -6.15 -8.24
C THR B 611 -42.00 -7.00 -9.46
N PHE B 612 -42.85 -6.88 -10.49
CA PHE B 612 -42.70 -7.62 -11.73
C PHE B 612 -41.43 -7.20 -12.47
N ASP B 613 -41.34 -5.90 -12.78
CA ASP B 613 -40.23 -5.34 -13.55
C ASP B 613 -38.91 -5.46 -12.80
N VAL B 614 -38.92 -5.24 -11.48
CA VAL B 614 -37.70 -5.29 -10.72
C VAL B 614 -37.27 -6.74 -10.48
N ALA B 615 -38.24 -7.64 -10.30
CA ALA B 615 -37.92 -9.06 -10.10
C ALA B 615 -37.30 -9.66 -11.35
N MET B 616 -37.74 -9.23 -12.54
CA MET B 616 -37.05 -9.72 -13.74
C MET B 616 -35.77 -8.94 -14.03
N ARG B 617 -35.76 -7.63 -13.77
CA ARG B 617 -34.72 -6.76 -14.31
C ARG B 617 -33.48 -6.69 -13.44
N PHE B 618 -33.63 -6.43 -12.14
CA PHE B 618 -32.50 -6.23 -11.25
C PHE B 618 -32.21 -7.41 -10.33
N LEU B 619 -33.16 -8.34 -10.18
CA LEU B 619 -33.01 -9.39 -9.21
C LEU B 619 -32.90 -10.77 -9.82
N TYR B 620 -33.18 -10.92 -11.12
CA TYR B 620 -33.05 -12.16 -11.88
C TYR B 620 -33.89 -13.28 -11.27
N GLU B 621 -35.17 -12.98 -11.06
CA GLU B 621 -36.12 -13.90 -10.47
C GLU B 621 -37.35 -13.97 -11.35
N CYS B 622 -38.05 -15.05 -11.26
CA CYS B 622 -39.35 -15.05 -11.89
C CYS B 622 -40.40 -14.63 -10.87
N PRO B 623 -41.28 -13.68 -11.21
CA PRO B 623 -42.32 -13.28 -10.24
C PRO B 623 -43.35 -14.36 -9.99
N TRP B 624 -43.66 -15.17 -10.99
CA TRP B 624 -44.57 -16.30 -10.80
C TRP B 624 -43.96 -17.36 -9.88
N ARG B 625 -42.63 -17.44 -9.85
CA ARG B 625 -41.96 -18.36 -8.94
C ARG B 625 -42.12 -17.91 -7.49
N ARG B 626 -41.98 -16.60 -7.24
CA ARG B 626 -42.24 -16.04 -5.91
C ARG B 626 -43.68 -16.26 -5.49
N LEU B 627 -44.62 -16.03 -6.43
CA LEU B 627 -46.04 -16.20 -6.14
C LEU B 627 -46.37 -17.65 -5.77
N GLN B 628 -45.82 -18.61 -6.52
CA GLN B 628 -46.08 -20.01 -6.24
C GLN B 628 -45.43 -20.47 -4.93
N GLU B 629 -44.21 -20.00 -4.65
CA GLU B 629 -43.53 -20.37 -3.40
C GLU B 629 -44.28 -19.85 -2.18
N LEU B 630 -44.65 -18.57 -2.19
CA LEU B 630 -45.41 -18.02 -1.07
C LEU B 630 -46.84 -18.55 -1.02
N ARG B 631 -47.38 -19.04 -2.14
CA ARG B 631 -48.70 -19.65 -2.08
C ARG B 631 -48.64 -21.04 -1.44
N GLU B 632 -47.55 -21.78 -1.67
CA GLU B 632 -47.39 -22.99 -0.86
C GLU B 632 -47.11 -22.67 0.60
N LEU B 633 -46.42 -21.57 0.89
CA LEU B 633 -46.01 -21.36 2.27
C LEU B 633 -47.12 -20.77 3.15
N ILE B 634 -47.97 -19.91 2.60
CA ILE B 634 -49.07 -19.31 3.34
C ILE B 634 -50.38 -19.74 2.69
N PRO B 635 -51.03 -20.79 3.23
CA PRO B 635 -52.28 -21.27 2.64
C PRO B 635 -53.55 -20.69 3.24
N ASN B 636 -53.48 -20.05 4.40
CA ASN B 636 -54.68 -19.68 5.16
C ASN B 636 -55.07 -18.22 5.01
N ILE B 637 -54.26 -17.40 4.35
CA ILE B 637 -54.51 -15.97 4.21
C ILE B 637 -54.72 -15.68 2.73
N PRO B 638 -55.75 -14.94 2.35
CA PRO B 638 -55.92 -14.56 0.94
C PRO B 638 -54.79 -13.65 0.47
N PHE B 639 -54.47 -13.78 -0.81
CA PHE B 639 -53.42 -12.98 -1.42
C PHE B 639 -54.06 -11.80 -2.13
N GLN B 640 -53.28 -10.72 -2.29
CA GLN B 640 -53.77 -9.51 -2.93
C GLN B 640 -52.72 -8.98 -3.90
N MET B 641 -53.13 -8.60 -5.10
CA MET B 641 -52.22 -7.99 -6.05
C MET B 641 -52.73 -6.62 -6.49
N LEU B 642 -51.80 -5.77 -6.88
CA LEU B 642 -52.08 -4.41 -7.31
C LEU B 642 -52.00 -4.35 -8.84
N LEU B 643 -53.16 -4.30 -9.49
CA LEU B 643 -53.27 -4.33 -10.94
C LEU B 643 -53.71 -2.98 -11.43
N ARG B 644 -53.01 -2.45 -12.44
CA ARG B 644 -53.42 -1.19 -13.04
C ARG B 644 -54.57 -1.45 -14.02
N GLY B 645 -55.16 -0.37 -14.54
CA GLY B 645 -56.30 -0.50 -15.41
C GLY B 645 -55.97 -1.34 -16.62
N ALA B 646 -55.80 -0.68 -17.75
CA ALA B 646 -55.42 -1.39 -18.93
C ALA B 646 -53.90 -1.46 -18.94
N ASN B 647 -53.25 -1.11 -17.85
CA ASN B 647 -51.79 -1.16 -17.80
C ASN B 647 -51.24 -2.40 -17.20
N ALA B 648 -52.09 -3.35 -16.84
CA ALA B 648 -51.63 -4.58 -16.25
C ALA B 648 -50.49 -4.42 -15.24
N VAL B 649 -49.26 -4.69 -15.65
CA VAL B 649 -48.13 -4.54 -14.74
C VAL B 649 -47.04 -3.83 -15.50
N GLY B 650 -47.47 -3.10 -16.52
CA GLY B 650 -46.62 -2.33 -17.38
C GLY B 650 -46.78 -0.85 -17.19
N TYR B 651 -46.43 -0.09 -18.23
CA TYR B 651 -46.41 1.36 -18.16
C TYR B 651 -47.25 2.04 -19.23
N THR B 652 -47.97 1.30 -20.07
CA THR B 652 -48.80 1.87 -21.11
C THR B 652 -50.04 0.98 -21.27
N ASN B 653 -51.00 1.47 -22.03
CA ASN B 653 -52.24 0.73 -22.23
C ASN B 653 -52.02 -0.48 -23.13
N TYR B 654 -52.63 -1.59 -22.76
CA TYR B 654 -52.53 -2.85 -23.46
C TYR B 654 -53.87 -3.26 -24.05
N PRO B 655 -53.89 -4.06 -25.11
CA PRO B 655 -55.15 -4.62 -25.61
C PRO B 655 -55.81 -5.55 -24.61
N ASP B 656 -57.12 -5.76 -24.81
CA ASP B 656 -57.96 -6.35 -23.79
C ASP B 656 -57.64 -7.81 -23.52
N ASN B 657 -57.22 -8.54 -24.56
CA ASN B 657 -56.95 -9.97 -24.42
C ASN B 657 -55.75 -10.23 -23.53
N VAL B 658 -54.78 -9.31 -23.52
CA VAL B 658 -53.57 -9.50 -22.75
C VAL B 658 -53.87 -9.35 -21.25
N VAL B 659 -54.67 -8.35 -20.89
CA VAL B 659 -55.03 -8.15 -19.48
C VAL B 659 -55.99 -9.23 -19.00
N PHE B 660 -56.92 -9.67 -19.86
CA PHE B 660 -57.81 -10.77 -19.50
C PHE B 660 -57.04 -12.06 -19.27
N LYS B 661 -56.08 -12.38 -20.15
CA LYS B 661 -55.23 -13.54 -19.96
C LYS B 661 -54.34 -13.39 -18.73
N PHE B 662 -53.91 -12.16 -18.45
CA PHE B 662 -53.06 -11.90 -17.27
C PHE B 662 -53.80 -12.19 -15.99
N CYS B 663 -55.04 -11.71 -15.88
CA CYS B 663 -55.85 -12.00 -14.69
C CYS B 663 -56.23 -13.47 -14.61
N GLU B 664 -56.46 -14.12 -15.77
CA GLU B 664 -56.74 -15.55 -15.82
C GLU B 664 -55.59 -16.38 -15.22
N VAL B 665 -54.37 -16.12 -15.68
CA VAL B 665 -53.21 -16.87 -15.20
C VAL B 665 -52.85 -16.50 -13.77
N ALA B 666 -53.05 -15.24 -13.37
CA ALA B 666 -52.75 -14.87 -11.99
C ALA B 666 -53.74 -15.49 -11.00
N LYS B 667 -55.03 -15.57 -11.38
CA LYS B 667 -55.98 -16.29 -10.56
C LYS B 667 -55.69 -17.79 -10.54
N GLU B 668 -55.21 -18.33 -11.66
CA GLU B 668 -54.79 -19.73 -11.73
C GLU B 668 -53.63 -20.02 -10.79
N ASN B 669 -52.71 -19.07 -10.64
CA ASN B 669 -51.53 -19.32 -9.81
C ASN B 669 -51.81 -19.18 -8.32
N GLY B 670 -52.82 -18.40 -7.93
CA GLY B 670 -53.13 -18.29 -6.51
C GLY B 670 -53.58 -16.92 -6.02
N MET B 671 -53.67 -15.94 -6.91
CA MET B 671 -54.10 -14.61 -6.52
C MET B 671 -55.60 -14.59 -6.24
N ASP B 672 -55.98 -13.97 -5.13
CA ASP B 672 -57.36 -13.96 -4.65
C ASP B 672 -58.04 -12.61 -4.83
N VAL B 673 -57.39 -11.54 -4.39
CA VAL B 673 -57.97 -10.19 -4.40
C VAL B 673 -57.18 -9.35 -5.40
N PHE B 674 -57.91 -8.63 -6.25
CA PHE B 674 -57.30 -7.79 -7.28
C PHE B 674 -57.72 -6.36 -7.02
N ARG B 675 -56.75 -5.49 -6.70
CA ARG B 675 -57.03 -4.08 -6.52
C ARG B 675 -56.77 -3.37 -7.84
N VAL B 676 -57.83 -2.89 -8.47
CA VAL B 676 -57.78 -2.29 -9.79
C VAL B 676 -57.91 -0.78 -9.66
N PHE B 677 -56.96 -0.05 -10.22
CA PHE B 677 -56.97 1.41 -10.19
C PHE B 677 -56.46 1.95 -11.52
N ASP B 678 -56.70 3.24 -11.75
CA ASP B 678 -56.24 3.92 -12.95
C ASP B 678 -55.62 5.26 -12.56
N SER B 679 -54.69 5.72 -13.40
CA SER B 679 -53.91 6.91 -13.10
C SER B 679 -54.72 8.19 -13.18
N LEU B 680 -55.40 8.41 -14.31
CA LEU B 680 -56.12 9.64 -14.56
C LEU B 680 -57.55 9.56 -14.07
N ASN B 681 -57.91 8.47 -13.37
CA ASN B 681 -59.28 8.10 -13.00
C ASN B 681 -60.17 8.04 -14.24
N TYR B 682 -59.59 7.56 -15.35
CA TYR B 682 -60.31 7.40 -16.60
C TYR B 682 -61.21 6.18 -16.49
N LEU B 683 -62.52 6.42 -16.56
CA LEU B 683 -63.51 5.42 -16.17
C LEU B 683 -63.57 4.15 -17.04
N PRO B 684 -63.47 4.18 -18.39
CA PRO B 684 -63.53 2.91 -19.11
C PRO B 684 -62.32 1.99 -18.91
N ASN B 685 -61.13 2.54 -18.64
CA ASN B 685 -59.99 1.70 -18.27
C ASN B 685 -60.23 1.01 -16.93
N MET B 686 -60.85 1.73 -15.98
CA MET B 686 -61.23 1.12 -14.71
C MET B 686 -62.24 0.02 -14.90
N LEU B 687 -63.23 0.24 -15.78
CA LEU B 687 -64.26 -0.77 -16.01
C LEU B 687 -63.68 -1.99 -16.73
N LEU B 688 -62.72 -1.76 -17.62
CA LEU B 688 -62.01 -2.86 -18.29
C LEU B 688 -61.22 -3.70 -17.30
N GLY B 689 -60.44 -3.04 -16.43
CA GLY B 689 -59.66 -3.77 -15.45
C GLY B 689 -60.52 -4.50 -14.44
N MET B 690 -61.64 -3.89 -14.04
CA MET B 690 -62.58 -4.55 -13.14
C MET B 690 -63.24 -5.74 -13.82
N GLU B 691 -63.55 -5.64 -15.11
CA GLU B 691 -64.15 -6.76 -15.82
C GLU B 691 -63.17 -7.91 -16.00
N ALA B 692 -61.90 -7.59 -16.30
CA ALA B 692 -60.88 -8.62 -16.43
C ALA B 692 -60.59 -9.29 -15.09
N ALA B 693 -60.61 -8.53 -13.99
CA ALA B 693 -60.39 -9.12 -12.68
C ALA B 693 -61.59 -9.92 -12.20
N GLY B 694 -62.80 -9.49 -12.53
CA GLY B 694 -64.00 -10.17 -12.09
C GLY B 694 -64.35 -11.42 -12.87
N SER B 695 -64.09 -11.41 -14.18
CA SER B 695 -64.39 -12.58 -14.98
C SER B 695 -63.42 -13.73 -14.72
N ALA B 696 -62.22 -13.44 -14.21
CA ALA B 696 -61.29 -14.50 -13.83
C ALA B 696 -61.75 -15.25 -12.59
N GLY B 697 -62.62 -14.65 -11.78
CA GLY B 697 -63.15 -15.29 -10.60
C GLY B 697 -62.65 -14.75 -9.27
N GLY B 698 -61.99 -13.60 -9.27
CA GLY B 698 -61.41 -13.05 -8.07
C GLY B 698 -62.24 -11.93 -7.46
N VAL B 699 -61.87 -11.57 -6.23
CA VAL B 699 -62.50 -10.45 -5.55
C VAL B 699 -62.01 -9.15 -6.15
N VAL B 700 -62.92 -8.24 -6.41
CA VAL B 700 -62.62 -6.97 -7.08
C VAL B 700 -62.58 -5.87 -6.03
N GLU B 701 -61.46 -5.14 -5.98
CA GLU B 701 -61.30 -3.98 -5.12
C GLU B 701 -61.10 -2.78 -6.03
N ALA B 702 -62.15 -1.99 -6.22
CA ALA B 702 -62.05 -0.82 -7.08
C ALA B 702 -61.42 0.31 -6.29
N ALA B 703 -60.22 0.72 -6.68
CA ALA B 703 -59.45 1.71 -5.93
C ALA B 703 -59.58 3.06 -6.60
N ILE B 704 -60.10 4.04 -5.88
CA ILE B 704 -60.16 5.41 -6.35
C ILE B 704 -58.88 6.10 -5.90
N SER B 705 -58.15 6.68 -6.85
CA SER B 705 -56.95 7.43 -6.52
C SER B 705 -57.34 8.77 -5.92
N TYR B 706 -56.78 9.07 -4.76
CA TYR B 706 -57.08 10.30 -4.05
C TYR B 706 -55.96 11.30 -4.26
N THR B 707 -56.33 12.57 -4.43
CA THR B 707 -55.37 13.66 -4.52
C THR B 707 -56.06 14.93 -4.05
N GLY B 708 -55.25 15.89 -3.60
CA GLY B 708 -55.78 17.18 -3.19
C GLY B 708 -56.30 17.13 -1.77
N ASP B 709 -57.48 17.71 -1.57
CA ASP B 709 -58.11 17.77 -0.25
C ASP B 709 -59.59 18.02 -0.42
N VAL B 710 -60.42 17.07 0.03
CA VAL B 710 -61.86 17.26 -0.04
C VAL B 710 -62.37 18.17 1.07
N ALA B 711 -61.59 18.35 2.14
CA ALA B 711 -61.98 19.23 3.23
C ALA B 711 -61.62 20.69 2.96
N ASP B 712 -60.82 20.95 1.93
CA ASP B 712 -60.44 22.30 1.57
C ASP B 712 -61.30 22.77 0.40
N PRO B 713 -62.21 23.73 0.60
CA PRO B 713 -63.07 24.17 -0.51
C PRO B 713 -62.39 25.08 -1.51
N SER B 714 -61.16 25.54 -1.24
CA SER B 714 -60.46 26.40 -2.19
C SER B 714 -60.06 25.65 -3.45
N ARG B 715 -59.81 24.35 -3.35
CA ARG B 715 -59.49 23.51 -4.48
C ARG B 715 -60.77 22.79 -4.93
N THR B 716 -61.13 22.98 -6.20
CA THR B 716 -62.46 22.64 -6.67
C THR B 716 -62.41 21.63 -7.82
N LYS B 717 -61.22 21.24 -8.29
CA LYS B 717 -61.13 20.31 -9.41
C LYS B 717 -61.52 18.90 -8.98
N TYR B 718 -60.84 18.35 -7.99
CA TYR B 718 -61.19 17.05 -7.44
C TYR B 718 -61.98 17.28 -6.14
N SER B 719 -63.23 17.65 -6.32
CA SER B 719 -64.12 17.93 -5.20
C SER B 719 -64.61 16.62 -4.57
N LEU B 720 -65.37 16.76 -3.47
CA LEU B 720 -65.99 15.60 -2.83
C LEU B 720 -67.06 14.97 -3.73
N GLN B 721 -67.78 15.80 -4.49
CA GLN B 721 -68.80 15.28 -5.40
C GLN B 721 -68.18 14.51 -6.56
N TYR B 722 -66.95 14.88 -6.94
CA TYR B 722 -66.22 14.14 -7.98
C TYR B 722 -65.93 12.70 -7.52
N TYR B 723 -65.44 12.55 -6.29
CA TYR B 723 -65.24 11.22 -5.72
C TYR B 723 -66.54 10.49 -5.49
N MET B 724 -67.62 11.21 -5.15
CA MET B 724 -68.91 10.56 -4.93
C MET B 724 -69.50 10.03 -6.24
N GLY B 725 -69.37 10.79 -7.33
CA GLY B 725 -69.85 10.31 -8.61
C GLY B 725 -69.01 9.17 -9.16
N LEU B 726 -67.68 9.26 -8.96
CA LEU B 726 -66.78 8.19 -9.36
C LEU B 726 -67.09 6.89 -8.60
N ALA B 727 -67.32 7.00 -7.28
CA ALA B 727 -67.67 5.84 -6.47
C ALA B 727 -69.04 5.30 -6.83
N GLU B 728 -69.98 6.17 -7.20
CA GLU B 728 -71.30 5.71 -7.63
C GLU B 728 -71.22 4.89 -8.91
N GLU B 729 -70.44 5.36 -9.89
CA GLU B 729 -70.31 4.60 -11.12
C GLU B 729 -69.50 3.32 -10.94
N LEU B 730 -68.54 3.32 -10.02
CA LEU B 730 -67.77 2.09 -9.78
C LEU B 730 -68.57 1.06 -9.00
N VAL B 731 -69.49 1.51 -8.13
CA VAL B 731 -70.40 0.57 -7.48
C VAL B 731 -71.44 0.07 -8.49
N ARG B 732 -71.82 0.92 -9.45
CA ARG B 732 -72.78 0.51 -10.47
C ARG B 732 -72.23 -0.53 -11.43
N ALA B 733 -70.90 -0.67 -11.53
CA ALA B 733 -70.28 -1.69 -12.37
C ALA B 733 -70.08 -3.02 -11.66
N GLY B 734 -70.51 -3.13 -10.41
CA GLY B 734 -70.46 -4.41 -9.71
C GLY B 734 -69.19 -4.70 -8.95
N THR B 735 -68.56 -3.70 -8.35
CA THR B 735 -67.39 -3.96 -7.54
C THR B 735 -67.79 -4.60 -6.22
N HIS B 736 -66.87 -5.36 -5.63
CA HIS B 736 -67.13 -6.03 -4.36
C HIS B 736 -66.64 -5.23 -3.17
N ILE B 737 -65.45 -4.65 -3.24
CA ILE B 737 -64.90 -3.84 -2.16
C ILE B 737 -64.42 -2.53 -2.76
N LEU B 738 -64.82 -1.42 -2.16
CA LEU B 738 -64.31 -0.12 -2.60
C LEU B 738 -63.05 0.20 -1.82
N CYS B 739 -62.15 0.97 -2.44
CA CYS B 739 -60.88 1.31 -1.82
C CYS B 739 -60.53 2.75 -2.14
N ILE B 740 -59.90 3.42 -1.20
CA ILE B 740 -59.36 4.76 -1.39
C ILE B 740 -57.85 4.64 -1.35
N LYS B 741 -57.20 4.86 -2.48
CA LYS B 741 -55.75 4.80 -2.59
C LYS B 741 -55.22 6.23 -2.46
N ASP B 742 -54.64 6.54 -1.32
CA ASP B 742 -53.97 7.81 -1.09
C ASP B 742 -52.48 7.52 -1.19
N MET B 743 -51.94 7.62 -2.41
CA MET B 743 -50.61 7.11 -2.69
C MET B 743 -49.50 8.06 -2.28
N ALA B 744 -49.81 9.33 -2.04
CA ALA B 744 -48.81 10.28 -1.58
C ALA B 744 -48.86 10.51 -0.08
N GLY B 745 -49.97 10.17 0.58
CA GLY B 745 -50.11 10.44 1.99
C GLY B 745 -50.73 11.79 2.25
N LEU B 746 -51.83 12.09 1.56
CA LEU B 746 -52.47 13.38 1.64
C LEU B 746 -53.79 13.38 2.40
N LEU B 747 -54.26 12.21 2.84
CA LEU B 747 -55.48 12.13 3.61
C LEU B 747 -55.23 12.58 5.05
N LYS B 748 -55.93 13.62 5.47
CA LYS B 748 -55.98 14.18 6.79
C LYS B 748 -57.19 13.64 7.54
N PRO B 749 -57.21 13.68 8.88
CA PRO B 749 -58.33 13.07 9.63
C PRO B 749 -59.71 13.67 9.36
N THR B 750 -59.81 14.98 9.11
CA THR B 750 -61.10 15.58 8.80
C THR B 750 -61.60 15.16 7.43
N ALA B 751 -60.69 15.14 6.44
CA ALA B 751 -61.03 14.66 5.10
C ALA B 751 -61.37 13.18 5.12
N CYS B 752 -60.66 12.41 5.95
CA CYS B 752 -60.95 10.99 6.11
C CYS B 752 -62.34 10.77 6.67
N THR B 753 -62.70 11.51 7.72
CA THR B 753 -64.02 11.38 8.33
C THR B 753 -65.12 11.77 7.34
N MET B 754 -64.92 12.87 6.61
CA MET B 754 -65.90 13.34 5.63
C MET B 754 -66.11 12.32 4.51
N LEU B 755 -65.01 11.82 3.92
CA LEU B 755 -65.12 10.93 2.77
C LEU B 755 -65.66 9.56 3.16
N VAL B 756 -65.18 9.00 4.28
CA VAL B 756 -65.63 7.67 4.69
C VAL B 756 -67.06 7.72 5.21
N SER B 757 -67.48 8.84 5.83
CA SER B 757 -68.88 8.93 6.26
C SER B 757 -69.81 9.15 5.07
N SER B 758 -69.36 9.88 4.04
CA SER B 758 -70.16 10.00 2.82
C SER B 758 -70.31 8.66 2.11
N LEU B 759 -69.22 7.88 2.03
CA LEU B 759 -69.30 6.57 1.40
C LEU B 759 -70.09 5.58 2.23
N ARG B 760 -70.12 5.76 3.55
CA ARG B 760 -70.85 4.85 4.41
C ARG B 760 -72.35 5.16 4.43
N ASP B 761 -72.75 6.43 4.37
CA ASP B 761 -74.17 6.70 4.31
C ASP B 761 -74.72 6.75 2.88
N ARG B 762 -73.86 6.62 1.87
CA ARG B 762 -74.36 6.40 0.51
C ARG B 762 -74.51 4.92 0.19
N PHE B 763 -73.51 4.10 0.55
CA PHE B 763 -73.54 2.65 0.37
C PHE B 763 -73.40 2.00 1.74
N PRO B 764 -74.50 1.65 2.40
CA PRO B 764 -74.41 1.21 3.80
C PRO B 764 -73.90 -0.20 4.01
N ASP B 765 -73.77 -1.02 2.97
CA ASP B 765 -73.38 -2.41 3.16
C ASP B 765 -72.17 -2.81 2.31
N LEU B 766 -71.48 -1.85 1.74
CA LEU B 766 -70.32 -2.13 0.91
C LEU B 766 -69.03 -1.95 1.71
N PRO B 767 -68.13 -2.92 1.71
CA PRO B 767 -66.88 -2.79 2.47
C PRO B 767 -65.96 -1.71 1.89
N LEU B 768 -65.40 -0.91 2.80
CA LEU B 768 -64.48 0.15 2.48
C LEU B 768 -63.10 -0.23 2.94
N HIS B 769 -62.12 -0.05 2.06
CA HIS B 769 -60.71 -0.31 2.33
C HIS B 769 -59.97 0.99 2.08
N ILE B 770 -59.11 1.37 3.01
CA ILE B 770 -58.34 2.60 2.87
C ILE B 770 -56.86 2.21 2.81
N HIS B 771 -56.14 2.78 1.86
CA HIS B 771 -54.71 2.60 1.70
C HIS B 771 -54.07 3.97 1.75
N THR B 772 -53.05 4.13 2.60
CA THR B 772 -52.37 5.40 2.71
C THR B 772 -50.88 5.16 2.89
N HIS B 773 -50.11 6.22 2.69
CA HIS B 773 -48.70 6.25 3.01
C HIS B 773 -48.47 7.25 4.14
N ASP B 774 -47.40 7.03 4.89
CA ASP B 774 -47.10 7.82 6.08
C ASP B 774 -46.02 8.85 5.80
N THR B 775 -46.08 9.49 4.63
CA THR B 775 -45.04 10.42 4.23
C THR B 775 -45.13 11.72 5.00
N SER B 776 -46.34 12.21 5.26
CA SER B 776 -46.51 13.46 6.00
C SER B 776 -46.39 13.28 7.50
N GLY B 777 -46.52 12.06 8.00
CA GLY B 777 -46.47 11.81 9.42
C GLY B 777 -47.81 11.76 10.11
N ALA B 778 -48.90 11.56 9.37
CA ALA B 778 -50.24 11.55 9.94
C ALA B 778 -51.03 10.32 9.48
N GLY B 779 -50.36 9.19 9.31
CA GLY B 779 -50.99 7.99 8.81
C GLY B 779 -51.82 7.23 9.82
N VAL B 780 -51.30 7.06 11.03
CA VAL B 780 -52.02 6.33 12.08
C VAL B 780 -53.22 7.13 12.55
N ALA B 781 -53.09 8.46 12.61
CA ALA B 781 -54.23 9.32 12.96
C ALA B 781 -55.33 9.25 11.91
N ALA B 782 -54.94 9.26 10.63
CA ALA B 782 -55.91 9.15 9.55
C ALA B 782 -56.59 7.79 9.54
N MET B 783 -55.85 6.71 9.86
CA MET B 783 -56.46 5.39 9.87
C MET B 783 -57.38 5.20 11.06
N LEU B 784 -57.07 5.83 12.20
CA LEU B 784 -57.99 5.80 13.32
C LEU B 784 -59.26 6.59 13.02
N ALA B 785 -59.11 7.71 12.30
CA ALA B 785 -60.28 8.48 11.85
C ALA B 785 -61.14 7.68 10.88
N CYS B 786 -60.51 6.93 9.97
CA CYS B 786 -61.27 6.08 9.05
C CYS B 786 -61.97 4.94 9.75
N ALA B 787 -61.27 4.27 10.69
CA ALA B 787 -61.88 3.14 11.39
C ALA B 787 -63.00 3.58 12.31
N GLN B 788 -62.94 4.81 12.85
CA GLN B 788 -64.09 5.31 13.60
C GLN B 788 -65.19 5.83 12.68
N ALA B 789 -64.84 6.29 11.48
CA ALA B 789 -65.86 6.75 10.55
C ALA B 789 -66.60 5.62 9.86
N GLY B 790 -66.03 4.42 9.82
CA GLY B 790 -66.72 3.28 9.26
C GLY B 790 -65.94 2.49 8.22
N ALA B 791 -64.63 2.64 8.19
CA ALA B 791 -63.80 1.83 7.32
C ALA B 791 -63.63 0.44 7.91
N ASP B 792 -63.52 -0.56 7.04
CA ASP B 792 -63.47 -1.96 7.45
C ASP B 792 -62.06 -2.53 7.47
N VAL B 793 -61.25 -2.27 6.45
CA VAL B 793 -59.88 -2.76 6.37
C VAL B 793 -58.95 -1.57 6.16
N VAL B 794 -57.82 -1.57 6.88
CA VAL B 794 -56.77 -0.59 6.67
C VAL B 794 -55.45 -1.33 6.44
N ASP B 795 -54.53 -0.67 5.74
CA ASP B 795 -53.26 -1.25 5.33
C ASP B 795 -52.16 -0.85 6.30
N VAL B 796 -51.40 -1.84 6.79
CA VAL B 796 -50.29 -1.60 7.69
C VAL B 796 -49.05 -2.29 7.17
N ALA B 797 -47.96 -2.15 7.92
CA ALA B 797 -46.71 -2.85 7.64
C ALA B 797 -46.02 -3.12 8.97
N ALA B 798 -44.98 -3.96 8.93
CA ALA B 798 -44.21 -4.24 10.13
C ALA B 798 -43.49 -3.00 10.61
N ASP B 799 -43.26 -2.91 11.93
CA ASP B 799 -42.86 -1.66 12.57
C ASP B 799 -41.48 -1.20 12.14
N SER B 800 -40.59 -2.14 11.85
CA SER B 800 -39.28 -1.82 11.30
C SER B 800 -39.31 -1.58 9.80
N MET B 801 -40.40 -1.94 9.14
CA MET B 801 -40.56 -1.75 7.70
C MET B 801 -41.64 -0.75 7.38
N SER B 802 -41.97 0.13 8.32
CA SER B 802 -42.96 1.16 8.14
C SER B 802 -42.31 2.52 8.37
N GLY B 803 -43.11 3.57 8.31
CA GLY B 803 -42.56 4.87 8.59
C GLY B 803 -42.50 5.86 7.44
N MET B 804 -41.30 6.07 6.90
CA MET B 804 -40.94 7.24 6.10
C MET B 804 -41.81 7.46 4.86
N THR B 805 -41.74 6.57 3.88
CA THR B 805 -42.61 6.63 2.72
C THR B 805 -43.54 5.43 2.65
N SER B 806 -43.57 4.61 3.69
CA SER B 806 -44.26 3.35 3.72
C SER B 806 -45.63 3.50 4.40
N GLN B 807 -46.24 2.37 4.73
CA GLN B 807 -47.56 2.33 5.35
C GLN B 807 -47.45 2.66 6.83
N PRO B 808 -48.57 2.88 7.53
CA PRO B 808 -48.51 2.99 8.99
C PRO B 808 -48.12 1.68 9.67
N SER B 809 -47.72 1.80 10.93
CA SER B 809 -47.13 0.70 11.66
C SER B 809 -48.19 -0.23 12.23
N MET B 810 -47.91 -1.53 12.16
CA MET B 810 -48.86 -2.54 12.66
C MET B 810 -49.02 -2.47 14.17
N GLY B 811 -47.92 -2.28 14.90
CA GLY B 811 -47.98 -2.23 16.35
C GLY B 811 -48.72 -1.03 16.88
N ALA B 812 -48.60 0.12 16.21
CA ALA B 812 -49.34 1.31 16.62
C ALA B 812 -50.83 1.15 16.37
N LEU B 813 -51.22 0.46 15.30
CA LEU B 813 -52.63 0.22 15.04
C LEU B 813 -53.22 -0.82 15.99
N VAL B 814 -52.42 -1.82 16.36
CA VAL B 814 -52.88 -2.82 17.31
C VAL B 814 -53.01 -2.21 18.70
N ALA B 815 -52.04 -1.38 19.10
CA ALA B 815 -52.05 -0.78 20.43
C ALA B 815 -53.09 0.33 20.56
N CYS B 816 -53.30 1.11 19.50
CA CYS B 816 -54.25 2.22 19.57
C CYS B 816 -55.70 1.77 19.48
N THR B 817 -55.97 0.50 19.20
CA THR B 817 -57.32 -0.04 19.19
C THR B 817 -57.53 -1.09 20.28
N ARG B 818 -56.63 -1.19 21.24
CA ARG B 818 -56.74 -2.19 22.29
C ARG B 818 -57.80 -1.76 23.31
N GLY B 819 -58.77 -2.64 23.56
CA GLY B 819 -59.85 -2.38 24.49
C GLY B 819 -61.03 -1.64 23.91
N THR B 820 -60.88 -1.02 22.74
CA THR B 820 -61.96 -0.29 22.10
C THR B 820 -62.94 -1.28 21.47
N PRO B 821 -64.11 -0.81 21.00
CA PRO B 821 -64.93 -1.67 20.13
C PRO B 821 -64.29 -1.99 18.78
N LEU B 822 -63.24 -1.28 18.37
CA LEU B 822 -62.53 -1.56 17.13
C LEU B 822 -61.32 -2.47 17.34
N ASP B 823 -61.40 -3.39 18.30
CA ASP B 823 -60.25 -4.23 18.65
C ASP B 823 -59.93 -5.21 17.53
N THR B 824 -58.64 -5.31 17.21
CA THR B 824 -58.16 -6.22 16.18
C THR B 824 -57.80 -7.60 16.74
N GLU B 825 -57.79 -7.76 18.07
CA GLU B 825 -57.45 -8.95 18.86
C GLU B 825 -56.19 -9.69 18.38
N VAL B 826 -55.21 -8.95 17.86
CA VAL B 826 -53.92 -9.52 17.48
C VAL B 826 -52.98 -9.33 18.67
N PRO B 827 -52.28 -10.39 19.11
CA PRO B 827 -51.34 -10.23 20.23
C PRO B 827 -50.10 -9.46 19.81
N MET B 828 -49.63 -8.59 20.71
CA MET B 828 -48.54 -7.69 20.37
C MET B 828 -47.18 -8.39 20.33
N GLU B 829 -47.03 -9.55 20.96
CA GLU B 829 -45.74 -10.23 21.01
C GLU B 829 -45.39 -10.86 19.66
N ARG B 830 -46.41 -11.34 18.96
CA ARG B 830 -46.23 -11.84 17.59
C ARG B 830 -45.82 -10.70 16.67
N VAL B 831 -46.38 -9.51 16.90
CA VAL B 831 -46.01 -8.32 16.17
C VAL B 831 -44.55 -7.94 16.46
N PHE B 832 -44.14 -8.09 17.71
CA PHE B 832 -42.76 -7.79 18.10
C PHE B 832 -41.77 -8.73 17.42
N ASP B 833 -42.10 -10.03 17.33
CA ASP B 833 -41.20 -10.97 16.69
C ASP B 833 -41.15 -10.79 15.17
N TYR B 834 -42.29 -10.44 14.55
CA TYR B 834 -42.32 -10.16 13.12
C TYR B 834 -41.50 -8.91 12.78
N SER B 835 -41.64 -7.85 13.56
CA SER B 835 -40.84 -6.65 13.32
C SER B 835 -39.37 -6.87 13.68
N GLU B 836 -39.08 -7.78 14.60
CA GLU B 836 -37.70 -8.15 14.90
C GLU B 836 -37.03 -8.81 13.69
N TYR B 837 -37.75 -9.75 13.05
CA TYR B 837 -37.27 -10.36 11.81
C TYR B 837 -37.02 -9.30 10.75
N TRP B 838 -37.97 -8.38 10.58
CA TRP B 838 -37.81 -7.43 9.50
C TRP B 838 -36.76 -6.36 9.77
N GLU B 839 -36.44 -6.09 11.03
CA GLU B 839 -35.28 -5.25 11.33
C GLU B 839 -33.99 -5.95 10.93
N GLY B 840 -33.87 -7.23 11.29
CA GLY B 840 -32.69 -8.00 10.87
C GLY B 840 -32.57 -8.14 9.37
N ALA B 841 -33.70 -8.34 8.67
CA ALA B 841 -33.69 -8.49 7.22
C ALA B 841 -33.50 -7.17 6.50
N ARG B 842 -33.99 -6.06 7.07
CA ARG B 842 -33.77 -4.75 6.46
C ARG B 842 -32.32 -4.33 6.56
N GLY B 843 -31.61 -4.79 7.60
CA GLY B 843 -30.17 -4.57 7.67
C GLY B 843 -29.37 -5.14 6.51
N LEU B 844 -29.90 -6.17 5.83
CA LEU B 844 -29.23 -6.79 4.69
C LEU B 844 -29.27 -5.95 3.43
N TYR B 845 -30.20 -4.99 3.34
CA TYR B 845 -30.45 -4.23 2.12
C TYR B 845 -29.97 -2.79 2.25
N ALA B 846 -28.81 -2.60 2.86
CA ALA B 846 -28.29 -1.27 3.15
C ALA B 846 -27.87 -0.51 1.90
N ALA B 847 -27.65 -1.21 0.78
CA ALA B 847 -27.27 -0.56 -0.47
C ALA B 847 -28.44 0.12 -1.17
N PHE B 848 -29.68 -0.23 -0.82
CA PHE B 848 -30.85 0.34 -1.47
C PHE B 848 -31.76 1.07 -0.49
N ASP B 849 -31.25 1.41 0.69
CA ASP B 849 -32.11 1.85 1.79
C ASP B 849 -32.43 3.34 1.68
N CYS B 850 -33.67 3.67 2.07
CA CYS B 850 -34.15 5.05 2.05
C CYS B 850 -33.39 5.90 3.06
N THR B 851 -32.99 5.31 4.18
CA THR B 851 -32.39 6.02 5.31
C THR B 851 -30.99 6.53 5.06
N ALA B 852 -30.40 6.27 3.89
CA ALA B 852 -29.11 6.87 3.57
C ALA B 852 -29.26 8.35 3.22
N THR B 853 -30.42 8.75 2.71
CA THR B 853 -30.69 10.14 2.40
C THR B 853 -31.78 10.74 3.28
N MET B 854 -32.97 10.12 3.31
CA MET B 854 -34.11 10.63 4.06
C MET B 854 -34.15 9.94 5.42
N LYS B 855 -33.99 10.71 6.50
CA LYS B 855 -33.96 10.14 7.84
C LYS B 855 -35.28 10.21 8.63
N SER B 856 -36.22 10.99 8.13
CA SER B 856 -37.51 11.14 8.80
C SER B 856 -38.56 11.49 7.76
N GLY B 857 -39.79 11.71 8.22
CA GLY B 857 -40.86 12.06 7.31
C GLY B 857 -40.65 13.43 6.70
N ASN B 858 -41.61 13.82 5.86
CA ASN B 858 -41.50 15.08 5.13
C ASN B 858 -42.90 15.61 4.84
N SER B 859 -43.21 16.79 5.34
CA SER B 859 -44.49 17.42 5.06
C SER B 859 -44.52 18.10 3.70
N ASP B 860 -43.39 18.18 2.99
CA ASP B 860 -43.35 18.83 1.68
C ASP B 860 -44.05 18.00 0.60
N VAL B 861 -44.52 16.80 0.94
CA VAL B 861 -45.35 15.98 0.06
C VAL B 861 -46.72 16.64 -0.09
N TYR B 862 -47.06 17.58 0.80
CA TYR B 862 -48.23 18.42 0.57
C TYR B 862 -48.04 19.43 -0.55
N GLU B 863 -46.81 19.62 -1.04
CA GLU B 863 -46.57 20.56 -2.14
C GLU B 863 -46.00 19.91 -3.40
N ASN B 864 -45.36 18.74 -3.31
CA ASN B 864 -44.89 18.07 -4.52
C ASN B 864 -45.67 16.83 -4.89
N GLU B 865 -46.37 16.22 -3.93
CA GLU B 865 -47.32 15.12 -4.13
C GLU B 865 -46.69 13.88 -4.78
N ILE B 866 -45.44 13.61 -4.46
CA ILE B 866 -44.76 12.41 -4.99
C ILE B 866 -45.21 11.20 -4.16
N PRO B 867 -45.59 10.10 -4.80
CA PRO B 867 -45.83 8.86 -4.05
C PRO B 867 -44.53 8.24 -3.55
N GLY B 868 -44.66 7.33 -2.58
CA GLY B 868 -43.52 6.76 -1.88
C GLY B 868 -42.68 5.74 -2.64
N GLY B 869 -43.37 4.78 -3.27
CA GLY B 869 -42.67 3.86 -4.16
C GLY B 869 -42.03 4.60 -5.32
N GLN B 870 -42.71 5.59 -5.81
CA GLN B 870 -42.09 6.35 -6.85
C GLN B 870 -40.93 7.12 -6.26
N TYR B 871 -41.03 7.60 -5.01
CA TYR B 871 -39.92 8.35 -4.42
C TYR B 871 -38.63 7.55 -4.43
N THR B 872 -38.66 6.31 -3.94
CA THR B 872 -37.42 5.55 -3.86
C THR B 872 -36.94 5.08 -5.24
N ASN B 873 -37.88 4.65 -6.09
CA ASN B 873 -37.48 4.25 -7.44
C ASN B 873 -37.04 5.43 -8.29
N LEU B 874 -37.59 6.62 -8.04
CA LEU B 874 -37.18 7.82 -8.74
C LEU B 874 -35.81 8.28 -8.30
N HIS B 875 -35.47 8.10 -7.02
CA HIS B 875 -34.12 8.40 -6.57
C HIS B 875 -33.10 7.46 -7.22
N PHE B 876 -33.47 6.18 -7.37
CA PHE B 876 -32.58 5.26 -8.08
C PHE B 876 -32.42 5.65 -9.54
N GLN B 877 -33.52 6.02 -10.21
CA GLN B 877 -33.47 6.36 -11.63
C GLN B 877 -32.69 7.65 -11.86
N ALA B 878 -32.81 8.61 -10.95
CA ALA B 878 -32.02 9.83 -11.06
C ALA B 878 -30.55 9.55 -10.76
N HIS B 879 -30.25 8.54 -9.95
CA HIS B 879 -28.85 8.18 -9.74
C HIS B 879 -28.23 7.55 -10.99
N SER B 880 -29.02 6.75 -11.71
CA SER B 880 -28.49 6.02 -12.86
C SER B 880 -28.47 6.85 -14.14
N MET B 881 -28.81 8.13 -14.07
CA MET B 881 -28.76 9.03 -15.21
C MET B 881 -27.96 10.29 -14.89
N GLY B 882 -27.00 10.19 -13.97
CA GLY B 882 -26.12 11.29 -13.65
C GLY B 882 -26.69 12.38 -12.77
N LEU B 883 -27.99 12.35 -12.47
CA LEU B 883 -28.64 13.37 -11.66
C LEU B 883 -28.67 12.99 -10.17
N GLY B 884 -27.73 12.16 -9.73
CA GLY B 884 -27.76 11.60 -8.38
C GLY B 884 -27.49 12.59 -7.27
N SER B 885 -26.98 13.77 -7.59
CA SER B 885 -26.71 14.81 -6.61
C SER B 885 -27.60 16.03 -6.78
N LYS B 886 -28.71 15.90 -7.51
CA LYS B 886 -29.62 17.01 -7.77
C LYS B 886 -31.06 16.59 -7.56
N PHE B 887 -31.34 15.84 -6.50
CA PHE B 887 -32.68 15.28 -6.32
C PHE B 887 -33.68 16.31 -5.78
N LYS B 888 -33.19 17.35 -5.08
CA LYS B 888 -34.08 18.44 -4.68
C LYS B 888 -34.56 19.22 -5.90
N GLU B 889 -33.68 19.39 -6.89
CA GLU B 889 -34.09 20.02 -8.14
C GLU B 889 -35.02 19.11 -8.94
N VAL B 890 -34.85 17.78 -8.82
CA VAL B 890 -35.79 16.85 -9.43
C VAL B 890 -37.17 17.00 -8.81
N LYS B 891 -37.24 17.21 -7.49
CA LYS B 891 -38.54 17.40 -6.84
C LYS B 891 -39.16 18.75 -7.19
N LYS B 892 -38.34 19.80 -7.32
CA LYS B 892 -38.86 21.10 -7.75
C LYS B 892 -39.38 21.06 -9.17
N ALA B 893 -38.65 20.42 -10.08
CA ALA B 893 -39.13 20.24 -11.44
C ALA B 893 -40.29 19.25 -11.50
N TYR B 894 -40.46 18.47 -10.44
CA TYR B 894 -41.59 17.56 -10.34
C TYR B 894 -42.82 18.44 -10.21
N VAL B 895 -42.78 19.38 -9.26
CA VAL B 895 -43.89 20.32 -9.06
C VAL B 895 -44.17 21.10 -10.35
N GLU B 896 -43.09 21.57 -11.00
CA GLU B 896 -43.21 22.33 -12.24
C GLU B 896 -43.85 21.51 -13.36
N ALA B 897 -43.44 20.25 -13.49
CA ALA B 897 -43.97 19.35 -14.51
C ALA B 897 -45.38 18.89 -14.21
N ASN B 898 -45.78 18.86 -12.93
CA ASN B 898 -47.18 18.64 -12.60
C ASN B 898 -48.04 19.80 -13.07
N GLN B 899 -47.58 21.02 -12.82
CA GLN B 899 -48.36 22.19 -13.26
C GLN B 899 -48.34 22.35 -14.78
N MET B 900 -47.23 21.96 -15.40
CA MET B 900 -47.03 22.15 -16.83
C MET B 900 -47.86 21.17 -17.66
N LEU B 901 -48.13 19.98 -17.12
CA LEU B 901 -48.88 18.95 -17.83
C LEU B 901 -50.37 18.97 -17.52
N GLY B 902 -50.84 19.95 -16.75
CA GLY B 902 -52.25 20.13 -16.54
C GLY B 902 -52.83 19.53 -15.27
N ASP B 903 -52.09 19.49 -14.17
CA ASP B 903 -52.53 19.05 -12.83
C ASP B 903 -53.04 17.61 -12.85
N LEU B 904 -52.11 16.71 -13.14
CA LEU B 904 -52.42 15.29 -13.23
C LEU B 904 -52.59 14.66 -11.85
N ILE B 905 -53.29 13.53 -11.83
CA ILE B 905 -53.31 12.65 -10.67
C ILE B 905 -52.10 11.72 -10.80
N LYS B 906 -51.12 11.90 -9.93
CA LYS B 906 -49.87 11.13 -10.02
C LYS B 906 -49.77 9.78 -9.36
N VAL B 907 -49.99 8.72 -10.11
CA VAL B 907 -49.86 7.37 -9.59
C VAL B 907 -49.27 6.42 -10.65
N THR B 908 -48.04 5.97 -10.40
CA THR B 908 -47.28 5.04 -11.25
C THR B 908 -47.08 5.48 -12.67
N PRO B 909 -48.04 5.18 -13.55
CA PRO B 909 -47.81 5.65 -14.92
C PRO B 909 -47.71 7.16 -15.05
N SER B 910 -48.70 7.90 -14.53
CA SER B 910 -48.68 9.36 -14.63
C SER B 910 -47.54 9.96 -13.82
N SER B 911 -47.21 9.36 -12.68
CA SER B 911 -46.08 9.85 -11.91
C SER B 911 -44.77 9.52 -12.61
N LYS B 912 -44.72 8.41 -13.35
CA LYS B 912 -43.54 8.12 -14.17
C LYS B 912 -43.39 9.13 -15.32
N ILE B 913 -44.52 9.57 -15.90
CA ILE B 913 -44.47 10.59 -16.94
C ILE B 913 -43.99 11.92 -16.39
N VAL B 914 -44.55 12.34 -15.24
CA VAL B 914 -44.16 13.59 -14.59
C VAL B 914 -42.72 13.53 -14.10
N GLY B 915 -42.25 12.35 -13.65
CA GLY B 915 -40.87 12.22 -13.23
C GLY B 915 -39.89 12.20 -14.38
N ASP B 916 -40.27 11.62 -15.52
CA ASP B 916 -39.44 11.69 -16.72
C ASP B 916 -39.33 13.11 -17.23
N LEU B 917 -40.45 13.85 -17.23
CA LEU B 917 -40.43 15.26 -17.61
C LEU B 917 -39.62 16.09 -16.62
N ALA B 918 -39.65 15.75 -15.34
CA ALA B 918 -38.88 16.48 -14.33
C ALA B 918 -37.39 16.23 -14.49
N GLN B 919 -36.99 15.00 -14.79
CA GLN B 919 -35.58 14.73 -15.04
C GLN B 919 -35.10 15.37 -16.33
N PHE B 920 -35.98 15.44 -17.34
CA PHE B 920 -35.66 16.15 -18.58
C PHE B 920 -35.48 17.65 -18.32
N MET B 921 -36.35 18.24 -17.50
CA MET B 921 -36.23 19.67 -17.22
C MET B 921 -35.08 19.98 -16.28
N VAL B 922 -34.62 19.01 -15.49
CA VAL B 922 -33.45 19.23 -14.66
C VAL B 922 -32.17 19.12 -15.48
N GLN B 923 -32.11 18.12 -16.35
CA GLN B 923 -30.93 17.90 -17.19
C GLN B 923 -30.69 18.97 -18.28
N ASN B 924 -31.74 19.69 -18.64
CA ASN B 924 -31.64 20.72 -19.67
C ASN B 924 -31.89 22.13 -19.14
N GLY B 925 -31.90 22.31 -17.82
CA GLY B 925 -31.97 23.62 -17.20
C GLY B 925 -33.24 24.41 -17.44
N LEU B 926 -34.30 23.78 -17.93
CA LEU B 926 -35.48 24.51 -18.38
C LEU B 926 -36.41 24.81 -17.20
N SER B 927 -37.07 25.96 -17.28
CA SER B 927 -38.16 26.31 -16.37
C SER B 927 -39.47 25.81 -16.96
N ARG B 928 -40.60 26.26 -16.41
CA ARG B 928 -41.90 25.86 -16.95
C ARG B 928 -42.23 26.64 -18.22
N ALA B 929 -42.30 27.97 -18.10
CA ALA B 929 -42.59 28.81 -19.26
C ALA B 929 -41.43 28.85 -20.23
N GLU B 930 -40.21 28.64 -19.74
CA GLU B 930 -39.04 28.59 -20.61
C GLU B 930 -39.06 27.36 -21.50
N ALA B 931 -39.58 26.25 -21.01
CA ALA B 931 -39.72 25.04 -21.82
C ALA B 931 -41.02 24.99 -22.59
N GLU B 932 -42.05 25.73 -22.18
CA GLU B 932 -43.24 25.85 -23.01
C GLU B 932 -43.07 26.86 -24.14
N ALA B 933 -42.14 27.80 -24.00
CA ALA B 933 -41.80 28.67 -25.12
C ALA B 933 -41.00 27.91 -26.17
N GLN B 934 -40.09 27.03 -25.74
CA GLN B 934 -39.34 26.17 -26.64
C GLN B 934 -39.97 24.79 -26.80
N ALA B 935 -41.31 24.71 -26.69
CA ALA B 935 -41.99 23.43 -26.77
C ALA B 935 -41.95 22.86 -28.19
N GLU B 936 -42.05 23.72 -29.19
CA GLU B 936 -42.00 23.30 -30.59
C GLU B 936 -40.59 22.97 -31.06
N GLU B 937 -39.56 23.31 -30.28
CA GLU B 937 -38.18 23.03 -30.66
C GLU B 937 -37.66 21.74 -30.05
N LEU B 938 -37.89 21.52 -28.76
CA LEU B 938 -37.20 20.51 -27.98
C LEU B 938 -37.75 19.11 -28.25
N SER B 939 -37.05 18.12 -27.70
CA SER B 939 -37.36 16.70 -27.91
C SER B 939 -37.66 16.07 -26.56
N PHE B 940 -38.95 16.06 -26.20
CA PHE B 940 -39.40 15.47 -24.96
C PHE B 940 -39.28 13.94 -25.03
N PRO B 941 -39.17 13.25 -23.89
CA PRO B 941 -39.01 11.79 -23.91
C PRO B 941 -40.26 11.08 -24.39
N ARG B 942 -40.10 9.77 -24.58
CA ARG B 942 -41.14 8.96 -25.25
C ARG B 942 -42.39 8.84 -24.39
N SER B 943 -42.23 8.86 -23.07
CA SER B 943 -43.39 8.74 -22.17
C SER B 943 -44.23 10.00 -22.18
N VAL B 944 -43.58 11.17 -22.24
CA VAL B 944 -44.31 12.45 -22.25
C VAL B 944 -45.07 12.62 -23.56
N VAL B 945 -44.39 12.38 -24.69
CA VAL B 945 -45.02 12.54 -26.01
C VAL B 945 -46.09 11.49 -26.21
N GLU B 946 -45.85 10.27 -25.73
CA GLU B 946 -46.84 9.20 -25.76
C GLU B 946 -48.04 9.51 -24.88
N PHE B 947 -47.83 10.23 -23.78
CA PHE B 947 -48.95 10.66 -22.95
C PHE B 947 -49.75 11.76 -23.64
N LEU B 948 -49.07 12.71 -24.27
CA LEU B 948 -49.76 13.81 -24.93
C LEU B 948 -50.49 13.35 -26.19
N GLN B 949 -50.05 12.25 -26.80
CA GLN B 949 -50.86 11.61 -27.83
C GLN B 949 -52.13 11.03 -27.23
N GLY B 950 -52.04 10.48 -26.03
CA GLY B 950 -53.22 9.95 -25.36
C GLY B 950 -53.24 8.44 -25.32
N TYR B 951 -52.06 7.82 -25.30
CA TYR B 951 -51.96 6.37 -25.30
C TYR B 951 -52.16 5.75 -23.93
N ILE B 952 -52.28 6.55 -22.86
CA ILE B 952 -52.64 6.01 -21.56
C ILE B 952 -54.07 6.33 -21.17
N GLY B 953 -54.71 7.30 -21.83
CA GLY B 953 -56.03 7.75 -21.47
C GLY B 953 -56.12 9.26 -21.47
N VAL B 954 -57.28 9.75 -21.08
CA VAL B 954 -57.62 11.18 -21.13
C VAL B 954 -57.67 11.71 -19.69
N PRO B 955 -56.98 12.79 -19.38
CA PRO B 955 -57.05 13.36 -18.04
C PRO B 955 -58.36 14.10 -17.80
N HIS B 956 -58.60 14.42 -16.53
CA HIS B 956 -59.79 15.16 -16.13
C HIS B 956 -59.69 16.60 -16.63
N GLY B 957 -60.67 17.03 -17.39
CA GLY B 957 -60.66 18.36 -17.97
C GLY B 957 -59.88 18.48 -19.26
N GLY B 958 -59.35 17.38 -19.79
CA GLY B 958 -58.67 17.40 -21.06
C GLY B 958 -57.19 17.74 -20.94
N PHE B 959 -56.48 17.51 -22.04
CA PHE B 959 -55.05 17.77 -22.13
C PHE B 959 -54.77 19.27 -22.14
N PRO B 960 -53.53 19.68 -21.81
CA PRO B 960 -53.15 21.07 -22.09
C PRO B 960 -52.98 21.28 -23.60
N GLU B 961 -53.95 21.95 -24.21
CA GLU B 961 -54.05 21.97 -25.67
C GLU B 961 -53.01 22.85 -26.38
N PRO B 962 -52.55 24.00 -25.84
CA PRO B 962 -51.34 24.61 -26.44
C PRO B 962 -50.10 23.73 -26.39
N PHE B 963 -49.85 23.04 -25.27
CA PHE B 963 -48.71 22.14 -25.17
C PHE B 963 -48.89 20.92 -26.07
N ARG B 964 -50.11 20.38 -26.14
CA ARG B 964 -50.39 19.25 -27.01
C ARG B 964 -50.32 19.63 -28.48
N SER B 965 -50.56 20.90 -28.80
CA SER B 965 -50.42 21.35 -30.18
C SER B 965 -48.96 21.64 -30.54
N LYS B 966 -48.18 22.13 -29.59
CA LYS B 966 -46.79 22.49 -29.87
C LYS B 966 -45.86 21.28 -29.88
N VAL B 967 -46.06 20.32 -28.97
CA VAL B 967 -45.17 19.16 -28.93
C VAL B 967 -45.52 18.19 -30.06
N LEU B 968 -46.79 17.82 -30.17
CA LEU B 968 -47.25 16.97 -31.26
C LEU B 968 -47.43 17.82 -32.51
N LYS B 969 -46.53 17.66 -33.48
CA LYS B 969 -46.68 18.40 -34.73
C LYS B 969 -47.74 17.75 -35.61
N ASP B 970 -47.51 16.50 -36.03
CA ASP B 970 -48.47 15.73 -36.80
C ASP B 970 -48.50 14.26 -36.38
N LEU B 971 -48.06 13.94 -35.16
CA LEU B 971 -48.15 12.58 -34.67
C LEU B 971 -49.60 12.20 -34.41
N PRO B 972 -49.97 10.92 -34.58
CA PRO B 972 -51.39 10.55 -34.50
C PRO B 972 -51.92 10.61 -33.08
N ARG B 973 -53.02 11.34 -32.91
CA ARG B 973 -53.72 11.47 -31.63
C ARG B 973 -54.85 10.45 -31.62
N VAL B 974 -54.57 9.25 -31.11
CA VAL B 974 -55.60 8.22 -30.99
C VAL B 974 -56.46 8.59 -29.77
N GLU B 975 -57.68 9.02 -30.03
CA GLU B 975 -58.59 9.47 -28.98
C GLU B 975 -59.58 8.36 -28.62
N GLY B 976 -60.38 8.63 -27.59
CA GLY B 976 -61.29 7.64 -27.07
C GLY B 976 -60.59 6.74 -26.07
N ARG B 977 -60.72 5.43 -26.27
CA ARG B 977 -59.99 4.51 -25.42
C ARG B 977 -58.80 3.93 -26.19
N PRO B 978 -57.61 3.94 -25.61
CA PRO B 978 -56.46 3.34 -26.29
C PRO B 978 -56.53 1.83 -26.40
N GLY B 979 -57.16 1.16 -25.44
CA GLY B 979 -57.21 -0.29 -25.46
C GLY B 979 -58.25 -0.88 -26.39
N ALA B 980 -59.26 -0.09 -26.76
CA ALA B 980 -60.28 -0.53 -27.72
C ALA B 980 -59.88 -0.22 -29.15
N SER B 981 -58.68 0.32 -29.37
CA SER B 981 -58.18 0.67 -30.69
C SER B 981 -57.08 -0.24 -31.18
N LEU B 982 -56.16 -0.64 -30.29
CA LEU B 982 -55.01 -1.44 -30.65
C LEU B 982 -55.43 -2.88 -30.95
N PRO B 983 -54.77 -3.53 -31.92
CA PRO B 983 -55.13 -4.91 -32.26
C PRO B 983 -54.62 -5.87 -31.19
N PRO B 984 -55.29 -7.00 -31.01
CA PRO B 984 -54.83 -7.99 -30.01
C PRO B 984 -53.55 -8.66 -30.45
N LEU B 985 -52.65 -8.88 -29.50
CA LEU B 985 -51.42 -9.60 -29.77
C LEU B 985 -51.73 -11.09 -29.94
N ASP B 986 -51.20 -11.69 -31.00
CA ASP B 986 -51.30 -13.12 -31.20
C ASP B 986 -50.35 -13.80 -30.21
N LEU B 987 -50.90 -14.37 -29.15
CA LEU B 987 -50.08 -14.89 -28.07
C LEU B 987 -49.48 -16.26 -28.39
N GLN B 988 -50.15 -17.06 -29.22
CA GLN B 988 -49.55 -18.31 -29.67
C GLN B 988 -48.38 -18.05 -30.61
N ALA B 989 -48.44 -16.96 -31.38
CA ALA B 989 -47.30 -16.55 -32.20
C ALA B 989 -46.12 -16.13 -31.33
N LEU B 990 -46.37 -15.46 -30.21
CA LEU B 990 -45.28 -15.10 -29.31
C LEU B 990 -44.73 -16.31 -28.57
N GLU B 991 -45.60 -17.29 -28.26
CA GLU B 991 -45.14 -18.55 -27.68
C GLU B 991 -44.23 -19.30 -28.66
N LYS B 992 -44.63 -19.32 -29.95
CA LYS B 992 -43.80 -19.92 -30.98
C LYS B 992 -42.52 -19.13 -31.21
N GLU B 993 -42.54 -17.82 -30.97
CA GLU B 993 -41.33 -17.01 -31.11
C GLU B 993 -40.37 -17.27 -29.95
N LEU B 994 -40.91 -17.61 -28.77
CA LEU B 994 -40.03 -17.80 -27.62
C LEU B 994 -39.57 -19.24 -27.43
N VAL B 995 -40.25 -20.24 -27.99
CA VAL B 995 -39.81 -21.62 -27.79
C VAL B 995 -38.58 -21.93 -28.63
N ASP B 996 -38.39 -21.22 -29.74
CA ASP B 996 -37.26 -21.48 -30.62
C ASP B 996 -36.04 -20.64 -30.29
N ARG B 997 -36.00 -20.03 -29.10
CA ARG B 997 -34.88 -19.20 -28.68
C ARG B 997 -34.24 -19.68 -27.39
N HIS B 998 -35.04 -19.97 -26.37
CA HIS B 998 -34.52 -20.36 -25.06
C HIS B 998 -34.60 -21.87 -24.83
N GLY B 999 -35.79 -22.44 -24.92
CA GLY B 999 -35.94 -23.86 -24.65
C GLY B 999 -37.37 -24.30 -24.82
N GLU B 1000 -37.69 -25.46 -24.25
CA GLU B 1000 -39.04 -26.02 -24.35
C GLU B 1000 -39.76 -26.03 -23.01
N GLU B 1001 -39.25 -25.36 -21.99
CA GLU B 1001 -39.96 -25.14 -20.74
C GLU B 1001 -40.59 -23.75 -20.69
N VAL B 1002 -41.02 -23.25 -21.85
CA VAL B 1002 -41.67 -21.95 -21.94
C VAL B 1002 -43.15 -22.13 -21.67
N THR B 1003 -43.63 -21.47 -20.63
CA THR B 1003 -44.97 -21.57 -20.08
C THR B 1003 -45.75 -20.30 -20.40
N PRO B 1004 -47.09 -20.33 -20.29
CA PRO B 1004 -47.88 -19.08 -20.42
C PRO B 1004 -47.46 -17.94 -19.51
N GLU B 1005 -46.93 -18.23 -18.32
CA GLU B 1005 -46.37 -17.19 -17.47
C GLU B 1005 -45.21 -16.49 -18.14
N ASP B 1006 -44.40 -17.24 -18.89
CA ASP B 1006 -43.26 -16.64 -19.60
C ASP B 1006 -43.72 -15.79 -20.78
N VAL B 1007 -44.76 -16.21 -21.51
CA VAL B 1007 -45.19 -15.39 -22.63
C VAL B 1007 -45.96 -14.16 -22.16
N LEU B 1008 -46.56 -14.20 -20.96
CA LEU B 1008 -47.10 -12.98 -20.39
C LEU B 1008 -46.00 -12.05 -19.90
N SER B 1009 -44.90 -12.63 -19.37
CA SER B 1009 -43.74 -11.83 -19.00
C SER B 1009 -43.11 -11.16 -20.21
N ALA B 1010 -43.13 -11.84 -21.35
CA ALA B 1010 -42.56 -11.28 -22.57
C ALA B 1010 -43.52 -10.34 -23.30
N ALA B 1011 -44.83 -10.51 -23.13
CA ALA B 1011 -45.77 -9.54 -23.64
C ALA B 1011 -45.70 -8.24 -22.86
N MET B 1012 -45.57 -8.33 -21.53
CA MET B 1012 -45.44 -7.12 -20.71
C MET B 1012 -44.09 -6.46 -20.91
N TYR B 1013 -43.02 -7.26 -20.96
CA TYR B 1013 -41.66 -6.76 -21.12
C TYR B 1013 -40.92 -7.69 -22.06
N PRO B 1014 -40.80 -7.35 -23.35
CA PRO B 1014 -40.02 -8.19 -24.27
C PRO B 1014 -38.52 -8.23 -24.01
N ASP B 1015 -37.90 -7.04 -23.96
CA ASP B 1015 -36.45 -6.98 -23.87
C ASP B 1015 -35.94 -7.35 -22.48
N VAL B 1016 -36.72 -7.05 -21.44
CA VAL B 1016 -36.33 -7.41 -20.09
C VAL B 1016 -36.41 -8.92 -19.90
N PHE B 1017 -37.42 -9.57 -20.46
CA PHE B 1017 -37.50 -11.02 -20.41
C PHE B 1017 -36.41 -11.67 -21.26
N ALA B 1018 -36.03 -11.04 -22.38
CA ALA B 1018 -34.95 -11.59 -23.20
C ALA B 1018 -33.60 -11.53 -22.47
N HIS B 1019 -33.28 -10.36 -21.90
CA HIS B 1019 -32.03 -10.24 -21.15
C HIS B 1019 -32.03 -11.07 -19.87
N PHE B 1020 -33.20 -11.22 -19.24
CA PHE B 1020 -33.34 -12.08 -18.07
C PHE B 1020 -33.12 -13.54 -18.43
N LYS B 1021 -33.63 -13.98 -19.58
CA LYS B 1021 -33.43 -15.35 -19.99
C LYS B 1021 -31.99 -15.63 -20.39
N ASP B 1022 -31.32 -14.66 -21.00
CA ASP B 1022 -29.89 -14.81 -21.29
C ASP B 1022 -29.06 -14.88 -20.01
N PHE B 1023 -29.38 -14.04 -19.03
CA PHE B 1023 -28.66 -14.06 -17.75
C PHE B 1023 -28.87 -15.36 -17.00
N THR B 1024 -30.11 -15.85 -16.93
CA THR B 1024 -30.36 -17.12 -16.27
C THR B 1024 -29.90 -18.31 -17.09
N ALA B 1025 -29.62 -18.13 -18.38
CA ALA B 1025 -28.91 -19.17 -19.12
C ALA B 1025 -27.43 -19.18 -18.76
N THR B 1026 -26.85 -18.01 -18.53
CA THR B 1026 -25.42 -17.93 -18.22
C THR B 1026 -25.13 -18.38 -16.79
N PHE B 1027 -25.88 -17.88 -15.81
CA PHE B 1027 -25.56 -18.11 -14.40
C PHE B 1027 -26.56 -18.99 -13.67
N GLY B 1028 -27.68 -19.35 -14.27
CA GLY B 1028 -28.59 -20.28 -13.66
C GLY B 1028 -29.45 -19.70 -12.55
N PRO B 1029 -30.07 -20.58 -11.77
CA PRO B 1029 -31.03 -20.13 -10.74
C PRO B 1029 -30.39 -19.52 -9.51
N LEU B 1030 -30.16 -18.21 -9.56
CA LEU B 1030 -29.65 -17.45 -8.42
C LEU B 1030 -30.73 -17.06 -7.41
N ASP B 1031 -31.88 -17.72 -7.43
CA ASP B 1031 -32.97 -17.40 -6.50
C ASP B 1031 -32.65 -17.90 -5.10
N SER B 1032 -32.05 -19.07 -4.98
CA SER B 1032 -31.87 -19.74 -3.70
C SER B 1032 -30.58 -19.33 -3.00
N LEU B 1033 -29.96 -18.24 -3.42
CA LEU B 1033 -28.85 -17.66 -2.70
C LEU B 1033 -29.36 -16.69 -1.64
N ASN B 1034 -28.58 -16.50 -0.58
CA ASN B 1034 -28.95 -15.48 0.37
C ASN B 1034 -28.49 -14.11 -0.13
N THR B 1035 -28.93 -13.07 0.56
CA THR B 1035 -28.80 -11.72 0.04
C THR B 1035 -27.37 -11.21 0.15
N ARG B 1036 -26.64 -11.61 1.19
CA ARG B 1036 -25.23 -11.25 1.31
C ARG B 1036 -24.40 -11.91 0.22
N LEU B 1037 -24.71 -13.18 -0.08
CA LEU B 1037 -24.06 -13.88 -1.18
C LEU B 1037 -24.43 -13.29 -2.53
N PHE B 1038 -25.70 -12.91 -2.71
CA PHE B 1038 -26.14 -12.38 -4.00
C PHE B 1038 -25.54 -11.01 -4.29
N LEU B 1039 -25.51 -10.14 -3.29
CA LEU B 1039 -25.09 -8.77 -3.52
C LEU B 1039 -23.61 -8.53 -3.27
N GLN B 1040 -22.94 -9.44 -2.55
CA GLN B 1040 -21.57 -9.21 -2.14
C GLN B 1040 -20.61 -10.33 -2.51
N GLY B 1041 -21.09 -11.54 -2.74
CA GLY B 1041 -20.24 -12.68 -2.92
C GLY B 1041 -19.74 -13.19 -1.59
N PRO B 1042 -18.85 -14.19 -1.60
CA PRO B 1042 -18.27 -14.67 -0.36
C PRO B 1042 -16.96 -13.97 -0.01
N LYS B 1043 -16.47 -14.29 1.18
CA LYS B 1043 -15.16 -13.86 1.65
C LYS B 1043 -14.20 -15.04 1.63
N ILE B 1044 -12.93 -14.73 1.88
CA ILE B 1044 -11.87 -15.74 1.80
C ILE B 1044 -11.88 -16.57 3.08
N ALA B 1045 -11.82 -17.90 2.90
CA ALA B 1045 -11.68 -18.90 3.97
C ALA B 1045 -12.86 -18.89 4.93
N GLU B 1046 -14.07 -18.75 4.36
CA GLU B 1046 -15.31 -18.81 5.13
C GLU B 1046 -16.24 -19.78 4.41
N GLU B 1047 -16.39 -20.98 4.95
CA GLU B 1047 -17.17 -22.03 4.30
C GLU B 1047 -18.65 -21.70 4.37
N PHE B 1048 -19.27 -21.50 3.20
CA PHE B 1048 -20.68 -21.19 3.13
C PHE B 1048 -21.44 -22.35 2.47
N GLU B 1049 -22.70 -22.49 2.87
CA GLU B 1049 -23.56 -23.58 2.42
C GLU B 1049 -24.61 -23.04 1.46
N VAL B 1050 -24.67 -23.64 0.26
CA VAL B 1050 -25.70 -23.33 -0.72
C VAL B 1050 -26.42 -24.61 -1.07
N GLU B 1051 -27.74 -24.62 -0.90
CA GLU B 1051 -28.57 -25.74 -1.35
C GLU B 1051 -29.46 -25.18 -2.46
N LEU B 1052 -29.09 -25.49 -3.70
CA LEU B 1052 -29.81 -24.97 -4.87
C LEU B 1052 -31.22 -25.55 -4.96
N GLU B 1053 -31.33 -26.86 -4.92
CA GLU B 1053 -32.61 -27.54 -5.13
C GLU B 1053 -32.76 -28.60 -4.05
N ARG B 1054 -33.72 -29.51 -4.23
CA ARG B 1054 -34.02 -30.53 -3.24
C ARG B 1054 -32.92 -31.59 -3.17
N GLY B 1055 -32.26 -31.69 -2.03
CA GLY B 1055 -31.24 -32.70 -1.81
C GLY B 1055 -29.84 -32.27 -2.22
N LYS B 1056 -29.73 -31.48 -3.28
CA LYS B 1056 -28.44 -31.08 -3.84
C LYS B 1056 -27.85 -29.98 -2.98
N THR B 1057 -26.92 -30.35 -2.09
CA THR B 1057 -26.28 -29.43 -1.17
C THR B 1057 -24.82 -29.23 -1.55
N LEU B 1058 -24.30 -28.04 -1.26
CA LEU B 1058 -22.95 -27.65 -1.67
C LEU B 1058 -22.28 -26.90 -0.53
N HIS B 1059 -21.16 -27.41 -0.05
CA HIS B 1059 -20.32 -26.73 0.93
C HIS B 1059 -19.15 -26.11 0.18
N ILE B 1060 -19.15 -24.79 0.02
CA ILE B 1060 -18.20 -24.11 -0.85
C ILE B 1060 -17.32 -23.21 0.00
N LYS B 1061 -16.01 -23.30 -0.22
CA LYS B 1061 -15.03 -22.36 0.31
C LYS B 1061 -14.45 -21.57 -0.84
N ALA B 1062 -13.96 -20.36 -0.54
CA ALA B 1062 -13.27 -19.52 -1.51
C ALA B 1062 -11.87 -19.25 -0.98
N LEU B 1063 -10.86 -19.78 -1.66
CA LEU B 1063 -9.50 -19.82 -1.12
C LEU B 1063 -8.63 -18.66 -1.56
N ALA B 1064 -8.62 -18.35 -2.86
CA ALA B 1064 -7.73 -17.30 -3.36
C ALA B 1064 -8.28 -16.71 -4.64
N VAL B 1065 -7.77 -15.52 -4.97
CA VAL B 1065 -8.00 -14.85 -6.25
C VAL B 1065 -6.64 -14.41 -6.78
N SER B 1066 -6.31 -14.78 -8.01
CA SER B 1066 -5.02 -14.47 -8.60
C SER B 1066 -4.99 -13.05 -9.13
N ASP B 1067 -3.97 -12.73 -9.92
CA ASP B 1067 -3.90 -11.47 -10.63
C ASP B 1067 -4.31 -11.69 -12.09
N LEU B 1068 -4.19 -10.65 -12.90
CA LEU B 1068 -4.76 -10.67 -14.24
C LEU B 1068 -3.87 -11.43 -15.22
N ASN B 1069 -4.51 -11.99 -16.23
CA ASN B 1069 -3.85 -12.77 -17.27
C ASN B 1069 -3.47 -11.87 -18.43
N ARG B 1070 -3.14 -12.48 -19.58
CA ARG B 1070 -2.87 -11.71 -20.79
C ARG B 1070 -4.12 -11.01 -21.29
N ALA B 1071 -5.26 -11.70 -21.28
CA ALA B 1071 -6.52 -11.15 -21.77
C ALA B 1071 -7.26 -10.33 -20.72
N GLY B 1072 -6.61 -9.96 -19.62
CA GLY B 1072 -7.28 -9.18 -18.59
C GLY B 1072 -8.20 -9.96 -17.69
N GLN B 1073 -8.04 -11.27 -17.59
CA GLN B 1073 -8.93 -12.12 -16.81
C GLN B 1073 -8.24 -12.57 -15.52
N ARG B 1074 -9.01 -12.62 -14.45
CA ARG B 1074 -8.53 -13.14 -13.19
C ARG B 1074 -9.01 -14.57 -12.97
N GLN B 1075 -8.38 -15.25 -12.03
CA GLN B 1075 -8.71 -16.61 -11.67
C GLN B 1075 -9.08 -16.67 -10.20
N VAL B 1076 -10.16 -17.38 -9.91
CA VAL B 1076 -10.67 -17.57 -8.56
C VAL B 1076 -10.56 -19.05 -8.24
N PHE B 1077 -10.16 -19.36 -7.02
CA PHE B 1077 -9.96 -20.73 -6.57
C PHE B 1077 -11.00 -21.04 -5.51
N PHE B 1078 -11.78 -22.10 -5.74
CA PHE B 1078 -12.83 -22.52 -4.83
C PHE B 1078 -12.52 -23.93 -4.35
N GLU B 1079 -13.13 -24.26 -3.22
CA GLU B 1079 -13.19 -25.63 -2.73
C GLU B 1079 -14.67 -26.01 -2.77
N LEU B 1080 -15.07 -26.69 -3.83
CA LEU B 1080 -16.45 -27.13 -4.02
C LEU B 1080 -16.55 -28.58 -3.58
N ASN B 1081 -17.40 -28.83 -2.57
CA ASN B 1081 -17.64 -30.15 -1.98
C ASN B 1081 -16.39 -30.83 -1.47
N GLY B 1082 -15.34 -30.08 -1.16
CA GLY B 1082 -14.08 -30.64 -0.71
C GLY B 1082 -13.01 -30.77 -1.77
N GLN B 1083 -13.30 -30.47 -3.04
CA GLN B 1083 -12.28 -30.58 -4.08
C GLN B 1083 -12.07 -29.22 -4.76
N LEU B 1084 -10.85 -29.00 -5.23
CA LEU B 1084 -10.44 -27.68 -5.71
C LEU B 1084 -10.93 -27.45 -7.14
N ARG B 1085 -11.57 -26.29 -7.35
CA ARG B 1085 -12.11 -25.89 -8.64
C ARG B 1085 -11.61 -24.49 -8.98
N SER B 1086 -11.62 -24.17 -10.27
CA SER B 1086 -11.04 -22.93 -10.77
C SER B 1086 -12.02 -22.22 -11.69
N ILE B 1087 -12.13 -20.91 -11.52
CA ILE B 1087 -13.07 -20.07 -12.24
C ILE B 1087 -12.28 -18.95 -12.90
N LEU B 1088 -12.53 -18.70 -14.19
CA LEU B 1088 -11.81 -17.68 -14.95
C LEU B 1088 -12.81 -16.58 -15.32
N VAL B 1089 -12.66 -15.40 -14.71
CA VAL B 1089 -13.61 -14.31 -14.90
C VAL B 1089 -12.93 -13.11 -15.54
N LYS B 1090 -13.60 -12.51 -16.53
CA LYS B 1090 -13.11 -11.33 -17.20
C LYS B 1090 -13.26 -10.11 -16.31
N ASP B 1091 -12.15 -9.46 -15.99
CA ASP B 1091 -12.22 -8.16 -15.34
C ASP B 1091 -12.67 -7.11 -16.35
N THR B 1092 -13.27 -6.03 -15.86
CA THR B 1092 -13.98 -5.09 -16.72
C THR B 1092 -13.34 -3.70 -16.78
N GLN B 1093 -12.18 -3.49 -16.18
CA GLN B 1093 -11.58 -2.16 -16.18
C GLN B 1093 -10.19 -2.09 -16.80
N ALA B 1094 -9.46 -3.21 -16.88
CA ALA B 1094 -8.06 -3.17 -17.30
C ALA B 1094 -7.94 -3.43 -18.80
N MET B 1095 -8.49 -2.49 -19.56
CA MET B 1095 -8.33 -2.46 -21.01
C MET B 1095 -8.53 -1.02 -21.48
N LYS B 1096 -8.37 -0.84 -22.80
CA LYS B 1096 -8.56 0.44 -23.51
C LYS B 1096 -7.58 1.50 -22.98
N GLU B 1097 -6.29 1.11 -22.89
CA GLU B 1097 -5.20 2.04 -22.54
C GLU B 1097 -4.01 1.78 -23.47
N MET B 1098 -4.03 2.39 -24.67
CA MET B 1098 -2.91 2.38 -25.59
C MET B 1098 -3.11 3.44 -26.67
N HIS B 1099 -2.04 4.19 -26.94
CA HIS B 1099 -1.90 5.14 -28.05
C HIS B 1099 -0.46 5.60 -28.11
N PHE B 1100 0.11 5.66 -29.33
CA PHE B 1100 1.42 6.25 -29.55
C PHE B 1100 1.56 6.59 -31.04
N HIS B 1101 2.73 7.08 -31.42
CA HIS B 1101 3.02 7.48 -32.79
C HIS B 1101 3.10 6.25 -33.70
N PRO B 1102 2.65 6.34 -34.94
CA PRO B 1102 2.77 5.22 -35.87
C PRO B 1102 4.18 5.07 -36.40
N LYS B 1103 4.42 3.94 -37.05
CA LYS B 1103 5.74 3.56 -37.51
C LYS B 1103 6.08 4.25 -38.83
N ALA B 1104 7.22 3.87 -39.41
CA ALA B 1104 7.59 4.21 -40.78
C ALA B 1104 7.78 2.88 -41.51
N LEU B 1105 6.86 2.57 -42.42
CA LEU B 1105 6.80 1.24 -43.00
C LEU B 1105 7.89 1.08 -44.06
N LYS B 1106 8.63 -0.03 -43.98
CA LYS B 1106 9.89 -0.16 -44.71
C LYS B 1106 9.69 -0.51 -46.18
N ASP B 1107 8.53 -1.04 -46.56
CA ASP B 1107 8.32 -1.54 -47.91
C ASP B 1107 8.32 -0.45 -48.98
N VAL B 1108 7.99 0.78 -48.60
CA VAL B 1108 7.97 1.92 -49.51
C VAL B 1108 9.20 2.77 -49.25
N LYS B 1109 9.96 3.06 -50.30
CA LYS B 1109 11.13 3.92 -50.18
C LYS B 1109 10.77 5.38 -49.97
N GLY B 1110 9.51 5.76 -50.21
CA GLY B 1110 9.05 7.11 -49.94
C GLY B 1110 8.44 7.27 -48.56
N GLN B 1111 8.94 6.50 -47.60
CA GLN B 1111 8.47 6.52 -46.22
C GLN B 1111 9.69 6.83 -45.35
N ILE B 1112 10.04 8.11 -45.24
CA ILE B 1112 11.30 8.49 -44.60
C ILE B 1112 11.07 8.57 -43.09
N GLY B 1113 11.78 7.72 -42.35
CA GLY B 1113 11.66 7.65 -40.91
C GLY B 1113 12.98 7.90 -40.21
N ALA B 1114 12.91 7.90 -38.88
CA ALA B 1114 14.07 8.22 -38.05
C ALA B 1114 15.01 7.02 -37.96
N PRO B 1115 16.27 7.15 -38.40
CA PRO B 1115 17.21 6.03 -38.23
C PRO B 1115 17.70 5.87 -36.80
N MET B 1116 17.55 6.89 -35.97
CA MET B 1116 17.96 6.85 -34.57
C MET B 1116 17.05 7.80 -33.80
N PRO B 1117 16.77 7.51 -32.53
CA PRO B 1117 15.91 8.40 -31.74
C PRO B 1117 16.59 9.72 -31.43
N GLY B 1118 15.82 10.61 -30.82
CA GLY B 1118 16.35 11.88 -30.40
C GLY B 1118 15.29 12.96 -30.48
N LYS B 1119 15.69 14.10 -31.01
CA LYS B 1119 14.83 15.28 -31.05
C LYS B 1119 15.02 16.00 -32.37
N VAL B 1120 13.90 16.34 -33.02
CA VAL B 1120 13.94 17.16 -34.22
C VAL B 1120 14.33 18.57 -33.83
N ILE B 1121 15.45 19.06 -34.38
CA ILE B 1121 15.90 20.41 -34.06
C ILE B 1121 15.71 21.38 -35.22
N ASP B 1122 15.68 20.91 -36.46
CA ASP B 1122 15.45 21.78 -37.61
C ASP B 1122 14.99 20.94 -38.79
N ILE B 1123 14.00 21.46 -39.52
CA ILE B 1123 13.51 20.87 -40.77
C ILE B 1123 13.90 21.83 -41.89
N LYS B 1124 14.49 21.30 -42.95
CA LYS B 1124 14.97 22.11 -44.06
C LYS B 1124 14.09 22.05 -45.30
N VAL B 1125 12.91 21.46 -45.20
CA VAL B 1125 12.04 21.28 -46.36
C VAL B 1125 10.77 22.11 -46.16
N VAL B 1126 10.19 22.52 -47.29
CA VAL B 1126 8.88 23.16 -47.33
C VAL B 1126 7.88 22.09 -47.76
N ALA B 1127 6.80 21.94 -46.99
CA ALA B 1127 5.80 20.91 -47.26
C ALA B 1127 5.01 21.28 -48.52
N GLY B 1128 5.31 20.59 -49.62
CA GLY B 1128 4.63 20.85 -50.87
C GLY B 1128 5.55 20.77 -52.08
N ALA B 1129 6.82 21.10 -51.90
CA ALA B 1129 7.80 21.02 -52.98
C ALA B 1129 8.37 19.61 -53.06
N LYS B 1130 9.23 19.38 -54.04
CA LYS B 1130 9.89 18.09 -54.22
C LYS B 1130 11.40 18.29 -54.11
N VAL B 1131 12.10 17.24 -53.67
CA VAL B 1131 13.53 17.31 -53.41
C VAL B 1131 14.25 16.21 -54.18
N ALA B 1132 15.56 16.36 -54.30
CA ALA B 1132 16.43 15.37 -54.91
C ALA B 1132 17.08 14.51 -53.83
N LYS B 1133 17.62 13.37 -54.26
CA LYS B 1133 18.26 12.45 -53.32
C LYS B 1133 19.63 13.00 -52.92
N GLY B 1134 19.95 12.88 -51.64
CA GLY B 1134 21.17 13.40 -51.07
C GLY B 1134 21.05 14.76 -50.43
N GLN B 1135 19.95 15.48 -50.68
CA GLN B 1135 19.77 16.80 -50.10
C GLN B 1135 19.28 16.67 -48.65
N PRO B 1136 19.68 17.59 -47.77
CA PRO B 1136 19.25 17.51 -46.38
C PRO B 1136 17.77 17.88 -46.22
N LEU B 1137 17.09 17.12 -45.37
CA LEU B 1137 15.68 17.36 -45.07
C LEU B 1137 15.46 17.77 -43.63
N CYS B 1138 15.89 16.93 -42.68
CA CYS B 1138 15.72 17.20 -41.26
C CYS B 1138 17.00 16.81 -40.54
N VAL B 1139 17.26 17.47 -39.41
CA VAL B 1139 18.42 17.14 -38.59
C VAL B 1139 17.95 16.73 -37.20
N LEU B 1140 18.51 15.65 -36.67
CA LEU B 1140 18.11 15.16 -35.35
C LEU B 1140 19.28 15.04 -34.39
N SER B 1141 19.00 15.26 -33.11
CA SER B 1141 20.04 15.18 -32.10
C SER B 1141 19.67 14.27 -30.94
N ALA B 1142 20.68 13.53 -30.46
CA ALA B 1142 20.56 12.62 -29.33
C ALA B 1142 21.73 12.87 -28.40
N MET B 1143 21.96 11.95 -27.47
CA MET B 1143 23.03 12.10 -26.48
C MET B 1143 24.40 12.06 -27.16
N LYS B 1144 24.99 13.25 -27.34
CA LYS B 1144 26.29 13.46 -27.97
C LYS B 1144 26.35 12.91 -29.39
N MET B 1145 25.25 13.05 -30.12
CA MET B 1145 25.16 12.52 -31.47
C MET B 1145 24.16 13.34 -32.27
N GLU B 1146 24.52 13.70 -33.50
CA GLU B 1146 23.64 14.48 -34.36
C GLU B 1146 23.69 13.95 -35.79
N THR B 1147 22.53 13.68 -36.36
CA THR B 1147 22.47 13.15 -37.71
C THR B 1147 21.60 13.96 -38.66
N VAL B 1148 22.00 14.01 -39.92
CA VAL B 1148 21.29 14.71 -40.97
C VAL B 1148 20.58 13.68 -41.82
N VAL B 1149 19.29 13.89 -42.07
CA VAL B 1149 18.49 12.94 -42.84
C VAL B 1149 18.60 13.29 -44.31
N THR B 1150 18.94 12.29 -45.11
CA THR B 1150 18.99 12.43 -46.57
C THR B 1150 17.87 11.63 -47.20
N SER B 1151 17.45 12.06 -48.38
CA SER B 1151 16.38 11.30 -49.00
C SER B 1151 16.96 10.23 -49.93
N PRO B 1152 16.35 9.04 -49.99
CA PRO B 1152 16.89 7.96 -50.84
C PRO B 1152 16.61 8.16 -52.32
N MET B 1153 15.47 8.77 -52.65
CA MET B 1153 15.14 9.07 -54.04
C MET B 1153 14.24 10.29 -54.07
N GLU B 1154 13.80 10.66 -55.28
CA GLU B 1154 13.02 11.86 -55.49
C GLU B 1154 11.54 11.59 -55.18
N GLY B 1155 10.70 12.58 -55.42
CA GLY B 1155 9.30 12.53 -55.05
C GLY B 1155 8.86 13.82 -54.38
N THR B 1156 7.55 13.98 -54.32
CA THR B 1156 6.92 15.19 -53.81
C THR B 1156 6.67 15.03 -52.31
N VAL B 1157 7.13 16.00 -51.53
CA VAL B 1157 6.87 16.02 -50.09
C VAL B 1157 5.40 16.30 -49.86
N ARG B 1158 4.67 15.27 -49.39
CA ARG B 1158 3.24 15.41 -49.16
C ARG B 1158 2.95 16.21 -47.91
N LYS B 1159 3.54 15.81 -46.78
CA LYS B 1159 3.31 16.48 -45.50
C LYS B 1159 4.50 16.22 -44.59
N VAL B 1160 4.82 17.20 -43.77
CA VAL B 1160 5.84 17.07 -42.73
C VAL B 1160 5.14 16.49 -41.51
N HIS B 1161 5.35 15.19 -41.26
CA HIS B 1161 4.60 14.47 -40.23
C HIS B 1161 5.03 14.84 -38.81
N VAL B 1162 6.24 15.35 -38.63
CA VAL B 1162 6.76 15.66 -37.30
C VAL B 1162 6.74 17.16 -37.09
N THR B 1163 6.50 17.57 -35.85
CA THR B 1163 6.52 18.98 -35.49
C THR B 1163 7.91 19.37 -34.99
N LYS B 1164 8.01 20.57 -34.44
CA LYS B 1164 9.27 21.05 -33.89
C LYS B 1164 9.46 20.49 -32.48
N ASP B 1165 10.67 19.94 -32.23
CA ASP B 1165 11.12 19.48 -30.91
C ASP B 1165 10.22 18.37 -30.36
N MET B 1166 9.77 17.48 -31.24
CA MET B 1166 9.02 16.30 -30.83
C MET B 1166 10.00 15.16 -30.58
N THR B 1167 10.14 14.76 -29.33
CA THR B 1167 11.06 13.70 -28.96
C THR B 1167 10.51 12.35 -29.41
N LEU B 1168 10.91 11.91 -30.60
CA LEU B 1168 10.39 10.68 -31.20
C LEU B 1168 11.39 9.54 -31.05
N GLU B 1169 10.91 8.34 -31.33
CA GLU B 1169 11.71 7.13 -31.17
C GLU B 1169 12.46 6.84 -32.46
N GLY B 1170 13.04 5.64 -32.55
CA GLY B 1170 13.66 5.19 -33.77
C GLY B 1170 12.67 4.41 -34.63
N ASP B 1171 12.92 4.43 -35.94
CA ASP B 1171 12.03 3.89 -36.97
C ASP B 1171 10.63 4.49 -36.88
N ASP B 1172 10.57 5.80 -36.62
CA ASP B 1172 9.33 6.54 -36.56
C ASP B 1172 9.31 7.56 -37.69
N LEU B 1173 8.15 7.74 -38.30
CA LEU B 1173 8.03 8.43 -39.58
C LEU B 1173 8.20 9.93 -39.39
N ILE B 1174 9.06 10.54 -40.21
CA ILE B 1174 9.20 11.98 -40.26
C ILE B 1174 8.64 12.58 -41.55
N LEU B 1175 8.75 11.88 -42.68
CA LEU B 1175 8.30 12.45 -43.95
C LEU B 1175 7.58 11.40 -44.78
N GLU B 1176 6.43 11.82 -45.32
CA GLU B 1176 5.73 11.08 -46.35
C GLU B 1176 6.16 11.62 -47.70
N ILE B 1177 6.65 10.74 -48.57
CA ILE B 1177 7.14 11.14 -49.88
C ILE B 1177 7.10 9.97 -50.85
N ASN C 495 4.66 -39.67 -6.05
CA ASN C 495 4.98 -38.77 -4.95
C ASN C 495 6.34 -38.10 -5.17
N ARG C 496 6.64 -37.76 -6.42
CA ARG C 496 7.90 -37.11 -6.77
C ARG C 496 7.72 -35.63 -7.10
N ALA C 497 6.68 -35.29 -7.87
CA ALA C 497 6.45 -33.88 -8.17
C ALA C 497 5.87 -33.13 -6.98
N GLN C 498 5.32 -33.87 -6.00
CA GLN C 498 4.71 -33.23 -4.85
C GLN C 498 5.76 -32.64 -3.91
N LYS C 499 6.87 -33.36 -3.70
CA LYS C 499 7.97 -32.84 -2.90
C LYS C 499 8.62 -31.63 -3.57
N LEU C 500 8.74 -31.67 -4.90
CA LEU C 500 9.30 -30.56 -5.64
C LEU C 500 8.40 -29.33 -5.54
N LEU C 501 7.09 -29.51 -5.68
CA LEU C 501 6.16 -28.41 -5.56
C LEU C 501 6.09 -27.89 -4.13
N HIS C 502 6.27 -28.77 -3.14
CA HIS C 502 6.38 -28.35 -1.75
C HIS C 502 7.60 -27.47 -1.54
N TYR C 503 8.74 -27.85 -2.12
CA TYR C 503 9.95 -27.02 -2.06
C TYR C 503 9.73 -25.67 -2.75
N LEU C 504 9.09 -25.69 -3.92
CA LEU C 504 8.90 -24.45 -4.68
C LEU C 504 7.95 -23.50 -3.97
N GLY C 505 6.89 -24.04 -3.37
CA GLY C 505 6.00 -23.20 -2.59
C GLY C 505 6.62 -22.72 -1.30
N HIS C 506 7.46 -23.55 -0.68
CA HIS C 506 8.16 -23.15 0.55
C HIS C 506 9.15 -22.04 0.27
N VAL C 507 9.83 -22.09 -0.88
CA VAL C 507 10.75 -21.04 -1.28
C VAL C 507 10.00 -19.77 -1.70
N MET C 508 8.82 -19.93 -2.32
CA MET C 508 8.01 -18.76 -2.69
C MET C 508 7.49 -18.03 -1.46
N VAL C 509 6.90 -18.76 -0.51
CA VAL C 509 6.27 -18.13 0.63
C VAL C 509 7.30 -17.70 1.66
N ASN C 510 8.21 -18.60 2.03
CA ASN C 510 9.09 -18.36 3.18
C ASN C 510 10.46 -17.81 2.79
N GLY C 511 10.83 -17.85 1.52
CA GLY C 511 12.17 -17.50 1.12
C GLY C 511 13.04 -18.74 1.06
N PRO C 512 14.25 -18.60 0.52
CA PRO C 512 15.12 -19.78 0.37
C PRO C 512 15.67 -20.25 1.70
N THR C 513 15.81 -21.57 1.83
CA THR C 513 16.35 -22.17 3.03
C THR C 513 17.86 -22.00 3.15
N THR C 514 18.51 -21.54 2.09
CA THR C 514 19.91 -21.16 2.17
C THR C 514 20.05 -19.84 2.91
N PRO C 515 21.08 -19.70 3.75
CA PRO C 515 21.43 -18.37 4.25
C PRO C 515 21.94 -17.49 3.12
N ILE C 516 21.43 -16.27 3.04
CA ILE C 516 21.73 -15.36 1.92
C ILE C 516 22.48 -14.15 2.47
N PRO C 517 23.79 -14.03 2.20
CA PRO C 517 24.56 -12.93 2.80
C PRO C 517 24.31 -11.58 2.14
N VAL C 518 24.12 -11.57 0.82
CA VAL C 518 23.85 -10.36 0.07
C VAL C 518 22.44 -10.45 -0.48
N LYS C 519 21.57 -9.56 -0.03
CA LYS C 519 20.17 -9.59 -0.44
C LYS C 519 20.04 -9.11 -1.89
N ALA C 520 20.06 -10.07 -2.82
CA ALA C 520 19.92 -9.78 -4.23
C ALA C 520 19.32 -10.99 -4.93
N SER C 521 18.90 -10.79 -6.16
CA SER C 521 18.19 -11.80 -6.92
C SER C 521 19.06 -12.32 -8.06
N PRO C 522 18.84 -13.55 -8.52
CA PRO C 522 19.52 -14.01 -9.73
C PRO C 522 19.08 -13.23 -10.94
N SER C 523 20.00 -13.07 -11.88
CA SER C 523 19.74 -12.26 -13.07
C SER C 523 18.73 -12.95 -13.97
N PRO C 524 17.88 -12.17 -14.68
CA PRO C 524 16.98 -12.78 -15.67
C PRO C 524 17.68 -13.26 -16.92
N THR C 525 18.93 -12.86 -17.15
CA THR C 525 19.70 -13.32 -18.29
C THR C 525 20.16 -14.76 -18.06
N ASP C 526 20.04 -15.59 -19.11
CA ASP C 526 20.53 -16.95 -18.96
C ASP C 526 21.98 -17.05 -19.45
N PRO C 527 22.76 -17.98 -18.88
CA PRO C 527 24.10 -18.24 -19.41
C PRO C 527 24.04 -18.80 -20.83
N VAL C 528 24.88 -18.25 -21.69
CA VAL C 528 24.89 -18.61 -23.11
C VAL C 528 25.89 -19.76 -23.28
N VAL C 529 25.36 -20.96 -23.44
CA VAL C 529 26.18 -22.13 -23.77
C VAL C 529 26.54 -22.07 -25.24
N PRO C 530 27.81 -22.21 -25.62
CA PRO C 530 28.18 -22.13 -27.05
C PRO C 530 27.82 -23.39 -27.82
N ALA C 531 28.20 -23.43 -29.09
CA ALA C 531 27.95 -24.59 -29.92
C ALA C 531 29.06 -25.62 -29.74
N VAL C 532 28.65 -26.88 -29.63
CA VAL C 532 29.55 -27.99 -29.39
C VAL C 532 29.47 -28.94 -30.57
N PRO C 533 30.58 -29.33 -31.20
CA PRO C 533 30.53 -30.27 -32.31
C PRO C 533 30.11 -31.67 -31.84
N ILE C 534 29.17 -32.27 -32.55
CA ILE C 534 28.64 -33.57 -32.17
C ILE C 534 29.63 -34.66 -32.59
N GLY C 535 29.86 -35.61 -31.69
CA GLY C 535 30.83 -36.66 -31.93
C GLY C 535 31.69 -36.91 -30.70
N PRO C 536 32.68 -37.79 -30.82
CA PRO C 536 33.54 -38.08 -29.68
C PRO C 536 34.56 -36.96 -29.46
N PRO C 537 34.93 -36.68 -28.21
CA PRO C 537 35.88 -35.61 -27.93
C PRO C 537 37.29 -35.99 -28.35
N PRO C 538 38.25 -35.03 -28.39
CA PRO C 538 39.63 -35.39 -28.75
C PRO C 538 40.35 -36.23 -27.70
N ALA C 539 41.61 -36.56 -27.98
CA ALA C 539 42.43 -37.30 -27.04
C ALA C 539 43.22 -36.33 -26.17
N GLY C 540 43.31 -36.63 -24.89
CA GLY C 540 43.95 -35.77 -23.93
C GLY C 540 45.04 -36.47 -23.16
N PHE C 541 45.26 -35.99 -21.93
CA PHE C 541 46.28 -36.57 -21.07
C PHE C 541 45.77 -37.74 -20.26
N ARG C 542 44.45 -37.90 -20.13
CA ARG C 542 43.93 -39.07 -19.44
C ARG C 542 44.12 -40.33 -20.25
N ASP C 543 44.21 -40.21 -21.58
CA ASP C 543 44.50 -41.38 -22.41
C ASP C 543 45.91 -41.90 -22.16
N ILE C 544 46.90 -40.99 -22.07
CA ILE C 544 48.26 -41.44 -21.78
C ILE C 544 48.37 -41.85 -20.30
N LEU C 545 47.51 -41.31 -19.44
CA LEU C 545 47.48 -41.75 -18.04
C LEU C 545 47.00 -43.18 -17.94
N LEU C 546 45.84 -43.49 -18.52
CA LEU C 546 45.32 -44.85 -18.52
C LEU C 546 46.15 -45.80 -19.38
N ARG C 547 47.00 -45.29 -20.28
CA ARG C 547 47.83 -46.17 -21.08
C ARG C 547 49.18 -46.49 -20.43
N GLU C 548 49.77 -45.60 -19.64
CA GLU C 548 51.08 -45.92 -19.10
C GLU C 548 51.31 -45.53 -17.64
N GLY C 549 50.27 -45.26 -16.85
CA GLY C 549 50.46 -45.09 -15.42
C GLY C 549 50.94 -43.70 -15.01
N PRO C 550 51.05 -43.50 -13.70
CA PRO C 550 51.43 -42.17 -13.20
C PRO C 550 52.86 -41.78 -13.49
N GLU C 551 53.80 -42.72 -13.55
CA GLU C 551 55.18 -42.37 -13.86
C GLU C 551 55.34 -42.00 -15.35
N GLY C 552 54.58 -42.64 -16.22
CA GLY C 552 54.57 -42.23 -17.61
C GLY C 552 53.85 -40.91 -17.82
N PHE C 553 52.82 -40.65 -17.01
CA PHE C 553 52.16 -39.34 -17.03
C PHE C 553 53.11 -38.24 -16.57
N ALA C 554 53.92 -38.53 -15.54
CA ALA C 554 54.89 -37.56 -15.05
C ALA C 554 56.00 -37.32 -16.07
N ARG C 555 56.42 -38.37 -16.77
CA ARG C 555 57.41 -38.17 -17.82
C ARG C 555 56.83 -37.50 -19.06
N ALA C 556 55.52 -37.61 -19.28
CA ALA C 556 54.91 -36.91 -20.40
C ALA C 556 54.70 -35.43 -20.11
N VAL C 557 54.35 -35.10 -18.86
CA VAL C 557 54.21 -33.70 -18.51
C VAL C 557 55.59 -33.05 -18.33
N ARG C 558 56.61 -33.86 -18.01
CA ARG C 558 57.97 -33.34 -17.94
C ARG C 558 58.61 -33.14 -19.31
N ASN C 559 58.15 -33.87 -20.33
CA ASN C 559 58.71 -33.77 -21.67
C ASN C 559 57.73 -33.10 -22.63
N HIS C 560 57.03 -32.09 -22.15
CA HIS C 560 56.14 -31.30 -22.99
C HIS C 560 56.80 -29.95 -23.28
N PRO C 561 57.06 -29.61 -24.54
CA PRO C 561 57.65 -28.29 -24.86
C PRO C 561 56.60 -27.19 -24.81
N GLY C 562 56.66 -26.38 -23.77
CA GLY C 562 55.71 -25.31 -23.58
C GLY C 562 54.98 -25.41 -22.26
N LEU C 563 54.31 -24.32 -21.91
CA LEU C 563 53.59 -24.23 -20.65
C LEU C 563 52.29 -25.03 -20.72
N LEU C 564 52.01 -25.76 -19.66
CA LEU C 564 50.73 -26.45 -19.50
C LEU C 564 49.89 -25.73 -18.46
N LEU C 565 48.58 -25.75 -18.69
CA LEU C 565 47.63 -25.08 -17.82
C LEU C 565 46.72 -26.10 -17.14
N MET C 566 46.24 -25.74 -15.96
CA MET C 566 45.21 -26.49 -15.26
C MET C 566 44.06 -25.56 -14.96
N ASP C 567 42.85 -25.98 -15.30
CA ASP C 567 41.67 -25.17 -15.04
C ASP C 567 41.20 -25.36 -13.61
N THR C 568 40.96 -24.25 -12.91
CA THR C 568 40.45 -24.27 -11.54
C THR C 568 39.08 -23.63 -11.45
N THR C 569 38.36 -23.51 -12.56
CA THR C 569 37.09 -22.80 -12.55
C THR C 569 35.99 -23.59 -11.86
N PHE C 570 36.12 -24.92 -11.85
CA PHE C 570 35.06 -25.76 -11.30
C PHE C 570 35.15 -25.89 -9.79
N ARG C 571 36.33 -25.69 -9.19
CA ARG C 571 36.46 -25.76 -7.74
C ARG C 571 36.91 -24.44 -7.11
N ASP C 572 38.08 -23.93 -7.48
CA ASP C 572 38.72 -22.90 -6.66
C ASP C 572 38.24 -21.51 -6.99
N ALA C 573 37.74 -21.29 -8.21
CA ALA C 573 37.25 -19.98 -8.61
C ALA C 573 36.01 -19.58 -7.81
N HIS C 574 35.02 -20.48 -7.73
CA HIS C 574 33.80 -20.14 -7.01
C HIS C 574 33.92 -20.35 -5.51
N GLN C 575 34.92 -21.09 -5.05
CA GLN C 575 35.22 -21.08 -3.62
C GLN C 575 35.86 -19.77 -3.22
N SER C 576 36.70 -19.21 -4.10
CA SER C 576 37.31 -17.91 -3.81
C SER C 576 36.34 -16.76 -3.99
N LEU C 577 35.39 -16.87 -4.92
CA LEU C 577 34.58 -15.73 -5.32
C LEU C 577 33.13 -15.82 -4.89
N LEU C 578 32.53 -17.01 -4.86
CA LEU C 578 31.09 -17.15 -4.67
C LEU C 578 30.75 -18.02 -3.48
N ALA C 579 31.67 -18.16 -2.52
CA ALA C 579 31.50 -18.89 -1.26
C ALA C 579 31.15 -20.36 -1.49
N THR C 580 31.74 -20.93 -2.54
CA THR C 580 31.66 -22.33 -2.96
C THR C 580 30.22 -22.72 -3.35
N ARG C 581 29.39 -21.77 -3.76
CA ARG C 581 27.96 -22.02 -3.92
C ARG C 581 27.53 -22.40 -5.33
N VAL C 582 28.46 -22.55 -6.27
CA VAL C 582 28.08 -22.93 -7.63
C VAL C 582 27.64 -24.39 -7.65
N ARG C 583 26.51 -24.65 -8.31
CA ARG C 583 25.89 -25.96 -8.30
C ARG C 583 26.35 -26.80 -9.51
N THR C 584 25.96 -28.07 -9.49
CA THR C 584 26.32 -29.03 -10.51
C THR C 584 25.61 -28.78 -11.84
N HIS C 585 24.46 -28.09 -11.81
CA HIS C 585 23.70 -27.76 -13.01
C HIS C 585 24.51 -26.88 -13.96
N ASP C 586 25.08 -25.81 -13.42
CA ASP C 586 25.86 -24.87 -14.21
C ASP C 586 27.21 -25.42 -14.63
N LEU C 587 27.72 -26.43 -13.93
CA LEU C 587 28.94 -27.08 -14.37
C LEU C 587 28.67 -28.08 -15.48
N LYS C 588 27.53 -28.77 -15.38
CA LYS C 588 27.14 -29.76 -16.39
C LYS C 588 26.75 -29.09 -17.70
N LYS C 589 26.27 -27.85 -17.64
CA LYS C 589 25.93 -27.16 -18.88
C LYS C 589 27.14 -26.79 -19.73
N ILE C 590 28.34 -26.69 -19.15
CA ILE C 590 29.54 -26.33 -19.91
C ILE C 590 30.56 -27.46 -19.98
N ALA C 591 30.40 -28.53 -19.22
CA ALA C 591 31.31 -29.68 -19.31
C ALA C 591 31.51 -30.29 -20.70
N PRO C 592 30.52 -30.43 -21.60
CA PRO C 592 30.85 -30.94 -22.95
C PRO C 592 31.66 -29.97 -23.78
N TYR C 593 31.51 -28.66 -23.57
CA TYR C 593 32.32 -27.69 -24.30
C TYR C 593 33.79 -27.80 -23.89
N VAL C 594 34.04 -27.98 -22.59
CA VAL C 594 35.40 -28.19 -22.09
C VAL C 594 35.96 -29.49 -22.60
N ALA C 595 35.13 -30.53 -22.66
CA ALA C 595 35.58 -31.83 -23.15
C ALA C 595 35.93 -31.80 -24.63
N HIS C 596 35.22 -30.99 -25.41
CA HIS C 596 35.51 -30.91 -26.84
C HIS C 596 36.66 -29.96 -27.16
N ASN C 597 36.84 -28.89 -26.38
CA ASN C 597 37.67 -27.78 -26.82
C ASN C 597 38.93 -27.57 -26.00
N PHE C 598 39.00 -28.10 -24.78
CA PHE C 598 40.14 -27.92 -23.90
C PHE C 598 40.89 -29.22 -23.66
N SER C 599 41.10 -29.98 -24.73
CA SER C 599 41.70 -31.31 -24.63
C SER C 599 43.16 -31.27 -24.22
N LYS C 600 43.84 -30.13 -24.37
CA LYS C 600 45.25 -30.02 -24.07
C LYS C 600 45.52 -29.57 -22.65
N LEU C 601 44.53 -29.64 -21.77
CA LEU C 601 44.75 -29.28 -20.37
C LEU C 601 45.55 -30.37 -19.66
N PHE C 602 46.24 -29.96 -18.60
CA PHE C 602 46.91 -30.92 -17.73
C PHE C 602 45.89 -31.70 -16.90
N SER C 603 45.09 -30.99 -16.11
CA SER C 603 44.01 -31.58 -15.35
C SER C 603 42.95 -30.51 -15.14
N MET C 604 42.01 -30.79 -14.25
CA MET C 604 40.94 -29.84 -13.95
C MET C 604 40.48 -30.11 -12.53
N GLU C 605 40.72 -29.16 -11.64
CA GLU C 605 40.33 -29.30 -10.24
C GLU C 605 38.82 -29.07 -10.13
N ASN C 606 38.07 -30.13 -9.81
CA ASN C 606 36.62 -30.01 -9.72
C ASN C 606 36.04 -30.70 -8.49
N TRP C 607 36.87 -31.07 -7.51
CA TRP C 607 36.36 -31.74 -6.32
C TRP C 607 37.33 -31.49 -5.18
N GLY C 608 36.84 -31.64 -3.97
CA GLY C 608 37.68 -31.39 -2.81
C GLY C 608 37.55 -29.96 -2.32
N GLY C 609 38.39 -29.63 -1.34
CA GLY C 609 38.33 -28.32 -0.75
C GLY C 609 37.11 -28.15 0.13
N ALA C 610 36.42 -27.03 -0.03
CA ALA C 610 35.18 -26.76 0.68
C ALA C 610 33.94 -27.21 -0.09
N THR C 611 34.11 -27.90 -1.22
CA THR C 611 32.97 -28.31 -2.03
C THR C 611 32.17 -29.43 -1.38
N PHE C 612 32.82 -30.26 -0.57
CA PHE C 612 32.18 -31.37 0.13
C PHE C 612 31.16 -30.85 1.14
N ASP C 613 31.64 -30.03 2.08
CA ASP C 613 30.82 -29.49 3.17
C ASP C 613 29.72 -28.58 2.66
N VAL C 614 30.02 -27.76 1.65
CA VAL C 614 29.02 -26.83 1.14
C VAL C 614 28.01 -27.55 0.26
N ALA C 615 28.46 -28.56 -0.49
CA ALA C 615 27.56 -29.34 -1.34
C ALA C 615 26.55 -30.12 -0.51
N MET C 616 26.98 -30.63 0.66
CA MET C 616 25.98 -31.27 1.52
C MET C 616 25.18 -30.27 2.34
N ARG C 617 25.82 -29.18 2.80
CA ARG C 617 25.24 -28.35 3.85
C ARG C 617 24.31 -27.27 3.32
N PHE C 618 24.74 -26.49 2.33
CA PHE C 618 23.97 -25.37 1.83
C PHE C 618 23.30 -25.62 0.49
N LEU C 619 23.71 -26.64 -0.24
CA LEU C 619 23.23 -26.84 -1.58
C LEU C 619 22.41 -28.09 -1.76
N TYR C 620 22.41 -29.00 -0.77
CA TYR C 620 21.61 -30.23 -0.74
C TYR C 620 21.90 -31.11 -1.95
N GLU C 621 23.19 -31.38 -2.15
CA GLU C 621 23.68 -32.18 -3.26
C GLU C 621 24.60 -33.26 -2.72
N CYS C 622 24.72 -34.32 -3.44
CA CYS C 622 25.77 -35.24 -3.09
C CYS C 622 27.03 -34.90 -3.89
N PRO C 623 28.19 -34.81 -3.23
CA PRO C 623 29.42 -34.50 -3.99
C PRO C 623 29.86 -35.63 -4.90
N TRP C 624 29.60 -36.89 -4.51
CA TRP C 624 29.90 -38.03 -5.38
C TRP C 624 29.01 -38.02 -6.61
N ARG C 625 27.82 -37.45 -6.50
CA ARG C 625 26.93 -37.33 -7.65
C ARG C 625 27.48 -36.34 -8.66
N ARG C 626 28.00 -35.20 -8.19
CA ARG C 626 28.67 -34.24 -9.06
C ARG C 626 29.90 -34.85 -9.73
N LEU C 627 30.68 -35.60 -8.95
CA LEU C 627 31.88 -36.24 -9.48
C LEU C 627 31.56 -37.25 -10.58
N GLN C 628 30.53 -38.07 -10.36
CA GLN C 628 30.14 -39.06 -11.35
C GLN C 628 29.55 -38.42 -12.61
N GLU C 629 28.73 -37.37 -12.44
CA GLU C 629 28.13 -36.68 -13.59
C GLU C 629 29.19 -36.02 -14.46
N LEU C 630 30.11 -35.28 -13.85
CA LEU C 630 31.18 -34.66 -14.62
C LEU C 630 32.20 -35.68 -15.14
N ARG C 631 32.29 -36.86 -14.50
CA ARG C 631 33.17 -37.88 -15.05
C ARG C 631 32.55 -38.53 -16.30
N GLU C 632 31.23 -38.68 -16.34
CA GLU C 632 30.64 -39.06 -17.62
C GLU C 632 30.75 -37.96 -18.65
N LEU C 633 30.70 -36.69 -18.24
CA LEU C 633 30.63 -35.62 -19.25
C LEU C 633 31.99 -35.28 -19.84
N ILE C 634 33.06 -35.34 -19.05
CA ILE C 634 34.41 -35.03 -19.52
C ILE C 634 35.25 -36.28 -19.39
N PRO C 635 35.40 -37.07 -20.46
CA PRO C 635 36.20 -38.30 -20.38
C PRO C 635 37.66 -38.16 -20.77
N ASN C 636 38.06 -37.07 -21.42
CA ASN C 636 39.39 -36.97 -22.03
C ASN C 636 40.39 -36.16 -21.21
N ILE C 637 39.97 -35.55 -20.12
CA ILE C 637 40.83 -34.70 -19.30
C ILE C 637 40.94 -35.35 -17.93
N PRO C 638 42.14 -35.48 -17.37
CA PRO C 638 42.26 -36.01 -16.00
C PRO C 638 41.64 -35.08 -14.99
N PHE C 639 41.12 -35.68 -13.92
CA PHE C 639 40.49 -34.92 -12.85
C PHE C 639 41.50 -34.73 -11.72
N GLN C 640 41.29 -33.67 -10.93
CA GLN C 640 42.19 -33.36 -9.84
C GLN C 640 41.38 -32.98 -8.60
N MET C 641 41.76 -33.51 -7.44
CA MET C 641 41.11 -33.14 -6.20
C MET C 641 42.14 -32.61 -5.20
N LEU C 642 41.67 -31.76 -4.30
CA LEU C 642 42.48 -31.13 -3.28
C LEU C 642 42.23 -31.83 -1.95
N LEU C 643 43.18 -32.67 -1.53
CA LEU C 643 43.05 -33.49 -0.34
C LEU C 643 44.01 -32.97 0.73
N ARG C 644 43.50 -32.77 1.94
CA ARG C 644 44.37 -32.37 3.04
C ARG C 644 45.11 -33.59 3.58
N GLY C 645 46.06 -33.35 4.49
CA GLY C 645 46.86 -34.42 5.01
C GLY C 645 46.03 -35.50 5.64
N ALA C 646 46.02 -35.52 6.97
CA ALA C 646 45.20 -36.46 7.65
C ALA C 646 43.84 -35.81 7.84
N ASN C 647 43.58 -34.69 7.19
CA ASN C 647 42.30 -34.03 7.32
C ASN C 647 41.31 -34.36 6.25
N ALA C 648 41.66 -35.25 5.34
CA ALA C 648 40.78 -35.63 4.27
C ALA C 648 39.99 -34.46 3.66
N VAL C 649 38.73 -34.30 4.03
CA VAL C 649 37.93 -33.20 3.50
C VAL C 649 37.22 -32.57 4.66
N GLY C 650 37.78 -32.77 5.84
CA GLY C 650 37.27 -32.27 7.08
C GLY C 650 38.14 -31.16 7.65
N TYR C 651 38.04 -30.99 8.97
CA TYR C 651 38.70 -29.90 9.66
C TYR C 651 39.61 -30.34 10.80
N THR C 652 39.77 -31.64 11.03
CA THR C 652 40.62 -32.16 12.08
C THR C 652 41.27 -33.44 11.60
N ASN C 653 42.25 -33.93 12.36
CA ASN C 653 42.95 -35.14 11.98
C ASN C 653 42.07 -36.38 12.15
N TYR C 654 42.14 -37.27 11.19
CA TYR C 654 41.36 -38.50 11.15
C TYR C 654 42.27 -39.72 11.24
N PRO C 655 41.76 -40.85 11.73
CA PRO C 655 42.54 -42.09 11.70
C PRO C 655 42.82 -42.55 10.28
N ASP C 656 43.84 -43.42 10.16
CA ASP C 656 44.45 -43.71 8.86
C ASP C 656 43.52 -44.48 7.94
N ASN C 657 42.67 -45.35 8.51
CA ASN C 657 41.79 -46.18 7.70
C ASN C 657 40.74 -45.35 6.98
N VAL C 658 40.33 -44.23 7.58
CA VAL C 658 39.28 -43.41 6.99
C VAL C 658 39.82 -42.68 5.75
N VAL C 659 41.04 -42.14 5.85
CA VAL C 659 41.64 -41.44 4.71
C VAL C 659 42.05 -42.42 3.62
N PHE C 660 42.53 -43.61 3.99
CA PHE C 660 42.85 -44.64 3.00
C PHE C 660 41.61 -45.09 2.24
N LYS C 661 40.50 -45.32 2.96
CA LYS C 661 39.24 -45.68 2.33
C LYS C 661 38.71 -44.53 1.48
N PHE C 662 38.94 -43.29 1.93
CA PHE C 662 38.49 -42.10 1.19
C PHE C 662 39.17 -42.00 -0.16
N CYS C 663 40.50 -42.17 -0.17
CA CYS C 663 41.24 -42.15 -1.44
C CYS C 663 40.90 -43.35 -2.31
N GLU C 664 40.63 -44.52 -1.69
CA GLU C 664 40.20 -45.71 -2.42
C GLU C 664 38.90 -45.46 -3.20
N VAL C 665 37.89 -44.94 -2.50
CA VAL C 665 36.59 -44.70 -3.14
C VAL C 665 36.64 -43.53 -4.11
N ALA C 666 37.47 -42.51 -3.84
CA ALA C 666 37.56 -41.40 -4.77
C ALA C 666 38.28 -41.80 -6.06
N LYS C 667 39.30 -42.64 -5.95
CA LYS C 667 39.94 -43.19 -7.16
C LYS C 667 38.98 -44.12 -7.90
N GLU C 668 38.15 -44.86 -7.15
CA GLU C 668 37.12 -45.72 -7.76
C GLU C 668 36.11 -44.91 -8.54
N ASN C 669 35.77 -43.72 -8.06
CA ASN C 669 34.73 -42.91 -8.72
C ASN C 669 35.25 -42.19 -9.96
N GLY C 670 36.54 -41.89 -10.03
CA GLY C 670 37.06 -41.23 -11.22
C GLY C 670 38.16 -40.20 -11.00
N MET C 671 38.57 -39.99 -9.75
CA MET C 671 39.62 -39.03 -9.45
C MET C 671 40.98 -39.56 -9.89
N ASP C 672 41.76 -38.73 -10.57
CA ASP C 672 43.03 -39.12 -11.15
C ASP C 672 44.23 -38.55 -10.41
N VAL C 673 44.22 -37.25 -10.14
CA VAL C 673 45.35 -36.55 -9.53
C VAL C 673 44.91 -36.10 -8.13
N PHE C 674 45.77 -36.34 -7.15
CA PHE C 674 45.48 -35.99 -5.76
C PHE C 674 46.55 -35.01 -5.30
N ARG C 675 46.15 -33.77 -5.00
CA ARG C 675 47.08 -32.78 -4.46
C ARG C 675 46.98 -32.83 -2.95
N VAL C 676 48.06 -33.30 -2.31
CA VAL C 676 48.10 -33.51 -0.87
C VAL C 676 48.95 -32.42 -0.23
N PHE C 677 48.38 -31.74 0.75
CA PHE C 677 49.06 -30.68 1.47
C PHE C 677 48.69 -30.73 2.95
N ASP C 678 49.47 -30.03 3.76
CA ASP C 678 49.21 -29.94 5.20
C ASP C 678 49.34 -28.49 5.64
N SER C 679 48.64 -28.15 6.71
CA SER C 679 48.55 -26.78 7.17
C SER C 679 49.84 -26.27 7.79
N LEU C 680 50.38 -27.01 8.77
CA LEU C 680 51.55 -26.58 9.50
C LEU C 680 52.83 -27.06 8.86
N ASN C 681 52.73 -27.64 7.65
CA ASN C 681 53.81 -28.37 6.97
C ASN C 681 54.38 -29.45 7.86
N TYR C 682 53.50 -30.10 8.63
CA TYR C 682 53.88 -31.19 9.50
C TYR C 682 54.12 -32.44 8.66
N LEU C 683 55.36 -32.90 8.66
CA LEU C 683 55.83 -33.89 7.69
C LEU C 683 55.17 -35.28 7.77
N PRO C 684 54.91 -35.89 8.94
CA PRO C 684 54.26 -37.22 8.89
C PRO C 684 52.81 -37.21 8.42
N ASN C 685 52.06 -36.13 8.63
CA ASN C 685 50.73 -36.02 8.05
C ASN C 685 50.80 -35.94 6.52
N MET C 686 51.81 -35.21 6.00
CA MET C 686 52.03 -35.18 4.56
C MET C 686 52.38 -36.55 4.02
N LEU C 687 53.23 -37.30 4.74
CA LEU C 687 53.62 -38.63 4.28
C LEU C 687 52.45 -39.60 4.34
N LEU C 688 51.59 -39.45 5.35
CA LEU C 688 50.37 -40.25 5.45
C LEU C 688 49.42 -39.99 4.29
N GLY C 689 49.17 -38.70 4.00
CA GLY C 689 48.28 -38.36 2.90
C GLY C 689 48.84 -38.78 1.55
N MET C 690 50.15 -38.65 1.37
CA MET C 690 50.79 -39.10 0.14
C MET C 690 50.72 -40.61 0.00
N GLU C 691 50.87 -41.35 1.11
CA GLU C 691 50.77 -42.81 1.06
C GLU C 691 49.35 -43.26 0.76
N ALA C 692 48.36 -42.59 1.35
CA ALA C 692 46.96 -42.93 1.07
C ALA C 692 46.58 -42.60 -0.36
N ALA C 693 47.11 -41.49 -0.91
CA ALA C 693 46.82 -41.15 -2.29
C ALA C 693 47.56 -42.04 -3.28
N GLY C 694 48.78 -42.46 -2.94
CA GLY C 694 49.58 -43.27 -3.83
C GLY C 694 49.19 -44.74 -3.86
N SER C 695 48.79 -45.29 -2.71
CA SER C 695 48.39 -46.69 -2.68
C SER C 695 47.05 -46.93 -3.35
N ALA C 696 46.20 -45.91 -3.46
CA ALA C 696 44.95 -46.04 -4.19
C ALA C 696 45.18 -46.15 -5.70
N GLY C 697 46.33 -45.72 -6.20
CA GLY C 697 46.66 -45.82 -7.60
C GLY C 697 46.65 -44.52 -8.38
N GLY C 698 46.61 -43.38 -7.69
CA GLY C 698 46.53 -42.09 -8.36
C GLY C 698 47.85 -41.35 -8.41
N VAL C 699 47.87 -40.30 -9.22
CA VAL C 699 49.04 -39.43 -9.31
C VAL C 699 49.12 -38.58 -8.06
N VAL C 700 50.31 -38.46 -7.50
CA VAL C 700 50.54 -37.76 -6.24
C VAL C 700 51.17 -36.40 -6.56
N GLU C 701 50.54 -35.34 -6.08
CA GLU C 701 51.05 -33.99 -6.19
C GLU C 701 51.31 -33.50 -4.77
N ALA C 702 52.56 -33.51 -4.35
CA ALA C 702 52.89 -33.06 -3.01
C ALA C 702 52.99 -31.54 -3.01
N ALA C 703 52.07 -30.88 -2.31
CA ALA C 703 51.97 -29.43 -2.34
C ALA C 703 52.60 -28.86 -1.09
N ILE C 704 53.62 -28.03 -1.27
CA ILE C 704 54.24 -27.30 -0.18
C ILE C 704 53.51 -25.98 -0.03
N SER C 705 53.01 -25.72 1.18
CA SER C 705 52.35 -24.44 1.44
C SER C 705 53.39 -23.35 1.57
N TYR C 706 53.21 -22.28 0.82
CA TYR C 706 54.15 -21.16 0.81
C TYR C 706 53.59 -20.02 1.66
N THR C 707 54.48 -19.38 2.40
CA THR C 707 54.15 -18.19 3.16
C THR C 707 55.40 -17.34 3.33
N GLY C 708 55.20 -16.05 3.55
CA GLY C 708 56.31 -15.15 3.79
C GLY C 708 56.96 -14.69 2.50
N ASP C 709 58.29 -14.73 2.45
CA ASP C 709 59.03 -14.29 1.28
C ASP C 709 60.42 -14.90 1.34
N VAL C 710 60.77 -15.74 0.36
CA VAL C 710 62.11 -16.30 0.32
C VAL C 710 63.13 -15.30 -0.23
N ALA C 711 62.68 -14.27 -0.93
CA ALA C 711 63.59 -13.26 -1.46
C ALA C 711 63.91 -12.18 -0.43
N ASP C 712 63.19 -12.15 0.69
CA ASP C 712 63.43 -11.17 1.74
C ASP C 712 64.24 -11.84 2.84
N PRO C 713 65.51 -11.46 3.04
CA PRO C 713 66.32 -12.12 4.09
C PRO C 713 66.01 -11.65 5.50
N SER C 714 65.19 -10.62 5.67
CA SER C 714 64.84 -10.15 7.02
C SER C 714 63.97 -11.16 7.76
N ARG C 715 63.16 -11.92 7.04
CA ARG C 715 62.33 -12.97 7.61
C ARG C 715 63.05 -14.30 7.45
N THR C 716 63.28 -15.00 8.56
CA THR C 716 64.21 -16.10 8.61
C THR C 716 63.55 -17.40 9.07
N LYS C 717 62.27 -17.37 9.44
CA LYS C 717 61.59 -18.56 9.92
C LYS C 717 61.34 -19.55 8.78
N TYR C 718 60.62 -19.11 7.76
CA TYR C 718 60.40 -19.94 6.57
C TYR C 718 61.37 -19.47 5.49
N SER C 719 62.63 -19.88 5.65
CA SER C 719 63.69 -19.52 4.71
C SER C 719 63.60 -20.37 3.45
N LEU C 720 64.47 -20.06 2.48
CA LEU C 720 64.56 -20.85 1.26
C LEU C 720 65.09 -22.26 1.55
N GLN C 721 65.99 -22.39 2.52
CA GLN C 721 66.52 -23.71 2.88
C GLN C 721 65.47 -24.56 3.56
N TYR C 722 64.51 -23.93 4.24
CA TYR C 722 63.38 -24.65 4.83
C TYR C 722 62.52 -25.32 3.76
N TYR C 723 62.20 -24.58 2.71
CA TYR C 723 61.48 -25.14 1.57
C TYR C 723 62.31 -26.17 0.82
N MET C 724 63.63 -25.97 0.75
CA MET C 724 64.49 -26.93 0.05
C MET C 724 64.58 -28.25 0.81
N GLY C 725 64.67 -28.20 2.14
CA GLY C 725 64.68 -29.43 2.91
C GLY C 725 63.35 -30.13 2.91
N LEU C 726 62.25 -29.36 2.97
CA LEU C 726 60.91 -29.92 2.88
C LEU C 726 60.69 -30.61 1.53
N ALA C 727 61.12 -29.96 0.45
CA ALA C 727 60.99 -30.54 -0.89
C ALA C 727 61.89 -31.76 -1.06
N GLU C 728 63.07 -31.76 -0.42
CA GLU C 728 63.96 -32.92 -0.48
C GLU C 728 63.33 -34.13 0.20
N GLU C 729 62.73 -33.93 1.37
CA GLU C 729 62.09 -35.05 2.05
C GLU C 729 60.81 -35.50 1.35
N LEU C 730 60.09 -34.59 0.70
CA LEU C 730 58.89 -35.00 -0.02
C LEU C 730 59.21 -35.70 -1.32
N VAL C 731 60.34 -35.37 -1.96
CA VAL C 731 60.79 -36.14 -3.12
C VAL C 731 61.33 -37.49 -2.66
N ARG C 732 61.93 -37.55 -1.47
CA ARG C 732 62.44 -38.82 -0.94
C ARG C 732 61.34 -39.80 -0.58
N ALA C 733 60.09 -39.34 -0.39
CA ALA C 733 58.96 -40.22 -0.11
C ALA C 733 58.27 -40.72 -1.37
N GLY C 734 58.77 -40.37 -2.55
CA GLY C 734 58.23 -40.90 -3.78
C GLY C 734 57.08 -40.13 -4.40
N THR C 735 57.08 -38.81 -4.30
CA THR C 735 56.05 -38.04 -4.97
C THR C 735 56.29 -38.01 -6.48
N HIS C 736 55.21 -37.83 -7.23
CA HIS C 736 55.30 -37.78 -8.68
C HIS C 736 55.41 -36.36 -9.22
N ILE C 737 54.63 -35.43 -8.70
CA ILE C 737 54.67 -34.04 -9.13
C ILE C 737 54.77 -33.17 -7.88
N LEU C 738 55.73 -32.24 -7.87
CA LEU C 738 55.82 -31.30 -6.77
C LEU C 738 54.98 -30.07 -7.08
N CYS C 739 54.46 -29.44 -6.04
CA CYS C 739 53.60 -28.28 -6.21
C CYS C 739 53.91 -27.24 -5.15
N ILE C 740 53.81 -25.98 -5.53
CA ILE C 740 53.93 -24.86 -4.59
C ILE C 740 52.56 -24.22 -4.49
N LYS C 741 51.93 -24.34 -3.32
CA LYS C 741 50.62 -23.76 -3.06
C LYS C 741 50.83 -22.42 -2.36
N ASP C 742 50.64 -21.34 -3.09
CA ASP C 742 50.67 -19.99 -2.55
C ASP C 742 49.22 -19.57 -2.40
N MET C 743 48.63 -19.87 -1.25
CA MET C 743 47.19 -19.76 -1.09
C MET C 743 46.71 -18.35 -0.80
N ALA C 744 47.61 -17.46 -0.39
CA ALA C 744 47.24 -16.07 -0.15
C ALA C 744 47.61 -15.15 -1.31
N GLY C 745 48.51 -15.58 -2.19
CA GLY C 745 48.95 -14.73 -3.28
C GLY C 745 50.14 -13.91 -2.88
N LEU C 746 51.16 -14.56 -2.30
CA LEU C 746 52.33 -13.88 -1.79
C LEU C 746 53.58 -14.10 -2.62
N LEU C 747 53.51 -14.94 -3.65
CA LEU C 747 54.66 -15.17 -4.52
C LEU C 747 54.85 -13.99 -5.47
N LYS C 748 56.00 -13.36 -5.40
CA LYS C 748 56.49 -12.28 -6.24
C LYS C 748 57.40 -12.87 -7.31
N PRO C 749 57.61 -12.16 -8.43
CA PRO C 749 58.42 -12.73 -9.53
C PRO C 749 59.87 -13.08 -9.19
N THR C 750 60.53 -12.30 -8.32
CA THR C 750 61.89 -12.63 -7.93
C THR C 750 61.94 -13.87 -7.04
N ALA C 751 61.01 -13.96 -6.10
CA ALA C 751 60.90 -15.15 -5.25
C ALA C 751 60.50 -16.38 -6.08
N CYS C 752 59.64 -16.18 -7.08
CA CYS C 752 59.25 -17.26 -7.99
C CYS C 752 60.45 -17.78 -8.76
N THR C 753 61.24 -16.87 -9.32
CA THR C 753 62.42 -17.26 -10.08
C THR C 753 63.44 -17.99 -9.20
N MET C 754 63.67 -17.48 -7.99
CA MET C 754 64.60 -18.11 -7.06
C MET C 754 64.16 -19.52 -6.66
N LEU C 755 62.90 -19.66 -6.26
CA LEU C 755 62.41 -20.95 -5.76
C LEU C 755 62.29 -21.98 -6.88
N VAL C 756 61.77 -21.59 -8.04
CA VAL C 756 61.61 -22.56 -9.12
C VAL C 756 62.96 -22.91 -9.74
N SER C 757 63.92 -21.99 -9.76
CA SER C 757 65.24 -22.34 -10.26
C SER C 757 66.01 -23.23 -9.28
N SER C 758 65.81 -23.03 -7.96
CA SER C 758 66.39 -23.94 -6.98
C SER C 758 65.80 -25.34 -7.08
N LEU C 759 64.48 -25.43 -7.26
CA LEU C 759 63.85 -26.73 -7.41
C LEU C 759 64.19 -27.39 -8.73
N ARG C 760 64.49 -26.59 -9.77
CA ARG C 760 64.83 -27.16 -11.06
C ARG C 760 66.27 -27.63 -11.12
N ASP C 761 67.21 -26.93 -10.48
CA ASP C 761 68.58 -27.42 -10.49
C ASP C 761 68.88 -28.37 -9.33
N ARG C 762 67.93 -28.58 -8.41
CA ARG C 762 68.08 -29.66 -7.45
C ARG C 762 67.46 -30.97 -7.95
N PHE C 763 66.27 -30.91 -8.54
CA PHE C 763 65.60 -32.07 -9.13
C PHE C 763 65.35 -31.77 -10.61
N PRO C 764 66.25 -32.20 -11.51
CA PRO C 764 66.17 -31.75 -12.90
C PRO C 764 65.08 -32.43 -13.73
N ASP C 765 64.45 -33.48 -13.26
CA ASP C 765 63.48 -34.22 -14.07
C ASP C 765 62.13 -34.38 -13.38
N LEU C 766 61.89 -33.66 -12.32
CA LEU C 766 60.62 -33.74 -11.59
C LEU C 766 59.70 -32.61 -12.01
N PRO C 767 58.45 -32.89 -12.37
CA PRO C 767 57.54 -31.83 -12.77
C PRO C 767 57.16 -30.92 -11.61
N LEU C 768 57.16 -29.62 -11.90
CA LEU C 768 56.81 -28.59 -10.95
C LEU C 768 55.47 -27.97 -11.34
N HIS C 769 54.58 -27.84 -10.37
CA HIS C 769 53.27 -27.24 -10.54
C HIS C 769 53.20 -26.08 -9.56
N ILE C 770 52.73 -24.94 -10.03
CA ILE C 770 52.61 -23.76 -9.17
C ILE C 770 51.14 -23.39 -9.13
N HIS C 771 50.64 -23.12 -7.92
CA HIS C 771 49.28 -22.68 -7.69
C HIS C 771 49.37 -21.36 -6.93
N THR C 772 48.67 -20.34 -7.43
CA THR C 772 48.69 -19.04 -6.78
C THR C 772 47.29 -18.43 -6.85
N HIS C 773 47.08 -17.42 -6.02
CA HIS C 773 45.90 -16.58 -6.09
C HIS C 773 46.32 -15.17 -6.50
N ASP C 774 45.39 -14.44 -7.10
CA ASP C 774 45.66 -13.12 -7.67
C ASP C 774 45.15 -12.02 -6.75
N THR C 775 45.35 -12.19 -5.44
CA THR C 775 44.82 -11.24 -4.48
C THR C 775 45.61 -9.94 -4.48
N SER C 776 46.92 -10.02 -4.61
CA SER C 776 47.75 -8.82 -4.62
C SER C 776 47.78 -8.12 -5.97
N GLY C 777 47.38 -8.81 -7.04
CA GLY C 777 47.42 -8.24 -8.36
C GLY C 777 48.67 -8.55 -9.16
N ALA C 778 49.43 -9.57 -8.79
CA ALA C 778 50.68 -9.91 -9.46
C ALA C 778 50.73 -11.40 -9.80
N GLY C 779 49.59 -11.99 -10.15
CA GLY C 779 49.52 -13.41 -10.43
C GLY C 779 50.04 -13.81 -11.79
N VAL C 780 49.66 -13.09 -12.83
CA VAL C 780 50.10 -13.41 -14.19
C VAL C 780 51.60 -13.14 -14.35
N ALA C 781 52.11 -12.09 -13.69
CA ALA C 781 53.54 -11.82 -13.71
C ALA C 781 54.33 -12.92 -13.00
N ALA C 782 53.82 -13.40 -11.87
CA ALA C 782 54.47 -14.48 -11.14
C ALA C 782 54.43 -15.78 -11.93
N MET C 783 53.32 -16.05 -12.65
CA MET C 783 53.25 -17.29 -13.42
C MET C 783 54.12 -17.24 -14.66
N LEU C 784 54.30 -16.06 -15.25
CA LEU C 784 55.25 -15.93 -16.35
C LEU C 784 56.68 -16.10 -15.86
N ALA C 785 56.97 -15.60 -14.65
CA ALA C 785 58.28 -15.81 -14.04
C ALA C 785 58.54 -17.28 -13.74
N CYS C 786 57.51 -18.01 -13.27
CA CYS C 786 57.65 -19.44 -13.02
C CYS C 786 57.84 -20.22 -14.31
N ALA C 787 57.05 -19.91 -15.35
CA ALA C 787 57.15 -20.63 -16.61
C ALA C 787 58.47 -20.38 -17.32
N GLN C 788 59.06 -19.19 -17.14
CA GLN C 788 60.39 -18.98 -17.67
C GLN C 788 61.48 -19.59 -16.78
N ALA C 789 61.22 -19.71 -15.48
CA ALA C 789 62.20 -20.31 -14.59
C ALA C 789 62.22 -21.84 -14.69
N GLY C 790 61.16 -22.46 -15.20
CA GLY C 790 61.16 -23.88 -15.40
C GLY C 790 59.97 -24.63 -14.82
N ALA C 791 58.88 -23.92 -14.53
CA ALA C 791 57.65 -24.58 -14.10
C ALA C 791 56.94 -25.19 -15.29
N ASP C 792 56.26 -26.31 -15.05
CA ASP C 792 55.63 -27.08 -16.10
C ASP C 792 54.13 -26.83 -16.22
N VAL C 793 53.40 -26.80 -15.11
CA VAL C 793 51.96 -26.55 -15.10
C VAL C 793 51.67 -25.37 -14.19
N VAL C 794 50.79 -24.47 -14.64
CA VAL C 794 50.29 -23.39 -13.81
C VAL C 794 48.77 -23.43 -13.82
N ASP C 795 48.18 -22.87 -12.76
CA ASP C 795 46.74 -22.91 -12.53
C ASP C 795 46.09 -21.62 -13.00
N VAL C 796 45.04 -21.73 -13.81
CA VAL C 796 44.30 -20.58 -14.30
C VAL C 796 42.81 -20.77 -14.04
N ALA C 797 42.03 -19.78 -14.45
CA ALA C 797 40.57 -19.84 -14.40
C ALA C 797 40.04 -19.04 -15.57
N ALA C 798 38.73 -19.18 -15.83
CA ALA C 798 38.09 -18.41 -16.88
C ALA C 798 38.10 -16.92 -16.54
N ASP C 799 38.13 -16.09 -17.59
CA ASP C 799 38.45 -14.67 -17.44
C ASP C 799 37.39 -13.92 -16.65
N SER C 800 36.14 -14.34 -16.75
CA SER C 800 35.07 -13.76 -15.95
C SER C 800 34.99 -14.38 -14.56
N MET C 801 35.69 -15.49 -14.33
CA MET C 801 35.71 -16.16 -13.04
C MET C 801 37.09 -16.10 -12.41
N SER C 802 37.91 -15.14 -12.79
CA SER C 802 39.24 -14.95 -12.25
C SER C 802 39.33 -13.55 -11.66
N GLY C 803 40.51 -13.19 -11.17
CA GLY C 803 40.67 -11.85 -10.67
C GLY C 803 40.91 -11.70 -9.19
N MET C 804 39.89 -11.27 -8.45
CA MET C 804 40.01 -10.67 -7.13
C MET C 804 40.70 -11.55 -6.08
N THR C 805 40.08 -12.66 -5.70
CA THR C 805 40.72 -13.63 -4.80
C THR C 805 40.97 -14.95 -5.49
N SER C 806 40.75 -15.02 -6.80
CA SER C 806 40.78 -16.24 -7.57
C SER C 806 42.14 -16.42 -8.25
N GLN C 807 42.20 -17.35 -9.20
CA GLN C 807 43.41 -17.67 -9.93
C GLN C 807 43.68 -16.62 -11.00
N PRO C 808 44.85 -16.63 -11.63
CA PRO C 808 45.06 -15.77 -12.81
C PRO C 808 44.20 -16.19 -14.00
N SER C 809 44.08 -15.26 -14.94
CA SER C 809 43.15 -15.42 -16.05
C SER C 809 43.73 -16.29 -17.16
N MET C 810 42.87 -17.14 -17.73
CA MET C 810 43.30 -18.04 -18.79
C MET C 810 43.69 -17.29 -20.06
N GLY C 811 42.90 -16.27 -20.42
CA GLY C 811 43.17 -15.53 -21.64
C GLY C 811 44.47 -14.73 -21.58
N ALA C 812 44.79 -14.19 -20.40
CA ALA C 812 46.05 -13.46 -20.24
C ALA C 812 47.25 -14.40 -20.32
N LEU C 813 47.12 -15.62 -19.82
CA LEU C 813 48.21 -16.59 -19.92
C LEU C 813 48.36 -17.12 -21.33
N VAL C 814 47.25 -17.29 -22.05
CA VAL C 814 47.33 -17.74 -23.44
C VAL C 814 47.91 -16.64 -24.32
N ALA C 815 47.51 -15.38 -24.09
CA ALA C 815 47.98 -14.28 -24.92
C ALA C 815 49.42 -13.89 -24.61
N CYS C 816 49.83 -13.97 -23.34
CA CYS C 816 51.18 -13.58 -22.96
C CYS C 816 52.23 -14.62 -23.31
N THR C 817 51.83 -15.81 -23.77
CA THR C 817 52.76 -16.83 -24.22
C THR C 817 52.61 -17.12 -25.71
N ARG C 818 51.90 -16.28 -26.45
CA ARG C 818 51.69 -16.51 -27.87
C ARG C 818 52.96 -16.18 -28.65
N GLY C 819 53.42 -17.13 -29.45
CA GLY C 819 54.61 -16.97 -30.25
C GLY C 819 55.92 -17.29 -29.55
N THR C 820 55.92 -17.36 -28.22
CA THR C 820 57.10 -17.67 -27.45
C THR C 820 57.41 -19.16 -27.56
N PRO C 821 58.59 -19.61 -27.08
CA PRO C 821 58.80 -21.05 -26.90
C PRO C 821 57.90 -21.69 -25.84
N LEU C 822 57.25 -20.90 -24.98
CA LEU C 822 56.32 -21.40 -23.97
C LEU C 822 54.88 -21.38 -24.45
N ASP C 823 54.65 -21.60 -25.75
CA ASP C 823 53.31 -21.48 -26.31
C ASP C 823 52.41 -22.62 -25.83
N THR C 824 51.19 -22.26 -25.43
CA THR C 824 50.21 -23.23 -24.96
C THR C 824 49.33 -23.76 -26.08
N GLU C 825 49.44 -23.20 -27.29
CA GLU C 825 48.69 -23.48 -28.52
C GLU C 825 47.18 -23.68 -28.32
N VAL C 826 46.60 -22.97 -27.37
CA VAL C 826 45.15 -22.96 -27.16
C VAL C 826 44.57 -21.79 -27.94
N PRO C 827 43.54 -22.00 -28.76
CA PRO C 827 42.94 -20.87 -29.50
C PRO C 827 42.16 -19.96 -28.57
N MET C 828 42.27 -18.65 -28.82
CA MET C 828 41.68 -17.66 -27.92
C MET C 828 40.17 -17.55 -28.06
N GLU C 829 39.59 -18.00 -29.17
CA GLU C 829 38.15 -17.87 -29.38
C GLU C 829 37.37 -18.85 -28.51
N ARG C 830 37.94 -20.04 -28.31
CA ARG C 830 37.36 -21.00 -27.38
C ARG C 830 37.40 -20.48 -25.96
N VAL C 831 38.47 -19.75 -25.62
CA VAL C 831 38.60 -19.08 -24.33
C VAL C 831 37.55 -18.00 -24.18
N PHE C 832 37.28 -17.27 -25.27
CA PHE C 832 36.26 -16.22 -25.25
C PHE C 832 34.87 -16.78 -25.02
N ASP C 833 34.56 -17.92 -25.65
CA ASP C 833 33.24 -18.51 -25.47
C ASP C 833 33.07 -19.13 -24.09
N TYR C 834 34.14 -19.72 -23.54
CA TYR C 834 34.10 -20.27 -22.19
C TYR C 834 33.92 -19.17 -21.14
N SER C 835 34.64 -18.06 -21.28
CA SER C 835 34.47 -16.95 -20.35
C SER C 835 33.13 -16.24 -20.55
N GLU C 836 32.58 -16.29 -21.77
CA GLU C 836 31.24 -15.77 -22.03
C GLU C 836 30.18 -16.55 -21.25
N TYR C 837 30.29 -17.89 -21.29
CA TYR C 837 29.42 -18.74 -20.48
C TYR C 837 29.54 -18.41 -19.01
N TRP C 838 30.77 -18.27 -18.53
CA TRP C 838 30.92 -18.07 -17.09
C TRP C 838 30.54 -16.67 -16.63
N GLU C 839 30.56 -15.68 -17.52
CA GLU C 839 29.98 -14.37 -17.18
C GLU C 839 28.47 -14.48 -17.02
N GLY C 840 27.81 -15.17 -17.96
CA GLY C 840 26.38 -15.40 -17.85
C GLY C 840 26.00 -16.21 -16.62
N ALA C 841 26.78 -17.23 -16.29
CA ALA C 841 26.51 -18.08 -15.14
C ALA C 841 26.86 -17.40 -13.83
N ARG C 842 27.88 -16.55 -13.79
CA ARG C 842 28.21 -15.81 -12.59
C ARG C 842 27.15 -14.78 -12.25
N GLY C 843 26.47 -14.25 -13.27
CA GLY C 843 25.31 -13.39 -13.02
C GLY C 843 24.19 -14.02 -12.22
N LEU C 844 24.08 -15.36 -12.25
CA LEU C 844 23.04 -16.07 -11.50
C LEU C 844 23.31 -16.14 -10.00
N TYR C 845 24.54 -15.92 -9.57
CA TYR C 845 24.96 -16.11 -8.19
C TYR C 845 25.23 -14.79 -7.48
N ALA C 846 24.38 -13.79 -7.75
CA ALA C 846 24.59 -12.45 -7.24
C ALA C 846 24.39 -12.35 -5.73
N ALA C 847 23.73 -13.32 -5.12
CA ALA C 847 23.52 -13.32 -3.67
C ALA C 847 24.76 -13.73 -2.89
N PHE C 848 25.74 -14.38 -3.54
CA PHE C 848 26.93 -14.85 -2.86
C PHE C 848 28.21 -14.23 -3.44
N ASP C 849 28.08 -13.15 -4.20
CA ASP C 849 29.17 -12.67 -5.02
C ASP C 849 30.14 -11.80 -4.21
N CYS C 850 31.43 -11.94 -4.54
CA CYS C 850 32.48 -11.17 -3.88
C CYS C 850 32.37 -9.69 -4.19
N THR C 851 31.89 -9.35 -5.39
CA THR C 851 31.86 -7.98 -5.91
C THR C 851 30.83 -7.09 -5.23
N ALA C 852 30.04 -7.60 -4.30
CA ALA C 852 29.14 -6.74 -3.54
C ALA C 852 29.91 -5.93 -2.51
N THR C 853 31.04 -6.43 -2.03
CA THR C 853 31.88 -5.71 -1.08
C THR C 853 33.24 -5.34 -1.68
N MET C 854 33.98 -6.32 -2.17
CA MET C 854 35.32 -6.10 -2.71
C MET C 854 35.23 -5.91 -4.23
N LYS C 855 35.59 -4.73 -4.72
CA LYS C 855 35.50 -4.44 -6.15
C LYS C 855 36.78 -4.60 -6.97
N SER C 856 37.91 -4.73 -6.28
CA SER C 856 39.19 -4.88 -6.94
C SER C 856 40.13 -5.64 -6.03
N GLY C 857 41.37 -5.83 -6.46
CA GLY C 857 42.34 -6.53 -5.67
C GLY C 857 42.72 -5.75 -4.42
N ASN C 858 43.62 -6.36 -3.65
CA ASN C 858 44.01 -5.77 -2.36
C ASN C 858 45.44 -6.18 -2.05
N SER C 859 46.33 -5.20 -1.90
CA SER C 859 47.69 -5.50 -1.52
C SER C 859 47.86 -5.72 -0.02
N ASP C 860 46.81 -5.50 0.77
CA ASP C 860 46.89 -5.69 2.22
C ASP C 860 46.96 -7.16 2.62
N VAL C 861 46.86 -8.08 1.65
CA VAL C 861 47.09 -9.50 1.86
C VAL C 861 48.57 -9.74 2.14
N TYR C 862 49.43 -8.75 1.82
CA TYR C 862 50.81 -8.82 2.28
C TYR C 862 50.95 -8.57 3.78
N GLU C 863 49.90 -8.12 4.46
CA GLU C 863 49.99 -7.90 5.90
C GLU C 863 49.01 -8.74 6.72
N ASN C 864 47.91 -9.24 6.14
CA ASN C 864 47.03 -10.13 6.88
C ASN C 864 47.09 -11.58 6.44
N GLU C 865 47.55 -11.86 5.22
CA GLU C 865 47.84 -13.19 4.69
C GLU C 865 46.62 -14.12 4.70
N ILE C 866 45.43 -13.57 4.47
CA ILE C 866 44.23 -14.40 4.39
C ILE C 866 44.16 -15.06 3.02
N PRO C 867 43.90 -16.35 2.93
CA PRO C 867 43.64 -16.97 1.63
C PRO C 867 42.28 -16.57 1.07
N GLY C 868 42.11 -16.78 -0.24
CA GLY C 868 40.94 -16.30 -0.96
C GLY C 868 39.63 -17.04 -0.74
N GLY C 869 39.68 -18.38 -0.79
CA GLY C 869 38.53 -19.17 -0.40
C GLY C 869 38.15 -18.94 1.05
N GLN C 870 39.15 -18.79 1.87
CA GLN C 870 38.81 -18.49 3.23
C GLN C 870 38.23 -17.08 3.28
N TYR C 871 38.71 -16.15 2.47
CA TYR C 871 38.18 -14.79 2.50
C TYR C 871 36.67 -14.77 2.28
N THR C 872 36.20 -15.43 1.22
CA THR C 872 34.76 -15.35 0.94
C THR C 872 33.94 -16.18 1.93
N ASN C 873 34.44 -17.36 2.30
CA ASN C 873 33.72 -18.16 3.29
C ASN C 873 33.77 -17.55 4.68
N LEU C 874 34.84 -16.81 5.00
CA LEU C 874 34.94 -16.12 6.28
C LEU C 874 34.01 -14.92 6.31
N HIS C 875 33.82 -14.23 5.19
CA HIS C 875 32.82 -13.15 5.15
C HIS C 875 31.42 -13.70 5.35
N PHE C 876 31.11 -14.86 4.78
CA PHE C 876 29.81 -15.48 5.03
C PHE C 876 29.65 -15.88 6.49
N GLN C 877 30.69 -16.47 7.09
CA GLN C 877 30.60 -16.92 8.48
C GLN C 877 30.50 -15.74 9.44
N ALA C 878 31.19 -14.65 9.16
CA ALA C 878 31.04 -13.45 9.97
C ALA C 878 29.66 -12.82 9.80
N HIS C 879 29.04 -12.99 8.62
CA HIS C 879 27.68 -12.49 8.45
C HIS C 879 26.68 -13.30 9.27
N SER C 880 26.88 -14.61 9.36
CA SER C 880 25.94 -15.48 10.03
C SER C 880 26.13 -15.53 11.54
N MET C 881 27.02 -14.72 12.10
CA MET C 881 27.23 -14.63 13.53
C MET C 881 27.17 -13.19 14.03
N GLY C 882 26.42 -12.35 13.32
CA GLY C 882 26.20 -10.98 13.73
C GLY C 882 27.33 -10.01 13.47
N LEU C 883 28.49 -10.48 13.02
CA LEU C 883 29.65 -9.64 12.76
C LEU C 883 29.69 -9.15 11.32
N GLY C 884 28.55 -9.09 10.63
CA GLY C 884 28.50 -8.82 9.20
C GLY C 884 28.88 -7.41 8.81
N SER C 885 28.94 -6.48 9.76
CA SER C 885 29.32 -5.10 9.49
C SER C 885 30.65 -4.73 10.13
N LYS C 886 31.45 -5.71 10.53
CA LYS C 886 32.72 -5.47 11.20
C LYS C 886 33.83 -6.33 10.61
N PHE C 887 33.87 -6.46 9.28
CA PHE C 887 34.80 -7.39 8.66
C PHE C 887 36.22 -6.83 8.60
N LYS C 888 36.39 -5.51 8.60
CA LYS C 888 37.72 -4.93 8.71
C LYS C 888 38.33 -5.21 10.07
N GLU C 889 37.51 -5.18 11.12
CA GLU C 889 37.98 -5.56 12.44
C GLU C 889 38.27 -7.06 12.52
N VAL C 890 37.52 -7.87 11.76
CA VAL C 890 37.82 -9.30 11.67
C VAL C 890 39.19 -9.52 11.03
N LYS C 891 39.53 -8.72 10.02
CA LYS C 891 40.83 -8.85 9.38
C LYS C 891 41.97 -8.35 10.29
N LYS C 892 41.71 -7.27 11.05
CA LYS C 892 42.71 -6.79 12.00
C LYS C 892 42.96 -7.80 13.12
N ALA C 893 41.89 -8.38 13.67
CA ALA C 893 42.04 -9.44 14.65
C ALA C 893 42.59 -10.72 14.04
N TYR C 894 42.52 -10.82 12.71
CA TYR C 894 43.10 -11.95 12.00
C TYR C 894 44.60 -11.82 12.17
N VAL C 895 45.14 -10.64 11.85
CA VAL C 895 46.57 -10.37 12.02
C VAL C 895 46.99 -10.59 13.47
N GLU C 896 46.18 -10.08 14.41
CA GLU C 896 46.47 -10.23 15.83
C GLU C 896 46.48 -11.69 16.28
N ALA C 897 45.52 -12.49 15.80
CA ALA C 897 45.44 -13.90 16.13
C ALA C 897 46.50 -14.73 15.44
N ASN C 898 47.00 -14.29 14.29
CA ASN C 898 48.17 -14.92 13.69
C ASN C 898 49.40 -14.73 14.57
N GLN C 899 49.61 -13.50 15.05
CA GLN C 899 50.77 -13.25 15.91
C GLN C 899 50.61 -13.90 17.28
N MET C 900 49.37 -13.98 17.77
CA MET C 900 49.09 -14.49 19.10
C MET C 900 49.25 -16.01 19.18
N LEU C 901 49.00 -16.72 18.09
CA LEU C 901 49.07 -18.17 18.05
C LEU C 901 50.43 -18.69 17.60
N GLY C 902 51.40 -17.81 17.38
CA GLY C 902 52.76 -18.22 17.10
C GLY C 902 53.16 -18.28 15.64
N ASP C 903 52.65 -17.39 14.79
CA ASP C 903 53.01 -17.23 13.37
C ASP C 903 52.78 -18.52 12.58
N LEU C 904 51.52 -18.88 12.48
CA LEU C 904 51.12 -20.10 11.79
C LEU C 904 51.17 -19.93 10.27
N ILE C 905 51.26 -21.06 9.58
CA ILE C 905 51.02 -21.11 8.14
C ILE C 905 49.52 -21.28 7.95
N LYS C 906 48.86 -20.25 7.43
CA LYS C 906 47.40 -20.28 7.29
C LYS C 906 46.77 -20.86 6.05
N VAL C 907 46.37 -22.12 6.11
CA VAL C 907 45.69 -22.76 5.00
C VAL C 907 44.59 -23.71 5.49
N THR C 908 43.35 -23.34 5.22
CA THR C 908 42.13 -24.10 5.57
C THR C 908 41.96 -24.41 7.03
N PRO C 909 42.55 -25.53 7.48
CA PRO C 909 42.37 -25.79 8.92
C PRO C 909 42.96 -24.72 9.82
N SER C 910 44.25 -24.38 9.62
CA SER C 910 44.89 -23.37 10.45
C SER C 910 44.30 -21.99 10.24
N SER C 911 43.88 -21.69 9.01
CA SER C 911 43.23 -20.41 8.77
C SER C 911 41.83 -20.39 9.36
N LYS C 912 41.17 -21.55 9.44
CA LYS C 912 39.89 -21.65 10.15
C LYS C 912 40.07 -21.43 11.65
N ILE C 913 41.17 -21.93 12.21
CA ILE C 913 41.47 -21.70 13.63
C ILE C 913 41.74 -20.23 13.91
N VAL C 914 42.59 -19.61 13.08
CA VAL C 914 42.91 -18.19 13.21
C VAL C 914 41.69 -17.31 12.96
N GLY C 915 40.80 -17.72 12.06
CA GLY C 915 39.59 -16.95 11.82
C GLY C 915 38.55 -17.10 12.92
N ASP C 916 38.47 -18.28 13.53
CA ASP C 916 37.60 -18.46 14.70
C ASP C 916 38.11 -17.64 15.87
N LEU C 917 39.42 -17.63 16.09
CA LEU C 917 40.00 -16.80 17.14
C LEU C 917 39.83 -15.31 16.85
N ALA C 918 39.87 -14.91 15.58
CA ALA C 918 39.67 -13.52 15.21
C ALA C 918 38.23 -13.08 15.42
N GLN C 919 37.27 -13.94 15.10
CA GLN C 919 35.88 -13.61 15.36
C GLN C 919 35.58 -13.59 16.85
N PHE C 920 36.24 -14.46 17.63
CA PHE C 920 36.12 -14.43 19.08
C PHE C 920 36.69 -13.14 19.66
N MET C 921 37.84 -12.69 19.15
CA MET C 921 38.44 -11.46 19.65
C MET C 921 37.71 -10.22 19.18
N VAL C 922 36.96 -10.31 18.08
CA VAL C 922 36.15 -9.17 17.65
C VAL C 922 34.88 -9.08 18.46
N GLN C 923 34.24 -10.22 18.70
CA GLN C 923 32.99 -10.26 19.47
C GLN C 923 33.13 -9.94 20.96
N ASN C 924 34.33 -10.10 21.50
CA ASN C 924 34.58 -9.83 22.91
C ASN C 924 35.51 -8.65 23.15
N GLY C 925 35.80 -7.86 22.11
CA GLY C 925 36.55 -6.63 22.25
C GLY C 925 38.00 -6.76 22.68
N LEU C 926 38.56 -7.97 22.64
CA LEU C 926 39.87 -8.21 23.22
C LEU C 926 40.99 -7.83 22.25
N SER C 927 42.10 -7.35 22.81
CA SER C 927 43.33 -7.13 22.07
C SER C 927 44.17 -8.41 22.15
N ARG C 928 45.44 -8.32 21.74
CA ARG C 928 46.31 -9.49 21.81
C ARG C 928 46.79 -9.73 23.25
N ALA C 929 47.49 -8.74 23.82
CA ALA C 929 47.97 -8.86 25.19
C ALA C 929 46.83 -8.79 26.20
N GLU C 930 45.74 -8.13 25.84
CA GLU C 930 44.57 -8.07 26.72
C GLU C 930 43.90 -9.42 26.84
N ALA C 931 43.90 -10.22 25.77
CA ALA C 931 43.35 -11.56 25.82
C ALA C 931 44.36 -12.61 26.28
N GLU C 932 45.66 -12.33 26.16
CA GLU C 932 46.64 -13.23 26.76
C GLU C 932 46.80 -13.00 28.25
N ALA C 933 46.44 -11.82 28.75
CA ALA C 933 46.39 -11.60 30.19
C ALA C 933 45.21 -12.32 30.81
N GLN C 934 44.06 -12.31 30.11
CA GLN C 934 42.87 -13.04 30.54
C GLN C 934 42.77 -14.42 29.88
N ALA C 935 43.91 -15.04 29.57
CA ALA C 935 43.91 -16.33 28.88
C ALA C 935 43.41 -17.44 29.79
N GLU C 936 43.76 -17.38 31.07
CA GLU C 936 43.31 -18.38 32.05
C GLU C 936 41.86 -18.20 32.47
N GLU C 937 41.24 -17.08 32.13
CA GLU C 937 39.85 -16.83 32.50
C GLU C 937 38.87 -17.22 31.39
N LEU C 938 39.16 -16.81 30.15
CA LEU C 938 38.19 -16.82 29.07
C LEU C 938 37.99 -18.22 28.51
N SER C 939 36.98 -18.34 27.64
CA SER C 939 36.57 -19.61 27.04
C SER C 939 36.73 -19.51 25.53
N PHE C 940 37.90 -19.94 25.04
CA PHE C 940 38.19 -19.94 23.62
C PHE C 940 37.37 -21.03 22.92
N PRO C 941 37.11 -20.88 21.61
CA PRO C 941 36.28 -21.87 20.91
C PRO C 941 36.98 -23.21 20.77
N ARG C 942 36.21 -24.20 20.29
CA ARG C 942 36.64 -25.59 20.29
C ARG C 942 37.80 -25.82 19.33
N SER C 943 37.86 -25.06 18.24
CA SER C 943 38.93 -25.22 17.26
C SER C 943 40.26 -24.70 17.81
N VAL C 944 40.23 -23.59 18.54
CA VAL C 944 41.46 -23.01 19.11
C VAL C 944 42.02 -23.91 20.19
N VAL C 945 41.16 -24.35 21.12
CA VAL C 945 41.60 -25.20 22.23
C VAL C 945 42.02 -26.57 21.72
N GLU C 946 41.31 -27.08 20.71
CA GLU C 946 41.67 -28.33 20.06
C GLU C 946 42.99 -28.21 19.30
N PHE C 947 43.29 -27.03 18.77
CA PHE C 947 44.59 -26.82 18.13
C PHE C 947 45.70 -26.75 19.17
N LEU C 948 45.46 -26.07 20.28
CA LEU C 948 46.49 -25.93 21.31
C LEU C 948 46.73 -27.25 22.04
N GLN C 949 45.75 -28.15 22.06
CA GLN C 949 46.02 -29.52 22.49
C GLN C 949 46.95 -30.22 21.51
N GLY C 950 46.78 -29.96 20.22
CA GLY C 950 47.65 -30.55 19.22
C GLY C 950 46.98 -31.62 18.41
N TYR C 951 45.66 -31.52 18.24
CA TYR C 951 44.90 -32.52 17.51
C TYR C 951 44.98 -32.35 16.00
N ILE C 952 45.59 -31.29 15.50
CA ILE C 952 45.84 -31.17 14.06
C ILE C 952 47.30 -31.41 13.70
N GLY C 953 48.22 -31.35 14.66
CA GLY C 953 49.64 -31.45 14.41
C GLY C 953 50.41 -30.40 15.17
N VAL C 954 51.71 -30.39 14.93
CA VAL C 954 52.66 -29.53 15.65
C VAL C 954 53.15 -28.44 14.70
N PRO C 955 53.08 -27.17 15.09
CA PRO C 955 53.60 -26.11 14.24
C PRO C 955 55.12 -26.07 14.23
N HIS C 956 55.65 -25.29 13.29
CA HIS C 956 57.10 -25.11 13.16
C HIS C 956 57.60 -24.28 14.34
N GLY C 957 58.57 -24.81 15.07
CA GLY C 957 59.09 -24.15 16.24
C GLY C 957 58.29 -24.36 17.50
N GLY C 958 57.24 -25.17 17.46
CA GLY C 958 56.47 -25.49 18.65
C GLY C 958 55.36 -24.50 18.93
N PHE C 959 54.47 -24.91 19.83
CA PHE C 959 53.33 -24.10 20.24
C PHE C 959 53.79 -22.89 21.06
N PRO C 960 52.95 -21.85 21.16
CA PRO C 960 53.21 -20.81 22.17
C PRO C 960 52.95 -21.35 23.57
N GLU C 961 54.03 -21.63 24.30
CA GLU C 961 53.91 -22.41 25.53
C GLU C 961 53.32 -21.66 26.72
N PRO C 962 53.53 -20.34 26.92
CA PRO C 962 52.68 -19.64 27.91
C PRO C 962 51.19 -19.68 27.59
N PHE C 963 50.80 -19.48 26.32
CA PHE C 963 49.40 -19.56 25.93
C PHE C 963 48.87 -20.98 26.06
N ARG C 964 49.68 -21.97 25.66
CA ARG C 964 49.27 -23.37 25.78
C ARG C 964 49.19 -23.81 27.23
N SER C 965 49.94 -23.17 28.12
CA SER C 965 49.84 -23.49 29.54
C SER C 965 48.65 -22.79 30.19
N LYS C 966 48.32 -21.57 29.75
CA LYS C 966 47.24 -20.82 30.36
C LYS C 966 45.86 -21.26 29.88
N VAL C 967 45.71 -21.58 28.60
CA VAL C 967 44.40 -21.98 28.09
C VAL C 967 44.10 -23.43 28.49
N LEU C 968 45.02 -24.34 28.22
CA LEU C 968 44.88 -25.73 28.65
C LEU C 968 45.26 -25.84 30.12
N LYS C 969 44.27 -26.03 30.98
CA LYS C 969 44.57 -26.21 32.40
C LYS C 969 45.07 -27.62 32.66
N ASP C 970 44.22 -28.63 32.41
CA ASP C 970 44.61 -30.03 32.53
C ASP C 970 44.01 -30.89 31.42
N LEU C 971 43.65 -30.30 30.29
CA LEU C 971 43.15 -31.06 29.15
C LEU C 971 44.29 -31.89 28.54
N PRO C 972 43.98 -33.06 27.99
CA PRO C 972 45.06 -33.95 27.53
C PRO C 972 45.76 -33.42 26.28
N ARG C 973 47.09 -33.33 26.36
CA ARG C 973 47.93 -32.90 25.24
C ARG C 973 48.46 -34.15 24.56
N VAL C 974 47.72 -34.62 23.55
CA VAL C 974 48.16 -35.78 22.77
C VAL C 974 49.25 -35.30 21.82
N GLU C 975 50.48 -35.69 22.08
CA GLU C 975 51.63 -35.25 21.30
C GLU C 975 52.03 -36.32 20.28
N GLY C 976 53.00 -35.97 19.45
CA GLY C 976 53.41 -36.85 18.36
C GLY C 976 52.51 -36.66 17.16
N ARG C 977 51.99 -37.76 16.64
CA ARG C 977 51.04 -37.66 15.55
C ARG C 977 49.63 -37.91 16.06
N PRO C 978 48.67 -37.05 15.74
CA PRO C 978 47.29 -37.30 16.18
C PRO C 978 46.64 -38.49 15.49
N GLY C 979 47.01 -38.77 14.24
CA GLY C 979 46.37 -39.85 13.51
C GLY C 979 46.88 -41.23 13.85
N ALA C 980 48.08 -41.33 14.42
CA ALA C 980 48.63 -42.60 14.87
C ALA C 980 48.23 -42.93 16.30
N SER C 981 47.40 -42.09 16.93
CA SER C 981 46.95 -42.29 18.29
C SER C 981 45.49 -42.68 18.39
N LEU C 982 44.62 -42.08 17.57
CA LEU C 982 43.20 -42.32 17.61
C LEU C 982 42.85 -43.70 17.08
N PRO C 983 41.84 -44.37 17.65
CA PRO C 983 41.46 -45.70 17.18
C PRO C 983 40.72 -45.61 15.86
N PRO C 984 40.81 -46.65 15.03
CA PRO C 984 40.09 -46.63 13.75
C PRO C 984 38.59 -46.76 13.94
N LEU C 985 37.83 -46.00 13.15
CA LEU C 985 36.39 -46.09 13.18
C LEU C 985 35.94 -47.38 12.51
N ASP C 986 35.05 -48.12 13.19
CA ASP C 986 34.44 -49.30 12.59
C ASP C 986 33.44 -48.85 11.55
N LEU C 987 33.81 -48.97 10.28
CA LEU C 987 32.99 -48.41 9.21
C LEU C 987 31.79 -49.29 8.87
N GLN C 988 31.90 -50.60 9.07
CA GLN C 988 30.72 -51.45 8.90
C GLN C 988 29.69 -51.21 9.99
N ALA C 989 30.14 -50.84 11.19
CA ALA C 989 29.22 -50.44 12.25
C ALA C 989 28.50 -49.15 11.89
N LEU C 990 29.19 -48.20 11.26
CA LEU C 990 28.53 -46.97 10.83
C LEU C 990 27.60 -47.21 9.64
N GLU C 991 27.93 -48.16 8.77
CA GLU C 991 27.02 -48.56 7.70
C GLU C 991 25.76 -49.18 8.26
N LYS C 992 25.91 -50.03 9.29
CA LYS C 992 24.76 -50.62 9.97
C LYS C 992 23.97 -49.57 10.75
N GLU C 993 24.64 -48.52 11.22
CA GLU C 993 23.94 -47.44 11.91
C GLU C 993 23.15 -46.59 10.93
N LEU C 994 23.61 -46.47 9.69
CA LEU C 994 22.91 -45.61 8.73
C LEU C 994 21.87 -46.34 7.90
N VAL C 995 21.92 -47.67 7.77
CA VAL C 995 20.93 -48.35 6.95
C VAL C 995 19.59 -48.44 7.67
N ASP C 996 19.61 -48.41 9.01
CA ASP C 996 18.37 -48.52 9.77
C ASP C 996 17.74 -47.17 10.09
N ARG C 997 18.14 -46.12 9.40
CA ARG C 997 17.61 -44.78 9.63
C ARG C 997 17.01 -44.16 8.38
N HIS C 998 17.71 -44.22 7.24
CA HIS C 998 17.26 -43.59 6.01
C HIS C 998 16.66 -44.60 5.04
N GLY C 999 17.42 -45.61 4.66
CA GLY C 999 16.93 -46.56 3.67
C GLY C 999 17.95 -47.63 3.40
N GLU C 1000 17.77 -48.32 2.27
CA GLU C 1000 18.68 -49.40 1.88
C GLU C 1000 19.49 -49.07 0.65
N GLU C 1001 19.49 -47.82 0.20
CA GLU C 1001 20.39 -47.36 -0.85
C GLU C 1001 21.59 -46.62 -0.26
N VAL C 1002 22.04 -47.06 0.91
CA VAL C 1002 23.20 -46.46 1.57
C VAL C 1002 24.45 -47.14 1.04
N THR C 1003 25.32 -46.35 0.43
CA THR C 1003 26.52 -46.76 -0.27
C THR C 1003 27.75 -46.38 0.54
N PRO C 1004 28.93 -46.96 0.25
CA PRO C 1004 30.18 -46.50 0.89
C PRO C 1004 30.48 -45.01 0.76
N GLU C 1005 30.04 -44.36 -0.32
CA GLU C 1005 30.15 -42.92 -0.44
C GLU C 1005 29.36 -42.21 0.66
N ASP C 1006 28.20 -42.76 1.02
CA ASP C 1006 27.38 -42.17 2.09
C ASP C 1006 28.02 -42.37 3.46
N VAL C 1007 28.63 -43.54 3.71
CA VAL C 1007 29.24 -43.71 5.03
C VAL C 1007 30.54 -42.94 5.15
N LEU C 1008 31.22 -42.64 4.03
CA LEU C 1008 32.34 -41.71 4.10
C LEU C 1008 31.87 -40.28 4.31
N SER C 1009 30.72 -39.91 3.72
CA SER C 1009 30.13 -38.61 3.98
C SER C 1009 29.72 -38.45 5.43
N ALA C 1010 29.26 -39.53 6.05
CA ALA C 1010 28.86 -39.49 7.45
C ALA C 1010 30.03 -39.63 8.42
N ALA C 1011 31.12 -40.28 8.00
CA ALA C 1011 32.33 -40.27 8.80
C ALA C 1011 32.98 -38.90 8.82
N MET C 1012 33.00 -38.23 7.67
CA MET C 1012 33.56 -36.88 7.60
C MET C 1012 32.66 -35.87 8.30
N TYR C 1013 31.34 -35.98 8.08
CA TYR C 1013 30.37 -35.07 8.66
C TYR C 1013 29.15 -35.88 9.08
N PRO C 1014 29.03 -36.24 10.37
CA PRO C 1014 27.84 -36.96 10.83
C PRO C 1014 26.55 -36.15 10.79
N ASP C 1015 26.55 -34.98 11.44
CA ASP C 1015 25.32 -34.22 11.61
C ASP C 1015 24.90 -33.53 10.30
N VAL C 1016 25.86 -33.15 9.46
CA VAL C 1016 25.55 -32.53 8.19
C VAL C 1016 24.94 -33.56 7.25
N PHE C 1017 25.45 -34.79 7.25
CA PHE C 1017 24.85 -35.84 6.45
C PHE C 1017 23.48 -36.25 6.99
N ALA C 1018 23.28 -36.19 8.31
CA ALA C 1018 21.97 -36.50 8.88
C ALA C 1018 20.93 -35.46 8.48
N HIS C 1019 21.25 -34.17 8.64
CA HIS C 1019 20.33 -33.11 8.24
C HIS C 1019 20.11 -33.07 6.73
N PHE C 1020 21.16 -33.39 5.96
CA PHE C 1020 21.04 -33.48 4.50
C PHE C 1020 20.12 -34.62 4.09
N LYS C 1021 20.20 -35.76 4.77
CA LYS C 1021 19.33 -36.88 4.44
C LYS C 1021 17.89 -36.61 4.83
N ASP C 1022 17.67 -35.90 5.94
CA ASP C 1022 16.31 -35.50 6.31
C ASP C 1022 15.72 -34.50 5.30
N PHE C 1023 16.55 -33.54 4.85
CA PHE C 1023 16.08 -32.56 3.87
C PHE C 1023 15.76 -33.22 2.53
N THR C 1024 16.63 -34.11 2.05
CA THR C 1024 16.34 -34.80 0.80
C THR C 1024 15.27 -35.89 0.95
N ALA C 1025 14.93 -36.28 2.18
CA ALA C 1025 13.73 -37.08 2.37
C ALA C 1025 12.48 -36.21 2.26
N THR C 1026 12.55 -34.98 2.75
CA THR C 1026 11.38 -34.10 2.72
C THR C 1026 11.11 -33.56 1.33
N PHE C 1027 12.13 -33.04 0.65
CA PHE C 1027 11.94 -32.34 -0.62
C PHE C 1027 12.51 -33.06 -1.83
N GLY C 1028 13.24 -34.15 -1.66
CA GLY C 1028 13.69 -34.93 -2.78
C GLY C 1028 14.86 -34.34 -3.55
N PRO C 1029 15.10 -34.87 -4.75
CA PRO C 1029 16.29 -34.47 -5.52
C PRO C 1029 16.19 -33.09 -6.16
N LEU C 1030 16.59 -32.06 -5.41
CA LEU C 1030 16.65 -30.69 -5.91
C LEU C 1030 17.92 -30.39 -6.73
N ASP C 1031 18.62 -31.42 -7.21
CA ASP C 1031 19.84 -31.22 -7.98
C ASP C 1031 19.53 -30.71 -9.38
N SER C 1032 18.47 -31.23 -10.00
CA SER C 1032 18.18 -30.96 -11.40
C SER C 1032 17.35 -29.70 -11.61
N LEU C 1033 17.24 -28.84 -10.60
CA LEU C 1033 16.65 -27.53 -10.77
C LEU C 1033 17.70 -26.53 -11.23
N ASN C 1034 17.24 -25.49 -11.93
CA ASN C 1034 18.18 -24.44 -12.27
C ASN C 1034 18.34 -23.50 -11.08
N THR C 1035 19.30 -22.58 -11.19
CA THR C 1035 19.74 -21.82 -10.03
C THR C 1035 18.74 -20.73 -9.66
N ARG C 1036 18.07 -20.15 -10.65
CA ARG C 1036 17.02 -19.17 -10.37
C ARG C 1036 15.83 -19.82 -9.68
N LEU C 1037 15.47 -21.04 -10.11
CA LEU C 1037 14.41 -21.80 -9.44
C LEU C 1037 14.84 -22.25 -8.05
N PHE C 1038 16.10 -22.65 -7.88
CA PHE C 1038 16.55 -23.14 -6.59
C PHE C 1038 16.62 -22.02 -5.55
N LEU C 1039 17.14 -20.86 -5.94
CA LEU C 1039 17.38 -19.79 -4.99
C LEU C 1039 16.23 -18.80 -4.88
N GLN C 1040 15.32 -18.78 -5.86
CA GLN C 1040 14.28 -17.77 -5.90
C GLN C 1040 12.88 -18.32 -6.03
N GLY C 1041 12.70 -19.54 -6.52
CA GLY C 1041 11.39 -20.06 -6.83
C GLY C 1041 10.91 -19.51 -8.15
N PRO C 1042 9.67 -19.83 -8.52
CA PRO C 1042 9.09 -19.28 -9.75
C PRO C 1042 8.34 -17.98 -9.51
N LYS C 1043 7.92 -17.37 -10.61
CA LYS C 1043 7.04 -16.21 -10.60
C LYS C 1043 5.65 -16.62 -11.06
N ILE C 1044 4.72 -15.68 -10.94
CA ILE C 1044 3.31 -15.96 -11.25
C ILE C 1044 3.11 -15.91 -12.76
N ALA C 1045 2.42 -16.93 -13.28
CA ALA C 1045 1.98 -17.03 -14.68
C ALA C 1045 3.15 -17.09 -15.64
N GLU C 1046 4.19 -17.83 -15.26
CA GLU C 1046 5.36 -18.07 -16.11
C GLU C 1046 5.62 -19.57 -16.13
N GLU C 1047 5.26 -20.22 -17.22
CA GLU C 1047 5.37 -21.67 -17.32
C GLU C 1047 6.83 -22.09 -17.41
N PHE C 1048 7.30 -22.83 -16.41
CA PHE C 1048 8.67 -23.32 -16.39
C PHE C 1048 8.70 -24.83 -16.52
N GLU C 1049 9.78 -25.31 -17.11
CA GLU C 1049 9.97 -26.73 -17.40
C GLU C 1049 11.01 -27.33 -16.46
N VAL C 1050 10.63 -28.40 -15.76
CA VAL C 1050 11.54 -29.15 -14.92
C VAL C 1050 11.52 -30.61 -15.37
N GLU C 1051 12.69 -31.13 -15.70
CA GLU C 1051 12.83 -32.55 -16.01
C GLU C 1051 13.72 -33.13 -14.91
N LEU C 1052 13.08 -33.82 -13.96
CA LEU C 1052 13.79 -34.38 -12.80
C LEU C 1052 14.74 -35.49 -13.22
N GLU C 1053 14.24 -36.47 -13.95
CA GLU C 1053 15.01 -37.67 -14.29
C GLU C 1053 14.79 -37.95 -15.77
N ARG C 1054 15.19 -39.14 -16.21
CA ARG C 1054 15.11 -39.51 -17.62
C ARG C 1054 13.67 -39.73 -18.07
N GLY C 1055 13.20 -38.91 -19.00
CA GLY C 1055 11.87 -39.05 -19.55
C GLY C 1055 10.79 -38.30 -18.80
N LYS C 1056 10.92 -38.22 -17.48
CA LYS C 1056 9.90 -37.62 -16.62
C LYS C 1056 10.01 -36.11 -16.70
N THR C 1057 9.15 -35.50 -17.51
CA THR C 1057 9.14 -34.07 -17.74
C THR C 1057 7.91 -33.44 -17.11
N LEU C 1058 8.04 -32.18 -16.67
CA LEU C 1058 6.99 -31.48 -15.93
C LEU C 1058 6.92 -30.04 -16.43
N HIS C 1059 5.76 -29.64 -16.94
CA HIS C 1059 5.47 -28.26 -17.31
C HIS C 1059 4.63 -27.66 -16.18
N ILE C 1060 5.23 -26.79 -15.37
CA ILE C 1060 4.60 -26.30 -14.16
C ILE C 1060 4.35 -24.80 -14.30
N LYS C 1061 3.14 -24.37 -13.98
CA LYS C 1061 2.80 -22.97 -13.81
C LYS C 1061 2.49 -22.71 -12.35
N ALA C 1062 2.67 -21.47 -11.92
CA ALA C 1062 2.32 -21.03 -10.56
C ALA C 1062 1.30 -19.91 -10.68
N LEU C 1063 0.06 -20.17 -10.24
CA LEU C 1063 -1.06 -19.31 -10.54
C LEU C 1063 -1.35 -18.30 -9.44
N ALA C 1064 -1.39 -18.72 -8.18
CA ALA C 1064 -1.75 -17.81 -7.10
C ALA C 1064 -1.17 -18.29 -5.78
N VAL C 1065 -1.10 -17.36 -4.83
CA VAL C 1065 -0.78 -17.64 -3.43
C VAL C 1065 -1.83 -16.96 -2.57
N SER C 1066 -2.46 -17.71 -1.67
CA SER C 1066 -3.54 -17.18 -0.83
C SER C 1066 -2.97 -16.42 0.35
N ASP C 1067 -3.82 -16.12 1.32
CA ASP C 1067 -3.41 -15.54 2.59
C ASP C 1067 -3.34 -16.63 3.65
N LEU C 1068 -3.08 -16.24 4.89
CA LEU C 1068 -2.77 -17.22 5.93
C LEU C 1068 -4.03 -17.85 6.49
N ASN C 1069 -3.88 -19.08 6.97
CA ASN C 1069 -4.96 -19.87 7.54
C ASN C 1069 -5.03 -19.63 9.05
N ARG C 1070 -5.77 -20.50 9.75
CA ARG C 1070 -5.82 -20.45 11.21
C ARG C 1070 -4.46 -20.78 11.82
N ALA C 1071 -3.78 -21.80 11.30
CA ALA C 1071 -2.50 -22.24 11.83
C ALA C 1071 -1.32 -21.46 11.24
N GLY C 1072 -1.56 -20.32 10.60
CA GLY C 1072 -0.49 -19.54 10.04
C GLY C 1072 0.10 -20.07 8.74
N GLN C 1073 -0.64 -20.90 8.01
CA GLN C 1073 -0.15 -21.51 6.79
C GLN C 1073 -0.78 -20.86 5.57
N ARG C 1074 0.01 -20.70 4.52
CA ARG C 1074 -0.47 -20.21 3.25
C ARG C 1074 -0.69 -21.36 2.28
N GLN C 1075 -1.43 -21.07 1.21
CA GLN C 1075 -1.72 -22.02 0.16
C GLN C 1075 -1.22 -21.48 -1.17
N VAL C 1076 -0.57 -22.36 -1.93
CA VAL C 1076 -0.03 -22.04 -3.24
C VAL C 1076 -0.76 -22.90 -4.26
N PHE C 1077 -1.09 -22.30 -5.39
CA PHE C 1077 -1.83 -22.97 -6.45
C PHE C 1077 -0.92 -23.13 -7.65
N PHE C 1078 -0.76 -24.37 -8.10
CA PHE C 1078 0.08 -24.71 -9.23
C PHE C 1078 -0.77 -25.32 -10.32
N GLU C 1079 -0.24 -25.27 -11.53
CA GLU C 1079 -0.76 -26.03 -12.66
C GLU C 1079 0.35 -27.01 -13.02
N LEU C 1080 0.24 -28.24 -12.53
CA LEU C 1080 1.22 -29.29 -12.78
C LEU C 1080 0.70 -30.16 -13.91
N ASN C 1081 1.46 -30.22 -15.01
CA ASN C 1081 1.14 -30.99 -16.22
C ASN C 1081 -0.21 -30.64 -16.84
N GLY C 1082 -0.72 -29.44 -16.57
CA GLY C 1082 -2.03 -29.03 -17.06
C GLY C 1082 -3.17 -29.17 -16.08
N GLN C 1083 -2.96 -29.73 -14.89
CA GLN C 1083 -4.04 -29.87 -13.92
C GLN C 1083 -3.69 -29.14 -12.63
N LEU C 1084 -4.72 -28.66 -11.94
CA LEU C 1084 -4.53 -27.77 -10.79
C LEU C 1084 -4.19 -28.56 -9.54
N ARG C 1085 -3.12 -28.13 -8.86
CA ARG C 1085 -2.64 -28.75 -7.62
C ARG C 1085 -2.47 -27.68 -6.56
N SER C 1086 -2.50 -28.12 -5.30
CA SER C 1086 -2.49 -27.21 -4.16
C SER C 1086 -1.43 -27.62 -3.15
N ILE C 1087 -0.71 -26.64 -2.64
CA ILE C 1087 0.41 -26.84 -1.73
C ILE C 1087 0.14 -26.00 -0.49
N LEU C 1088 0.30 -26.60 0.70
CA LEU C 1088 0.04 -25.91 1.97
C LEU C 1088 1.37 -25.77 2.71
N VAL C 1089 1.88 -24.54 2.81
CA VAL C 1089 3.18 -24.29 3.40
C VAL C 1089 3.06 -23.43 4.65
N LYS C 1090 3.79 -23.83 5.70
CA LYS C 1090 3.82 -23.09 6.95
C LYS C 1090 4.64 -21.82 6.79
N ASP C 1091 4.00 -20.67 7.01
CA ASP C 1091 4.77 -19.43 7.12
C ASP C 1091 5.50 -19.40 8.45
N THR C 1092 6.60 -18.66 8.50
CA THR C 1092 7.53 -18.74 9.62
C THR C 1092 7.62 -17.48 10.47
N GLN C 1093 6.78 -16.47 10.23
CA GLN C 1093 6.88 -15.24 10.99
C GLN C 1093 5.61 -14.86 11.74
N ALA C 1094 4.44 -15.38 11.35
CA ALA C 1094 3.18 -14.91 11.91
C ALA C 1094 2.74 -15.80 13.07
N MET C 1095 3.56 -15.78 14.12
CA MET C 1095 3.23 -16.43 15.38
C MET C 1095 4.01 -15.73 16.50
N LYS C 1096 3.78 -16.18 17.73
CA LYS C 1096 4.44 -15.71 18.95
C LYS C 1096 4.15 -14.22 19.19
N GLU C 1097 2.85 -13.86 19.09
CA GLU C 1097 2.37 -12.50 19.42
C GLU C 1097 1.08 -12.62 20.24
N MET C 1098 1.22 -12.80 21.56
CA MET C 1098 0.10 -12.76 22.50
C MET C 1098 0.62 -12.64 23.93
N HIS C 1099 -0.01 -11.74 24.70
CA HIS C 1099 0.17 -11.55 26.14
C HIS C 1099 -0.90 -10.57 26.63
N PHE C 1100 -1.53 -10.89 27.76
CA PHE C 1100 -2.43 -9.98 28.44
C PHE C 1100 -2.60 -10.44 29.88
N HIS C 1101 -3.45 -9.73 30.62
CA HIS C 1101 -3.70 -10.01 32.02
C HIS C 1101 -4.48 -11.33 32.18
N PRO C 1102 -4.20 -12.11 33.23
CA PRO C 1102 -4.96 -13.34 33.45
C PRO C 1102 -6.35 -13.05 34.02
N LYS C 1103 -7.17 -14.10 34.03
CA LYS C 1103 -8.57 -14.00 34.40
C LYS C 1103 -8.72 -14.02 35.92
N ALA C 1104 -9.98 -14.06 36.37
CA ALA C 1104 -10.33 -14.35 37.75
C ALA C 1104 -11.21 -15.59 37.73
N LEU C 1105 -10.67 -16.71 38.20
CA LEU C 1105 -11.33 -17.99 38.01
C LEU C 1105 -12.50 -18.15 38.98
N LYS C 1106 -13.65 -18.55 38.44
CA LYS C 1106 -14.92 -18.44 39.16
C LYS C 1106 -15.11 -19.54 40.21
N ASP C 1107 -14.39 -20.66 40.09
CA ASP C 1107 -14.62 -21.81 40.95
C ASP C 1107 -14.27 -21.57 42.41
N VAL C 1108 -13.35 -20.64 42.68
CA VAL C 1108 -12.93 -20.30 44.03
C VAL C 1108 -13.58 -18.97 44.41
N LYS C 1109 -14.26 -18.95 45.56
CA LYS C 1109 -14.86 -17.71 46.06
C LYS C 1109 -13.83 -16.72 46.59
N GLY C 1110 -12.59 -17.15 46.81
CA GLY C 1110 -11.52 -16.27 47.21
C GLY C 1110 -10.72 -15.72 46.04
N GLN C 1111 -11.39 -15.56 44.90
CA GLN C 1111 -10.78 -15.05 43.67
C GLN C 1111 -11.58 -13.82 43.26
N ILE C 1112 -11.28 -12.68 43.87
CA ILE C 1112 -12.11 -11.49 43.70
C ILE C 1112 -11.67 -10.77 42.44
N GLY C 1113 -12.59 -10.66 41.47
CA GLY C 1113 -12.31 -10.04 40.19
C GLY C 1113 -13.26 -8.87 39.92
N ALA C 1114 -13.01 -8.23 38.79
CA ALA C 1114 -13.76 -7.03 38.40
C ALA C 1114 -15.12 -7.41 37.84
N PRO C 1115 -16.23 -6.97 38.45
CA PRO C 1115 -17.55 -7.25 37.86
C PRO C 1115 -17.86 -6.41 36.64
N MET C 1116 -17.13 -5.32 36.42
CA MET C 1116 -17.31 -4.42 35.29
C MET C 1116 -15.97 -3.78 34.99
N PRO C 1117 -15.69 -3.46 33.73
CA PRO C 1117 -14.41 -2.82 33.40
C PRO C 1117 -14.34 -1.39 33.90
N GLY C 1118 -13.18 -0.80 33.75
CA GLY C 1118 -12.99 0.58 34.10
C GLY C 1118 -11.57 0.83 34.58
N LYS C 1119 -11.46 1.57 35.68
CA LYS C 1119 -10.17 2.00 36.19
C LYS C 1119 -10.18 1.94 37.71
N VAL C 1120 -9.15 1.32 38.27
CA VAL C 1120 -8.96 1.32 39.73
C VAL C 1120 -8.59 2.73 40.17
N ILE C 1121 -9.42 3.31 41.03
CA ILE C 1121 -9.14 4.65 41.52
C ILE C 1121 -8.68 4.69 42.97
N ASP C 1122 -9.05 3.68 43.79
CA ASP C 1122 -8.59 3.61 45.17
C ASP C 1122 -8.75 2.19 45.68
N ILE C 1123 -7.75 1.73 46.42
CA ILE C 1123 -7.76 0.45 47.12
C ILE C 1123 -7.81 0.74 48.61
N LYS C 1124 -8.73 0.09 49.32
CA LYS C 1124 -8.92 0.33 50.74
C LYS C 1124 -8.34 -0.76 51.63
N VAL C 1125 -7.57 -1.69 51.08
CA VAL C 1125 -7.06 -2.81 51.85
C VAL C 1125 -5.54 -2.71 51.94
N VAL C 1126 -4.99 -3.25 53.02
CA VAL C 1126 -3.56 -3.42 53.20
C VAL C 1126 -3.23 -4.88 52.88
N ALA C 1127 -2.25 -5.09 52.01
CA ALA C 1127 -1.90 -6.44 51.57
C ALA C 1127 -1.21 -7.19 52.71
N GLY C 1128 -1.94 -8.11 53.32
CA GLY C 1128 -1.40 -8.88 54.44
C GLY C 1128 -2.41 -9.13 55.55
N ALA C 1129 -3.35 -8.20 55.74
CA ALA C 1129 -4.39 -8.37 56.74
C ALA C 1129 -5.55 -9.17 56.16
N LYS C 1130 -6.56 -9.42 57.00
CA LYS C 1130 -7.75 -10.14 56.58
C LYS C 1130 -8.96 -9.25 56.81
N VAL C 1131 -10.00 -9.44 55.99
CA VAL C 1131 -11.18 -8.60 56.00
C VAL C 1131 -12.43 -9.46 56.18
N ALA C 1132 -13.52 -8.80 56.54
CA ALA C 1132 -14.83 -9.42 56.68
C ALA C 1132 -15.65 -9.19 55.42
N LYS C 1133 -16.71 -9.98 55.27
CA LYS C 1133 -17.57 -9.87 54.10
C LYS C 1133 -18.46 -8.63 54.23
N GLY C 1134 -18.61 -7.91 53.12
CA GLY C 1134 -19.36 -6.68 53.08
C GLY C 1134 -18.53 -5.42 53.21
N GLN C 1135 -17.27 -5.54 53.63
CA GLN C 1135 -16.42 -4.37 53.79
C GLN C 1135 -15.85 -3.94 52.44
N PRO C 1136 -15.66 -2.64 52.22
CA PRO C 1136 -15.11 -2.18 50.93
C PRO C 1136 -13.65 -2.54 50.79
N LEU C 1137 -13.27 -2.97 49.58
CA LEU C 1137 -11.89 -3.29 49.26
C LEU C 1137 -11.32 -2.35 48.21
N CYS C 1138 -11.94 -2.27 47.04
CA CYS C 1138 -11.48 -1.43 45.95
C CYS C 1138 -12.67 -0.75 45.31
N VAL C 1139 -12.43 0.43 44.73
CA VAL C 1139 -13.50 1.15 44.03
C VAL C 1139 -13.07 1.35 42.58
N LEU C 1140 -14.00 1.10 41.65
CA LEU C 1140 -13.69 1.23 40.24
C LEU C 1140 -14.63 2.19 39.51
N SER C 1141 -14.11 2.87 38.51
CA SER C 1141 -14.93 3.81 37.75
C SER C 1141 -14.87 3.58 36.25
N ALA C 1142 -16.02 3.76 35.60
CA ALA C 1142 -16.18 3.62 34.17
C ALA C 1142 -16.95 4.83 33.66
N MET C 1143 -17.46 4.75 32.43
CA MET C 1143 -18.19 5.86 31.82
C MET C 1143 -19.50 6.12 32.56
N LYS C 1144 -19.49 7.17 33.41
CA LYS C 1144 -20.62 7.59 34.23
C LYS C 1144 -21.12 6.49 35.16
N MET C 1145 -20.19 5.71 35.71
CA MET C 1145 -20.55 4.60 36.56
C MET C 1145 -19.40 4.31 37.53
N GLU C 1146 -19.72 4.10 38.80
CA GLU C 1146 -18.71 3.82 39.82
C GLU C 1146 -19.21 2.73 40.74
N THR C 1147 -18.39 1.70 40.93
CA THR C 1147 -18.77 0.60 41.80
C THR C 1147 -17.75 0.29 42.90
N VAL C 1148 -18.27 -0.13 44.04
CA VAL C 1148 -17.45 -0.48 45.20
C VAL C 1148 -17.43 -2.00 45.29
N VAL C 1149 -16.24 -2.58 45.42
CA VAL C 1149 -16.08 -4.03 45.48
C VAL C 1149 -16.23 -4.48 46.93
N THR C 1150 -17.11 -5.46 47.15
CA THR C 1150 -17.28 -6.07 48.46
C THR C 1150 -16.75 -7.50 48.42
N SER C 1151 -16.36 -7.99 49.60
CA SER C 1151 -15.86 -9.36 49.57
C SER C 1151 -16.98 -10.34 49.91
N PRO C 1152 -17.02 -11.51 49.25
CA PRO C 1152 -18.11 -12.46 49.49
C PRO C 1152 -17.98 -13.22 50.81
N MET C 1153 -16.75 -13.48 51.25
CA MET C 1153 -16.51 -14.12 52.53
C MET C 1153 -15.15 -13.68 53.06
N GLU C 1154 -14.78 -14.23 54.21
CA GLU C 1154 -13.55 -13.84 54.90
C GLU C 1154 -12.35 -14.57 54.30
N GLY C 1155 -11.18 -14.36 54.88
CA GLY C 1155 -9.94 -14.86 54.35
C GLY C 1155 -8.86 -13.79 54.38
N THR C 1156 -7.62 -14.25 54.24
CA THR C 1156 -6.45 -13.40 54.33
C THR C 1156 -6.09 -12.87 52.95
N VAL C 1157 -5.93 -11.55 52.85
CA VAL C 1157 -5.50 -10.93 51.60
C VAL C 1157 -4.05 -11.29 51.34
N ARG C 1158 -3.82 -12.12 50.33
CA ARG C 1158 -2.48 -12.58 50.01
C ARG C 1158 -1.68 -11.48 49.31
N LYS C 1159 -2.23 -10.93 48.22
CA LYS C 1159 -1.55 -9.90 47.46
C LYS C 1159 -2.58 -9.06 46.71
N VAL C 1160 -2.28 -7.77 46.57
CA VAL C 1160 -3.10 -6.87 45.76
C VAL C 1160 -2.58 -7.00 44.33
N HIS C 1161 -3.33 -7.71 43.49
CA HIS C 1161 -2.87 -8.05 42.15
C HIS C 1161 -2.87 -6.86 41.19
N VAL C 1162 -3.67 -5.83 41.46
CA VAL C 1162 -3.80 -4.68 40.56
C VAL C 1162 -3.06 -3.50 41.16
N THR C 1163 -2.48 -2.67 40.28
CA THR C 1163 -1.80 -1.47 40.69
C THR C 1163 -2.76 -0.28 40.67
N LYS C 1164 -2.23 0.92 40.84
CA LYS C 1164 -3.03 2.13 40.78
C LYS C 1164 -3.25 2.53 39.33
N ASP C 1165 -4.53 2.82 39.00
CA ASP C 1165 -4.95 3.38 37.71
C ASP C 1165 -4.61 2.44 36.54
N MET C 1166 -4.75 1.14 36.77
CA MET C 1166 -4.58 0.15 35.72
C MET C 1166 -5.93 -0.08 35.08
N THR C 1167 -6.07 0.34 33.82
CA THR C 1167 -7.32 0.18 33.10
C THR C 1167 -7.53 -1.28 32.70
N LEU C 1168 -8.25 -2.03 33.54
CA LEU C 1168 -8.44 -3.46 33.34
C LEU C 1168 -9.82 -3.73 32.77
N GLU C 1169 -10.01 -4.97 32.32
CA GLU C 1169 -11.24 -5.39 31.68
C GLU C 1169 -12.22 -5.92 32.73
N GLY C 1170 -13.29 -6.55 32.27
CA GLY C 1170 -14.21 -7.22 33.16
C GLY C 1170 -13.82 -8.68 33.35
N ASP C 1171 -14.21 -9.22 34.50
CA ASP C 1171 -13.84 -10.56 34.98
C ASP C 1171 -12.32 -10.72 35.02
N ASP C 1172 -11.63 -9.68 35.46
CA ASP C 1172 -10.18 -9.68 35.62
C ASP C 1172 -9.86 -9.54 37.10
N LEU C 1173 -8.83 -10.27 37.55
CA LEU C 1173 -8.59 -10.47 38.97
C LEU C 1173 -8.01 -9.22 39.60
N ILE C 1174 -8.60 -8.80 40.72
CA ILE C 1174 -8.05 -7.72 41.52
C ILE C 1174 -7.46 -8.21 42.84
N LEU C 1175 -8.04 -9.23 43.47
CA LEU C 1175 -7.57 -9.68 44.77
C LEU C 1175 -7.53 -11.21 44.83
N GLU C 1176 -6.41 -11.72 45.34
CA GLU C 1176 -6.28 -13.11 45.74
C GLU C 1176 -6.60 -13.21 47.22
N ILE C 1177 -7.55 -14.06 47.58
CA ILE C 1177 -7.98 -14.21 48.97
C ILE C 1177 -8.62 -15.58 49.17
N ASN D 495 -1.37 34.18 21.46
CA ASN D 495 -1.39 32.76 21.82
C ASN D 495 -2.81 32.19 21.76
N ARG D 496 -3.58 32.65 20.77
CA ARG D 496 -4.95 32.18 20.59
C ARG D 496 -5.10 31.25 19.40
N ALA D 497 -4.47 31.58 18.27
CA ALA D 497 -4.55 30.69 17.11
C ALA D 497 -3.66 29.46 17.29
N GLN D 498 -2.72 29.51 18.22
CA GLN D 498 -1.81 28.39 18.43
C GLN D 498 -2.52 27.23 19.12
N LYS D 499 -3.37 27.52 20.11
CA LYS D 499 -4.17 26.48 20.76
C LYS D 499 -5.16 25.86 19.79
N LEU D 500 -5.75 26.69 18.92
CA LEU D 500 -6.68 26.18 17.92
C LEU D 500 -5.98 25.28 16.91
N LEU D 501 -4.79 25.68 16.45
CA LEU D 501 -4.02 24.85 15.53
C LEU D 501 -3.52 23.59 16.20
N HIS D 502 -3.21 23.65 17.50
CA HIS D 502 -2.86 22.47 18.26
C HIS D 502 -4.02 21.49 18.33
N TYR D 503 -5.24 22.00 18.57
CA TYR D 503 -6.44 21.16 18.53
C TYR D 503 -6.66 20.55 17.16
N LEU D 504 -6.50 21.35 16.10
CA LEU D 504 -6.76 20.86 14.75
C LEU D 504 -5.74 19.81 14.33
N GLY D 505 -4.48 20.00 14.70
CA GLY D 505 -3.48 18.99 14.42
C GLY D 505 -3.64 17.74 15.26
N HIS D 506 -4.08 17.91 16.51
CA HIS D 506 -4.34 16.77 17.38
C HIS D 506 -5.50 15.93 16.88
N VAL D 507 -6.53 16.58 16.35
CA VAL D 507 -7.67 15.88 15.76
C VAL D 507 -7.29 15.24 14.43
N MET D 508 -6.41 15.89 13.65
CA MET D 508 -5.94 15.31 12.39
C MET D 508 -5.10 14.06 12.61
N VAL D 509 -4.13 14.13 13.51
CA VAL D 509 -3.21 13.02 13.71
C VAL D 509 -3.85 11.92 14.56
N ASN D 510 -4.43 12.29 15.70
CA ASN D 510 -4.86 11.29 16.68
C ASN D 510 -6.33 10.91 16.57
N GLY D 511 -7.13 11.67 15.83
CA GLY D 511 -8.56 11.46 15.84
C GLY D 511 -9.22 12.36 16.86
N PRO D 512 -10.56 12.43 16.83
CA PRO D 512 -11.26 13.33 17.75
C PRO D 512 -11.22 12.82 19.18
N THR D 513 -11.13 13.77 20.12
CA THR D 513 -11.11 13.43 21.54
C THR D 513 -12.48 13.03 22.06
N THR D 514 -13.53 13.23 21.27
CA THR D 514 -14.84 12.71 21.60
C THR D 514 -14.87 11.20 21.39
N PRO D 515 -15.53 10.44 22.26
CA PRO D 515 -15.85 9.05 21.93
C PRO D 515 -16.84 8.98 20.79
N ILE D 516 -16.56 8.14 19.81
CA ILE D 516 -17.35 8.06 18.58
C ILE D 516 -18.01 6.69 18.50
N PRO D 517 -19.33 6.58 18.72
CA PRO D 517 -19.97 5.26 18.75
C PRO D 517 -20.15 4.63 17.37
N VAL D 518 -20.46 5.45 16.38
CA VAL D 518 -20.64 4.99 15.01
C VAL D 518 -19.52 5.58 14.17
N LYS D 519 -18.67 4.71 13.62
CA LYS D 519 -17.53 5.18 12.83
C LYS D 519 -17.99 5.70 11.48
N ALA D 520 -18.23 7.01 11.40
CA ALA D 520 -18.66 7.65 10.17
C ALA D 520 -18.20 9.10 10.21
N SER D 521 -18.28 9.75 9.06
CA SER D 521 -17.78 11.09 8.88
C SER D 521 -18.93 12.07 8.71
N PRO D 522 -18.73 13.35 9.04
CA PRO D 522 -19.74 14.36 8.72
C PRO D 522 -19.88 14.54 7.22
N SER D 523 -21.08 14.86 6.79
CA SER D 523 -21.38 14.98 5.38
C SER D 523 -20.68 16.21 4.78
N PRO D 524 -20.27 16.13 3.51
CA PRO D 524 -19.71 17.32 2.85
C PRO D 524 -20.76 18.37 2.51
N THR D 525 -22.04 18.03 2.57
CA THR D 525 -23.11 18.99 2.31
C THR D 525 -23.27 19.91 3.51
N ASP D 526 -23.43 21.22 3.23
CA ASP D 526 -23.65 22.13 4.34
C ASP D 526 -25.15 22.32 4.59
N PRO D 527 -25.54 22.60 5.84
CA PRO D 527 -26.94 22.95 6.11
C PRO D 527 -27.33 24.26 5.42
N VAL D 528 -28.49 24.25 4.78
CA VAL D 528 -28.97 25.39 4.01
C VAL D 528 -29.80 26.26 4.94
N VAL D 529 -29.21 27.37 5.37
CA VAL D 529 -29.95 28.38 6.14
C VAL D 529 -30.82 29.19 5.19
N PRO D 530 -32.11 29.35 5.48
CA PRO D 530 -32.98 30.11 4.56
C PRO D 530 -32.77 31.61 4.65
N ALA D 531 -33.58 32.36 3.90
CA ALA D 531 -33.50 33.82 3.92
C ALA D 531 -34.31 34.36 5.09
N VAL D 532 -33.74 35.35 5.78
CA VAL D 532 -34.34 35.95 6.96
C VAL D 532 -34.57 37.42 6.66
N PRO D 533 -35.78 37.96 6.86
CA PRO D 533 -36.01 39.39 6.63
C PRO D 533 -35.27 40.25 7.65
N ILE D 534 -34.59 41.28 7.17
CA ILE D 534 -33.79 42.14 8.03
C ILE D 534 -34.72 43.11 8.76
N GLY D 535 -34.48 43.29 10.06
CA GLY D 535 -35.33 44.12 10.88
C GLY D 535 -35.63 43.46 12.21
N PRO D 536 -36.47 44.10 13.02
CA PRO D 536 -36.82 43.52 14.32
C PRO D 536 -37.82 42.39 14.17
N PRO D 537 -37.75 41.37 15.01
CA PRO D 537 -38.66 40.22 14.91
C PRO D 537 -40.06 40.60 15.36
N PRO D 538 -41.09 39.76 15.08
CA PRO D 538 -42.45 40.06 15.56
C PRO D 538 -42.62 39.99 17.07
N ALA D 539 -43.84 40.26 17.54
CA ALA D 539 -44.16 40.16 18.95
C ALA D 539 -44.70 38.78 19.25
N GLY D 540 -44.28 38.22 20.38
CA GLY D 540 -44.62 36.88 20.77
C GLY D 540 -45.26 36.83 22.14
N PHE D 541 -45.08 35.67 22.80
CA PHE D 541 -45.64 35.47 24.12
C PHE D 541 -44.72 35.97 25.23
N ARG D 542 -43.43 36.18 24.93
CA ARG D 542 -42.55 36.75 25.94
C ARG D 542 -42.86 38.22 26.19
N ASP D 543 -43.44 38.92 25.22
CA ASP D 543 -43.86 40.29 25.44
C ASP D 543 -45.00 40.36 26.45
N ILE D 544 -45.99 39.47 26.32
CA ILE D 544 -47.08 39.46 27.30
C ILE D 544 -46.60 38.88 28.62
N LEU D 545 -45.55 38.04 28.60
CA LEU D 545 -44.96 37.54 29.83
C LEU D 545 -44.30 38.67 30.61
N LEU D 546 -43.40 39.41 29.96
CA LEU D 546 -42.75 40.55 30.59
C LEU D 546 -43.70 41.70 30.87
N ARG D 547 -44.87 41.73 30.23
CA ARG D 547 -45.82 42.82 30.51
C ARG D 547 -46.79 42.51 31.65
N GLU D 548 -47.16 41.24 31.87
CA GLU D 548 -48.13 41.00 32.94
C GLU D 548 -47.86 39.77 33.82
N GLY D 549 -46.65 39.21 33.83
CA GLY D 549 -46.33 38.19 34.80
C GLY D 549 -46.80 36.80 34.43
N PRO D 550 -46.45 35.82 35.27
CA PRO D 550 -46.79 34.42 34.96
C PRO D 550 -48.27 34.11 35.03
N GLU D 551 -49.03 34.77 35.91
CA GLU D 551 -50.47 34.50 35.97
C GLU D 551 -51.19 35.09 34.76
N GLY D 552 -50.74 36.23 34.25
CA GLY D 552 -51.29 36.74 33.01
C GLY D 552 -50.87 35.93 31.81
N PHE D 553 -49.66 35.37 31.85
CA PHE D 553 -49.23 34.44 30.80
C PHE D 553 -50.07 33.17 30.81
N ALA D 554 -50.41 32.67 32.00
CA ALA D 554 -51.26 31.48 32.12
C ALA D 554 -52.68 31.77 31.66
N ARG D 555 -53.19 32.96 31.95
CA ARG D 555 -54.51 33.33 31.44
C ARG D 555 -54.51 33.62 29.95
N ALA D 556 -53.37 34.01 29.38
CA ALA D 556 -53.31 34.22 27.93
C ALA D 556 -53.19 32.90 27.18
N VAL D 557 -52.46 31.94 27.73
CA VAL D 557 -52.39 30.64 27.08
C VAL D 557 -53.67 29.85 27.31
N ARG D 558 -54.40 30.15 28.40
CA ARG D 558 -55.70 29.53 28.64
C ARG D 558 -56.80 30.12 27.77
N ASN D 559 -56.67 31.37 27.33
CA ASN D 559 -57.67 32.04 26.53
C ASN D 559 -57.21 32.22 25.09
N HIS D 560 -56.52 31.22 24.55
CA HIS D 560 -56.11 31.22 23.16
C HIS D 560 -56.99 30.26 22.38
N PRO D 561 -57.74 30.72 21.37
CA PRO D 561 -58.56 29.81 20.57
C PRO D 561 -57.71 29.05 19.56
N GLY D 562 -57.51 27.77 19.81
CA GLY D 562 -56.69 26.94 18.94
C GLY D 562 -55.53 26.31 19.69
N LEU D 563 -54.93 25.34 19.02
CA LEU D 563 -53.82 24.60 19.59
C LEU D 563 -52.54 25.43 19.56
N LEU D 564 -51.80 25.41 20.66
CA LEU D 564 -50.48 26.00 20.72
C LEU D 564 -49.42 24.92 20.70
N LEU D 565 -48.28 25.24 20.09
CA LEU D 565 -47.18 24.32 19.95
C LEU D 565 -45.96 24.82 20.71
N MET D 566 -45.14 23.88 21.14
CA MET D 566 -43.83 24.18 21.73
C MET D 566 -42.78 23.41 20.95
N ASP D 567 -41.74 24.11 20.52
CA ASP D 567 -40.66 23.47 19.78
C ASP D 567 -39.68 22.81 20.75
N THR D 568 -39.35 21.55 20.49
CA THR D 568 -38.38 20.80 21.27
C THR D 568 -37.16 20.42 20.46
N THR D 569 -36.91 21.09 19.34
CA THR D 569 -35.83 20.69 18.45
C THR D 569 -34.47 21.04 19.02
N PHE D 570 -34.41 22.06 19.87
CA PHE D 570 -33.13 22.52 20.39
C PHE D 570 -32.64 21.70 21.58
N ARG D 571 -33.53 21.02 22.31
CA ARG D 571 -33.12 20.18 23.41
C ARG D 571 -33.48 18.71 23.22
N ASP D 572 -34.76 18.37 23.09
CA ASP D 572 -35.18 16.99 23.27
C ASP D 572 -35.04 16.16 22.01
N ALA D 573 -35.05 16.79 20.83
CA ALA D 573 -34.91 16.07 19.59
C ALA D 573 -33.52 15.44 19.46
N HIS D 574 -32.47 16.22 19.69
CA HIS D 574 -31.13 15.67 19.56
C HIS D 574 -30.67 14.91 20.78
N GLN D 575 -31.32 15.09 21.94
CA GLN D 575 -31.08 14.18 23.04
C GLN D 575 -31.70 12.81 22.77
N SER D 576 -32.87 12.79 22.11
CA SER D 576 -33.49 11.53 21.75
C SER D 576 -32.81 10.86 20.55
N LEU D 577 -32.26 11.63 19.63
CA LEU D 577 -31.80 11.08 18.36
C LEU D 577 -30.30 11.08 18.18
N LEU D 578 -29.58 12.08 18.71
CA LEU D 578 -28.17 12.25 18.40
C LEU D 578 -27.30 12.26 19.66
N ALA D 579 -27.79 11.67 20.76
CA ALA D 579 -27.07 11.50 22.03
C ALA D 579 -26.64 12.84 22.62
N THR D 580 -27.50 13.84 22.44
CA THR D 580 -27.39 15.21 22.97
C THR D 580 -26.15 15.94 22.41
N ARG D 581 -25.67 15.55 21.23
CA ARG D 581 -24.37 16.02 20.75
C ARG D 581 -24.45 17.24 19.82
N VAL D 582 -25.62 17.81 19.59
CA VAL D 582 -25.72 18.98 18.72
C VAL D 582 -25.13 20.19 19.44
N ARG D 583 -24.29 20.94 18.73
CA ARG D 583 -23.55 22.05 19.30
C ARG D 583 -24.30 23.37 19.12
N THR D 584 -23.76 24.41 19.75
CA THR D 584 -24.36 25.74 19.75
C THR D 584 -24.21 26.44 18.40
N HIS D 585 -23.23 26.03 17.59
CA HIS D 585 -23.01 26.60 16.26
C HIS D 585 -24.21 26.37 15.35
N ASP D 586 -24.68 25.13 15.29
CA ASP D 586 -25.81 24.77 14.45
C ASP D 586 -27.14 25.28 14.98
N LEU D 587 -27.23 25.59 16.26
CA LEU D 587 -28.43 26.21 16.79
C LEU D 587 -28.44 27.70 16.50
N LYS D 588 -27.28 28.34 16.59
CA LYS D 588 -27.16 29.76 16.33
C LYS D 588 -27.36 30.08 14.87
N LYS D 589 -27.06 29.13 13.98
CA LYS D 589 -27.28 29.39 12.56
C LYS D 589 -28.76 29.46 12.17
N ILE D 590 -29.67 28.88 12.96
CA ILE D 590 -31.09 28.90 12.63
C ILE D 590 -31.92 29.69 13.65
N ALA D 591 -31.35 30.10 14.78
CA ALA D 591 -32.07 30.93 15.74
C ALA D 591 -32.69 32.24 15.20
N PRO D 592 -32.08 33.03 14.29
CA PRO D 592 -32.81 34.19 13.76
C PRO D 592 -33.99 33.83 12.88
N TYR D 593 -33.93 32.70 12.18
CA TYR D 593 -35.08 32.27 11.38
C TYR D 593 -36.27 31.92 12.27
N VAL D 594 -36.01 31.24 13.39
CA VAL D 594 -37.04 30.92 14.36
C VAL D 594 -37.59 32.19 14.99
N ALA D 595 -36.70 33.15 15.29
CA ALA D 595 -37.13 34.40 15.89
C ALA D 595 -38.00 35.23 14.95
N HIS D 596 -37.74 35.16 13.64
CA HIS D 596 -38.53 35.92 12.70
C HIS D 596 -39.83 35.22 12.31
N ASN D 597 -39.84 33.89 12.28
CA ASN D 597 -40.92 33.17 11.59
C ASN D 597 -41.81 32.35 12.51
N PHE D 598 -41.36 32.02 13.71
CA PHE D 598 -42.12 31.19 14.64
C PHE D 598 -42.55 31.98 15.88
N SER D 599 -43.03 33.20 15.66
CA SER D 599 -43.39 34.10 16.75
C SER D 599 -44.59 33.62 17.55
N LYS D 600 -45.42 32.74 16.99
CA LYS D 600 -46.63 32.29 17.65
C LYS D 600 -46.41 31.03 18.49
N LEU D 601 -45.17 30.68 18.79
CA LEU D 601 -44.91 29.53 19.65
C LEU D 601 -45.24 29.84 21.10
N PHE D 602 -45.55 28.80 21.85
CA PHE D 602 -45.73 28.93 23.29
C PHE D 602 -44.39 29.18 23.97
N SER D 603 -43.46 28.24 23.81
CA SER D 603 -42.10 28.38 24.32
C SER D 603 -41.19 27.56 23.43
N MET D 604 -39.96 27.35 23.89
CA MET D 604 -38.99 26.57 23.13
C MET D 604 -38.01 25.98 24.12
N GLU D 605 -38.03 24.66 24.28
CA GLU D 605 -37.13 23.98 25.21
C GLU D 605 -35.74 23.92 24.59
N ASN D 606 -34.79 24.65 25.19
CA ASN D 606 -33.44 24.69 24.65
C ASN D 606 -32.37 24.57 25.73
N TRP D 607 -32.72 24.16 26.95
CA TRP D 607 -31.74 24.02 28.00
C TRP D 607 -32.25 23.01 29.01
N GLY D 608 -31.34 22.47 29.80
CA GLY D 608 -31.71 21.45 30.75
C GLY D 608 -31.59 20.05 30.19
N GLY D 609 -32.07 19.10 30.99
CA GLY D 609 -31.97 17.70 30.59
C GLY D 609 -30.55 17.20 30.67
N ALA D 610 -30.11 16.51 29.63
CA ALA D 610 -28.75 16.03 29.51
C ALA D 610 -27.83 17.01 28.78
N THR D 611 -28.31 18.21 28.46
CA THR D 611 -27.49 19.16 27.73
C THR D 611 -26.37 19.76 28.57
N PHE D 612 -26.57 19.83 29.88
CA PHE D 612 -25.58 20.36 30.81
C PHE D 612 -24.35 19.47 30.85
N ASP D 613 -24.55 18.19 31.19
CA ASP D 613 -23.46 17.23 31.35
C ASP D 613 -22.75 16.96 30.03
N VAL D 614 -23.50 16.88 28.92
CA VAL D 614 -22.89 16.59 27.63
C VAL D 614 -22.18 17.83 27.08
N ALA D 615 -22.74 19.01 27.33
CA ALA D 615 -22.11 20.25 26.87
C ALA D 615 -20.79 20.50 27.57
N MET D 616 -20.67 20.13 28.86
CA MET D 616 -19.37 20.24 29.50
C MET D 616 -18.46 19.06 29.18
N ARG D 617 -19.02 17.85 29.07
CA ARG D 617 -18.22 16.63 29.10
C ARG D 617 -17.69 16.23 27.73
N PHE D 618 -18.55 16.16 26.72
CA PHE D 618 -18.17 15.68 25.40
C PHE D 618 -18.00 16.78 24.36
N LEU D 619 -18.51 17.97 24.61
CA LEU D 619 -18.54 19.00 23.60
C LEU D 619 -17.67 20.21 23.94
N TYR D 620 -17.20 20.31 25.20
CA TYR D 620 -16.30 21.36 25.66
C TYR D 620 -16.90 22.75 25.45
N GLU D 621 -18.12 22.91 25.95
CA GLU D 621 -18.87 24.15 25.83
C GLU D 621 -19.38 24.55 27.20
N CYS D 622 -19.61 25.80 27.37
CA CYS D 622 -20.34 26.18 28.57
C CYS D 622 -21.83 26.23 28.25
N PRO D 623 -22.68 25.62 29.07
CA PRO D 623 -24.13 25.68 28.81
C PRO D 623 -24.72 27.06 29.01
N TRP D 624 -24.18 27.84 29.95
CA TRP D 624 -24.62 29.22 30.14
C TRP D 624 -24.25 30.08 28.93
N ARG D 625 -23.17 29.72 28.23
CA ARG D 625 -22.80 30.44 27.03
C ARG D 625 -23.81 30.20 25.91
N ARG D 626 -24.26 28.95 25.74
CA ARG D 626 -25.32 28.64 24.78
C ARG D 626 -26.61 29.37 25.13
N LEU D 627 -26.96 29.38 26.42
CA LEU D 627 -28.18 30.05 26.87
C LEU D 627 -28.14 31.54 26.59
N GLN D 628 -27.00 32.19 26.86
CA GLN D 628 -26.87 33.63 26.62
C GLN D 628 -26.87 33.95 25.13
N GLU D 629 -26.20 33.13 24.31
CA GLU D 629 -26.16 33.37 22.87
C GLU D 629 -27.54 33.25 22.23
N LEU D 630 -28.26 32.17 22.57
CA LEU D 630 -29.61 32.02 22.03
C LEU D 630 -30.60 33.00 22.66
N ARG D 631 -30.30 33.53 23.84
CA ARG D 631 -31.18 34.55 24.39
C ARG D 631 -30.98 35.89 23.69
N GLU D 632 -29.76 36.21 23.26
CA GLU D 632 -29.62 37.36 22.38
C GLU D 632 -30.25 37.10 21.02
N LEU D 633 -30.21 35.86 20.52
CA LEU D 633 -30.65 35.66 19.14
C LEU D 633 -32.17 35.56 19.01
N ILE D 634 -32.86 35.00 19.98
CA ILE D 634 -34.32 34.86 19.96
C ILE D 634 -34.89 35.65 21.12
N PRO D 635 -35.31 36.90 20.90
CA PRO D 635 -35.86 37.72 21.99
C PRO D 635 -37.37 37.65 22.16
N ASN D 636 -38.12 37.14 21.19
CA ASN D 636 -39.57 37.26 21.18
C ASN D 636 -40.30 36.01 21.64
N ILE D 637 -39.60 34.91 21.88
CA ILE D 637 -40.19 33.63 22.25
C ILE D 637 -39.72 33.30 23.66
N PRO D 638 -40.61 32.91 24.58
CA PRO D 638 -40.16 32.48 25.90
C PRO D 638 -39.33 31.21 25.83
N PHE D 639 -38.38 31.10 26.75
CA PHE D 639 -37.51 29.94 26.83
C PHE D 639 -38.06 28.98 27.87
N GLN D 640 -37.71 27.70 27.72
CA GLN D 640 -38.19 26.67 28.63
C GLN D 640 -37.04 25.73 28.97
N MET D 641 -36.90 25.39 30.25
CA MET D 641 -35.90 24.43 30.68
C MET D 641 -36.55 23.28 31.43
N LEU D 642 -35.89 22.13 31.39
CA LEU D 642 -36.36 20.90 32.02
C LEU D 642 -35.54 20.70 33.29
N LEU D 643 -36.16 20.96 34.45
CA LEU D 643 -35.51 20.90 35.74
C LEU D 643 -36.07 19.72 36.52
N ARG D 644 -35.18 18.90 37.08
CA ARG D 644 -35.63 17.80 37.92
C ARG D 644 -35.97 18.34 39.32
N GLY D 645 -36.52 17.48 40.15
CA GLY D 645 -36.95 17.90 41.47
C GLY D 645 -35.81 18.46 42.27
N ALA D 646 -35.33 17.69 43.21
CA ALA D 646 -34.19 18.11 43.97
C ALA D 646 -32.96 17.67 43.21
N ASN D 647 -33.10 17.22 41.97
CA ASN D 647 -31.94 16.78 41.20
C ASN D 647 -31.39 17.82 40.28
N ALA D 648 -31.93 19.02 40.32
CA ALA D 648 -31.45 20.08 39.47
C ALA D 648 -31.10 19.64 38.03
N VAL D 649 -29.83 19.45 37.74
CA VAL D 649 -29.43 19.01 36.41
C VAL D 649 -28.42 17.90 36.58
N GLY D 650 -28.49 17.28 37.75
CA GLY D 650 -27.64 16.19 38.13
C GLY D 650 -28.35 14.86 38.18
N TYR D 651 -27.82 13.94 38.98
CA TYR D 651 -28.32 12.58 39.04
C TYR D 651 -28.69 12.12 40.45
N THR D 652 -28.57 12.99 41.45
CA THR D 652 -28.92 12.64 42.83
C THR D 652 -29.53 13.86 43.50
N ASN D 653 -30.07 13.65 44.69
CA ASN D 653 -30.71 14.75 45.41
C ASN D 653 -29.67 15.72 45.96
N TYR D 654 -29.98 17.01 45.85
CA TYR D 654 -29.11 18.08 46.28
C TYR D 654 -29.76 18.86 47.42
N PRO D 655 -28.96 19.53 48.26
CA PRO D 655 -29.54 20.42 49.28
C PRO D 655 -30.26 21.61 48.65
N ASP D 656 -31.13 22.22 49.47
CA ASP D 656 -32.12 23.16 48.95
C ASP D 656 -31.50 24.45 48.43
N ASN D 657 -30.40 24.89 49.04
CA ASN D 657 -29.78 26.15 48.66
C ASN D 657 -29.18 26.07 47.27
N VAL D 658 -28.72 24.88 46.86
CA VAL D 658 -28.08 24.73 45.56
C VAL D 658 -29.12 24.83 44.44
N VAL D 659 -30.28 24.20 44.63
CA VAL D 659 -31.34 24.26 43.62
C VAL D 659 -31.99 25.64 43.59
N PHE D 660 -32.14 26.29 44.75
CA PHE D 660 -32.67 27.65 44.78
C PHE D 660 -31.73 28.63 44.08
N LYS D 661 -30.42 28.51 44.32
CA LYS D 661 -29.44 29.34 43.62
C LYS D 661 -29.41 29.02 42.14
N PHE D 662 -29.62 27.74 41.78
CA PHE D 662 -29.62 27.32 40.38
C PHE D 662 -30.76 27.97 39.61
N CYS D 663 -31.97 27.94 40.18
CA CYS D 663 -33.11 28.60 39.55
C CYS D 663 -32.96 30.12 39.54
N GLU D 664 -32.34 30.69 40.59
CA GLU D 664 -32.06 32.12 40.62
C GLU D 664 -31.17 32.56 39.47
N VAL D 665 -30.05 31.87 39.26
CA VAL D 665 -29.12 32.23 38.21
C VAL D 665 -29.67 31.90 36.82
N ALA D 666 -30.45 30.82 36.70
CA ALA D 666 -31.04 30.50 35.39
C ALA D 666 -32.11 31.51 34.99
N LYS D 667 -32.91 31.98 35.95
CA LYS D 667 -33.85 33.05 35.66
C LYS D 667 -33.12 34.35 35.36
N GLU D 668 -31.99 34.59 36.03
CA GLU D 668 -31.16 35.76 35.75
C GLU D 668 -30.61 35.74 34.33
N ASN D 669 -30.27 34.55 33.82
CA ASN D 669 -29.66 34.46 32.50
C ASN D 669 -30.68 34.57 31.37
N GLY D 670 -31.94 34.21 31.61
CA GLY D 670 -32.94 34.34 30.56
C GLY D 670 -34.00 33.26 30.49
N MET D 671 -33.94 32.29 31.39
CA MET D 671 -34.94 31.22 31.40
C MET D 671 -36.28 31.74 31.92
N ASP D 672 -37.36 31.39 31.21
CA ASP D 672 -38.70 31.88 31.50
C ASP D 672 -39.61 30.83 32.11
N VAL D 673 -39.67 29.64 31.52
CA VAL D 673 -40.57 28.58 31.94
C VAL D 673 -39.73 27.43 32.48
N PHE D 674 -40.12 26.91 33.64
CA PHE D 674 -39.40 25.83 34.30
C PHE D 674 -40.34 24.65 34.42
N ARG D 675 -40.02 23.55 33.75
CA ARG D 675 -40.81 22.34 33.86
C ARG D 675 -40.17 21.46 34.93
N VAL D 676 -40.86 21.30 36.05
CA VAL D 676 -40.35 20.60 37.22
C VAL D 676 -41.04 19.24 37.31
N PHE D 677 -40.25 18.18 37.39
CA PHE D 677 -40.76 16.82 37.50
C PHE D 677 -39.86 16.02 38.43
N ASP D 678 -40.36 14.88 38.88
CA ASP D 678 -39.63 13.96 39.74
C ASP D 678 -39.78 12.54 39.21
N SER D 679 -38.78 11.72 39.52
CA SER D 679 -38.71 10.38 38.97
C SER D 679 -39.74 9.44 39.58
N LEU D 680 -39.78 9.35 40.90
CA LEU D 680 -40.65 8.41 41.60
C LEU D 680 -42.01 9.01 41.90
N ASN D 681 -42.28 10.22 41.37
CA ASN D 681 -43.43 11.06 41.71
C ASN D 681 -43.49 11.30 43.21
N TYR D 682 -42.32 11.46 43.82
CA TYR D 682 -42.21 11.73 45.24
C TYR D 682 -42.58 13.19 45.48
N LEU D 683 -43.66 13.39 46.23
CA LEU D 683 -44.31 14.70 46.30
C LEU D 683 -43.50 15.82 46.96
N PRO D 684 -42.75 15.63 48.07
CA PRO D 684 -42.00 16.78 48.61
C PRO D 684 -40.84 17.25 47.74
N ASN D 685 -40.21 16.37 46.96
CA ASN D 685 -39.21 16.80 45.99
C ASN D 685 -39.84 17.66 44.90
N MET D 686 -41.05 17.28 44.46
CA MET D 686 -41.79 18.09 43.50
C MET D 686 -42.13 19.45 44.07
N LEU D 687 -42.54 19.49 45.34
CA LEU D 687 -42.91 20.77 45.96
C LEU D 687 -41.68 21.64 46.17
N LEU D 688 -40.54 21.03 46.48
CA LEU D 688 -39.28 21.75 46.59
C LEU D 688 -38.86 22.37 45.27
N GLY D 689 -38.90 21.57 44.19
CA GLY D 689 -38.52 22.08 42.88
C GLY D 689 -39.46 23.15 42.38
N MET D 690 -40.77 22.99 42.66
CA MET D 690 -41.74 24.01 42.30
C MET D 690 -41.54 25.29 43.09
N GLU D 691 -41.16 25.17 44.37
CA GLU D 691 -40.91 26.36 45.19
C GLU D 691 -39.65 27.10 44.73
N ALA D 692 -38.61 26.34 44.38
CA ALA D 692 -37.38 26.95 43.88
C ALA D 692 -37.59 27.61 42.53
N ALA D 693 -38.42 27.01 41.67
CA ALA D 693 -38.70 27.61 40.37
C ALA D 693 -39.63 28.81 40.48
N GLY D 694 -40.57 28.77 41.41
CA GLY D 694 -41.53 29.85 41.57
C GLY D 694 -41.00 31.07 42.30
N SER D 695 -40.14 30.86 43.29
CA SER D 695 -39.57 31.98 44.03
C SER D 695 -38.55 32.76 43.21
N ALA D 696 -37.95 32.13 42.20
CA ALA D 696 -37.04 32.84 41.30
C ALA D 696 -37.78 33.82 40.40
N GLY D 697 -39.08 33.63 40.20
CA GLY D 697 -39.88 34.51 39.39
C GLY D 697 -40.31 33.96 38.05
N GLY D 698 -40.19 32.66 37.83
CA GLY D 698 -40.52 32.07 36.55
C GLY D 698 -41.86 31.34 36.55
N VAL D 699 -42.30 31.00 35.34
CA VAL D 699 -43.52 30.23 35.18
C VAL D 699 -43.25 28.79 35.57
N VAL D 700 -44.17 28.21 36.34
CA VAL D 700 -44.02 26.86 36.87
C VAL D 700 -44.88 25.91 36.07
N GLU D 701 -44.26 24.86 35.53
CA GLU D 701 -44.95 23.81 34.81
C GLU D 701 -44.73 22.53 35.61
N ALA D 702 -45.74 22.12 36.37
CA ALA D 702 -45.61 20.91 37.16
C ALA D 702 -45.90 19.71 36.28
N ALA D 703 -44.88 18.88 36.05
CA ALA D 703 -44.98 17.78 35.11
C ALA D 703 -45.19 16.48 35.88
N ILE D 704 -46.30 15.82 35.62
CA ILE D 704 -46.57 14.51 36.17
C ILE D 704 -46.01 13.47 35.21
N SER D 705 -45.15 12.60 35.71
CA SER D 705 -44.60 11.52 34.90
C SER D 705 -45.66 10.45 34.70
N TYR D 706 -45.91 10.09 33.46
CA TYR D 706 -46.92 9.10 33.11
C TYR D 706 -46.24 7.76 32.82
N THR D 707 -46.88 6.69 33.28
CA THR D 707 -46.43 5.33 32.97
C THR D 707 -47.64 4.41 33.03
N GLY D 708 -47.55 3.29 32.33
CA GLY D 708 -48.61 2.30 32.36
C GLY D 708 -49.73 2.65 31.40
N ASP D 709 -50.97 2.52 31.88
CA ASP D 709 -52.14 2.80 31.06
C ASP D 709 -53.32 3.05 31.97
N VAL D 710 -53.89 4.26 31.92
CA VAL D 710 -55.07 4.55 32.72
C VAL D 710 -56.33 3.98 32.10
N ALA D 711 -56.31 3.65 30.81
CA ALA D 711 -57.47 3.05 30.15
C ALA D 711 -57.53 1.54 30.34
N ASP D 712 -56.46 0.93 30.85
CA ASP D 712 -56.44 -0.50 31.09
C ASP D 712 -56.69 -0.76 32.57
N PRO D 713 -57.84 -1.34 32.95
CA PRO D 713 -58.12 -1.56 34.38
C PRO D 713 -57.38 -2.73 34.98
N SER D 714 -56.69 -3.55 34.18
CA SER D 714 -55.94 -4.68 34.72
C SER D 714 -54.74 -4.23 35.53
N ARG D 715 -54.16 -3.08 35.19
CA ARG D 715 -53.04 -2.52 35.93
C ARG D 715 -53.59 -1.46 36.89
N THR D 716 -53.31 -1.62 38.18
CA THR D 716 -54.02 -0.90 39.22
C THR D 716 -53.07 -0.08 40.09
N LYS D 717 -51.76 -0.16 39.86
CA LYS D 717 -50.80 0.57 40.69
C LYS D 717 -50.86 2.07 40.39
N TYR D 718 -50.62 2.44 39.13
CA TYR D 718 -50.75 3.84 38.72
C TYR D 718 -52.10 4.00 38.02
N SER D 719 -53.15 4.06 38.83
CA SER D 719 -54.51 4.21 38.35
C SER D 719 -54.78 5.65 37.94
N LEU D 720 -55.97 5.88 37.39
CA LEU D 720 -56.40 7.23 37.04
C LEU D 720 -56.60 8.10 38.29
N GLN D 721 -57.06 7.50 39.38
CA GLN D 721 -57.24 8.23 40.62
C GLN D 721 -55.90 8.63 41.24
N TYR D 722 -54.85 7.85 40.99
CA TYR D 722 -53.51 8.21 41.43
C TYR D 722 -53.03 9.49 40.77
N TYR D 723 -53.21 9.59 39.45
CA TYR D 723 -52.88 10.81 38.73
C TYR D 723 -53.79 11.96 39.13
N MET D 724 -55.06 11.68 39.43
CA MET D 724 -55.98 12.74 39.84
C MET D 724 -55.62 13.32 41.20
N GLY D 725 -55.23 12.45 42.15
CA GLY D 725 -54.80 12.94 43.45
C GLY D 725 -53.47 13.67 43.39
N LEU D 726 -52.55 13.17 42.56
CA LEU D 726 -51.27 13.84 42.35
C LEU D 726 -51.47 15.23 41.73
N ALA D 727 -52.34 15.32 40.72
CA ALA D 727 -52.64 16.60 40.09
C ALA D 727 -53.37 17.54 41.04
N GLU D 728 -54.22 17.00 41.92
CA GLU D 728 -54.91 17.84 42.90
C GLU D 728 -53.93 18.46 43.89
N GLU D 729 -52.97 17.67 44.37
CA GLU D 729 -52.00 18.22 45.31
C GLU D 729 -51.01 19.16 44.62
N LEU D 730 -50.69 18.93 43.34
CA LEU D 730 -49.80 19.84 42.64
C LEU D 730 -50.48 21.15 42.27
N VAL D 731 -51.80 21.12 42.03
CA VAL D 731 -52.54 22.37 41.84
C VAL D 731 -52.69 23.09 43.18
N ARG D 732 -52.80 22.33 44.28
CA ARG D 732 -52.92 22.94 45.60
C ARG D 732 -51.63 23.64 46.05
N ALA D 733 -50.49 23.32 45.44
CA ALA D 733 -49.23 23.98 45.77
C ALA D 733 -48.98 25.23 44.92
N GLY D 734 -49.92 25.60 44.07
CA GLY D 734 -49.80 26.85 43.32
C GLY D 734 -49.07 26.76 42.00
N THR D 735 -49.20 25.67 41.26
CA THR D 735 -48.58 25.60 39.95
C THR D 735 -49.36 26.46 38.96
N HIS D 736 -48.67 26.91 37.92
CA HIS D 736 -49.29 27.75 36.90
C HIS D 736 -49.77 26.95 35.69
N ILE D 737 -48.98 26.00 35.22
CA ILE D 737 -49.34 25.15 34.08
C ILE D 737 -49.10 23.71 34.48
N LEU D 738 -50.10 22.85 34.27
CA LEU D 738 -49.91 21.43 34.51
C LEU D 738 -49.41 20.77 33.23
N CYS D 739 -48.63 19.70 33.40
CA CYS D 739 -48.04 19.01 32.26
C CYS D 739 -48.08 17.52 32.50
N ILE D 740 -48.29 16.77 31.43
CA ILE D 740 -48.20 15.32 31.45
C ILE D 740 -46.99 14.92 30.64
N LYS D 741 -45.97 14.39 31.31
CA LYS D 741 -44.73 13.95 30.67
C LYS D 741 -44.85 12.45 30.43
N ASP D 742 -45.08 12.07 29.18
CA ASP D 742 -45.09 10.66 28.76
C ASP D 742 -43.75 10.43 28.07
N MET D 743 -42.75 10.05 28.86
CA MET D 743 -41.37 10.05 28.39
C MET D 743 -41.01 8.83 27.57
N ALA D 744 -41.80 7.76 27.64
CA ALA D 744 -41.55 6.59 26.82
C ALA D 744 -42.42 6.51 25.59
N GLY D 745 -43.52 7.27 25.55
CA GLY D 745 -44.44 7.20 24.43
C GLY D 745 -45.51 6.16 24.65
N LEU D 746 -46.15 6.19 25.81
CA LEU D 746 -47.13 5.20 26.20
C LEU D 746 -48.55 5.71 26.20
N LEU D 747 -48.76 7.01 25.95
CA LEU D 747 -50.10 7.57 25.90
C LEU D 747 -50.78 7.19 24.58
N LYS D 748 -51.88 6.50 24.66
CA LYS D 748 -52.79 6.11 23.61
C LYS D 748 -53.95 7.10 23.52
N PRO D 749 -54.64 7.19 22.38
CA PRO D 749 -55.71 8.20 22.24
C PRO D 749 -56.88 8.08 23.23
N THR D 750 -57.27 6.86 23.62
CA THR D 750 -58.35 6.70 24.58
C THR D 750 -57.90 7.14 25.97
N ALA D 751 -56.69 6.76 26.37
CA ALA D 751 -56.13 7.19 27.63
C ALA D 751 -55.90 8.70 27.66
N CYS D 752 -55.49 9.26 26.51
CA CYS D 752 -55.32 10.71 26.38
C CYS D 752 -56.65 11.43 26.59
N THR D 753 -57.70 10.96 25.93
CA THR D 753 -59.02 11.57 26.06
C THR D 753 -59.54 11.49 27.50
N MET D 754 -59.38 10.32 28.12
CA MET D 754 -59.81 10.12 29.50
C MET D 754 -59.08 11.04 30.48
N LEU D 755 -57.75 11.08 30.39
CA LEU D 755 -56.96 11.85 31.35
C LEU D 755 -57.12 13.35 31.14
N VAL D 756 -57.12 13.81 29.88
CA VAL D 756 -57.23 15.25 29.65
C VAL D 756 -58.66 15.74 29.92
N SER D 757 -59.67 14.89 29.70
CA SER D 757 -61.03 15.30 30.04
C SER D 757 -61.26 15.31 31.56
N SER D 758 -60.63 14.38 32.28
CA SER D 758 -60.69 14.41 33.75
C SER D 758 -59.99 15.66 34.30
N LEU D 759 -58.83 16.01 33.76
CA LEU D 759 -58.13 17.21 34.22
C LEU D 759 -58.85 18.47 33.80
N ARG D 760 -59.61 18.43 32.70
CA ARG D 760 -60.31 19.62 32.25
C ARG D 760 -61.61 19.84 33.01
N ASP D 761 -62.33 18.78 33.38
CA ASP D 761 -63.53 18.99 34.17
C ASP D 761 -63.27 19.00 35.68
N ARG D 762 -62.02 18.74 36.11
CA ARG D 762 -61.68 18.97 37.50
C ARG D 762 -61.12 20.39 37.71
N PHE D 763 -60.24 20.85 36.83
CA PHE D 763 -59.68 22.20 36.86
C PHE D 763 -60.03 22.89 35.55
N PRO D 764 -61.14 23.66 35.51
CA PRO D 764 -61.62 24.17 34.22
C PRO D 764 -60.84 25.34 33.64
N ASP D 765 -59.94 25.96 34.39
CA ASP D 765 -59.25 27.16 33.91
C ASP D 765 -57.74 27.05 34.00
N LEU D 766 -57.22 25.87 34.23
CA LEU D 766 -55.78 25.66 34.33
C LEU D 766 -55.23 25.13 33.01
N PRO D 767 -54.17 25.74 32.47
CA PRO D 767 -53.61 25.27 31.20
C PRO D 767 -52.95 23.90 31.33
N LEU D 768 -53.23 23.05 30.35
CA LEU D 768 -52.69 21.71 30.27
C LEU D 768 -51.68 21.64 29.12
N HIS D 769 -50.53 21.07 29.41
CA HIS D 769 -49.45 20.87 28.46
C HIS D 769 -49.18 19.37 28.41
N ILE D 770 -49.07 18.82 27.22
CA ILE D 770 -48.80 17.38 27.07
C ILE D 770 -47.48 17.25 26.34
N HIS D 771 -46.61 16.38 26.86
CA HIS D 771 -45.33 16.07 26.25
C HIS D 771 -45.31 14.57 26.01
N THR D 772 -44.98 14.16 24.79
CA THR D 772 -44.92 12.75 24.47
C THR D 772 -43.74 12.49 23.55
N HIS D 773 -43.37 11.22 23.43
CA HIS D 773 -42.41 10.76 22.45
C HIS D 773 -43.13 9.84 21.46
N ASP D 774 -42.59 9.76 20.26
CA ASP D 774 -43.21 9.03 19.16
C ASP D 774 -42.55 7.67 18.95
N THR D 775 -42.24 6.99 20.04
CA THR D 775 -41.52 5.72 19.96
C THR D 775 -42.42 4.61 19.45
N SER D 776 -43.67 4.58 19.89
CA SER D 776 -44.59 3.53 19.46
C SER D 776 -45.19 3.80 18.09
N GLY D 777 -45.13 5.04 17.61
CA GLY D 777 -45.72 5.39 16.34
C GLY D 777 -47.13 5.96 16.41
N ALA D 778 -47.56 6.44 17.58
CA ALA D 778 -48.91 6.95 17.77
C ALA D 778 -48.90 8.32 18.44
N GLY D 779 -47.89 9.14 18.14
CA GLY D 779 -47.74 10.43 18.78
C GLY D 779 -48.67 11.51 18.26
N VAL D 780 -48.79 11.62 16.94
CA VAL D 780 -49.65 12.63 16.33
C VAL D 780 -51.12 12.33 16.60
N ALA D 781 -51.49 11.05 16.62
CA ALA D 781 -52.85 10.66 16.96
C ALA D 781 -53.19 10.99 18.41
N ALA D 782 -52.23 10.74 19.32
CA ALA D 782 -52.43 11.06 20.73
C ALA D 782 -52.51 12.57 20.95
N MET D 783 -51.72 13.35 20.20
CA MET D 783 -51.76 14.80 20.38
C MET D 783 -53.03 15.40 19.79
N LEU D 784 -53.57 14.81 18.71
CA LEU D 784 -54.86 15.26 18.21
C LEU D 784 -55.97 14.91 19.18
N ALA D 785 -55.87 13.74 19.84
CA ALA D 785 -56.83 13.37 20.88
C ALA D 785 -56.76 14.32 22.07
N CYS D 786 -55.55 14.72 22.47
CA CYS D 786 -55.40 15.69 23.56
C CYS D 786 -55.95 17.06 23.19
N ALA D 787 -55.64 17.54 21.98
CA ALA D 787 -56.08 18.86 21.58
C ALA D 787 -57.60 18.92 21.40
N GLN D 788 -58.23 17.80 21.02
CA GLN D 788 -59.68 17.79 21.00
C GLN D 788 -60.29 17.58 22.38
N ALA D 789 -59.55 16.92 23.29
CA ALA D 789 -60.05 16.74 24.64
C ALA D 789 -59.92 17.99 25.50
N GLY D 790 -59.05 18.92 25.13
CA GLY D 790 -58.93 20.17 25.86
C GLY D 790 -57.52 20.54 26.29
N ALA D 791 -56.51 19.95 25.67
CA ALA D 791 -55.14 20.36 25.92
C ALA D 791 -54.83 21.66 25.19
N ASP D 792 -53.97 22.48 25.80
CA ASP D 792 -53.67 23.81 25.29
C ASP D 792 -52.37 23.87 24.51
N VAL D 793 -51.29 23.26 25.01
CA VAL D 793 -50.00 23.26 24.34
C VAL D 793 -49.55 21.82 24.15
N VAL D 794 -49.02 21.50 22.97
CA VAL D 794 -48.39 20.21 22.72
C VAL D 794 -46.98 20.44 22.18
N ASP D 795 -46.13 19.45 22.39
CA ASP D 795 -44.71 19.51 22.04
C ASP D 795 -44.45 18.88 20.69
N VAL D 796 -43.76 19.59 19.80
CA VAL D 796 -43.41 19.08 18.48
C VAL D 796 -41.92 19.26 18.25
N ALA D 797 -41.47 18.84 17.07
CA ALA D 797 -40.10 19.04 16.62
C ALA D 797 -40.14 19.19 15.11
N ALA D 798 -39.01 19.63 14.54
CA ALA D 798 -38.90 19.75 13.08
C ALA D 798 -38.98 18.38 12.43
N ASP D 799 -39.50 18.35 11.20
CA ASP D 799 -39.92 17.11 10.57
C ASP D 799 -38.75 16.17 10.27
N SER D 800 -37.58 16.72 9.99
CA SER D 800 -36.38 15.93 9.84
C SER D 800 -35.72 15.58 11.15
N MET D 801 -36.14 16.21 12.24
CA MET D 801 -35.60 15.97 13.57
C MET D 801 -36.65 15.36 14.50
N SER D 802 -37.67 14.72 13.94
CA SER D 802 -38.72 14.07 14.69
C SER D 802 -38.77 12.60 14.28
N GLY D 803 -39.73 11.89 14.84
CA GLY D 803 -39.87 10.50 14.44
C GLY D 803 -39.57 9.45 15.48
N MET D 804 -38.42 8.80 15.38
CA MET D 804 -38.13 7.51 16.00
C MET D 804 -38.26 7.47 17.51
N THR D 805 -37.41 8.19 18.24
CA THR D 805 -37.55 8.33 19.68
C THR D 805 -37.86 9.75 20.10
N SER D 806 -38.12 10.63 19.14
CA SER D 806 -38.27 12.05 19.34
C SER D 806 -39.74 12.42 19.46
N GLN D 807 -40.03 13.72 19.38
CA GLN D 807 -41.37 14.26 19.50
C GLN D 807 -42.14 14.05 18.20
N PRO D 808 -43.45 14.29 18.19
CA PRO D 808 -44.19 14.30 16.91
C PRO D 808 -43.78 15.46 16.01
N SER D 809 -44.13 15.32 14.74
CA SER D 809 -43.66 16.24 13.71
C SER D 809 -44.47 17.52 13.66
N MET D 810 -43.78 18.64 13.45
CA MET D 810 -44.45 19.94 13.42
C MET D 810 -45.36 20.07 12.21
N GLY D 811 -44.90 19.60 11.04
CA GLY D 811 -45.70 19.71 9.83
C GLY D 811 -46.97 18.88 9.86
N ALA D 812 -46.91 17.70 10.48
CA ALA D 812 -48.11 16.87 10.61
C ALA D 812 -49.13 17.50 11.56
N LEU D 813 -48.66 18.17 12.61
CA LEU D 813 -49.58 18.85 13.53
C LEU D 813 -50.16 20.11 12.91
N VAL D 814 -49.38 20.82 12.09
CA VAL D 814 -49.90 22.00 11.41
C VAL D 814 -50.90 21.60 10.33
N ALA D 815 -50.61 20.52 9.59
CA ALA D 815 -51.48 20.10 8.51
C ALA D 815 -52.75 19.42 9.01
N CYS D 816 -52.65 18.66 10.11
CA CYS D 816 -53.81 17.94 10.62
C CYS D 816 -54.78 18.84 11.38
N THR D 817 -54.42 20.10 11.65
CA THR D 817 -55.31 21.05 12.28
C THR D 817 -55.68 22.21 11.35
N ARG D 818 -55.40 22.09 10.06
CA ARG D 818 -55.69 23.16 9.12
C ARG D 818 -57.18 23.20 8.83
N GLY D 819 -57.78 24.39 9.02
CA GLY D 819 -59.20 24.58 8.78
C GLY D 819 -60.10 24.24 9.95
N THR D 820 -59.60 23.50 10.93
CA THR D 820 -60.38 23.11 12.09
C THR D 820 -60.52 24.31 13.03
N PRO D 821 -61.37 24.22 14.07
CA PRO D 821 -61.31 25.21 15.15
C PRO D 821 -60.01 25.19 15.96
N LEU D 822 -59.20 24.13 15.85
CA LEU D 822 -57.91 24.03 16.53
C LEU D 822 -56.76 24.50 15.66
N ASP D 823 -56.99 25.48 14.79
CA ASP D 823 -55.97 25.90 13.83
C ASP D 823 -54.82 26.62 14.53
N THR D 824 -53.59 26.25 14.15
CA THR D 824 -52.40 26.85 14.71
C THR D 824 -51.93 28.07 13.92
N GLU D 825 -52.54 28.34 12.77
CA GLU D 825 -52.25 29.41 11.80
C GLU D 825 -50.77 29.64 11.50
N VAL D 826 -49.98 28.58 11.54
CA VAL D 826 -48.56 28.64 11.16
C VAL D 826 -48.47 28.26 9.68
N PRO D 827 -47.79 29.06 8.85
CA PRO D 827 -47.65 28.70 7.43
C PRO D 827 -46.71 27.52 7.25
N MET D 828 -47.07 26.63 6.32
CA MET D 828 -46.33 25.39 6.14
C MET D 828 -45.00 25.57 5.42
N GLU D 829 -44.82 26.68 4.70
CA GLU D 829 -43.57 26.89 3.95
C GLU D 829 -42.41 27.24 4.88
N ARG D 830 -42.71 27.97 5.95
CA ARG D 830 -41.71 28.24 6.98
C ARG D 830 -41.29 26.95 7.68
N VAL D 831 -42.27 26.05 7.87
CA VAL D 831 -42.00 24.72 8.42
C VAL D 831 -41.11 23.92 7.48
N PHE D 832 -41.36 24.05 6.17
CA PHE D 832 -40.55 23.34 5.17
C PHE D 832 -39.10 23.83 5.18
N ASP D 833 -38.90 25.14 5.31
CA ASP D 833 -37.53 25.67 5.32
C ASP D 833 -36.79 25.32 6.60
N TYR D 834 -37.51 25.33 7.73
CA TYR D 834 -36.92 24.94 9.02
C TYR D 834 -36.51 23.46 9.02
N SER D 835 -37.36 22.58 8.51
CA SER D 835 -37.01 21.17 8.44
C SER D 835 -35.95 20.91 7.37
N GLU D 836 -35.87 21.76 6.34
CA GLU D 836 -34.79 21.68 5.36
C GLU D 836 -33.43 21.96 6.00
N TYR D 837 -33.37 23.02 6.82
CA TYR D 837 -32.17 23.31 7.59
C TYR D 837 -31.79 22.13 8.47
N TRP D 838 -32.76 21.57 9.18
CA TRP D 838 -32.41 20.53 10.13
C TRP D 838 -32.07 19.20 9.46
N GLU D 839 -32.54 18.96 8.24
CA GLU D 839 -32.05 17.80 7.48
C GLU D 839 -30.58 17.99 7.10
N GLY D 840 -30.23 19.18 6.62
CA GLY D 840 -28.84 19.48 6.32
C GLY D 840 -27.94 19.42 7.53
N ALA D 841 -28.41 19.92 8.68
CA ALA D 841 -27.64 19.93 9.90
C ALA D 841 -27.55 18.55 10.55
N ARG D 842 -28.61 17.73 10.42
CA ARG D 842 -28.57 16.38 10.96
C ARG D 842 -27.59 15.51 10.17
N GLY D 843 -27.41 15.80 8.88
CA GLY D 843 -26.36 15.12 8.13
C GLY D 843 -24.95 15.27 8.67
N LEU D 844 -24.68 16.35 9.42
CA LEU D 844 -23.37 16.59 10.00
C LEU D 844 -23.06 15.71 11.19
N TYR D 845 -24.06 15.11 11.82
CA TYR D 845 -23.92 14.37 13.06
C TYR D 845 -24.09 12.87 12.85
N ALA D 846 -23.53 12.37 11.75
CA ALA D 846 -23.71 10.96 11.38
C ALA D 846 -22.99 10.00 12.31
N ALA D 847 -22.03 10.48 13.10
CA ALA D 847 -21.31 9.62 14.04
C ALA D 847 -22.12 9.32 15.29
N PHE D 848 -23.17 10.08 15.58
CA PHE D 848 -23.97 9.89 16.79
C PHE D 848 -25.43 9.59 16.46
N ASP D 849 -25.73 9.22 15.23
CA ASP D 849 -27.10 9.19 14.75
C ASP D 849 -27.81 7.90 15.15
N CYS D 850 -29.10 8.04 15.47
CA CYS D 850 -29.93 6.90 15.85
C CYS D 850 -30.13 5.95 14.69
N THR D 851 -30.17 6.47 13.47
CA THR D 851 -30.51 5.72 12.25
C THR D 851 -29.43 4.73 11.82
N ALA D 852 -28.28 4.68 12.50
CA ALA D 852 -27.30 3.65 12.19
C ALA D 852 -27.73 2.29 12.69
N THR D 853 -28.54 2.25 13.76
CA THR D 853 -29.07 1.00 14.29
C THR D 853 -30.57 0.89 14.14
N MET D 854 -31.32 1.87 14.65
CA MET D 854 -32.78 1.85 14.62
C MET D 854 -33.27 2.64 13.41
N LYS D 855 -33.94 1.96 12.48
CA LYS D 855 -34.41 2.62 11.26
C LYS D 855 -35.87 3.07 11.25
N SER D 856 -36.64 2.61 12.23
CA SER D 856 -38.05 2.96 12.32
C SER D 856 -38.48 2.88 13.77
N GLY D 857 -39.76 3.13 14.01
CA GLY D 857 -40.28 3.07 15.37
C GLY D 857 -40.27 1.67 15.92
N ASN D 858 -40.74 1.54 17.15
CA ASN D 858 -40.72 0.26 17.84
C ASN D 858 -41.85 0.20 18.84
N SER D 859 -42.75 -0.76 18.67
CA SER D 859 -43.84 -0.94 19.62
C SER D 859 -43.42 -1.70 20.88
N ASP D 860 -42.18 -2.22 20.92
CA ASP D 860 -41.71 -2.96 22.09
C ASP D 860 -41.44 -2.05 23.28
N VAL D 861 -41.58 -0.74 23.12
CA VAL D 861 -41.53 0.23 24.21
C VAL D 861 -42.77 0.05 25.09
N TYR D 862 -43.79 -0.63 24.59
CA TYR D 862 -44.90 -1.04 25.45
C TYR D 862 -44.52 -2.17 26.41
N GLU D 863 -43.36 -2.80 26.24
CA GLU D 863 -42.94 -3.86 27.15
C GLU D 863 -41.63 -3.57 27.89
N ASN D 864 -40.77 -2.67 27.38
CA ASN D 864 -39.57 -2.32 28.12
C ASN D 864 -39.59 -0.92 28.72
N GLU D 865 -40.42 -0.02 28.17
CA GLU D 865 -40.71 1.31 28.73
C GLU D 865 -39.47 2.19 28.84
N ILE D 866 -38.53 2.05 27.92
CA ILE D 866 -37.34 2.90 27.93
C ILE D 866 -37.69 4.27 27.33
N PRO D 867 -37.31 5.36 27.96
CA PRO D 867 -37.46 6.68 27.33
C PRO D 867 -36.47 6.88 26.19
N GLY D 868 -36.76 7.86 25.32
CA GLY D 868 -36.01 8.07 24.10
C GLY D 868 -34.62 8.68 24.24
N GLY D 869 -34.52 9.75 25.03
CA GLY D 869 -33.21 10.29 25.36
C GLY D 869 -32.36 9.29 26.10
N GLN D 870 -33.00 8.54 26.97
CA GLN D 870 -32.24 7.51 27.62
C GLN D 870 -31.87 6.46 26.59
N TYR D 871 -32.72 6.16 25.62
CA TYR D 871 -32.40 5.14 24.63
C TYR D 871 -31.09 5.45 23.91
N THR D 872 -30.95 6.67 23.39
CA THR D 872 -29.74 6.97 22.62
C THR D 872 -28.52 7.12 23.53
N ASN D 873 -28.68 7.76 24.69
CA ASN D 873 -27.56 7.88 25.61
C ASN D 873 -27.18 6.55 26.23
N LEU D 874 -28.15 5.64 26.41
CA LEU D 874 -27.86 4.31 26.92
C LEU D 874 -27.14 3.46 25.89
N HIS D 875 -27.47 3.63 24.60
CA HIS D 875 -26.70 2.94 23.56
C HIS D 875 -25.26 3.42 23.52
N PHE D 876 -25.04 4.73 23.71
CA PHE D 876 -23.67 5.23 23.79
C PHE D 876 -22.94 4.67 25.01
N GLN D 877 -23.60 4.64 26.17
CA GLN D 877 -22.96 4.16 27.39
C GLN D 877 -22.66 2.67 27.32
N ALA D 878 -23.54 1.90 26.70
CA ALA D 878 -23.26 0.49 26.50
C ALA D 878 -22.14 0.27 25.48
N HIS D 879 -21.97 1.20 24.54
CA HIS D 879 -20.84 1.08 23.62
C HIS D 879 -19.52 1.36 24.31
N SER D 880 -19.50 2.30 25.26
CA SER D 880 -18.26 2.70 25.92
C SER D 880 -17.88 1.79 27.09
N MET D 881 -18.62 0.71 27.31
CA MET D 881 -18.30 -0.26 28.35
C MET D 881 -18.26 -1.68 27.79
N GLY D 882 -17.92 -1.82 26.52
CA GLY D 882 -17.75 -3.12 25.90
C GLY D 882 -19.01 -3.86 25.53
N LEU D 883 -20.18 -3.37 25.93
CA LEU D 883 -21.46 -4.02 25.65
C LEU D 883 -22.09 -3.53 24.35
N GLY D 884 -21.29 -3.01 23.42
CA GLY D 884 -21.80 -2.36 22.22
C GLY D 884 -22.48 -3.27 21.23
N SER D 885 -22.31 -4.59 21.36
CA SER D 885 -22.93 -5.55 20.47
C SER D 885 -23.97 -6.41 21.18
N LYS D 886 -24.44 -5.99 22.36
CA LYS D 886 -25.40 -6.75 23.14
C LYS D 886 -26.53 -5.85 23.65
N PHE D 887 -27.03 -4.94 22.80
CA PHE D 887 -28.00 -3.96 23.26
C PHE D 887 -29.40 -4.55 23.40
N LYS D 888 -29.72 -5.61 22.65
CA LYS D 888 -30.99 -6.30 22.86
C LYS D 888 -31.02 -6.99 24.22
N GLU D 889 -29.88 -7.54 24.65
CA GLU D 889 -29.78 -8.10 25.99
C GLU D 889 -29.83 -7.01 27.05
N VAL D 890 -29.32 -5.82 26.74
CA VAL D 890 -29.44 -4.68 27.65
C VAL D 890 -30.90 -4.30 27.83
N LYS D 891 -31.69 -4.36 26.74
CA LYS D 891 -33.11 -4.04 26.85
C LYS D 891 -33.89 -5.13 27.60
N LYS D 892 -33.51 -6.40 27.40
CA LYS D 892 -34.15 -7.48 28.14
C LYS D 892 -33.84 -7.40 29.64
N ALA D 893 -32.58 -7.14 29.98
CA ALA D 893 -32.22 -6.92 31.38
C ALA D 893 -32.79 -5.62 31.92
N TYR D 894 -33.20 -4.73 31.02
CA TYR D 894 -33.83 -3.49 31.41
C TYR D 894 -35.19 -3.89 32.00
N VAL D 895 -35.95 -4.69 31.25
CA VAL D 895 -37.24 -5.18 31.73
C VAL D 895 -37.07 -5.95 33.05
N GLU D 896 -36.05 -6.81 33.11
CA GLU D 896 -35.78 -7.60 34.31
C GLU D 896 -35.44 -6.71 35.51
N ALA D 897 -34.63 -5.68 35.31
CA ALA D 897 -34.25 -4.76 36.36
C ALA D 897 -35.37 -3.83 36.77
N ASN D 898 -36.31 -3.54 35.86
CA ASN D 898 -37.52 -2.84 36.27
C ASN D 898 -38.35 -3.68 37.21
N GLN D 899 -38.54 -4.96 36.89
CA GLN D 899 -39.33 -5.82 37.76
C GLN D 899 -38.60 -6.13 39.06
N MET D 900 -37.27 -6.19 39.01
CA MET D 900 -36.46 -6.58 40.15
C MET D 900 -36.37 -5.46 41.19
N LEU D 901 -36.46 -4.20 40.76
CA LEU D 901 -36.34 -3.04 41.64
C LEU D 901 -37.69 -2.54 42.13
N GLY D 902 -38.78 -3.23 41.80
CA GLY D 902 -40.09 -2.90 42.33
C GLY D 902 -40.98 -2.02 41.49
N ASP D 903 -40.93 -2.14 40.16
CA ASP D 903 -41.80 -1.45 39.20
C ASP D 903 -41.72 0.07 39.33
N LEU D 904 -40.52 0.58 39.03
CA LEU D 904 -40.26 2.00 39.13
C LEU D 904 -40.88 2.78 37.97
N ILE D 905 -41.06 4.07 38.20
CA ILE D 905 -41.37 5.01 37.12
C ILE D 905 -40.03 5.47 36.54
N LYS D 906 -39.73 5.05 35.32
CA LYS D 906 -38.45 5.35 34.70
C LYS D 906 -38.24 6.64 33.95
N VAL D 907 -37.69 7.64 34.61
CA VAL D 907 -37.39 8.90 33.97
C VAL D 907 -36.07 9.50 34.48
N THR D 908 -35.06 9.53 33.62
CA THR D 908 -33.71 10.07 33.88
C THR D 908 -33.00 9.45 35.04
N PRO D 909 -33.22 9.99 36.24
CA PRO D 909 -32.50 9.33 37.35
C PRO D 909 -32.86 7.87 37.57
N SER D 910 -34.16 7.56 37.68
CA SER D 910 -34.58 6.18 37.89
C SER D 910 -34.29 5.30 36.69
N SER D 911 -34.40 5.86 35.49
CA SER D 911 -34.04 5.09 34.30
C SER D 911 -32.54 4.90 34.21
N LYS D 912 -31.74 5.85 34.72
CA LYS D 912 -30.31 5.66 34.81
C LYS D 912 -29.95 4.57 35.81
N ILE D 913 -30.69 4.46 36.91
CA ILE D 913 -30.48 3.39 37.89
C ILE D 913 -30.82 2.04 37.28
N VAL D 914 -31.98 1.94 36.63
CA VAL D 914 -32.42 0.70 35.99
C VAL D 914 -31.49 0.32 34.83
N GLY D 915 -30.96 1.30 34.11
CA GLY D 915 -30.02 1.00 33.04
C GLY D 915 -28.65 0.58 33.53
N ASP D 916 -28.19 1.15 34.64
CA ASP D 916 -26.95 0.70 35.27
C ASP D 916 -27.08 -0.73 35.78
N LEU D 917 -28.23 -1.04 36.42
CA LEU D 917 -28.49 -2.40 36.86
C LEU D 917 -28.63 -3.36 35.69
N ALA D 918 -29.18 -2.90 34.56
CA ALA D 918 -29.31 -3.75 33.39
C ALA D 918 -27.96 -4.05 32.75
N GLN D 919 -27.08 -3.05 32.69
CA GLN D 919 -25.74 -3.28 32.17
C GLN D 919 -24.93 -4.17 33.10
N PHE D 920 -25.14 -4.04 34.42
CA PHE D 920 -24.50 -4.94 35.38
C PHE D 920 -24.99 -6.37 35.21
N MET D 921 -26.29 -6.56 35.00
CA MET D 921 -26.82 -7.91 34.83
C MET D 921 -26.49 -8.50 33.48
N VAL D 922 -26.18 -7.67 32.48
CA VAL D 922 -25.74 -8.19 31.19
C VAL D 922 -24.27 -8.60 31.25
N GLN D 923 -23.44 -7.75 31.87
CA GLN D 923 -22.01 -8.03 31.98
C GLN D 923 -21.64 -9.20 32.89
N ASN D 924 -22.53 -9.57 33.81
CA ASN D 924 -22.29 -10.66 34.74
C ASN D 924 -23.21 -11.85 34.53
N GLY D 925 -23.96 -11.88 33.43
CA GLY D 925 -24.76 -13.03 33.05
C GLY D 925 -25.91 -13.38 33.96
N LEU D 926 -26.29 -12.48 34.86
CA LEU D 926 -27.27 -12.80 35.91
C LEU D 926 -28.70 -12.66 35.40
N SER D 927 -29.58 -13.53 35.90
CA SER D 927 -31.00 -13.41 35.70
C SER D 927 -31.60 -12.56 36.82
N ARG D 928 -32.92 -12.54 36.96
CA ARG D 928 -33.55 -11.78 38.03
C ARG D 928 -33.43 -12.52 39.36
N ALA D 929 -34.00 -13.74 39.42
CA ALA D 929 -33.93 -14.53 40.64
C ALA D 929 -32.53 -15.06 40.89
N GLU D 930 -31.74 -15.21 39.83
CA GLU D 930 -30.35 -15.65 39.99
C GLU D 930 -29.50 -14.56 40.66
N ALA D 931 -29.80 -13.29 40.39
CA ALA D 931 -29.09 -12.20 41.04
C ALA D 931 -29.72 -11.79 42.36
N GLU D 932 -31.00 -12.11 42.59
CA GLU D 932 -31.57 -11.89 43.91
C GLU D 932 -31.20 -13.00 44.89
N ALA D 933 -30.85 -14.18 44.40
CA ALA D 933 -30.30 -15.21 45.27
C ALA D 933 -28.89 -14.86 45.71
N GLN D 934 -28.09 -14.31 44.79
CA GLN D 934 -26.75 -13.84 45.10
C GLN D 934 -26.71 -12.35 45.43
N ALA D 935 -27.79 -11.82 46.00
CA ALA D 935 -27.87 -10.39 46.30
C ALA D 935 -26.93 -10.01 47.42
N GLU D 936 -26.80 -10.87 48.43
CA GLU D 936 -25.91 -10.63 49.56
C GLU D 936 -24.44 -10.84 49.23
N GLU D 937 -24.13 -11.42 48.08
CA GLU D 937 -22.75 -11.66 47.69
C GLU D 937 -22.20 -10.57 46.78
N LEU D 938 -22.97 -10.16 45.77
CA LEU D 938 -22.47 -9.37 44.65
C LEU D 938 -22.31 -7.90 45.02
N SER D 939 -21.68 -7.16 44.11
CA SER D 939 -21.35 -5.75 44.32
C SER D 939 -22.07 -4.94 43.24
N PHE D 940 -23.26 -4.46 43.58
CA PHE D 940 -24.05 -3.63 42.68
C PHE D 940 -23.41 -2.24 42.55
N PRO D 941 -23.66 -1.54 41.44
CA PRO D 941 -23.03 -0.22 41.25
C PRO D 941 -23.55 0.82 42.22
N ARG D 942 -22.88 1.99 42.18
CA ARG D 942 -23.11 3.02 43.20
C ARG D 942 -24.49 3.65 43.07
N SER D 943 -25.04 3.70 41.87
CA SER D 943 -26.36 4.28 41.66
C SER D 943 -27.46 3.37 42.21
N VAL D 944 -27.31 2.05 42.05
CA VAL D 944 -28.31 1.10 42.54
C VAL D 944 -28.31 1.07 44.07
N VAL D 945 -27.13 0.96 44.67
CA VAL D 945 -27.01 0.89 46.13
C VAL D 945 -27.42 2.23 46.75
N GLU D 946 -27.06 3.34 46.09
CA GLU D 946 -27.47 4.66 46.53
C GLU D 946 -28.98 4.86 46.40
N PHE D 947 -29.61 4.21 45.42
CA PHE D 947 -31.06 4.27 45.31
C PHE D 947 -31.72 3.45 46.41
N LEU D 948 -31.18 2.26 46.69
CA LEU D 948 -31.76 1.39 47.71
C LEU D 948 -31.56 1.96 49.11
N GLN D 949 -30.53 2.78 49.31
CA GLN D 949 -30.45 3.56 50.55
C GLN D 949 -31.57 4.58 50.62
N GLY D 950 -31.91 5.19 49.49
CA GLY D 950 -33.01 6.14 49.45
C GLY D 950 -32.54 7.57 49.29
N TYR D 951 -31.41 7.75 48.63
CA TYR D 951 -30.84 9.09 48.44
C TYR D 951 -31.47 9.86 47.29
N ILE D 952 -32.37 9.24 46.52
CA ILE D 952 -33.13 10.00 45.53
C ILE D 952 -34.59 10.20 45.94
N GLY D 953 -35.09 9.46 46.92
CA GLY D 953 -36.47 9.51 47.32
C GLY D 953 -37.04 8.12 47.50
N VAL D 954 -38.34 8.09 47.80
CA VAL D 954 -39.05 6.86 48.14
C VAL D 954 -40.00 6.51 46.99
N PRO D 955 -39.96 5.29 46.47
CA PRO D 955 -40.89 4.91 45.40
C PRO D 955 -42.29 4.68 45.93
N HIS D 956 -43.22 4.59 44.99
CA HIS D 956 -44.63 4.33 45.32
C HIS D 956 -44.78 2.90 45.81
N GLY D 957 -45.33 2.74 47.01
CA GLY D 957 -45.47 1.44 47.63
C GLY D 957 -44.25 0.95 48.36
N GLY D 958 -43.18 1.74 48.44
CA GLY D 958 -42.00 1.38 49.20
C GLY D 958 -41.01 0.57 48.38
N PHE D 959 -39.81 0.46 48.95
CA PHE D 959 -38.71 -0.27 48.33
C PHE D 959 -38.99 -1.77 48.34
N PRO D 960 -38.31 -2.55 47.48
CA PRO D 960 -38.32 -4.00 47.66
C PRO D 960 -37.51 -4.40 48.88
N GLU D 961 -38.20 -4.76 49.96
CA GLU D 961 -37.54 -4.88 51.26
C GLU D 961 -36.65 -6.11 51.42
N PRO D 962 -36.94 -7.30 50.84
CA PRO D 962 -35.90 -8.33 50.81
C PRO D 962 -34.63 -7.92 50.07
N PHE D 963 -34.76 -7.26 48.91
CA PHE D 963 -33.60 -6.78 48.17
C PHE D 963 -32.88 -5.67 48.92
N ARG D 964 -33.64 -4.75 49.53
CA ARG D 964 -33.04 -3.68 50.33
C ARG D 964 -32.39 -4.21 51.59
N SER D 965 -32.84 -5.35 52.10
CA SER D 965 -32.18 -5.95 53.27
C SER D 965 -30.94 -6.73 52.86
N LYS D 966 -30.95 -7.36 51.70
CA LYS D 966 -29.83 -8.20 51.27
C LYS D 966 -28.68 -7.38 50.70
N VAL D 967 -28.96 -6.33 49.93
CA VAL D 967 -27.89 -5.53 49.35
C VAL D 967 -27.27 -4.62 50.40
N LEU D 968 -28.10 -3.86 51.09
CA LEU D 968 -27.65 -3.00 52.19
C LEU D 968 -27.45 -3.85 53.42
N LYS D 969 -26.19 -4.10 53.79
CA LYS D 969 -25.93 -4.86 55.02
C LYS D 969 -26.11 -3.98 56.25
N ASP D 970 -25.29 -2.92 56.36
CA ASP D 970 -25.42 -1.94 57.44
C ASP D 970 -25.15 -0.52 56.97
N LEU D 971 -25.32 -0.25 55.67
CA LEU D 971 -25.17 1.10 55.15
C LEU D 971 -26.34 1.97 55.63
N PRO D 972 -26.11 3.27 55.84
CA PRO D 972 -27.15 4.11 56.45
C PRO D 972 -28.32 4.36 55.50
N ARG D 973 -29.53 4.06 55.98
CA ARG D 973 -30.77 4.29 55.24
C ARG D 973 -31.34 5.64 55.70
N VAL D 974 -30.96 6.71 55.01
CA VAL D 974 -31.51 8.03 55.32
C VAL D 974 -32.91 8.09 54.74
N GLU D 975 -33.92 8.07 55.62
CA GLU D 975 -35.31 8.06 55.23
C GLU D 975 -35.91 9.46 55.29
N GLY D 976 -37.16 9.56 54.85
CA GLY D 976 -37.81 10.85 54.76
C GLY D 976 -37.45 11.55 53.47
N ARG D 977 -37.01 12.80 53.58
CA ARG D 977 -36.54 13.51 52.41
C ARG D 977 -35.03 13.57 52.41
N PRO D 978 -34.37 13.22 51.30
CA PRO D 978 -32.91 13.33 51.26
C PRO D 978 -32.41 14.76 51.26
N GLY D 979 -33.17 15.70 50.68
CA GLY D 979 -32.70 17.06 50.59
C GLY D 979 -32.88 17.88 51.85
N ALA D 980 -33.76 17.45 52.75
CA ALA D 980 -33.93 18.10 54.04
C ALA D 980 -33.01 17.55 55.11
N SER D 981 -32.11 16.63 54.73
CA SER D 981 -31.18 16.00 55.67
C SER D 981 -29.74 16.44 55.43
N LEU D 982 -29.32 16.58 54.18
CA LEU D 982 -27.96 16.92 53.82
C LEU D 982 -27.66 18.39 54.17
N PRO D 983 -26.44 18.68 54.61
CA PRO D 983 -26.08 20.06 54.94
C PRO D 983 -25.89 20.89 53.69
N PRO D 984 -26.14 22.20 53.76
CA PRO D 984 -25.94 23.05 52.58
C PRO D 984 -24.46 23.23 52.25
N LEU D 985 -24.16 23.21 50.96
CA LEU D 985 -22.80 23.46 50.51
C LEU D 985 -22.47 24.93 50.66
N ASP D 986 -21.31 25.21 51.26
CA ASP D 986 -20.81 26.59 51.34
C ASP D 986 -20.32 26.98 49.96
N LEU D 987 -21.11 27.80 49.26
CA LEU D 987 -20.82 28.12 47.87
C LEU D 987 -19.73 29.17 47.73
N GLN D 988 -19.57 30.06 48.70
CA GLN D 988 -18.45 30.99 48.67
C GLN D 988 -17.13 30.27 48.92
N ALA D 989 -17.15 29.19 49.71
CA ALA D 989 -15.97 28.36 49.87
C ALA D 989 -15.60 27.65 48.58
N LEU D 990 -16.60 27.21 47.80
CA LEU D 990 -16.30 26.59 46.51
C LEU D 990 -15.83 27.62 45.49
N GLU D 991 -16.35 28.85 45.56
CA GLU D 991 -15.85 29.92 44.72
C GLU D 991 -14.38 30.23 45.04
N LYS D 992 -14.05 30.26 46.33
CA LYS D 992 -12.67 30.45 46.75
C LYS D 992 -11.79 29.26 46.37
N GLU D 993 -12.37 28.07 46.31
CA GLU D 993 -11.61 26.90 45.90
C GLU D 993 -11.34 26.92 44.39
N LEU D 994 -12.24 27.52 43.62
CA LEU D 994 -12.06 27.51 42.17
C LEU D 994 -11.31 28.73 41.64
N VAL D 995 -11.23 29.84 42.37
CA VAL D 995 -10.52 31.01 41.85
C VAL D 995 -9.02 30.81 41.92
N ASP D 996 -8.54 29.97 42.85
CA ASP D 996 -7.11 29.76 43.02
C ASP D 996 -6.59 28.58 42.19
N ARG D 997 -7.35 28.13 41.20
CA ARG D 997 -6.95 27.01 40.37
C ARG D 997 -6.93 27.36 38.88
N HIS D 998 -7.99 28.00 38.38
CA HIS D 998 -8.09 28.32 36.96
C HIS D 998 -7.77 29.77 36.67
N GLY D 999 -8.48 30.71 37.28
CA GLY D 999 -8.26 32.11 36.98
C GLY D 999 -9.17 32.98 37.81
N GLU D 1000 -9.32 34.23 37.38
CA GLU D 1000 -10.16 35.19 38.08
C GLU D 1000 -11.40 35.59 37.30
N GLU D 1001 -11.73 34.86 36.23
CA GLU D 1001 -13.00 35.02 35.53
C GLU D 1001 -13.99 33.93 35.94
N VAL D 1002 -13.92 33.51 37.19
CA VAL D 1002 -14.83 32.49 37.72
C VAL D 1002 -16.09 33.18 38.21
N THR D 1003 -17.21 32.82 37.62
CA THR D 1003 -18.52 33.41 37.82
C THR D 1003 -19.40 32.45 38.61
N PRO D 1004 -20.52 32.94 39.18
CA PRO D 1004 -21.50 32.03 39.81
C PRO D 1004 -22.01 30.90 38.92
N GLU D 1005 -22.09 31.10 37.61
CA GLU D 1005 -22.42 30.04 36.68
C GLU D 1005 -21.39 28.91 36.75
N ASP D 1006 -20.11 29.27 36.91
CA ASP D 1006 -19.05 28.26 37.01
C ASP D 1006 -19.10 27.52 38.34
N VAL D 1007 -19.43 28.19 39.44
CA VAL D 1007 -19.49 27.46 40.70
C VAL D 1007 -20.75 26.62 40.79
N LEU D 1008 -21.81 26.96 40.07
CA LEU D 1008 -22.94 26.04 39.96
C LEU D 1008 -22.61 24.85 39.07
N SER D 1009 -21.82 25.08 38.02
CA SER D 1009 -21.35 23.97 37.18
C SER D 1009 -20.47 23.02 37.97
N ALA D 1010 -19.66 23.56 38.90
CA ALA D 1010 -18.80 22.72 39.72
C ALA D 1010 -19.51 22.10 40.90
N ALA D 1011 -20.59 22.72 41.40
CA ALA D 1011 -21.41 22.07 42.41
C ALA D 1011 -22.18 20.90 41.83
N MET D 1012 -22.71 21.07 40.60
CA MET D 1012 -23.43 19.97 39.95
C MET D 1012 -22.46 18.88 39.49
N TYR D 1013 -21.32 19.26 38.94
CA TYR D 1013 -20.32 18.32 38.43
C TYR D 1013 -18.95 18.86 38.79
N PRO D 1014 -18.32 18.38 39.87
CA PRO D 1014 -16.96 18.83 40.19
C PRO D 1014 -15.88 18.37 39.21
N ASP D 1015 -15.80 17.06 38.96
CA ASP D 1015 -14.70 16.53 38.16
C ASP D 1015 -14.88 16.83 36.68
N VAL D 1016 -16.13 16.92 36.21
CA VAL D 1016 -16.38 17.24 34.81
C VAL D 1016 -16.02 18.70 34.54
N PHE D 1017 -16.34 19.59 35.48
CA PHE D 1017 -15.94 20.98 35.34
C PHE D 1017 -14.43 21.15 35.46
N ALA D 1018 -13.77 20.34 36.29
CA ALA D 1018 -12.31 20.40 36.39
C ALA D 1018 -11.63 19.96 35.11
N HIS D 1019 -12.05 18.82 34.55
CA HIS D 1019 -11.46 18.34 33.30
C HIS D 1019 -11.83 19.25 32.13
N PHE D 1020 -13.03 19.84 32.15
CA PHE D 1020 -13.44 20.80 31.14
C PHE D 1020 -12.59 22.07 31.19
N LYS D 1021 -12.27 22.54 32.40
CA LYS D 1021 -11.45 23.73 32.53
C LYS D 1021 -10.01 23.47 32.12
N ASP D 1022 -9.50 22.26 32.40
CA ASP D 1022 -8.16 21.91 31.91
C ASP D 1022 -8.12 21.81 30.39
N PHE D 1023 -9.16 21.23 29.78
CA PHE D 1023 -9.21 21.11 28.32
C PHE D 1023 -9.31 22.48 27.66
N THR D 1024 -10.18 23.36 28.18
CA THR D 1024 -10.28 24.70 27.62
C THR D 1024 -9.11 25.59 27.99
N ALA D 1025 -8.29 25.20 28.97
CA ALA D 1025 -7.00 25.86 29.15
C ALA D 1025 -6.01 25.41 28.10
N THR D 1026 -6.05 24.14 27.72
CA THR D 1026 -5.09 23.62 26.74
C THR D 1026 -5.43 24.08 25.32
N PHE D 1027 -6.69 23.95 24.91
CA PHE D 1027 -7.06 24.20 23.51
C PHE D 1027 -7.93 25.42 23.29
N GLY D 1028 -8.41 26.08 24.35
CA GLY D 1028 -9.13 27.31 24.20
C GLY D 1028 -10.57 27.16 23.71
N PRO D 1029 -11.16 28.27 23.27
CA PRO D 1029 -12.58 28.28 22.93
C PRO D 1029 -12.90 27.59 21.59
N LEU D 1030 -13.13 26.28 21.64
CA LEU D 1030 -13.55 25.50 20.49
C LEU D 1030 -15.04 25.59 20.19
N ASP D 1031 -15.74 26.60 20.73
CA ASP D 1031 -17.17 26.75 20.51
C ASP D 1031 -17.47 27.24 19.10
N SER D 1032 -16.64 28.16 18.59
CA SER D 1032 -16.92 28.84 17.33
C SER D 1032 -16.39 28.09 16.12
N LEU D 1033 -16.04 26.82 16.26
CA LEU D 1033 -15.71 25.97 15.13
C LEU D 1033 -16.98 25.33 14.58
N ASN D 1034 -16.95 24.99 13.30
CA ASN D 1034 -18.08 24.25 12.76
C ASN D 1034 -17.91 22.77 13.09
N THR D 1035 -18.96 22.00 12.80
CA THR D 1035 -19.05 20.64 13.32
C THR D 1035 -18.13 19.69 12.56
N ARG D 1036 -17.94 19.92 11.26
CA ARG D 1036 -16.99 19.12 10.48
C ARG D 1036 -15.56 19.37 10.94
N LEU D 1037 -15.23 20.63 11.23
CA LEU D 1037 -13.92 20.96 11.78
C LEU D 1037 -13.75 20.41 13.19
N PHE D 1038 -14.79 20.46 14.02
CA PHE D 1038 -14.67 20.00 15.40
C PHE D 1038 -14.51 18.49 15.47
N LEU D 1039 -15.28 17.74 14.68
CA LEU D 1039 -15.29 16.29 14.80
C LEU D 1039 -14.32 15.60 13.85
N GLN D 1040 -13.84 16.30 12.82
CA GLN D 1040 -13.03 15.66 11.80
C GLN D 1040 -11.71 16.36 11.52
N GLY D 1041 -11.56 17.64 11.86
CA GLY D 1041 -10.40 18.40 11.47
C GLY D 1041 -10.51 18.83 10.02
N PRO D 1042 -9.46 19.47 9.51
CA PRO D 1042 -9.45 19.85 8.09
C PRO D 1042 -8.83 18.78 7.21
N LYS D 1043 -8.92 19.02 5.91
CA LYS D 1043 -8.26 18.23 4.90
C LYS D 1043 -7.09 19.00 4.31
N ILE D 1044 -6.31 18.32 3.49
CA ILE D 1044 -5.09 18.90 2.93
C ILE D 1044 -5.46 19.81 1.76
N ALA D 1045 -4.87 21.01 1.75
CA ALA D 1045 -4.97 22.00 0.66
C ALA D 1045 -6.39 22.48 0.44
N GLU D 1046 -7.12 22.69 1.54
CA GLU D 1046 -8.47 23.24 1.51
C GLU D 1046 -8.53 24.39 2.51
N GLU D 1047 -8.51 25.63 1.99
CA GLU D 1047 -8.46 26.81 2.84
C GLU D 1047 -9.78 27.00 3.56
N PHE D 1048 -9.76 26.91 4.89
CA PHE D 1048 -10.94 27.10 5.70
C PHE D 1048 -10.83 28.36 6.54
N GLU D 1049 -11.98 28.95 6.81
CA GLU D 1049 -12.08 30.22 7.53
C GLU D 1049 -12.62 29.99 8.94
N VAL D 1050 -11.87 30.45 9.93
CA VAL D 1050 -12.30 30.41 11.33
C VAL D 1050 -12.27 31.84 11.87
N GLU D 1051 -13.40 32.29 12.39
CA GLU D 1051 -13.46 33.57 13.09
C GLU D 1051 -13.80 33.25 14.54
N LEU D 1052 -12.78 33.30 15.40
CA LEU D 1052 -12.94 32.94 16.80
C LEU D 1052 -13.82 33.94 17.54
N GLU D 1053 -13.50 35.22 17.44
CA GLU D 1053 -14.17 36.27 18.20
C GLU D 1053 -14.47 37.41 17.23
N ARG D 1054 -14.85 38.56 17.80
CA ARG D 1054 -15.25 39.71 17.00
C ARG D 1054 -14.05 40.35 16.29
N GLY D 1055 -14.07 40.33 14.96
CA GLY D 1055 -13.02 40.95 14.18
C GLY D 1055 -11.84 40.05 13.87
N LYS D 1056 -11.49 39.16 14.80
CA LYS D 1056 -10.32 38.30 14.66
C LYS D 1056 -10.65 37.15 13.73
N THR D 1057 -10.23 37.27 12.47
CA THR D 1057 -10.49 36.30 11.43
C THR D 1057 -9.20 35.58 11.05
N LEU D 1058 -9.33 34.31 10.64
CA LEU D 1058 -8.18 33.45 10.36
C LEU D 1058 -8.48 32.63 9.11
N HIS D 1059 -7.64 32.78 8.08
CA HIS D 1059 -7.70 31.95 6.89
C HIS D 1059 -6.59 30.90 7.01
N ILE D 1060 -6.97 29.65 7.27
CA ILE D 1060 -6.00 28.61 7.60
C ILE D 1060 -6.02 27.56 6.51
N LYS D 1061 -4.84 27.18 6.04
CA LYS D 1061 -4.63 26.02 5.18
C LYS D 1061 -3.86 24.97 5.95
N ALA D 1062 -4.03 23.71 5.56
CA ALA D 1062 -3.27 22.59 6.13
C ALA D 1062 -2.52 21.92 4.98
N LEU D 1063 -1.18 22.02 5.01
CA LEU D 1063 -0.37 21.66 3.87
C LEU D 1063 0.17 20.24 3.92
N ALA D 1064 0.72 19.82 5.06
CA ALA D 1064 1.33 18.49 5.14
C ALA D 1064 1.34 17.99 6.57
N VAL D 1065 1.51 16.68 6.71
CA VAL D 1065 1.75 16.01 7.99
C VAL D 1065 2.94 15.09 7.79
N SER D 1066 3.95 15.22 8.66
CA SER D 1066 5.18 14.45 8.53
C SER D 1066 4.99 13.04 9.12
N ASP D 1067 6.08 12.33 9.32
CA ASP D 1067 6.09 11.06 10.00
C ASP D 1067 6.55 11.26 11.45
N LEU D 1068 6.72 10.16 12.18
CA LEU D 1068 6.94 10.26 13.62
C LEU D 1068 8.39 10.58 13.94
N ASN D 1069 8.58 11.23 15.09
CA ASN D 1069 9.89 11.64 15.57
C ASN D 1069 10.47 10.55 16.46
N ARG D 1070 11.52 10.90 17.22
CA ARG D 1070 12.08 9.99 18.19
C ARG D 1070 11.10 9.70 19.33
N ALA D 1071 10.43 10.73 19.83
CA ALA D 1071 9.49 10.58 20.93
C ALA D 1071 8.08 10.18 20.48
N GLY D 1072 7.92 9.71 19.24
CA GLY D 1072 6.63 9.30 18.77
C GLY D 1072 5.69 10.42 18.38
N GLN D 1073 6.21 11.61 18.10
CA GLN D 1073 5.40 12.77 17.78
C GLN D 1073 5.44 13.08 16.29
N ARG D 1074 4.31 13.49 15.75
CA ARG D 1074 4.23 13.94 14.37
C ARG D 1074 4.22 15.47 14.30
N GLN D 1075 4.48 15.97 13.11
CA GLN D 1075 4.49 17.39 12.84
C GLN D 1075 3.47 17.71 11.75
N VAL D 1076 2.71 18.78 11.97
CA VAL D 1076 1.69 19.25 11.06
C VAL D 1076 2.11 20.63 10.58
N PHE D 1077 1.92 20.90 9.30
CA PHE D 1077 2.31 22.16 8.69
C PHE D 1077 1.05 22.90 8.27
N PHE D 1078 0.91 24.12 8.76
CA PHE D 1078 -0.24 24.96 8.47
C PHE D 1078 0.22 26.22 7.77
N GLU D 1079 -0.71 26.84 7.08
CA GLU D 1079 -0.55 28.19 6.56
C GLU D 1079 -1.58 29.03 7.30
N LEU D 1080 -1.14 29.71 8.34
CA LEU D 1080 -1.99 30.56 9.16
C LEU D 1080 -1.81 32.01 8.70
N ASN D 1081 -2.90 32.61 8.23
CA ASN D 1081 -2.96 34.00 7.73
C ASN D 1081 -1.98 34.26 6.60
N GLY D 1082 -1.56 33.22 5.87
CA GLY D 1082 -0.59 33.37 4.80
C GLY D 1082 0.84 33.03 5.16
N GLN D 1083 1.15 32.73 6.43
CA GLN D 1083 2.52 32.39 6.79
C GLN D 1083 2.57 30.99 7.40
N LEU D 1084 3.70 30.32 7.21
CA LEU D 1084 3.84 28.91 7.55
C LEU D 1084 4.07 28.72 9.04
N ARG D 1085 3.29 27.84 9.65
CA ARG D 1085 3.37 27.51 11.07
C ARG D 1085 3.48 26.00 11.25
N SER D 1086 4.00 25.59 12.39
CA SER D 1086 4.30 24.18 12.64
C SER D 1086 3.74 23.76 13.99
N ILE D 1087 3.13 22.58 14.02
CA ILE D 1087 2.47 22.04 15.20
C ILE D 1087 3.05 20.66 15.47
N LEU D 1088 3.42 20.40 16.71
CA LEU D 1088 4.02 19.12 17.11
C LEU D 1088 3.05 18.39 18.03
N VAL D 1089 2.47 17.29 17.54
CA VAL D 1089 1.44 16.57 18.28
C VAL D 1089 1.90 15.16 18.61
N LYS D 1090 1.66 14.74 19.84
CA LYS D 1090 1.99 13.40 20.30
C LYS D 1090 1.02 12.39 19.72
N ASP D 1091 1.53 11.44 18.94
CA ASP D 1091 0.70 10.30 18.55
C ASP D 1091 0.51 9.37 19.74
N THR D 1092 -0.59 8.62 19.72
CA THR D 1092 -1.03 7.88 20.89
C THR D 1092 -0.97 6.37 20.76
N GLN D 1093 -0.41 5.83 19.69
CA GLN D 1093 -0.37 4.39 19.51
C GLN D 1093 1.03 3.80 19.35
N ALA D 1094 2.02 4.60 18.96
CA ALA D 1094 3.34 4.05 18.61
C ALA D 1094 4.28 4.11 19.82
N MET D 1095 3.89 3.35 20.84
CA MET D 1095 4.74 3.13 22.01
C MET D 1095 4.33 1.81 22.65
N LYS D 1096 5.06 1.45 23.72
CA LYS D 1096 4.84 0.25 24.54
C LYS D 1096 4.99 -1.03 23.69
N GLU D 1097 6.11 -1.08 22.92
CA GLU D 1097 6.49 -2.29 22.17
C GLU D 1097 8.00 -2.52 22.35
N MET D 1098 8.37 -3.20 23.43
CA MET D 1098 9.75 -3.66 23.67
C MET D 1098 9.77 -4.69 24.80
N HIS D 1099 10.51 -5.78 24.57
CA HIS D 1099 10.85 -6.82 25.54
C HIS D 1099 11.88 -7.75 24.90
N PHE D 1100 12.92 -8.10 25.67
CA PHE D 1100 13.89 -9.11 25.26
C PHE D 1100 14.62 -9.61 26.51
N HIS D 1101 15.59 -10.50 26.28
CA HIS D 1101 16.37 -11.10 27.36
C HIS D 1101 17.31 -10.06 27.98
N PRO D 1102 17.53 -10.11 29.29
CA PRO D 1102 18.47 -9.19 29.93
C PRO D 1102 19.92 -9.58 29.64
N LYS D 1103 20.82 -8.65 29.98
CA LYS D 1103 22.23 -8.78 29.68
C LYS D 1103 22.93 -9.66 30.71
N ALA D 1104 24.26 -9.74 30.61
CA ALA D 1104 25.13 -10.31 31.62
C ALA D 1104 26.08 -9.21 32.03
N LEU D 1105 25.91 -8.69 33.25
CA LEU D 1105 26.61 -7.48 33.65
C LEU D 1105 28.07 -7.79 33.99
N LYS D 1106 28.98 -7.00 33.45
CA LYS D 1106 30.40 -7.36 33.43
C LYS D 1106 31.10 -7.10 34.76
N ASP D 1107 30.53 -6.25 35.63
CA ASP D 1107 31.22 -5.84 36.85
C ASP D 1107 31.38 -6.96 37.87
N VAL D 1108 30.52 -7.97 37.82
CA VAL D 1108 30.58 -9.11 38.72
C VAL D 1108 31.14 -10.30 37.95
N LYS D 1109 32.18 -10.92 38.50
CA LYS D 1109 32.76 -12.13 37.89
C LYS D 1109 31.87 -13.35 38.04
N GLY D 1110 30.87 -13.30 38.91
CA GLY D 1110 29.91 -14.38 39.04
C GLY D 1110 28.69 -14.20 38.16
N GLN D 1111 28.86 -13.55 37.03
CA GLN D 1111 27.78 -13.29 36.07
C GLN D 1111 28.21 -13.91 34.74
N ILE D 1112 28.02 -15.21 34.59
CA ILE D 1112 28.56 -15.93 33.44
C ILE D 1112 27.60 -15.79 32.27
N GLY D 1113 28.08 -15.17 31.20
CA GLY D 1113 27.29 -14.92 30.01
C GLY D 1113 27.90 -15.54 28.77
N ALA D 1114 27.18 -15.39 27.66
CA ALA D 1114 27.58 -15.99 26.40
C ALA D 1114 28.68 -15.18 25.74
N PRO D 1115 29.86 -15.76 25.49
CA PRO D 1115 30.90 -15.02 24.77
C PRO D 1115 30.64 -14.89 23.28
N MET D 1116 29.75 -15.71 22.72
CA MET D 1116 29.38 -15.70 21.32
C MET D 1116 27.96 -16.20 21.21
N PRO D 1117 27.19 -15.72 20.22
CA PRO D 1117 25.81 -16.19 20.07
C PRO D 1117 25.75 -17.63 19.58
N GLY D 1118 24.54 -18.14 19.53
CA GLY D 1118 24.32 -19.47 19.02
C GLY D 1118 23.14 -20.14 19.72
N LYS D 1119 23.35 -21.40 20.09
CA LYS D 1119 22.29 -22.21 20.66
C LYS D 1119 22.86 -23.08 21.77
N VAL D 1120 22.19 -23.07 22.92
CA VAL D 1120 22.55 -23.98 24.01
C VAL D 1120 22.19 -25.40 23.61
N ILE D 1121 23.19 -26.27 23.56
CA ILE D 1121 22.94 -27.66 23.19
C ILE D 1121 23.05 -28.63 24.37
N ASP D 1122 23.81 -28.28 25.41
CA ASP D 1122 23.90 -29.12 26.60
C ASP D 1122 24.41 -28.30 27.77
N ILE D 1123 23.82 -28.52 28.94
CA ILE D 1123 24.25 -27.93 30.20
C ILE D 1123 24.80 -29.05 31.06
N LYS D 1124 25.99 -28.86 31.63
CA LYS D 1124 26.66 -29.88 32.41
C LYS D 1124 26.58 -29.65 33.92
N VAL D 1125 25.79 -28.68 34.37
CA VAL D 1125 25.75 -28.34 35.78
C VAL D 1125 24.36 -28.66 36.33
N VAL D 1126 24.33 -28.97 37.63
CA VAL D 1126 23.09 -29.13 38.39
C VAL D 1126 22.86 -27.83 39.16
N ALA D 1127 21.66 -27.26 39.02
CA ALA D 1127 21.35 -25.99 39.66
C ALA D 1127 21.23 -26.18 41.17
N GLY D 1128 22.25 -25.73 41.90
CA GLY D 1128 22.26 -25.88 43.34
C GLY D 1128 23.62 -26.22 43.92
N ALA D 1129 24.44 -26.94 43.15
CA ALA D 1129 25.78 -27.29 43.59
C ALA D 1129 26.76 -26.16 43.24
N LYS D 1130 28.01 -26.34 43.62
CA LYS D 1130 29.05 -25.36 43.32
C LYS D 1130 30.14 -26.04 42.49
N VAL D 1131 30.82 -25.25 41.66
CA VAL D 1131 31.81 -25.78 40.72
C VAL D 1131 33.14 -25.05 40.93
N ALA D 1132 34.19 -25.65 40.38
CA ALA D 1132 35.52 -25.07 40.38
C ALA D 1132 35.79 -24.38 39.04
N LYS D 1133 36.81 -23.53 39.03
CA LYS D 1133 37.17 -22.80 37.82
C LYS D 1133 37.88 -23.73 36.83
N GLY D 1134 37.52 -23.60 35.56
CA GLY D 1134 38.05 -24.45 34.51
C GLY D 1134 37.16 -25.63 34.15
N GLN D 1135 36.17 -25.95 34.98
CA GLN D 1135 35.29 -27.08 34.70
C GLN D 1135 34.22 -26.66 33.69
N PRO D 1136 33.79 -27.58 32.81
CA PRO D 1136 32.77 -27.23 31.82
C PRO D 1136 31.40 -27.05 32.47
N LEU D 1137 30.67 -26.03 32.01
CA LEU D 1137 29.32 -25.76 32.48
C LEU D 1137 28.29 -25.93 31.38
N CYS D 1138 28.43 -25.21 30.28
CA CYS D 1138 27.50 -25.26 29.16
C CYS D 1138 28.28 -25.26 27.87
N VAL D 1139 27.70 -25.86 26.83
CA VAL D 1139 28.32 -25.86 25.50
C VAL D 1139 27.39 -25.20 24.51
N LEU D 1140 27.93 -24.32 23.67
CA LEU D 1140 27.11 -23.60 22.70
C LEU D 1140 27.59 -23.79 21.28
N SER D 1141 26.66 -23.78 20.33
CA SER D 1141 27.01 -23.96 18.94
C SER D 1141 26.45 -22.88 18.04
N ALA D 1142 27.25 -22.48 17.05
CA ALA D 1142 26.89 -21.48 16.06
C ALA D 1142 27.26 -22.02 14.68
N MET D 1143 27.30 -21.14 13.68
CA MET D 1143 27.60 -21.55 12.32
C MET D 1143 29.04 -22.04 12.21
N LYS D 1144 29.21 -23.36 12.17
CA LYS D 1144 30.50 -24.06 12.08
C LYS D 1144 31.44 -23.70 13.23
N MET D 1145 30.88 -23.53 14.42
CA MET D 1145 31.67 -23.13 15.58
C MET D 1145 30.99 -23.64 16.84
N GLU D 1146 31.78 -24.21 17.75
CA GLU D 1146 31.25 -24.73 19.00
C GLU D 1146 32.19 -24.38 20.15
N THR D 1147 31.63 -23.79 21.21
CA THR D 1147 32.45 -23.40 22.35
C THR D 1147 31.94 -23.97 23.67
N VAL D 1148 32.90 -24.25 24.56
CA VAL D 1148 32.61 -24.78 25.88
C VAL D 1148 32.82 -23.65 26.88
N VAL D 1149 31.84 -23.43 27.75
CA VAL D 1149 31.91 -22.35 28.73
C VAL D 1149 32.63 -22.85 29.98
N THR D 1150 33.64 -22.11 30.40
CA THR D 1150 34.37 -22.40 31.64
C THR D 1150 34.05 -21.32 32.67
N SER D 1151 34.17 -21.70 33.94
CA SER D 1151 33.89 -20.68 34.94
C SER D 1151 35.17 -19.96 35.35
N PRO D 1152 35.11 -18.64 35.60
CA PRO D 1152 36.34 -17.90 35.94
C PRO D 1152 36.78 -18.13 37.38
N MET D 1153 35.84 -18.35 38.29
CA MET D 1153 36.18 -18.66 39.68
C MET D 1153 35.06 -19.49 40.28
N GLU D 1154 35.20 -19.81 41.57
CA GLU D 1154 34.27 -20.69 42.26
C GLU D 1154 33.04 -19.91 42.71
N GLY D 1155 32.15 -20.58 43.43
CA GLY D 1155 30.87 -20.03 43.81
C GLY D 1155 29.74 -21.02 43.57
N THR D 1156 28.61 -20.73 44.21
CA THR D 1156 27.46 -21.61 44.18
C THR D 1156 26.55 -21.23 43.02
N VAL D 1157 26.20 -22.23 42.20
CA VAL D 1157 25.28 -22.02 41.09
C VAL D 1157 23.89 -21.76 41.66
N ARG D 1158 23.41 -20.52 41.53
CA ARG D 1158 22.11 -20.14 42.07
C ARG D 1158 20.98 -20.69 41.21
N LYS D 1159 21.02 -20.39 39.91
CA LYS D 1159 19.98 -20.82 38.98
C LYS D 1159 20.56 -20.90 37.57
N VAL D 1160 20.06 -21.86 36.80
CA VAL D 1160 20.40 -21.97 35.39
C VAL D 1160 19.42 -21.07 34.64
N HIS D 1161 19.90 -19.91 34.19
CA HIS D 1161 19.02 -18.88 33.62
C HIS D 1161 18.53 -19.24 32.22
N VAL D 1162 19.23 -20.11 31.50
CA VAL D 1162 18.87 -20.44 30.13
C VAL D 1162 18.25 -21.83 30.09
N THR D 1163 17.29 -22.02 29.19
CA THR D 1163 16.66 -23.31 29.00
C THR D 1163 17.38 -24.09 27.91
N LYS D 1164 16.80 -25.21 27.49
CA LYS D 1164 17.36 -26.02 26.43
C LYS D 1164 17.00 -25.43 25.08
N ASP D 1165 18.00 -25.29 24.21
CA ASP D 1165 17.85 -24.89 22.80
C ASP D 1165 17.23 -23.49 22.67
N MET D 1166 17.61 -22.59 23.57
CA MET D 1166 17.21 -21.20 23.49
C MET D 1166 18.25 -20.45 22.68
N THR D 1167 17.86 -19.99 21.49
CA THR D 1167 18.77 -19.27 20.61
C THR D 1167 19.02 -17.86 21.14
N LEU D 1168 20.08 -17.69 21.92
CA LEU D 1168 20.36 -16.42 22.58
C LEU D 1168 21.47 -15.68 21.85
N GLU D 1169 21.64 -14.41 22.21
CA GLU D 1169 22.59 -13.54 21.57
C GLU D 1169 23.94 -13.63 22.27
N GLY D 1170 24.84 -12.72 21.94
CA GLY D 1170 26.10 -12.61 22.64
C GLY D 1170 26.01 -11.64 23.80
N ASP D 1171 26.87 -11.87 24.80
CA ASP D 1171 26.86 -11.15 26.09
C ASP D 1171 25.49 -11.24 26.77
N ASP D 1172 24.88 -12.42 26.69
CA ASP D 1172 23.60 -12.70 27.34
C ASP D 1172 23.82 -13.75 28.42
N LEU D 1173 23.14 -13.58 29.55
CA LEU D 1173 23.46 -14.31 30.77
C LEU D 1173 22.99 -15.76 30.67
N ILE D 1174 23.89 -16.69 30.99
CA ILE D 1174 23.53 -18.09 31.09
C ILE D 1174 23.54 -18.58 32.53
N LEU D 1175 24.44 -18.09 33.39
CA LEU D 1175 24.53 -18.58 34.76
C LEU D 1175 24.71 -17.43 35.74
N GLU D 1176 23.94 -17.49 36.82
CA GLU D 1176 24.14 -16.65 37.99
C GLU D 1176 24.98 -17.43 38.99
N ILE D 1177 26.10 -16.86 39.41
CA ILE D 1177 27.02 -17.52 40.32
C ILE D 1177 27.86 -16.49 41.07
#